data_7L2E
#
_entry.id   7L2E
#
loop_
_entity.id
_entity.type
_entity.pdbx_description
1 polymer 'Spike glycoprotein'
2 polymer '4-18 heavy chain'
3 polymer '4-18 light chain'
4 branched 2-acetamido-2-deoxy-beta-D-glucopyranose-(1-4)-2-acetamido-2-deoxy-beta-D-glucopyranose
5 non-polymer 2-acetamido-2-deoxy-beta-D-glucopyranose
#
loop_
_entity_poly.entity_id
_entity_poly.type
_entity_poly.pdbx_seq_one_letter_code
_entity_poly.pdbx_strand_id
1 'polypeptide(L)'
;MFVFLVLLPLVSSQCVNLTTRTQLPPAYTNSFTRGVYYPDKVFRSSVLHSTQDLFLPFFSNVTWFHAIHVSGTNGTKRFD
NPVLPFNDGVYFASTEKSNIIRGWIFGTTLDSKTQSLLIVNNATNVVIKVCEFQFCNDPFLGVYYHKNNKSWMESEFRVY
SSANNCTFEYVSQPFLMDLEGKQGNFKNLREFVFKNIDGYFKIYSKHTPINLVRDLPQGFSALEPLVDLPIGINITRFQT
LLALHRSYLTPGDSSSGWTAGAAAYYVGYLQPRTFLLKYNENGTITDAVDCALDPLSETKCTLKSFTVEKGIYQTSNFRV
QPTESIVRFPNITNLCPFGEVFNATRFASVYAWNRKRISNCVADYSVLYNSASFSTFKCYGVSPTKLNDLCFTNVYADSF
VIRGDEVRQIAPGQTGKIADYNYKLPDDFTGCVIAWNSNNLDSKVGGNYNYLYRLFRKSNLKPFERDISTEIYQAGSTPC
NGVEGFNCYFPLQSYGFQPTNGVGYQPYRVVVLSFELLHAPATVCGPKKSTNLVKNKCVNFNFNGLTGTGVLTESNKKFL
PFQQFGRDIADTTDAVRDPQTLEILDITPCSFGGVSVITPGTNTSNQVAVLYQDVNCTEVPVAIHADQLTPTWRVYSTGS
NVFQTRAGCLIGAEHVNNSYECDIPIGAGICASYQTQTNSPGSASSVASQSIIAYTMSLGAENSVAYSNNSIAIPTNFTI
SVTTEILPVSMTKTSVDCTMYICGDSTECSNLLLQYGSFCTQLNRALTGIAVEQDKNTQEVFAQVKQIYKTPPIKDFGGF
NFSQILPDPSKPSKRSFIEDLLFNKVTLADAGFIKQYGDCLGDIAARDLICAQKFNGLTVLPPLLTDEMIAQYTSALLAG
TITSGWTFGAGAALQIPFAMQMAYRFNGIGVTQNVLYENQKLIANQFNSAIGKIQDSLSSTASALGKLQDVVNQNAQALN
TLVKQLSSNFGAISSVLNDILSRLDPPEAEVQIDRLITGRLQSLQTYVTQQLIRAAEIRASANLAATKMSECVLGQSKRV
DFCGKGYHLMSFPQSAPHGVVFLHVTYVPAQEKNFTTAPAICHDGKAHFPREGVFVSNGTHWFVTQRNFYEPQIITTDNT
FVSGNCDVVIGIVNNTVYDPLQPELDSFKEELDKYFKNHTSPDVDLGDISGINASVVNIQKEIDRLNEVAKNLNESLIDL
QELGKYEQGSGYIPEAPRDGQAYVRKDGEWVLLSTFLGRSLEVLFQGPGHHHHHHHHSAWSHPQFEKGGGSGGGGSGGSA
WSHPQFEK
;
A,B,C
2 'polypeptide(L)'
;QVQLVESGGGVVQPGRSLRLSCAASGFTFSSYGMHWVRQAPGKGLEWVAVISYDGSNKHYADSVKGRFTISRDNSKNTLY
LQMNSLRAEDTAVYYCAKDSGYNYGYSWFDPWGQGTLVTVSSASTKGPSVFPLAPSSKSTSGGTAALGCLVKDYFPEPVT
VSWNSGALTSGVHTFPAVLQSSGLYSLSSVVTVPSSSLGTQTYICNVNHKPSNTKVDKKVEPKSCDKTH
;
H,G,I
3 'polypeptide(L)'
;SYELTQPPSVSVSPGQTARITCSADALAKQYAYWYQQKPGQAPVLVIYKDSERPSGIPERFSGSSSGTTVTLTISGVQAE
DEADYYCQSTDNSGTYPNWVFGGGTKLTVLGQPKAAPSVTLFPPSSEELQANKATLVCLISDFYPGAVTVAWKADSSPVK
AGVETTTPSKQSNNKYAASSYLSLTPEQWKSHRSYSCQVTHEGSTVEKTVAPTEC
;
L,J,K
#
# COMPACT_ATOMS: atom_id res chain seq x y z
N GLN A 14 -11.62 33.83 54.25
CA GLN A 14 -11.01 35.18 54.25
C GLN A 14 -9.51 35.07 54.27
N CYS A 15 -8.83 35.90 53.51
CA CYS A 15 -7.40 35.81 53.24
C CYS A 15 -6.62 36.69 54.20
N VAL A 16 -5.34 36.35 54.37
CA VAL A 16 -4.45 37.03 55.30
C VAL A 16 -3.19 37.45 54.55
N ASN A 17 -2.81 38.71 54.72
CA ASN A 17 -1.66 39.27 53.97
C ASN A 17 -0.35 38.86 54.60
N LEU A 18 0.51 38.20 53.85
CA LEU A 18 1.85 37.88 54.30
C LEU A 18 2.84 38.92 53.80
N THR A 19 4.13 38.69 54.08
CA THR A 19 5.15 39.66 53.72
C THR A 19 5.50 39.54 52.23
N THR A 20 6.32 40.48 51.78
CA THR A 20 6.77 40.51 50.39
C THR A 20 7.74 39.36 50.13
N ARG A 21 7.58 38.67 48.99
CA ARG A 21 8.40 37.45 48.70
C ARG A 21 9.87 37.79 48.44
N THR A 22 10.18 39.03 48.06
CA THR A 22 11.52 39.59 47.82
C THR A 22 12.28 38.92 46.67
N GLN A 23 11.67 38.00 45.92
CA GLN A 23 12.22 37.42 44.69
C GLN A 23 13.56 36.74 44.95
N LEU A 24 13.48 35.62 45.67
CA LEU A 24 14.65 34.79 45.93
C LEU A 24 15.25 34.29 44.62
N PRO A 25 16.58 34.24 44.52
CA PRO A 25 17.23 33.76 43.29
C PRO A 25 16.95 32.28 43.05
N PRO A 26 16.89 31.85 41.79
CA PRO A 26 16.55 30.46 41.49
C PRO A 26 17.66 29.49 41.91
N ALA A 27 17.25 28.28 42.28
CA ALA A 27 18.18 27.21 42.60
C ALA A 27 17.71 25.94 41.90
N TYR A 28 18.65 25.21 41.32
CA TYR A 28 18.35 24.06 40.49
C TYR A 28 18.91 22.79 41.13
N THR A 29 18.37 21.65 40.69
CA THR A 29 18.84 20.35 41.12
C THR A 29 18.55 19.34 40.03
N ASN A 30 19.16 18.17 40.13
CA ASN A 30 19.14 17.16 39.08
C ASN A 30 18.05 16.14 39.36
N SER A 31 17.29 15.81 38.32
CA SER A 31 16.22 14.80 38.40
C SER A 31 16.66 13.57 37.61
N PHE A 32 17.27 12.63 38.32
CA PHE A 32 17.86 11.44 37.70
C PHE A 32 16.75 10.48 37.31
N THR A 33 16.28 10.57 36.06
CA THR A 33 15.30 9.66 35.46
C THR A 33 14.02 9.56 36.28
N ARG A 34 13.44 10.70 36.65
CA ARG A 34 12.18 10.71 37.39
C ARG A 34 11.12 11.43 36.60
N GLY A 35 9.84 11.14 36.81
CA GLY A 35 8.71 11.74 36.13
C GLY A 35 8.06 10.87 35.07
N VAL A 36 8.49 9.62 34.92
CA VAL A 36 7.90 8.74 33.91
C VAL A 36 6.58 8.17 34.43
N TYR A 37 5.54 8.31 33.64
CA TYR A 37 4.21 7.82 33.99
C TYR A 37 3.75 6.78 32.99
N TYR A 38 2.68 6.07 33.35
CA TYR A 38 2.07 5.12 32.43
C TYR A 38 1.28 5.88 31.37
N PRO A 39 1.62 5.72 30.09
CA PRO A 39 0.89 6.48 29.05
C PRO A 39 -0.47 5.88 28.73
N ASP A 40 -0.66 4.56 28.88
CA ASP A 40 -1.94 3.93 28.44
C ASP A 40 -2.47 3.00 29.52
N LYS A 41 -3.69 2.49 29.35
CA LYS A 41 -4.32 1.61 30.36
C LYS A 41 -4.43 0.17 29.84
N VAL A 42 -3.54 -0.24 28.94
CA VAL A 42 -3.51 -1.64 28.42
C VAL A 42 -2.41 -2.39 29.14
N PHE A 43 -2.75 -3.50 29.80
CA PHE A 43 -1.74 -4.33 30.51
C PHE A 43 -0.71 -4.80 29.51
N ARG A 44 0.53 -4.36 29.67
CA ARG A 44 1.60 -4.85 28.81
C ARG A 44 2.63 -5.58 29.65
N SER A 45 3.03 -6.77 29.20
CA SER A 45 3.93 -7.62 29.96
C SER A 45 5.12 -8.03 29.10
N SER A 46 6.33 -7.80 29.61
CA SER A 46 7.59 -8.24 29.00
C SER A 46 7.76 -7.72 27.59
N VAL A 47 7.39 -6.45 27.37
CA VAL A 47 7.50 -5.82 26.06
C VAL A 47 8.09 -4.43 26.25
N LEU A 48 8.77 -3.96 25.19
CA LEU A 48 9.39 -2.61 25.14
C LEU A 48 8.53 -1.73 24.23
N HIS A 49 7.83 -0.76 24.77
CA HIS A 49 6.87 0.04 24.01
C HIS A 49 7.41 1.45 23.85
N SER A 50 7.35 1.97 22.63
CA SER A 50 7.82 3.32 22.32
C SER A 50 6.63 4.26 22.21
N THR A 51 6.62 5.29 23.06
CA THR A 51 5.55 6.28 23.09
C THR A 51 6.14 7.67 22.90
N GLN A 52 5.48 8.47 22.05
CA GLN A 52 5.88 9.89 21.93
C GLN A 52 4.82 10.66 22.69
N ASP A 53 5.17 11.35 23.76
CA ASP A 53 4.25 12.10 24.59
C ASP A 53 5.05 13.17 25.34
N LEU A 54 4.38 13.86 26.27
CA LEU A 54 5.00 14.89 27.07
C LEU A 54 5.63 14.25 28.31
N PHE A 55 6.95 14.16 28.31
CA PHE A 55 7.69 13.60 29.44
C PHE A 55 8.72 14.60 29.92
N LEU A 56 9.06 14.51 31.20
CA LEU A 56 10.16 15.29 31.74
C LEU A 56 11.47 14.75 31.17
N PRO A 57 12.31 15.58 30.55
CA PRO A 57 13.59 15.09 30.03
C PRO A 57 14.50 14.55 31.12
N PHE A 58 15.24 13.50 30.81
CA PHE A 58 16.11 12.87 31.80
C PHE A 58 17.27 13.80 32.14
N PHE A 59 17.64 13.79 33.43
CA PHE A 59 18.75 14.57 33.97
C PHE A 59 18.57 16.07 33.71
N SER A 60 17.34 16.54 33.86
CA SER A 60 17.01 17.93 33.63
C SER A 60 17.27 18.77 34.88
N ASN A 61 17.30 20.08 34.70
CA ASN A 61 17.47 21.00 35.82
C ASN A 61 16.03 21.29 36.29
N VAL A 62 15.65 20.94 37.51
CA VAL A 62 14.31 21.24 38.06
C VAL A 62 14.48 22.30 39.10
N THR A 63 13.45 23.09 39.31
CA THR A 63 13.58 24.25 40.19
C THR A 63 13.15 23.85 41.59
N TRP A 64 14.01 23.97 42.60
CA TRP A 64 13.67 23.46 43.94
C TRP A 64 13.45 24.63 44.86
N PHE A 65 12.37 24.59 45.60
CA PHE A 65 12.04 25.68 46.51
C PHE A 65 11.74 25.06 47.85
N HIS A 66 12.37 25.54 48.92
CA HIS A 66 11.98 25.08 50.26
C HIS A 66 10.61 25.66 50.57
N ALA A 67 9.78 24.92 51.28
CA ALA A 67 8.47 25.42 51.68
C ALA A 67 8.62 26.59 52.63
N ILE A 68 9.54 26.54 53.57
CA ILE A 68 9.75 27.72 54.44
C ILE A 68 11.19 28.13 54.29
N HIS A 69 11.49 29.35 53.84
CA HIS A 69 12.92 29.74 53.78
C HIS A 69 13.26 30.69 54.92
N VAL A 70 14.34 30.41 55.63
CA VAL A 70 14.86 31.32 56.68
C VAL A 70 16.15 31.93 56.15
N SER A 71 16.06 33.06 55.43
CA SER A 71 17.18 33.69 54.75
C SER A 71 17.59 35.03 55.33
N GLY A 72 16.74 35.66 56.15
CA GLY A 72 17.08 36.96 56.69
C GLY A 72 18.16 36.88 57.76
N THR A 73 18.82 38.02 57.98
CA THR A 73 19.81 38.11 59.06
C THR A 73 19.16 38.01 60.43
N ASN A 74 17.98 38.60 60.59
CA ASN A 74 17.25 38.49 61.85
C ASN A 74 16.78 37.05 62.09
N GLY A 75 16.37 36.36 61.04
CA GLY A 75 15.82 35.03 61.15
C GLY A 75 14.38 34.91 60.71
N THR A 76 13.94 35.70 59.72
CA THR A 76 12.56 35.67 59.21
C THR A 76 12.24 34.32 58.59
N LYS A 77 11.08 33.75 58.83
CA LYS A 77 10.66 32.49 58.17
C LYS A 77 9.51 32.87 57.26
N ARG A 78 9.64 32.68 55.95
CA ARG A 78 8.48 33.02 55.08
C ARG A 78 8.35 31.95 54.02
N PHE A 79 7.10 31.53 53.77
CA PHE A 79 6.82 30.48 52.75
C PHE A 79 7.36 30.92 51.39
N ASP A 80 7.97 29.99 50.67
CA ASP A 80 8.36 30.34 49.27
C ASP A 80 7.21 29.80 48.42
N ASN A 81 6.17 30.61 48.18
CA ASN A 81 5.01 30.10 47.43
C ASN A 81 4.96 30.88 46.13
N PRO A 82 5.90 30.75 45.18
CA PRO A 82 5.85 31.58 44.05
C PRO A 82 4.78 31.09 43.10
N VAL A 83 4.19 31.97 42.31
CA VAL A 83 3.31 31.49 41.22
C VAL A 83 4.30 31.13 40.12
N LEU A 84 4.30 29.91 39.63
CA LEU A 84 5.27 29.44 38.63
C LEU A 84 4.51 29.08 37.33
N PRO A 85 5.06 29.14 36.10
CA PRO A 85 4.37 28.86 34.84
C PRO A 85 3.99 27.39 34.72
N PHE A 86 3.07 27.14 33.77
CA PHE A 86 2.57 25.80 33.46
C PHE A 86 2.76 25.61 31.96
N ASN A 87 3.95 25.16 31.56
CA ASN A 87 4.30 25.04 30.15
C ASN A 87 4.16 23.58 29.72
N ASP A 88 3.00 23.25 29.16
CA ASP A 88 2.71 21.95 28.55
C ASP A 88 2.85 20.80 29.55
N GLY A 89 2.58 21.08 30.82
CA GLY A 89 2.68 20.07 31.85
C GLY A 89 3.78 20.40 32.85
N VAL A 90 3.66 19.81 34.05
CA VAL A 90 4.62 20.03 35.17
C VAL A 90 4.78 18.76 35.95
N TYR A 91 5.96 18.48 36.52
CA TYR A 91 6.21 17.37 37.47
C TYR A 91 6.44 18.02 38.80
N PHE A 92 5.58 17.79 39.78
CA PHE A 92 5.72 18.36 41.12
C PHE A 92 6.12 17.25 42.06
N ALA A 93 7.35 17.31 42.53
CA ALA A 93 7.88 16.37 43.49
C ALA A 93 8.11 17.08 44.82
N SER A 94 7.75 16.42 45.92
CA SER A 94 7.86 17.01 47.24
C SER A 94 8.48 16.00 48.21
N THR A 95 9.43 16.46 49.00
CA THR A 95 10.06 15.66 50.06
C THR A 95 9.75 16.36 51.39
N GLU A 96 8.75 15.86 52.10
CA GLU A 96 8.30 16.47 53.35
C GLU A 96 8.04 15.38 54.37
N LYS A 97 7.92 15.80 55.62
CA LYS A 97 7.66 14.88 56.72
C LYS A 97 6.53 15.32 57.64
N SER A 98 5.85 16.43 57.34
CA SER A 98 4.87 16.96 58.28
C SER A 98 3.61 17.50 57.62
N ASN A 99 3.31 17.11 56.37
CA ASN A 99 2.09 17.50 55.64
C ASN A 99 1.95 19.02 55.53
N ILE A 100 3.06 19.71 55.24
CA ILE A 100 2.99 21.16 55.16
C ILE A 100 2.60 21.61 53.76
N ILE A 101 2.71 20.72 52.77
CA ILE A 101 2.20 20.99 51.43
C ILE A 101 0.82 20.37 51.31
N ARG A 102 -0.16 21.14 50.85
CA ARG A 102 -1.54 20.72 50.88
C ARG A 102 -2.22 20.66 49.52
N GLY A 103 -1.68 21.31 48.50
CA GLY A 103 -2.31 21.29 47.20
C GLY A 103 -1.83 22.44 46.33
N TRP A 104 -2.56 22.64 45.23
CA TRP A 104 -2.16 23.57 44.19
C TRP A 104 -3.39 24.31 43.67
N ILE A 105 -3.14 25.40 42.95
CA ILE A 105 -4.16 26.13 42.21
C ILE A 105 -3.65 26.33 40.79
N PHE A 106 -4.53 26.17 39.82
CA PHE A 106 -4.18 26.25 38.40
C PHE A 106 -5.09 27.26 37.71
N GLY A 107 -4.51 28.09 36.85
CA GLY A 107 -5.30 29.07 36.14
C GLY A 107 -4.43 29.93 35.26
N THR A 108 -5.06 30.92 34.62
CA THR A 108 -4.33 31.87 33.80
C THR A 108 -4.12 33.19 34.52
N THR A 109 -5.22 33.82 34.94
CA THR A 109 -5.11 35.10 35.63
C THR A 109 -5.21 34.90 37.14
N LEU A 110 -5.76 33.77 37.58
CA LEU A 110 -5.93 33.41 39.00
C LEU A 110 -6.73 34.47 39.76
N ASP A 111 -7.74 35.02 39.09
CA ASP A 111 -8.65 35.98 39.70
C ASP A 111 -10.07 35.70 39.21
N SER A 112 -10.98 36.64 39.48
CA SER A 112 -12.39 36.41 39.20
C SER A 112 -12.72 36.51 37.71
N LYS A 113 -11.80 36.98 36.87
CA LYS A 113 -12.09 37.13 35.46
C LYS A 113 -12.16 35.78 34.74
N THR A 114 -11.22 34.89 35.05
CA THR A 114 -11.15 33.59 34.38
C THR A 114 -11.33 32.47 35.40
N GLN A 115 -11.74 31.31 34.90
CA GLN A 115 -11.93 30.15 35.76
C GLN A 115 -10.58 29.59 36.20
N SER A 116 -10.59 28.96 37.37
CA SER A 116 -9.38 28.40 37.97
C SER A 116 -9.71 27.08 38.63
N LEU A 117 -8.69 26.25 38.80
CA LEU A 117 -8.83 24.92 39.39
C LEU A 117 -8.22 24.90 40.78
N LEU A 118 -8.97 24.37 41.74
CA LEU A 118 -8.55 24.27 43.14
C LEU A 118 -8.35 22.80 43.49
N ILE A 119 -7.15 22.46 43.95
CA ILE A 119 -6.87 21.15 44.54
C ILE A 119 -6.32 21.40 45.94
N VAL A 120 -6.99 20.85 46.95
CA VAL A 120 -6.60 21.03 48.34
C VAL A 120 -6.86 19.72 49.08
N ASN A 121 -5.96 19.38 50.01
CA ASN A 121 -6.00 18.12 50.73
C ASN A 121 -6.04 18.41 52.22
N ASN A 122 -7.18 18.16 52.86
CA ASN A 122 -7.22 18.15 54.31
C ASN A 122 -7.13 16.70 54.80
N ALA A 123 -7.39 16.49 56.09
CA ALA A 123 -7.05 15.22 56.72
C ALA A 123 -7.96 14.08 56.24
N THR A 124 -9.15 14.40 55.75
CA THR A 124 -10.14 13.36 55.44
C THR A 124 -10.29 13.06 53.95
N ASN A 125 -10.28 14.06 53.08
CA ASN A 125 -10.58 13.82 51.68
C ASN A 125 -9.94 14.90 50.81
N VAL A 126 -10.24 14.84 49.51
CA VAL A 126 -9.75 15.77 48.51
C VAL A 126 -10.91 16.68 48.12
N VAL A 127 -10.63 17.96 47.92
CA VAL A 127 -11.61 18.89 47.37
C VAL A 127 -11.06 19.41 46.06
N ILE A 128 -11.72 19.06 44.95
CA ILE A 128 -11.36 19.54 43.63
C ILE A 128 -12.52 20.39 43.12
N LYS A 129 -12.26 21.67 42.93
CA LYS A 129 -13.34 22.59 42.51
C LYS A 129 -12.85 23.45 41.36
N VAL A 130 -13.64 23.68 40.33
CA VAL A 130 -13.38 24.60 39.23
C VAL A 130 -14.43 25.70 39.33
N CYS A 131 -13.99 26.89 39.75
CA CYS A 131 -14.89 28.03 39.90
C CYS A 131 -14.15 29.25 39.37
N GLU A 132 -14.74 30.43 39.61
CA GLU A 132 -14.05 31.69 39.36
C GLU A 132 -13.61 32.23 40.72
N PHE A 133 -12.49 31.74 41.23
CA PHE A 133 -11.98 32.11 42.53
C PHE A 133 -11.26 33.45 42.46
N GLN A 134 -11.49 34.31 43.45
CA GLN A 134 -10.68 35.50 43.64
C GLN A 134 -9.57 35.14 44.62
N PHE A 135 -8.48 34.60 44.10
CA PHE A 135 -7.36 34.20 44.93
C PHE A 135 -6.63 35.43 45.46
N CYS A 136 -6.22 35.34 46.72
CA CYS A 136 -5.36 36.38 47.27
C CYS A 136 -3.91 36.14 46.87
N ASN A 137 -3.04 37.06 47.28
CA ASN A 137 -1.65 37.03 46.86
C ASN A 137 -0.90 35.84 47.46
N ASP A 138 -1.28 35.46 48.68
CA ASP A 138 -0.58 34.38 49.39
C ASP A 138 -1.59 33.36 49.90
N PRO A 139 -2.01 32.38 49.09
CA PRO A 139 -2.95 31.37 49.56
C PRO A 139 -2.28 30.34 50.46
N PHE A 140 -2.91 30.03 51.59
CA PHE A 140 -2.38 29.03 52.52
C PHE A 140 -3.52 28.47 53.35
N LEU A 141 -3.23 27.38 54.05
CA LEU A 141 -4.16 26.76 54.98
C LEU A 141 -3.61 26.91 56.39
N GLY A 142 -4.40 27.48 57.29
CA GLY A 142 -4.01 27.52 58.68
C GLY A 142 -4.29 26.20 59.38
N VAL A 143 -3.28 25.65 60.02
CA VAL A 143 -3.35 24.33 60.62
C VAL A 143 -3.09 24.46 62.11
N TYR A 144 -4.03 23.98 62.92
CA TYR A 144 -3.89 23.98 64.38
C TYR A 144 -4.35 22.64 64.92
N TYR A 145 -3.55 22.07 65.82
CA TYR A 145 -3.93 20.78 66.43
C TYR A 145 -4.95 21.07 67.52
N HIS A 146 -5.75 20.08 67.85
CA HIS A 146 -6.74 20.22 68.90
C HIS A 146 -6.08 20.05 70.27
N LYS A 147 -6.82 20.36 71.34
CA LYS A 147 -6.16 20.40 72.67
C LYS A 147 -5.84 19.03 73.28
N ASN A 148 -6.67 18.00 73.05
CA ASN A 148 -6.44 16.73 73.73
C ASN A 148 -5.99 15.61 72.82
N ASN A 149 -6.35 15.64 71.54
CA ASN A 149 -6.10 14.48 70.69
C ASN A 149 -4.76 14.56 69.97
N LYS A 150 -4.65 15.54 69.08
CA LYS A 150 -3.41 15.72 68.29
C LYS A 150 -3.25 14.59 67.27
N SER A 151 -4.31 13.80 67.04
CA SER A 151 -4.21 12.76 66.01
C SER A 151 -4.52 13.33 64.63
N TRP A 152 -5.41 14.31 64.54
CA TRP A 152 -5.64 15.00 63.24
C TRP A 152 -5.34 16.50 63.35
N MET A 153 -5.35 17.25 62.25
CA MET A 153 -5.03 18.70 62.27
C MET A 153 -6.21 19.47 61.67
N GLU A 154 -6.90 20.33 62.42
CA GLU A 154 -8.03 21.02 61.78
C GLU A 154 -7.46 22.02 60.80
N SER A 155 -8.10 22.24 59.68
CA SER A 155 -7.60 23.18 58.67
C SER A 155 -8.53 24.37 58.47
N GLU A 156 -7.97 25.58 58.44
CA GLU A 156 -8.76 26.77 58.14
C GLU A 156 -8.38 27.20 56.75
N PHE A 157 -9.35 27.35 55.87
CA PHE A 157 -9.03 27.66 54.47
C PHE A 157 -8.94 29.14 54.28
N ARG A 158 -7.79 29.60 53.87
CA ARG A 158 -7.49 30.99 53.56
C ARG A 158 -7.02 31.16 52.12
N VAL A 159 -7.67 30.45 51.19
CA VAL A 159 -7.15 30.38 49.82
C VAL A 159 -7.72 31.52 48.97
N TYR A 160 -9.05 31.66 48.95
CA TYR A 160 -9.70 32.60 48.05
C TYR A 160 -10.65 33.49 48.82
N SER A 161 -10.81 34.72 48.33
CA SER A 161 -11.77 35.64 48.93
C SER A 161 -13.20 35.24 48.61
N SER A 162 -13.47 34.89 47.35
CA SER A 162 -14.81 34.52 46.93
C SER A 162 -14.71 33.49 45.80
N ALA A 163 -15.77 32.70 45.66
CA ALA A 163 -15.86 31.69 44.62
C ALA A 163 -17.21 31.79 43.93
N ASN A 164 -17.22 31.83 42.60
CA ASN A 164 -18.49 31.97 41.84
C ASN A 164 -18.45 31.09 40.59
N ASN A 165 -19.61 30.87 39.95
CA ASN A 165 -19.65 30.10 38.68
C ASN A 165 -18.89 28.78 38.80
N CYS A 166 -19.23 27.95 39.80
CA CYS A 166 -18.60 26.61 39.94
C CYS A 166 -19.20 25.63 38.92
N THR A 167 -18.35 24.92 38.16
CA THR A 167 -18.80 23.98 37.15
C THR A 167 -18.24 22.57 37.37
N PHE A 168 -17.56 22.33 38.49
CA PHE A 168 -16.99 21.01 38.74
C PHE A 168 -16.84 20.81 40.24
N GLU A 169 -16.99 19.56 40.68
CA GLU A 169 -16.89 19.19 42.08
C GLU A 169 -16.49 17.73 42.16
N TYR A 170 -15.46 17.43 42.95
CA TYR A 170 -14.91 16.08 43.03
C TYR A 170 -14.29 15.86 44.40
N VAL A 171 -14.71 14.79 45.08
CA VAL A 171 -14.16 14.39 46.37
C VAL A 171 -13.82 12.91 46.33
N SER A 172 -12.69 12.54 46.92
CA SER A 172 -12.25 11.15 47.00
C SER A 172 -11.27 11.01 48.16
N GLN A 173 -10.56 9.88 48.21
CA GLN A 173 -9.58 9.65 49.32
C GLN A 173 -8.40 10.60 49.13
N PRO A 174 -7.69 11.04 50.19
CA PRO A 174 -6.64 12.05 50.05
C PRO A 174 -5.48 11.74 49.09
N PHE A 175 -5.08 12.72 48.27
CA PHE A 175 -3.89 12.55 47.39
C PHE A 175 -2.66 12.44 48.26
N LEU A 176 -2.59 13.24 49.34
CA LEU A 176 -1.39 13.26 50.20
C LEU A 176 -1.66 12.49 51.50
N MET A 177 -0.89 11.43 51.78
CA MET A 177 -1.12 10.57 52.97
C MET A 177 -0.69 11.29 54.26
N ASP A 178 -1.18 10.80 55.41
CA ASP A 178 -0.84 11.43 56.72
C ASP A 178 0.63 11.17 57.04
N LEU A 179 1.41 12.23 57.27
CA LEU A 179 2.86 12.08 57.53
C LEU A 179 3.15 12.24 59.03
N GLU A 180 2.12 12.23 59.86
CA GLU A 180 2.38 12.28 61.33
C GLU A 180 2.71 10.88 61.83
N GLY A 184 12.95 10.98 63.58
CA GLY A 184 11.95 11.65 62.78
C GLY A 184 12.45 12.03 61.40
N ASN A 185 13.33 11.20 60.84
CA ASN A 185 13.90 11.42 59.52
C ASN A 185 13.16 10.64 58.43
N PHE A 186 11.87 10.39 58.62
CA PHE A 186 11.08 9.60 57.68
C PHE A 186 10.47 10.51 56.61
N LYS A 187 11.36 11.12 55.82
CA LYS A 187 10.88 11.96 54.68
C LYS A 187 10.25 11.03 53.65
N ASN A 188 9.38 11.55 52.79
CA ASN A 188 8.74 10.72 51.74
C ASN A 188 8.87 11.47 50.41
N LEU A 189 8.93 10.76 49.29
CA LEU A 189 8.91 11.48 47.99
C LEU A 189 7.53 11.27 47.39
N ARG A 190 6.76 12.34 47.20
CA ARG A 190 5.46 12.22 46.54
C ARG A 190 5.62 12.91 45.20
N GLU A 191 5.27 12.25 44.12
CA GLU A 191 5.52 12.83 42.78
C GLU A 191 4.24 12.82 42.00
N PHE A 192 4.00 13.90 41.27
CA PHE A 192 2.77 14.02 40.47
C PHE A 192 3.11 14.69 39.16
N VAL A 193 2.55 14.24 38.07
CA VAL A 193 2.72 14.91 36.77
C VAL A 193 1.33 15.40 36.42
N PHE A 194 1.18 16.68 36.11
CA PHE A 194 -0.12 17.28 35.78
C PHE A 194 -0.11 17.66 34.32
N LYS A 195 -1.14 17.26 33.56
CA LYS A 195 -1.26 17.56 32.14
C LYS A 195 -2.66 18.07 31.84
N ASN A 196 -2.75 19.05 30.95
CA ASN A 196 -4.02 19.63 30.52
C ASN A 196 -4.10 19.48 29.00
N ILE A 197 -4.63 18.34 28.55
CA ILE A 197 -4.69 18.02 27.13
C ILE A 197 -6.14 17.73 26.75
N ASP A 198 -6.64 18.46 25.74
CA ASP A 198 -7.98 18.25 25.17
C ASP A 198 -9.09 18.41 26.20
N GLY A 199 -8.92 19.37 27.10
CA GLY A 199 -9.92 19.65 28.11
C GLY A 199 -9.93 18.70 29.29
N TYR A 200 -9.03 17.76 29.34
CA TYR A 200 -8.99 16.95 30.56
C TYR A 200 -7.73 17.26 31.34
N PHE A 201 -7.79 17.51 32.65
CA PHE A 201 -6.58 17.67 33.48
C PHE A 201 -6.23 16.28 33.97
N LYS A 202 -5.09 15.72 33.58
CA LYS A 202 -4.77 14.34 33.95
C LYS A 202 -3.71 14.38 35.04
N ILE A 203 -3.91 13.65 36.14
CA ILE A 203 -2.96 13.69 37.27
C ILE A 203 -2.35 12.30 37.40
N TYR A 204 -1.05 12.16 37.58
CA TYR A 204 -0.42 10.83 37.67
C TYR A 204 0.50 10.86 38.87
N SER A 205 0.46 9.87 39.75
CA SER A 205 1.27 10.00 40.97
C SER A 205 1.87 8.69 41.48
N LYS A 206 2.94 8.78 42.25
CA LYS A 206 3.52 7.60 42.93
C LYS A 206 3.99 8.06 44.31
N HIS A 207 3.84 7.22 45.35
CA HIS A 207 4.34 7.59 46.70
C HIS A 207 5.42 6.59 47.12
N THR A 208 6.62 7.07 47.45
CA THR A 208 7.73 6.18 47.86
C THR A 208 8.43 6.72 49.10
N PRO A 209 8.62 5.93 50.18
CA PRO A 209 9.41 6.40 51.33
C PRO A 209 10.88 6.53 50.95
N ILE A 210 11.54 7.62 51.33
CA ILE A 210 12.95 7.88 50.93
C ILE A 210 13.77 7.85 52.21
N ASN A 211 15.09 7.96 52.12
CA ASN A 211 15.94 7.82 53.31
C ASN A 211 17.32 8.43 53.07
N LEU A 212 17.64 9.48 53.84
CA LEU A 212 18.93 10.15 53.88
C LEU A 212 19.36 10.76 52.55
N VAL A 213 18.43 10.94 51.61
CA VAL A 213 18.72 11.61 50.35
C VAL A 213 17.97 12.94 50.37
N ARG A 214 18.74 14.03 50.54
CA ARG A 214 18.15 15.38 50.65
C ARG A 214 17.47 15.77 49.34
N ASP A 215 18.15 15.57 48.21
CA ASP A 215 17.64 15.94 46.91
C ASP A 215 16.80 14.79 46.35
N LEU A 216 16.49 14.87 45.06
CA LEU A 216 15.74 13.82 44.40
C LEU A 216 16.58 12.55 44.31
N PRO A 217 16.00 11.38 44.59
CA PRO A 217 16.80 10.15 44.62
C PRO A 217 17.09 9.64 43.21
N GLN A 218 18.14 8.84 43.11
CA GLN A 218 18.49 8.17 41.88
C GLN A 218 17.81 6.80 41.84
N GLY A 219 17.09 6.55 40.77
CA GLY A 219 16.30 5.34 40.67
C GLY A 219 15.15 5.57 39.71
N PHE A 220 14.30 4.55 39.60
CA PHE A 220 13.18 4.58 38.67
C PHE A 220 11.91 4.16 39.39
N SER A 221 10.94 5.07 39.47
CA SER A 221 9.60 4.75 39.93
C SER A 221 8.61 5.30 38.91
N ALA A 222 7.71 4.43 38.45
CA ALA A 222 6.73 4.78 37.42
C ALA A 222 5.47 5.34 38.07
N LEU A 223 4.94 6.39 37.49
CA LEU A 223 3.79 7.08 38.08
C LEU A 223 2.49 6.48 37.56
N GLU A 224 1.71 5.92 38.46
CA GLU A 224 0.45 5.28 38.05
C GLU A 224 -0.60 6.37 37.89
N PRO A 225 -1.58 6.24 36.98
CA PRO A 225 -2.66 7.22 36.81
C PRO A 225 -3.50 7.37 38.08
N LEU A 226 -3.97 8.59 38.32
CA LEU A 226 -4.78 8.89 39.49
C LEU A 226 -6.20 9.28 39.14
N VAL A 227 -6.39 10.31 38.31
CA VAL A 227 -7.71 10.77 37.92
C VAL A 227 -7.58 11.55 36.62
N ASP A 228 -8.65 11.53 35.82
CA ASP A 228 -8.77 12.34 34.61
C ASP A 228 -9.95 13.29 34.81
N LEU A 229 -9.66 14.57 34.98
CA LEU A 229 -10.68 15.54 35.34
C LEU A 229 -11.16 16.29 34.12
N PRO A 230 -12.44 16.21 33.76
CA PRO A 230 -12.98 17.00 32.64
C PRO A 230 -13.22 18.46 33.01
N ILE A 231 -12.13 19.17 33.34
CA ILE A 231 -12.26 20.54 33.82
C ILE A 231 -12.59 21.49 32.67
N GLY A 232 -11.98 21.27 31.50
CA GLY A 232 -12.26 22.07 30.32
C GLY A 232 -11.90 23.54 30.44
N ILE A 233 -10.81 23.86 31.15
CA ILE A 233 -10.37 25.23 31.32
C ILE A 233 -8.97 25.38 30.75
N ASN A 234 -8.55 26.64 30.63
CA ASN A 234 -7.23 27.01 30.11
C ASN A 234 -6.32 27.27 31.30
N ILE A 235 -5.15 26.64 31.31
CA ILE A 235 -4.20 26.71 32.42
C ILE A 235 -2.86 27.19 31.90
N THR A 236 -2.34 28.25 32.53
CA THR A 236 -1.05 28.83 32.15
C THR A 236 -0.09 29.00 33.32
N ARG A 237 -0.59 29.25 34.53
CA ARG A 237 0.24 29.43 35.70
C ARG A 237 -0.28 28.55 36.83
N PHE A 238 0.58 28.23 37.79
CA PHE A 238 0.15 27.49 38.96
C PHE A 238 0.92 27.96 40.18
N GLN A 239 0.32 27.71 41.35
CA GLN A 239 0.91 28.03 42.65
C GLN A 239 0.75 26.84 43.57
N THR A 240 1.50 26.86 44.68
CA THR A 240 1.51 25.77 45.63
C THR A 240 0.91 26.23 46.95
N LEU A 241 -0.02 25.45 47.48
CA LEU A 241 -0.65 25.77 48.76
C LEU A 241 0.14 25.13 49.89
N LEU A 242 0.45 25.92 50.92
CA LEU A 242 1.25 25.46 52.03
C LEU A 242 0.46 25.61 53.33
N ALA A 243 0.85 24.82 54.32
CA ALA A 243 0.20 24.81 55.62
C ALA A 243 0.99 25.69 56.59
N LEU A 244 0.31 26.60 57.26
CA LEU A 244 0.94 27.55 58.18
C LEU A 244 0.69 27.08 59.61
N HIS A 245 1.64 26.32 60.16
CA HIS A 245 1.51 25.86 61.54
C HIS A 245 1.76 26.98 62.53
N ARG A 246 2.66 27.91 62.18
CA ARG A 246 2.96 29.06 63.06
C ARG A 246 1.85 30.11 62.96
N SER A 247 2.02 31.25 63.64
CA SER A 247 0.95 32.29 63.67
C SER A 247 1.39 33.52 62.87
N TYR A 248 0.49 34.07 62.05
CA TYR A 248 0.80 35.29 61.27
C TYR A 248 0.74 36.54 62.17
N LEU A 249 -0.12 36.51 63.19
CA LEU A 249 -0.23 37.67 64.13
C LEU A 249 1.02 37.75 65.01
N THR A 250 1.50 36.62 65.52
CA THR A 250 2.77 36.65 66.27
C THR A 250 3.73 35.62 65.66
N PRO A 251 4.83 36.06 65.00
CA PRO A 251 5.82 35.13 64.49
C PRO A 251 6.78 34.80 65.63
N GLY A 252 7.06 33.52 65.83
CA GLY A 252 8.02 33.14 66.88
C GLY A 252 9.43 33.53 66.53
N ASP A 253 10.30 33.67 67.54
CA ASP A 253 11.72 33.95 67.23
C ASP A 253 12.21 32.78 66.40
N SER A 254 11.91 31.54 66.80
CA SER A 254 12.25 30.36 65.97
C SER A 254 11.53 29.11 66.50
N SER A 255 11.43 28.06 65.67
CA SER A 255 10.90 26.75 66.10
C SER A 255 9.37 26.72 66.14
N SER A 256 8.72 27.87 65.92
CA SER A 256 7.24 27.95 65.89
C SER A 256 6.73 27.18 64.69
N GLY A 257 7.40 27.33 63.54
CA GLY A 257 7.03 26.59 62.31
C GLY A 257 7.82 25.32 62.17
N TRP A 258 7.82 24.71 60.98
CA TRP A 258 8.47 23.39 60.87
C TRP A 258 9.96 23.39 60.55
N THR A 259 10.82 23.49 61.56
CA THR A 259 12.29 23.31 61.39
C THR A 259 12.94 24.08 60.25
N ALA A 260 12.64 25.37 60.07
CA ALA A 260 13.41 26.17 59.08
C ALA A 260 13.39 25.52 57.70
N GLY A 261 12.27 24.97 57.27
CA GLY A 261 12.16 24.45 55.91
C GLY A 261 13.09 23.34 55.49
N ALA A 262 13.24 22.29 56.30
CA ALA A 262 13.96 21.10 55.81
C ALA A 262 13.12 20.56 54.65
N ALA A 263 11.79 20.64 54.77
CA ALA A 263 10.83 20.19 53.72
C ALA A 263 10.96 21.04 52.46
N ALA A 264 10.76 20.45 51.30
CA ALA A 264 11.00 21.21 50.05
C ALA A 264 10.17 20.60 48.92
N TYR A 265 10.01 21.34 47.84
CA TYR A 265 9.31 20.77 46.69
C TYR A 265 10.05 21.11 45.40
N TYR A 266 9.88 20.26 44.39
CA TYR A 266 10.63 20.31 43.15
C TYR A 266 9.65 20.44 41.99
N VAL A 267 9.97 21.32 41.05
CA VAL A 267 9.10 21.62 39.91
C VAL A 267 9.88 21.41 38.63
N GLY A 268 9.36 20.56 37.75
CA GLY A 268 9.94 20.37 36.44
C GLY A 268 8.88 20.43 35.37
N TYR A 269 9.29 20.83 34.17
CA TYR A 269 8.37 21.07 33.07
C TYR A 269 8.51 19.98 32.02
N LEU A 270 7.37 19.44 31.58
CA LEU A 270 7.37 18.41 30.56
C LEU A 270 7.68 18.99 29.19
N GLN A 271 8.28 18.17 28.34
CA GLN A 271 8.60 18.53 26.96
C GLN A 271 8.29 17.36 26.05
N PRO A 272 7.99 17.61 24.78
CA PRO A 272 7.70 16.50 23.85
C PRO A 272 8.94 15.65 23.60
N ARG A 273 8.89 14.41 24.07
CA ARG A 273 10.00 13.47 23.94
C ARG A 273 9.46 12.11 23.51
N THR A 274 10.36 11.29 22.98
CA THR A 274 10.05 9.91 22.64
C THR A 274 10.77 9.00 23.62
N PHE A 275 10.01 8.20 24.37
CA PHE A 275 10.55 7.34 25.41
C PHE A 275 10.33 5.89 25.02
N LEU A 276 11.32 5.05 25.31
CA LEU A 276 11.21 3.61 25.14
C LEU A 276 10.99 2.99 26.51
N LEU A 277 9.76 2.57 26.79
CA LEU A 277 9.37 2.12 28.11
C LEU A 277 9.48 0.61 28.21
N LYS A 278 10.11 0.03 29.22
CA LYS A 278 10.22 -1.45 29.20
C LYS A 278 9.25 -2.03 30.21
N TYR A 279 8.17 -2.66 29.76
CA TYR A 279 7.19 -3.32 30.65
C TYR A 279 7.72 -4.72 31.01
N ASN A 280 7.71 -5.11 32.28
CA ASN A 280 8.24 -6.42 32.73
C ASN A 280 7.13 -7.48 32.73
N GLU A 281 7.41 -8.68 33.24
CA GLU A 281 6.42 -9.80 33.23
C GLU A 281 5.16 -9.48 34.01
N ASN A 282 5.25 -8.73 35.11
CA ASN A 282 4.09 -8.44 35.98
C ASN A 282 3.35 -7.22 35.43
N GLY A 283 3.79 -6.68 34.29
CA GLY A 283 3.10 -5.53 33.66
C GLY A 283 3.61 -4.17 34.08
N THR A 284 4.76 -4.08 34.77
CA THR A 284 5.24 -2.78 35.32
C THR A 284 6.31 -2.16 34.41
N ILE A 285 6.34 -0.83 34.29
CA ILE A 285 7.42 -0.16 33.50
C ILE A 285 8.65 -0.21 34.39
N THR A 286 9.64 -1.01 34.03
CA THR A 286 10.81 -1.22 34.90
C THR A 286 12.02 -0.39 34.47
N ASP A 287 12.01 0.24 33.28
CA ASP A 287 13.19 1.00 32.80
C ASP A 287 12.81 1.87 31.61
N ALA A 288 13.42 3.04 31.46
CA ALA A 288 13.07 3.80 30.27
C ALA A 288 14.33 4.41 29.67
N VAL A 289 14.23 4.78 28.40
CA VAL A 289 15.33 5.39 27.65
C VAL A 289 14.85 6.69 27.03
N ASP A 290 15.55 7.79 27.23
CA ASP A 290 15.20 9.07 26.56
C ASP A 290 16.01 9.10 25.27
N CYS A 291 15.38 9.07 24.11
CA CYS A 291 16.08 8.96 22.83
C CYS A 291 16.87 10.21 22.53
N ALA A 292 16.54 11.31 23.17
CA ALA A 292 17.23 12.57 22.87
C ALA A 292 18.41 12.81 23.82
N LEU A 293 18.66 11.93 24.79
CA LEU A 293 19.67 12.24 25.82
C LEU A 293 21.09 12.14 25.28
N ASP A 294 21.56 10.94 24.96
CA ASP A 294 22.98 10.77 24.55
C ASP A 294 23.00 9.96 23.26
N PRO A 295 23.96 9.60 22.41
CA PRO A 295 23.93 8.73 21.22
C PRO A 295 23.67 7.26 21.50
N LEU A 296 24.05 6.76 22.68
CA LEU A 296 23.73 5.38 23.04
C LEU A 296 22.23 5.17 23.13
N SER A 297 21.50 6.13 23.70
CA SER A 297 20.04 6.03 23.74
C SER A 297 19.41 6.21 22.37
N GLU A 298 20.02 7.00 21.48
CA GLU A 298 19.54 7.09 20.11
C GLU A 298 19.70 5.75 19.39
N THR A 299 20.82 5.07 19.62
CA THR A 299 21.01 3.73 19.07
C THR A 299 19.99 2.75 19.65
N LYS A 300 19.72 2.85 20.95
CA LYS A 300 18.74 1.99 21.60
C LYS A 300 17.34 2.21 21.03
N CYS A 301 16.97 3.47 20.77
CA CYS A 301 15.66 3.76 20.20
C CYS A 301 15.58 3.35 18.73
N THR A 302 16.69 3.46 17.99
CA THR A 302 16.70 3.02 16.60
C THR A 302 16.56 1.50 16.50
N LEU A 303 17.26 0.77 17.38
CA LEU A 303 17.21 -0.69 17.36
C LEU A 303 16.05 -1.26 18.16
N LYS A 304 15.33 -0.42 18.91
CA LYS A 304 14.23 -0.83 19.79
C LYS A 304 14.67 -1.91 20.78
N SER A 305 15.87 -1.73 21.33
CA SER A 305 16.41 -2.69 22.30
C SER A 305 17.27 -1.94 23.30
N PHE A 306 17.28 -2.44 24.53
CA PHE A 306 18.06 -1.75 25.59
C PHE A 306 19.50 -2.25 25.59
N THR A 307 19.77 -3.35 24.88
CA THR A 307 21.14 -3.85 24.75
C THR A 307 21.53 -3.82 23.28
N VAL A 308 22.65 -3.16 22.99
CA VAL A 308 23.20 -3.09 21.64
C VAL A 308 24.48 -3.92 21.62
N GLU A 309 24.82 -4.43 20.44
CA GLU A 309 26.00 -5.26 20.29
C GLU A 309 27.17 -4.41 19.81
N LYS A 310 28.34 -5.05 19.67
CA LYS A 310 29.52 -4.36 19.19
C LYS A 310 29.38 -4.04 17.71
N GLY A 311 29.70 -2.80 17.35
CA GLY A 311 29.72 -2.41 15.95
C GLY A 311 29.26 -0.98 15.78
N ILE A 312 28.98 -0.64 14.52
CA ILE A 312 28.57 0.69 14.12
C ILE A 312 27.11 0.64 13.67
N TYR A 313 26.31 1.60 14.14
CA TYR A 313 24.88 1.61 13.88
C TYR A 313 24.47 2.97 13.35
N GLN A 314 23.72 2.98 12.25
CA GLN A 314 23.15 4.23 11.74
C GLN A 314 21.87 4.55 12.50
N THR A 315 21.80 5.76 13.05
CA THR A 315 20.71 6.15 13.94
C THR A 315 19.87 7.25 13.31
N SER A 316 18.56 7.12 13.43
CA SER A 316 17.64 8.15 12.97
C SER A 316 17.61 9.32 13.97
N ASN A 317 17.11 10.45 13.49
CA ASN A 317 17.17 11.69 14.26
C ASN A 317 16.12 11.69 15.37
N PHE A 318 16.59 11.86 16.61
CA PHE A 318 15.72 12.12 17.74
C PHE A 318 16.22 13.27 18.60
N ARG A 319 17.30 13.94 18.21
CA ARG A 319 18.03 14.81 19.14
C ARG A 319 17.54 16.25 19.14
N VAL A 320 16.92 16.72 18.06
CA VAL A 320 16.58 18.13 17.90
C VAL A 320 15.06 18.28 17.78
N GLN A 321 14.51 19.23 18.54
CA GLN A 321 13.10 19.57 18.49
C GLN A 321 12.98 21.08 18.32
N PRO A 322 12.12 21.55 17.42
CA PRO A 322 11.97 23.00 17.24
C PRO A 322 11.22 23.62 18.41
N THR A 323 11.73 24.76 18.88
CA THR A 323 11.14 25.47 20.01
C THR A 323 10.41 26.74 19.61
N GLU A 324 10.82 27.38 18.51
CA GLU A 324 10.20 28.61 18.06
C GLU A 324 9.65 28.43 16.66
N SER A 325 8.65 29.25 16.33
CA SER A 325 8.01 29.24 15.02
C SER A 325 8.00 30.64 14.45
N ILE A 326 8.28 30.75 13.15
CA ILE A 326 8.28 32.02 12.45
C ILE A 326 7.23 31.99 11.35
N VAL A 327 6.55 33.12 11.17
CA VAL A 327 5.56 33.30 10.12
C VAL A 327 6.00 34.49 9.27
N ARG A 328 6.07 34.29 7.96
CA ARG A 328 6.46 35.35 7.03
C ARG A 328 5.42 35.46 5.92
N PHE A 329 4.71 36.57 5.90
CA PHE A 329 3.65 36.89 4.94
C PHE A 329 3.99 38.18 4.23
N PRO A 330 3.45 38.41 3.02
CA PRO A 330 3.71 39.66 2.32
C PRO A 330 3.14 40.87 3.04
N ASN A 331 3.70 42.03 2.72
CA ASN A 331 3.28 43.29 3.34
C ASN A 331 1.92 43.70 2.80
N ILE A 332 0.85 43.14 3.36
CA ILE A 332 -0.51 43.42 2.93
C ILE A 332 -1.27 44.02 4.11
N THR A 333 -1.91 45.17 3.87
CA THR A 333 -2.58 45.93 4.93
C THR A 333 -4.09 45.90 4.83
N ASN A 334 -4.65 46.19 3.65
CA ASN A 334 -6.08 46.37 3.51
C ASN A 334 -6.82 45.03 3.62
N LEU A 335 -8.07 45.12 4.07
CA LEU A 335 -8.93 43.96 4.24
C LEU A 335 -9.69 43.70 2.95
N CYS A 336 -9.99 42.42 2.71
CA CYS A 336 -10.63 42.02 1.46
C CYS A 336 -12.07 42.53 1.40
N PRO A 337 -12.54 42.96 0.22
CA PRO A 337 -13.91 43.47 0.10
C PRO A 337 -14.95 42.36 0.06
N PHE A 338 -15.06 41.63 1.18
CA PHE A 338 -16.10 40.63 1.30
C PHE A 338 -17.47 41.26 1.54
N GLY A 339 -17.50 42.53 1.96
CA GLY A 339 -18.76 43.25 2.00
C GLY A 339 -19.36 43.49 0.63
N GLU A 340 -18.52 43.68 -0.38
CA GLU A 340 -19.04 43.82 -1.73
C GLU A 340 -19.51 42.49 -2.30
N VAL A 341 -18.78 41.42 -1.99
CA VAL A 341 -19.12 40.11 -2.55
C VAL A 341 -20.36 39.54 -1.87
N PHE A 342 -20.41 39.60 -0.55
CA PHE A 342 -21.43 38.90 0.22
C PHE A 342 -22.67 39.74 0.52
N ASN A 343 -22.53 41.06 0.59
CA ASN A 343 -23.61 41.94 1.01
C ASN A 343 -24.08 42.84 -0.12
N ALA A 344 -23.96 42.38 -1.36
CA ALA A 344 -24.45 43.12 -2.50
C ALA A 344 -25.97 43.17 -2.50
N THR A 345 -26.52 44.28 -3.01
CA THR A 345 -27.96 44.46 -3.00
C THR A 345 -28.65 43.55 -4.03
N ARG A 346 -27.91 43.10 -5.04
CA ARG A 346 -28.44 42.18 -6.03
C ARG A 346 -27.33 41.23 -6.49
N PHE A 347 -27.70 39.97 -6.66
CA PHE A 347 -26.80 38.93 -7.14
C PHE A 347 -27.18 38.53 -8.55
N ALA A 348 -26.19 38.00 -9.28
CA ALA A 348 -26.41 37.59 -10.65
C ALA A 348 -27.23 36.30 -10.69
N SER A 349 -27.81 36.02 -11.86
CA SER A 349 -28.55 34.78 -12.05
C SER A 349 -27.58 33.62 -12.17
N VAL A 350 -28.13 32.40 -12.11
CA VAL A 350 -27.26 31.23 -12.12
C VAL A 350 -26.80 30.91 -13.54
N TYR A 351 -27.56 31.30 -14.57
CA TYR A 351 -27.11 31.05 -15.93
C TYR A 351 -25.99 31.99 -16.34
N ALA A 352 -25.99 33.22 -15.82
CA ALA A 352 -24.90 34.17 -16.01
C ALA A 352 -24.40 34.55 -14.62
N TRP A 353 -23.53 33.72 -14.06
CA TRP A 353 -23.04 33.93 -12.71
C TRP A 353 -21.90 34.95 -12.71
N ASN A 354 -21.78 35.70 -11.62
CA ASN A 354 -20.84 36.82 -11.56
C ASN A 354 -19.52 36.35 -10.98
N ARG A 355 -18.45 36.48 -11.75
CA ARG A 355 -17.11 36.11 -11.31
C ARG A 355 -16.31 37.37 -11.02
N LYS A 356 -15.77 37.46 -9.81
CA LYS A 356 -15.03 38.63 -9.35
C LYS A 356 -13.65 38.19 -8.87
N ARG A 357 -12.62 38.96 -9.23
CA ARG A 357 -11.27 38.65 -8.80
C ARG A 357 -10.96 39.31 -7.46
N ILE A 358 -10.40 38.55 -6.54
CA ILE A 358 -10.01 39.04 -5.22
C ILE A 358 -8.49 38.99 -5.15
N SER A 359 -7.86 40.14 -4.92
CA SER A 359 -6.40 40.19 -4.88
C SER A 359 -5.96 41.39 -4.05
N ASN A 360 -4.70 41.31 -3.60
CA ASN A 360 -4.01 42.38 -2.87
C ASN A 360 -4.76 42.80 -1.61
N CYS A 361 -5.18 41.81 -0.82
CA CYS A 361 -5.89 42.08 0.42
C CYS A 361 -5.71 40.89 1.36
N VAL A 362 -6.29 41.00 2.56
CA VAL A 362 -6.17 40.00 3.61
C VAL A 362 -7.50 39.28 3.75
N ALA A 363 -7.48 37.96 3.59
CA ALA A 363 -8.69 37.15 3.60
C ALA A 363 -9.02 36.76 5.03
N ASP A 364 -9.75 37.62 5.72
CA ASP A 364 -10.20 37.37 7.09
C ASP A 364 -11.70 37.06 7.05
N TYR A 365 -12.05 35.79 7.26
N TYR A 365 -12.03 35.78 7.27
CA TYR A 365 -13.46 35.44 7.26
CA TYR A 365 -13.43 35.35 7.29
C TYR A 365 -14.11 35.64 8.62
C TYR A 365 -14.10 35.63 8.62
N SER A 366 -13.33 36.00 9.66
CA SER A 366 -13.88 36.19 10.99
C SER A 366 -14.80 37.40 11.07
N VAL A 367 -14.66 38.35 10.14
CA VAL A 367 -15.58 39.48 10.10
C VAL A 367 -16.88 39.09 9.42
N LEU A 368 -16.92 37.94 8.74
CA LEU A 368 -18.12 37.55 8.01
C LEU A 368 -19.25 37.11 8.94
N TYR A 369 -18.94 36.28 9.94
CA TYR A 369 -20.01 35.75 10.79
C TYR A 369 -20.36 36.66 11.96
N ASN A 370 -20.07 37.95 11.88
CA ASN A 370 -20.61 38.88 12.87
C ASN A 370 -22.12 39.06 12.67
N SER A 371 -22.57 39.08 11.42
CA SER A 371 -23.98 39.26 11.10
C SER A 371 -24.50 38.31 10.04
N ALA A 372 -23.64 37.59 9.32
CA ALA A 372 -24.06 36.68 8.27
C ALA A 372 -23.87 35.24 8.73
N SER A 373 -24.92 34.44 8.59
CA SER A 373 -24.90 33.03 8.96
C SER A 373 -24.98 32.19 7.68
N PHE A 374 -24.01 31.32 7.48
CA PHE A 374 -23.90 30.52 6.27
C PHE A 374 -24.45 29.12 6.56
N SER A 375 -25.51 28.75 5.86
CA SER A 375 -26.07 27.41 6.04
C SER A 375 -25.18 26.34 5.43
N THR A 376 -24.47 26.66 4.35
CA THR A 376 -23.56 25.73 3.69
C THR A 376 -22.18 26.34 3.63
N PHE A 377 -21.17 25.59 4.07
CA PHE A 377 -19.77 26.03 4.00
C PHE A 377 -18.93 24.76 3.83
N LYS A 378 -18.61 24.44 2.58
CA LYS A 378 -17.90 23.21 2.27
C LYS A 378 -16.63 23.53 1.49
N CYS A 379 -15.48 23.11 2.02
CA CYS A 379 -14.20 23.39 1.39
C CYS A 379 -13.61 22.10 0.83
N TYR A 380 -13.29 22.12 -0.46
CA TYR A 380 -12.72 20.99 -1.18
C TYR A 380 -11.27 21.28 -1.49
N GLY A 381 -10.40 20.32 -1.19
CA GLY A 381 -8.98 20.48 -1.40
C GLY A 381 -8.24 21.25 -0.33
N VAL A 382 -8.95 21.72 0.69
CA VAL A 382 -8.35 22.48 1.78
C VAL A 382 -9.22 22.29 3.01
N SER A 383 -8.58 22.31 4.19
CA SER A 383 -9.44 22.21 5.37
C SER A 383 -9.84 23.60 5.85
N PRO A 384 -11.08 23.74 6.34
CA PRO A 384 -11.53 25.05 6.83
C PRO A 384 -10.76 25.55 8.04
N THR A 385 -10.18 24.66 8.85
CA THR A 385 -9.38 25.10 9.99
C THR A 385 -8.03 25.65 9.55
N LYS A 386 -7.45 25.10 8.48
CA LYS A 386 -6.17 25.55 7.96
C LYS A 386 -6.31 26.72 7.01
N LEU A 387 -7.50 27.32 6.91
CA LEU A 387 -7.72 28.41 5.98
C LEU A 387 -7.13 29.73 6.46
N ASN A 388 -6.89 29.86 7.77
CA ASN A 388 -6.31 31.09 8.30
C ASN A 388 -4.83 31.22 7.96
N ASP A 389 -4.06 30.15 8.14
CA ASP A 389 -2.61 30.20 7.95
C ASP A 389 -2.18 29.78 6.54
N LEU A 390 -2.80 30.40 5.53
CA LEU A 390 -2.52 30.08 4.14
C LEU A 390 -2.56 31.34 3.29
N CYS A 391 -1.83 31.30 2.18
CA CYS A 391 -1.82 32.38 1.20
C CYS A 391 -2.24 31.82 -0.15
N PHE A 392 -3.13 32.53 -0.83
CA PHE A 392 -3.69 32.09 -2.10
C PHE A 392 -3.15 32.95 -3.24
N THR A 393 -2.93 32.31 -4.39
CA THR A 393 -2.36 33.02 -5.53
C THR A 393 -3.41 33.87 -6.23
N ASN A 394 -4.45 33.24 -6.75
CA ASN A 394 -5.59 33.96 -7.32
C ASN A 394 -6.87 33.41 -6.73
N VAL A 395 -7.80 34.31 -6.42
CA VAL A 395 -9.07 33.95 -5.81
C VAL A 395 -10.18 34.52 -6.69
N TYR A 396 -11.13 33.66 -7.07
CA TYR A 396 -12.26 34.09 -7.86
C TYR A 396 -13.55 33.74 -7.14
N ALA A 397 -14.40 34.74 -6.92
CA ALA A 397 -15.68 34.56 -6.26
C ALA A 397 -16.76 34.47 -7.34
N ASP A 398 -17.41 33.32 -7.42
CA ASP A 398 -18.50 33.09 -8.36
C ASP A 398 -19.81 33.17 -7.58
N SER A 399 -20.59 34.21 -7.85
CA SER A 399 -21.77 34.53 -7.05
C SER A 399 -23.02 34.38 -7.90
N PHE A 400 -24.04 33.75 -7.34
CA PHE A 400 -25.33 33.58 -7.99
C PHE A 400 -26.39 33.27 -6.94
N VAL A 401 -27.62 33.05 -7.39
CA VAL A 401 -28.76 32.73 -6.54
C VAL A 401 -29.46 31.50 -7.10
N ILE A 402 -29.70 30.51 -6.25
CA ILE A 402 -30.46 29.31 -6.62
C ILE A 402 -31.56 29.10 -5.59
N ARG A 403 -32.28 28.00 -5.73
CA ARG A 403 -33.26 27.66 -4.70
C ARG A 403 -32.65 26.72 -3.67
N GLY A 404 -33.45 26.36 -2.67
CA GLY A 404 -32.94 25.56 -1.56
C GLY A 404 -32.57 24.15 -1.96
N ASP A 405 -33.34 23.53 -2.84
CA ASP A 405 -33.10 22.14 -3.22
C ASP A 405 -31.91 21.98 -4.17
N GLU A 406 -31.36 23.07 -4.67
CA GLU A 406 -30.30 23.04 -5.66
C GLU A 406 -28.92 23.30 -5.08
N VAL A 407 -28.84 23.67 -3.79
CA VAL A 407 -27.56 23.94 -3.14
C VAL A 407 -26.71 22.67 -3.06
N ARG A 408 -27.35 21.50 -3.03
CA ARG A 408 -26.63 20.24 -3.08
C ARG A 408 -25.92 20.02 -4.42
N GLN A 409 -26.31 20.74 -5.47
CA GLN A 409 -25.70 20.55 -6.78
C GLN A 409 -24.44 21.39 -6.98
N ILE A 410 -24.13 22.30 -6.06
CA ILE A 410 -22.90 23.09 -6.16
C ILE A 410 -21.84 22.30 -5.41
N ALA A 411 -21.27 21.31 -6.11
CA ALA A 411 -20.25 20.42 -5.59
C ALA A 411 -19.58 19.72 -6.76
N PRO A 412 -18.29 19.38 -6.65
CA PRO A 412 -17.64 18.59 -7.71
C PRO A 412 -18.23 17.19 -7.79
N GLY A 413 -18.37 16.70 -9.02
CA GLY A 413 -18.92 15.38 -9.24
C GLY A 413 -20.42 15.26 -9.10
N GLN A 414 -21.13 16.38 -9.03
CA GLN A 414 -22.58 16.35 -8.88
C GLN A 414 -23.26 16.54 -10.23
N THR A 415 -24.48 16.04 -10.32
CA THR A 415 -25.32 16.22 -11.51
C THR A 415 -26.62 16.89 -11.10
N GLY A 416 -27.41 17.23 -12.10
CA GLY A 416 -28.69 17.87 -11.85
C GLY A 416 -28.98 18.87 -12.95
N LYS A 417 -29.74 19.90 -12.57
CA LYS A 417 -30.07 20.95 -13.52
C LYS A 417 -29.03 22.06 -13.50
N ILE A 418 -28.66 22.51 -12.29
CA ILE A 418 -27.63 23.55 -12.16
C ILE A 418 -26.26 23.02 -12.56
N ALA A 419 -25.94 21.80 -12.11
CA ALA A 419 -24.62 21.23 -12.38
C ALA A 419 -24.43 20.82 -13.83
N ASP A 420 -25.50 20.74 -14.62
CA ASP A 420 -25.36 20.38 -16.02
C ASP A 420 -25.57 21.56 -16.96
N TYR A 421 -26.54 22.41 -16.69
CA TYR A 421 -26.92 23.45 -17.64
C TYR A 421 -26.58 24.86 -17.19
N ASN A 422 -26.29 25.08 -15.91
CA ASN A 422 -26.10 26.43 -15.40
C ASN A 422 -24.71 26.68 -14.84
N TYR A 423 -24.23 25.84 -13.91
CA TYR A 423 -22.95 26.08 -13.27
C TYR A 423 -22.35 24.76 -12.82
N LYS A 424 -21.20 24.39 -13.39
CA LYS A 424 -20.53 23.15 -13.07
C LYS A 424 -19.13 23.44 -12.54
N LEU A 425 -18.76 22.76 -11.45
CA LEU A 425 -17.46 22.80 -10.80
C LEU A 425 -16.59 21.65 -11.31
N PRO A 426 -15.28 21.87 -11.48
CA PRO A 426 -14.41 20.80 -11.96
C PRO A 426 -14.21 19.72 -10.90
N ASP A 427 -13.76 18.56 -11.37
CA ASP A 427 -13.51 17.44 -10.46
C ASP A 427 -12.34 17.73 -9.52
N ASP A 428 -11.29 18.38 -10.04
CA ASP A 428 -10.14 18.77 -9.23
C ASP A 428 -10.28 20.18 -8.67
N PHE A 429 -11.41 20.43 -8.01
CA PHE A 429 -11.74 21.76 -7.53
C PHE A 429 -11.11 21.99 -6.16
N THR A 430 -10.38 23.09 -6.03
CA THR A 430 -9.81 23.52 -4.75
C THR A 430 -10.43 24.87 -4.40
N GLY A 431 -11.29 24.89 -3.40
CA GLY A 431 -11.98 26.11 -3.02
C GLY A 431 -13.14 25.81 -2.10
N CYS A 432 -13.84 26.87 -1.71
CA CYS A 432 -14.90 26.75 -0.72
C CYS A 432 -16.22 27.27 -1.27
N VAL A 433 -17.25 26.45 -1.15
CA VAL A 433 -18.61 26.81 -1.53
C VAL A 433 -19.31 27.33 -0.27
N ILE A 434 -19.89 28.53 -0.37
CA ILE A 434 -20.58 29.20 0.72
C ILE A 434 -21.99 29.49 0.24
N ALA A 435 -22.99 29.22 1.08
CA ALA A 435 -24.37 29.45 0.70
C ALA A 435 -25.18 29.80 1.92
N TRP A 436 -26.07 30.78 1.76
CA TRP A 436 -26.92 31.20 2.86
C TRP A 436 -28.31 31.57 2.35
N ASN A 437 -29.31 31.34 3.19
CA ASN A 437 -30.68 31.66 2.85
C ASN A 437 -30.88 33.17 2.79
N SER A 438 -31.60 33.63 1.78
CA SER A 438 -31.87 35.04 1.57
C SER A 438 -33.33 35.25 1.20
N ASN A 439 -34.23 34.65 1.98
CA ASN A 439 -35.65 34.84 1.76
C ASN A 439 -36.09 36.27 2.08
N ASN A 440 -35.38 36.94 2.99
CA ASN A 440 -35.75 38.30 3.36
C ASN A 440 -35.40 39.30 2.26
N LEU A 441 -34.36 39.02 1.48
CA LEU A 441 -33.87 39.98 0.50
C LEU A 441 -34.37 39.68 -0.91
N ASP A 442 -34.11 38.46 -1.40
CA ASP A 442 -34.35 38.15 -2.81
C ASP A 442 -35.84 38.02 -3.11
N SER A 443 -36.57 37.28 -2.26
CA SER A 443 -37.98 37.04 -2.51
C SER A 443 -38.82 38.25 -2.09
N LYS A 444 -39.84 38.55 -2.89
CA LYS A 444 -40.73 39.67 -2.62
C LYS A 444 -42.17 39.19 -2.78
N VAL A 445 -43.09 39.99 -2.23
CA VAL A 445 -44.51 39.63 -2.24
C VAL A 445 -45.05 39.73 -3.66
N GLY A 446 -45.71 38.66 -4.11
CA GLY A 446 -46.24 38.58 -5.45
C GLY A 446 -45.39 37.81 -6.44
N GLY A 447 -44.14 37.51 -6.08
CA GLY A 447 -43.29 36.73 -6.95
C GLY A 447 -42.11 37.52 -7.50
N ASN A 448 -40.89 37.09 -7.15
CA ASN A 448 -39.67 37.70 -7.69
C ASN A 448 -39.24 36.90 -8.91
N TYR A 449 -39.38 37.51 -10.10
CA TYR A 449 -39.08 36.86 -11.35
C TYR A 449 -37.79 37.41 -11.99
N ASN A 450 -36.94 38.04 -11.19
CA ASN A 450 -35.71 38.64 -11.69
C ASN A 450 -34.55 37.66 -11.75
N TYR A 451 -34.72 36.44 -11.27
CA TYR A 451 -33.67 35.42 -11.29
C TYR A 451 -34.06 34.33 -12.27
N LEU A 452 -33.17 34.07 -13.24
CA LEU A 452 -33.44 33.15 -14.32
C LEU A 452 -32.55 31.93 -14.22
N TYR A 453 -33.01 30.83 -14.83
CA TYR A 453 -32.23 29.61 -14.90
C TYR A 453 -32.56 28.87 -16.19
N ARG A 454 -31.64 28.01 -16.61
CA ARG A 454 -31.70 27.34 -17.90
C ARG A 454 -32.31 25.95 -17.74
N LEU A 455 -33.49 25.75 -18.32
CA LEU A 455 -34.10 24.42 -18.31
C LEU A 455 -33.38 23.48 -19.28
N PHE A 456 -33.12 23.95 -20.49
CA PHE A 456 -32.76 23.09 -21.61
C PHE A 456 -31.42 23.51 -22.20
N ARG A 457 -30.60 22.51 -22.53
CA ARG A 457 -29.37 22.72 -23.25
C ARG A 457 -29.05 21.46 -24.02
N LYS A 458 -28.41 21.61 -25.18
CA LYS A 458 -28.14 20.48 -26.05
C LYS A 458 -27.09 19.54 -25.44
N SER A 459 -26.14 20.09 -24.70
CA SER A 459 -25.10 19.29 -24.07
C SER A 459 -24.80 19.85 -22.68
N ASN A 460 -24.21 19.00 -21.85
CA ASN A 460 -23.84 19.42 -20.50
C ASN A 460 -22.70 20.44 -20.54
N LEU A 461 -22.72 21.35 -19.58
CA LEU A 461 -21.68 22.36 -19.49
C LEU A 461 -20.35 21.75 -19.06
N LYS A 462 -19.30 22.40 -19.53
CA LYS A 462 -17.96 21.97 -19.13
C LYS A 462 -17.60 22.82 -17.92
N PRO A 463 -16.71 22.42 -17.00
CA PRO A 463 -16.43 23.16 -15.77
C PRO A 463 -16.08 24.62 -16.02
N PHE A 464 -16.66 25.49 -15.19
CA PHE A 464 -16.46 26.94 -15.23
C PHE A 464 -16.78 27.53 -16.61
N GLU A 465 -17.83 27.02 -17.24
CA GLU A 465 -18.27 27.49 -18.55
C GLU A 465 -19.56 28.26 -18.38
N ARG A 466 -19.63 29.45 -18.98
CA ARG A 466 -20.86 30.29 -18.88
C ARG A 466 -21.58 30.24 -20.22
N ASP A 467 -22.90 30.16 -20.20
CA ASP A 467 -23.76 30.12 -21.38
C ASP A 467 -24.89 31.13 -21.17
N ILE A 468 -24.76 32.30 -21.79
CA ILE A 468 -25.76 33.36 -21.67
C ILE A 468 -26.63 33.46 -22.92
N SER A 469 -26.48 32.53 -23.85
CA SER A 469 -27.26 32.57 -25.09
C SER A 469 -28.73 32.26 -24.81
N THR A 470 -29.61 32.98 -25.50
CA THR A 470 -31.05 32.86 -25.32
C THR A 470 -31.72 32.30 -26.57
N GLU A 471 -30.99 31.50 -27.34
CA GLU A 471 -31.56 30.90 -28.55
C GLU A 471 -32.55 29.81 -28.20
N ILE A 472 -33.50 29.59 -29.10
CA ILE A 472 -34.61 28.66 -28.84
C ILE A 472 -34.10 27.23 -28.90
N TYR A 473 -34.47 26.43 -27.90
CA TYR A 473 -34.06 25.04 -27.84
C TYR A 473 -34.97 24.18 -28.70
N GLN A 474 -34.37 23.35 -29.55
CA GLN A 474 -35.12 22.47 -30.46
C GLN A 474 -35.33 21.14 -29.77
N ALA A 475 -36.44 21.00 -29.06
CA ALA A 475 -36.74 19.74 -28.38
C ALA A 475 -37.20 18.66 -29.37
N GLY A 476 -38.02 19.04 -30.35
CA GLY A 476 -38.55 18.10 -31.31
C GLY A 476 -37.71 18.01 -32.57
N SER A 477 -38.19 17.17 -33.50
CA SER A 477 -37.49 16.99 -34.76
C SER A 477 -37.67 18.18 -35.70
N THR A 478 -38.80 18.86 -35.62
CA THR A 478 -39.05 20.00 -36.50
C THR A 478 -38.15 21.18 -36.12
N PRO A 479 -37.69 21.94 -37.10
CA PRO A 479 -36.90 23.13 -36.79
C PRO A 479 -37.72 24.20 -36.09
N CYS A 480 -37.06 24.91 -35.17
CA CYS A 480 -37.74 25.96 -34.41
C CYS A 480 -37.94 27.22 -35.22
N ASN A 481 -36.98 27.54 -36.10
CA ASN A 481 -37.00 28.74 -36.97
C ASN A 481 -37.07 30.03 -36.17
N GLY A 482 -36.52 30.03 -34.95
CA GLY A 482 -36.43 31.23 -34.16
C GLY A 482 -37.72 31.69 -33.50
N VAL A 483 -38.77 30.89 -33.53
CA VAL A 483 -40.05 31.23 -32.92
C VAL A 483 -40.46 30.14 -31.96
N GLU A 484 -41.09 30.52 -30.85
CA GLU A 484 -41.56 29.57 -29.86
C GLU A 484 -42.82 28.86 -30.36
N GLY A 485 -43.04 27.66 -29.85
CA GLY A 485 -44.20 26.90 -30.24
C GLY A 485 -44.16 25.51 -29.65
N PHE A 486 -44.83 24.57 -30.32
CA PHE A 486 -44.79 23.18 -29.90
C PHE A 486 -43.41 22.60 -30.15
N ASN A 487 -42.86 21.95 -29.12
CA ASN A 487 -41.50 21.40 -29.10
C ASN A 487 -40.43 22.46 -29.39
N CYS A 488 -40.69 23.70 -29.00
CA CYS A 488 -39.74 24.80 -29.14
C CYS A 488 -39.89 25.70 -27.93
N TYR A 489 -38.98 25.58 -26.97
CA TYR A 489 -39.09 26.25 -25.69
C TYR A 489 -37.99 27.29 -25.54
N PHE A 490 -38.34 28.41 -24.91
CA PHE A 490 -37.33 29.37 -24.48
C PHE A 490 -36.51 28.76 -23.35
N PRO A 491 -35.18 28.78 -23.43
CA PRO A 491 -34.37 27.99 -22.47
C PRO A 491 -34.34 28.56 -21.07
N LEU A 492 -34.62 29.85 -20.88
CA LEU A 492 -34.51 30.51 -19.59
C LEU A 492 -35.90 30.73 -19.00
N GLN A 493 -36.04 30.43 -17.71
CA GLN A 493 -37.28 30.66 -16.99
C GLN A 493 -36.98 31.25 -15.62
N SER A 494 -37.94 32.01 -15.09
CA SER A 494 -37.79 32.63 -13.79
C SER A 494 -38.03 31.62 -12.68
N TYR A 495 -37.32 31.80 -11.56
CA TYR A 495 -37.56 31.00 -10.37
C TYR A 495 -38.96 31.26 -9.79
N GLY A 496 -39.36 32.52 -9.73
CA GLY A 496 -40.63 32.87 -9.12
C GLY A 496 -40.60 32.72 -7.62
N PHE A 497 -39.79 33.54 -6.96
CA PHE A 497 -39.56 33.43 -5.53
C PHE A 497 -40.66 34.16 -4.76
N GLN A 498 -41.21 33.50 -3.75
CA GLN A 498 -42.23 34.07 -2.89
C GLN A 498 -41.86 33.89 -1.42
N PRO A 499 -42.24 34.81 -0.55
CA PRO A 499 -41.90 34.66 0.88
C PRO A 499 -42.67 33.54 1.56
N THR A 500 -43.77 33.07 1.00
CA THR A 500 -44.56 31.98 1.56
C THR A 500 -44.15 30.62 1.01
N ASN A 501 -43.10 30.56 0.22
CA ASN A 501 -42.64 29.29 -0.36
C ASN A 501 -41.97 28.44 0.71
N GLY A 502 -41.74 27.17 0.37
CA GLY A 502 -41.07 26.26 1.26
C GLY A 502 -39.59 26.56 1.36
N VAL A 503 -38.93 25.81 2.25
CA VAL A 503 -37.49 26.00 2.47
C VAL A 503 -36.70 25.61 1.21
N GLY A 504 -37.10 24.53 0.56
CA GLY A 504 -36.45 24.13 -0.68
C GLY A 504 -36.77 24.99 -1.88
N TYR A 505 -37.79 25.84 -1.79
CA TYR A 505 -38.14 26.77 -2.85
C TYR A 505 -37.70 28.20 -2.54
N GLN A 506 -37.09 28.41 -1.38
CA GLN A 506 -36.63 29.71 -0.91
C GLN A 506 -35.31 30.09 -1.57
N PRO A 507 -35.05 31.39 -1.75
CA PRO A 507 -33.78 31.80 -2.37
C PRO A 507 -32.59 31.48 -1.50
N TYR A 508 -31.49 31.13 -2.16
CA TYR A 508 -30.23 30.83 -1.49
C TYR A 508 -29.12 31.50 -2.29
N ARG A 509 -28.40 32.41 -1.66
CA ARG A 509 -27.28 33.08 -2.30
C ARG A 509 -26.02 32.24 -2.12
N VAL A 510 -25.32 32.00 -3.23
CA VAL A 510 -24.16 31.11 -3.25
C VAL A 510 -22.96 31.89 -3.77
N VAL A 511 -21.86 31.84 -3.01
CA VAL A 511 -20.57 32.36 -3.42
C VAL A 511 -19.58 31.21 -3.40
N VAL A 512 -18.98 30.91 -4.54
CA VAL A 512 -17.99 29.85 -4.66
C VAL A 512 -16.64 30.50 -4.82
N LEU A 513 -15.77 30.32 -3.83
CA LEU A 513 -14.44 30.89 -3.83
C LEU A 513 -13.45 29.87 -4.37
N SER A 514 -12.94 30.13 -5.57
CA SER A 514 -11.98 29.26 -6.23
C SER A 514 -10.58 29.78 -5.95
N PHE A 515 -9.70 28.88 -5.49
CA PHE A 515 -8.37 29.21 -5.03
C PHE A 515 -7.34 28.53 -5.92
N GLU A 516 -6.07 28.76 -5.59
CA GLU A 516 -4.94 27.99 -6.10
C GLU A 516 -3.85 28.05 -5.05
N LEU A 517 -3.42 26.89 -4.56
CA LEU A 517 -2.60 26.80 -3.36
C LEU A 517 -1.17 26.42 -3.71
N LEU A 518 -0.22 27.26 -3.29
CA LEU A 518 1.21 26.92 -3.21
C LEU A 518 1.81 26.57 -4.57
N HIS A 519 1.49 27.38 -5.59
CA HIS A 519 2.02 27.18 -6.93
C HIS A 519 2.54 28.45 -7.58
N ALA A 520 2.08 29.62 -7.16
CA ALA A 520 2.43 30.89 -7.78
C ALA A 520 2.66 31.89 -6.67
N PRO A 521 3.28 33.05 -6.96
CA PRO A 521 3.33 34.13 -5.97
C PRO A 521 1.93 34.57 -5.57
N ALA A 522 1.76 34.81 -4.27
CA ALA A 522 0.45 35.05 -3.68
C ALA A 522 0.22 36.53 -3.43
N THR A 523 -0.99 37.00 -3.73
CA THR A 523 -1.39 38.36 -3.48
C THR A 523 -2.40 38.50 -2.36
N VAL A 524 -3.09 37.43 -1.98
CA VAL A 524 -4.07 37.44 -0.91
C VAL A 524 -3.68 36.41 0.13
N CYS A 525 -3.73 36.79 1.40
CA CYS A 525 -3.24 35.95 2.48
C CYS A 525 -4.25 35.95 3.62
N GLY A 526 -3.92 35.20 4.67
CA GLY A 526 -4.80 35.02 5.80
C GLY A 526 -4.55 36.03 6.90
N PRO A 527 -5.27 35.87 8.02
CA PRO A 527 -5.17 36.86 9.12
C PRO A 527 -3.94 36.69 9.98
N LYS A 528 -3.10 35.69 9.73
CA LYS A 528 -1.95 35.43 10.60
C LYS A 528 -0.93 36.55 10.49
N LYS A 529 -0.36 36.94 11.64
CA LYS A 529 0.57 38.05 11.72
C LYS A 529 1.98 37.55 11.46
N SER A 530 2.70 38.26 10.59
CA SER A 530 4.06 37.88 10.25
C SER A 530 5.02 38.19 11.40
N THR A 531 6.13 37.44 11.43
CA THR A 531 7.15 37.62 12.45
C THR A 531 8.52 37.83 11.81
N ASN A 532 9.57 37.79 12.62
CA ASN A 532 10.93 37.98 12.12
C ASN A 532 11.46 36.73 11.44
N LEU A 533 12.53 36.91 10.68
CA LEU A 533 13.18 35.84 9.95
C LEU A 533 14.43 35.40 10.70
N VAL A 534 14.52 34.12 11.02
CA VAL A 534 15.66 33.55 11.72
C VAL A 534 16.41 32.69 10.70
N LYS A 535 17.58 33.17 10.27
CA LYS A 535 18.38 32.48 9.27
C LYS A 535 19.40 31.57 9.95
N ASN A 536 19.76 30.49 9.23
CA ASN A 536 20.79 29.54 9.64
C ASN A 536 20.50 28.91 11.01
N LYS A 537 19.21 28.66 11.28
CA LYS A 537 18.79 28.02 12.50
C LYS A 537 17.60 27.10 12.20
N CYS A 538 17.48 26.04 13.01
CA CYS A 538 16.34 25.14 12.90
C CYS A 538 15.12 25.79 13.53
N VAL A 539 14.08 26.03 12.72
CA VAL A 539 12.92 26.77 13.18
C VAL A 539 11.70 26.32 12.37
N ASN A 540 10.54 26.29 13.02
CA ASN A 540 9.29 26.09 12.31
C ASN A 540 9.00 27.31 11.45
N PHE A 541 8.79 27.08 10.15
CA PHE A 541 8.64 28.18 9.21
C PHE A 541 7.29 28.09 8.49
N ASN A 542 6.77 29.26 8.11
CA ASN A 542 5.52 29.39 7.39
C ASN A 542 5.72 30.46 6.32
N PHE A 543 5.96 30.03 5.09
CA PHE A 543 6.24 30.91 3.96
C PHE A 543 5.07 30.84 2.97
N ASN A 544 4.27 31.90 2.94
CA ASN A 544 3.10 32.03 2.06
C ASN A 544 2.14 30.86 2.23
N GLY A 545 1.97 30.42 3.47
CA GLY A 545 1.14 29.27 3.76
C GLY A 545 1.88 27.95 3.80
N LEU A 546 3.07 27.86 3.23
CA LEU A 546 3.85 26.63 3.23
C LEU A 546 4.50 26.45 4.59
N THR A 547 4.03 25.45 5.34
CA THR A 547 4.52 25.21 6.69
C THR A 547 5.52 24.06 6.69
N GLY A 548 6.52 24.17 7.55
CA GLY A 548 7.51 23.11 7.65
C GLY A 548 8.44 23.34 8.83
N THR A 549 9.40 22.42 8.97
CA THR A 549 10.42 22.50 10.01
C THR A 549 11.78 22.22 9.39
N GLY A 550 12.69 23.17 9.49
CA GLY A 550 14.01 23.00 8.91
C GLY A 550 14.88 24.19 9.17
N VAL A 551 15.99 24.24 8.44
CA VAL A 551 16.95 25.35 8.51
C VAL A 551 16.99 26.00 7.14
N LEU A 552 17.29 27.30 7.10
CA LEU A 552 17.37 28.04 5.86
C LEU A 552 18.77 28.60 5.67
N THR A 553 19.23 28.59 4.42
CA THR A 553 20.46 29.27 4.05
C THR A 553 20.16 30.21 2.89
N GLU A 554 21.08 31.16 2.67
CA GLU A 554 20.98 32.01 1.50
C GLU A 554 21.38 31.23 0.26
N SER A 555 20.67 31.46 -0.83
CA SER A 555 20.85 30.70 -2.06
C SER A 555 21.23 31.63 -3.21
N ASN A 556 22.01 31.09 -4.13
CA ASN A 556 22.43 31.82 -5.33
C ASN A 556 21.51 31.57 -6.51
N LYS A 557 20.41 30.85 -6.30
CA LYS A 557 19.45 30.58 -7.36
C LYS A 557 18.74 31.86 -7.79
N LYS A 558 18.29 31.87 -9.04
CA LYS A 558 17.55 33.00 -9.60
C LYS A 558 16.17 32.52 -10.01
N PHE A 559 15.14 33.25 -9.59
CA PHE A 559 13.76 32.89 -9.87
C PHE A 559 13.18 33.79 -10.95
N LEU A 560 12.40 33.19 -11.84
CA LEU A 560 11.61 33.96 -12.79
C LEU A 560 10.50 34.69 -12.03
N PRO A 561 9.99 35.82 -12.56
CA PRO A 561 8.98 36.60 -11.82
C PRO A 561 7.67 35.87 -11.58
N PHE A 562 7.35 34.82 -12.35
CA PHE A 562 6.14 34.05 -12.13
C PHE A 562 6.39 32.82 -11.25
N GLN A 563 7.59 32.66 -10.71
CA GLN A 563 7.95 31.51 -9.89
C GLN A 563 8.05 31.93 -8.43
N GLN A 564 7.51 31.10 -7.54
CA GLN A 564 7.56 31.34 -6.10
C GLN A 564 8.28 30.24 -5.34
N PHE A 565 8.04 28.98 -5.69
CA PHE A 565 8.64 27.85 -5.00
C PHE A 565 9.57 27.10 -5.94
N GLY A 566 10.45 26.29 -5.35
CA GLY A 566 11.40 25.52 -6.13
C GLY A 566 11.45 24.06 -5.70
N ARG A 567 11.57 23.15 -6.66
CA ARG A 567 11.53 21.71 -6.31
C ARG A 567 12.41 20.93 -7.28
N ASP A 568 13.71 20.85 -7.03
CA ASP A 568 14.65 20.13 -7.89
C ASP A 568 14.39 18.63 -7.87
N ILE A 569 13.98 18.11 -6.71
CA ILE A 569 13.75 16.67 -6.55
C ILE A 569 12.28 16.32 -6.73
N ALA A 570 11.39 17.32 -6.73
CA ALA A 570 9.95 17.29 -6.98
C ALA A 570 9.15 16.62 -5.87
N ASP A 571 9.79 16.21 -4.77
CA ASP A 571 9.07 15.79 -3.58
C ASP A 571 9.46 16.58 -2.33
N THR A 572 10.36 17.55 -2.47
CA THR A 572 10.75 18.42 -1.38
C THR A 572 11.03 19.81 -1.94
N THR A 573 10.49 20.83 -1.28
CA THR A 573 10.71 22.21 -1.69
C THR A 573 12.06 22.67 -1.18
N ASP A 574 13.07 22.62 -2.05
CA ASP A 574 14.42 22.98 -1.64
C ASP A 574 14.57 24.48 -1.44
N ALA A 575 13.94 25.27 -2.30
CA ALA A 575 14.13 26.72 -2.32
C ALA A 575 12.78 27.42 -2.29
N VAL A 576 12.79 28.66 -1.80
CA VAL A 576 11.58 29.47 -1.70
C VAL A 576 11.99 30.93 -1.84
N ARG A 577 11.05 31.76 -2.25
CA ARG A 577 11.25 33.21 -2.27
C ARG A 577 10.55 33.81 -1.06
N ASP A 578 11.31 34.53 -0.24
CA ASP A 578 10.75 35.15 0.95
C ASP A 578 9.76 36.25 0.54
N PRO A 579 8.60 36.33 1.19
CA PRO A 579 7.57 37.25 0.70
C PRO A 579 7.88 38.72 0.95
N GLN A 580 8.44 39.07 2.10
CA GLN A 580 8.71 40.47 2.40
C GLN A 580 9.94 40.97 1.65
N THR A 581 11.10 40.39 1.93
CA THR A 581 12.33 40.70 1.21
C THR A 581 12.49 39.72 0.06
N LEU A 582 12.75 40.24 -1.13
CA LEU A 582 12.72 39.44 -2.36
C LEU A 582 13.93 38.52 -2.52
N GLU A 583 14.75 38.35 -1.49
CA GLU A 583 15.84 37.38 -1.53
C GLU A 583 15.30 35.96 -1.57
N ILE A 584 16.06 35.06 -2.17
CA ILE A 584 15.68 33.66 -2.31
C ILE A 584 16.43 32.86 -1.27
N LEU A 585 15.69 32.12 -0.44
CA LEU A 585 16.25 31.34 0.65
C LEU A 585 16.03 29.86 0.33
N ASP A 586 17.09 29.06 0.41
CA ASP A 586 16.90 27.63 0.21
C ASP A 586 16.78 26.91 1.54
N ILE A 587 15.93 25.89 1.57
CA ILE A 587 15.55 25.20 2.80
C ILE A 587 16.23 23.83 2.83
N THR A 588 17.07 23.63 3.85
CA THR A 588 17.69 22.37 4.14
C THR A 588 16.94 21.72 5.29
N PRO A 589 16.70 20.41 5.26
CA PRO A 589 16.04 19.75 6.39
C PRO A 589 16.84 19.86 7.67
N CYS A 590 16.13 20.04 8.78
CA CYS A 590 16.75 20.11 10.09
C CYS A 590 17.37 18.78 10.51
N SER A 591 16.87 17.68 9.97
CA SER A 591 17.35 16.36 10.38
C SER A 591 18.73 16.09 9.82
N PHE A 592 19.68 15.82 10.71
CA PHE A 592 21.01 15.37 10.33
C PHE A 592 21.11 13.90 10.75
N GLY A 593 20.64 13.02 9.86
CA GLY A 593 20.72 11.60 10.11
C GLY A 593 21.96 10.93 9.58
N GLY A 594 22.91 11.70 9.06
CA GLY A 594 24.17 11.17 8.60
C GLY A 594 25.17 11.02 9.73
N VAL A 595 24.76 10.37 10.81
CA VAL A 595 25.60 10.12 11.97
C VAL A 595 25.48 8.64 12.33
N SER A 596 26.62 8.02 12.61
CA SER A 596 26.68 6.61 12.95
C SER A 596 27.38 6.46 14.29
N VAL A 597 26.76 5.70 15.19
CA VAL A 597 27.28 5.49 16.54
C VAL A 597 28.12 4.23 16.53
N ILE A 598 29.41 4.37 16.83
CA ILE A 598 30.33 3.25 17.02
C ILE A 598 30.30 2.90 18.51
N THR A 599 29.84 1.70 18.83
CA THR A 599 29.75 1.31 20.23
C THR A 599 30.28 -0.09 20.43
N PRO A 600 30.82 -0.39 21.60
CA PRO A 600 30.97 -1.78 22.02
C PRO A 600 29.65 -2.32 22.55
N GLY A 601 29.70 -3.53 23.10
CA GLY A 601 28.52 -4.09 23.73
C GLY A 601 28.08 -3.30 24.94
N THR A 602 26.77 -3.24 25.16
CA THR A 602 26.19 -2.62 26.35
C THR A 602 26.65 -3.43 27.58
N ASN A 603 26.76 -4.74 27.39
CA ASN A 603 27.35 -5.61 28.41
C ASN A 603 28.78 -5.20 28.73
N THR A 604 29.52 -4.68 27.74
CA THR A 604 30.90 -4.29 27.97
C THR A 604 31.01 -2.88 28.53
N SER A 605 30.42 -1.90 27.85
CA SER A 605 30.56 -0.50 28.26
C SER A 605 29.38 0.30 27.74
N ASN A 606 29.22 1.51 28.29
CA ASN A 606 28.16 2.42 27.89
C ASN A 606 28.67 3.69 27.23
N GLN A 607 29.96 3.76 26.92
CA GLN A 607 30.51 4.91 26.22
C GLN A 607 30.63 4.62 24.72
N VAL A 608 30.41 5.65 23.91
CA VAL A 608 30.29 5.50 22.47
C VAL A 608 31.17 6.53 21.78
N ALA A 609 31.29 6.38 20.46
CA ALA A 609 31.87 7.39 19.59
C ALA A 609 30.87 7.67 18.47
N VAL A 610 30.95 8.83 17.86
CA VAL A 610 30.03 9.21 16.79
C VAL A 610 30.81 9.63 15.55
N LEU A 611 30.42 9.08 14.41
CA LEU A 611 30.98 9.45 13.11
C LEU A 611 29.92 10.25 12.36
N TYR A 612 30.16 11.56 12.22
CA TYR A 612 29.31 12.41 11.40
C TYR A 612 29.79 12.29 9.96
N GLN A 613 28.92 11.77 9.10
CA GLN A 613 29.34 11.32 7.78
C GLN A 613 29.44 12.49 6.80
N ASP A 614 30.51 12.50 6.02
CA ASP A 614 30.66 13.48 4.93
C ASP A 614 30.56 14.93 5.39
N VAL A 615 31.11 15.26 6.55
CA VAL A 615 31.20 16.65 6.99
C VAL A 615 32.59 16.91 7.53
N ASN A 616 32.98 18.17 7.51
CA ASN A 616 34.26 18.57 8.08
C ASN A 616 34.13 18.71 9.60
N CYS A 617 35.25 18.51 10.29
CA CYS A 617 35.25 18.56 11.75
C CYS A 617 35.01 19.95 12.29
N THR A 618 35.34 20.99 11.53
CA THR A 618 35.07 22.36 11.96
C THR A 618 33.60 22.73 11.85
N GLU A 619 32.84 22.04 11.00
CA GLU A 619 31.43 22.33 10.78
C GLU A 619 30.50 21.37 11.52
N VAL A 620 31.05 20.53 12.42
CA VAL A 620 30.21 19.60 13.16
C VAL A 620 29.21 20.30 14.09
N PRO A 621 29.59 21.31 14.89
CA PRO A 621 28.55 22.01 15.67
C PRO A 621 27.50 22.72 14.82
N VAL A 622 27.89 23.22 13.65
CA VAL A 622 26.94 23.88 12.76
C VAL A 622 25.98 22.86 12.15
N ALA A 623 26.51 21.70 11.72
CA ALA A 623 25.69 20.73 11.01
C ALA A 623 24.68 20.04 11.91
N ILE A 624 25.08 19.71 13.14
CA ILE A 624 24.19 19.01 14.05
C ILE A 624 23.37 19.95 14.93
N HIS A 625 23.61 21.26 14.84
CA HIS A 625 22.93 22.29 15.63
C HIS A 625 23.09 22.03 17.13
N ALA A 626 24.35 22.08 17.58
CA ALA A 626 24.66 21.69 18.94
C ALA A 626 24.16 22.69 19.97
N ASP A 627 23.84 23.91 19.53
CA ASP A 627 23.27 24.90 20.44
C ASP A 627 21.88 24.51 20.90
N GLN A 628 21.13 23.80 20.04
CA GLN A 628 19.73 23.45 20.36
C GLN A 628 19.67 22.03 20.91
N LEU A 629 20.82 21.39 21.12
CA LEU A 629 20.84 20.04 21.67
C LEU A 629 21.00 20.07 23.19
N THR A 630 20.78 18.91 23.80
CA THR A 630 21.03 18.76 25.23
C THR A 630 22.54 18.81 25.49
N PRO A 631 22.96 19.20 26.69
CA PRO A 631 24.40 19.28 26.97
C PRO A 631 25.13 17.93 26.92
N THR A 632 24.41 16.82 27.01
CA THR A 632 25.06 15.51 26.84
C THR A 632 25.49 15.30 25.39
N TRP A 633 24.72 15.80 24.43
CA TRP A 633 25.17 15.72 23.03
C TRP A 633 26.21 16.79 22.74
N ARG A 634 26.37 17.81 23.59
CA ARG A 634 27.46 18.76 23.38
C ARG A 634 28.82 18.19 23.72
N VAL A 635 28.86 17.07 24.46
CA VAL A 635 30.12 16.37 24.70
C VAL A 635 30.67 15.81 23.39
N TYR A 636 29.81 15.23 22.58
CA TYR A 636 30.21 14.65 21.30
C TYR A 636 30.21 15.67 20.16
N SER A 637 29.83 16.92 20.43
CA SER A 637 29.90 17.95 19.40
C SER A 637 31.34 18.40 19.15
N THR A 638 32.13 18.53 20.21
CA THR A 638 33.53 18.93 20.09
C THR A 638 34.27 18.44 21.32
N GLY A 639 35.59 18.43 21.22
CA GLY A 639 36.43 17.99 22.32
C GLY A 639 37.83 17.70 21.86
N SER A 640 38.60 17.07 22.76
CA SER A 640 39.97 16.70 22.43
C SER A 640 40.00 15.51 21.49
N ASN A 641 39.09 14.55 21.66
CA ASN A 641 39.06 13.33 20.85
C ASN A 641 38.24 13.59 19.57
N VAL A 642 38.87 14.32 18.65
CA VAL A 642 38.28 14.64 17.36
C VAL A 642 39.26 14.21 16.28
N PHE A 643 38.79 13.38 15.35
CA PHE A 643 39.64 12.83 14.29
C PHE A 643 38.94 13.05 12.97
N GLN A 644 39.64 13.66 12.01
CA GLN A 644 39.09 13.90 10.68
C GLN A 644 39.47 12.74 9.76
N THR A 645 38.47 11.99 9.30
CA THR A 645 38.66 10.91 8.36
C THR A 645 38.00 11.26 7.04
N ARG A 646 38.34 10.49 6.01
CA ARG A 646 37.72 10.68 4.70
C ARG A 646 36.27 10.22 4.67
N ALA A 647 35.89 9.33 5.58
CA ALA A 647 34.49 8.95 5.71
C ALA A 647 33.68 10.02 6.44
N GLY A 648 34.30 10.72 7.39
CA GLY A 648 33.60 11.74 8.13
C GLY A 648 34.44 12.20 9.31
N CYS A 649 33.78 12.90 10.23
CA CYS A 649 34.42 13.39 11.44
C CYS A 649 34.03 12.49 12.61
N LEU A 650 35.02 11.90 13.27
CA LEU A 650 34.79 10.95 14.34
C LEU A 650 35.15 11.60 15.67
N ILE A 651 34.17 11.71 16.55
CA ILE A 651 34.32 12.36 17.85
C ILE A 651 33.96 11.37 18.94
N GLY A 652 34.83 11.24 19.93
CA GLY A 652 34.64 10.31 21.02
C GLY A 652 35.61 9.15 21.05
N ALA A 653 36.50 9.05 20.07
CA ALA A 653 37.48 7.99 20.00
C ALA A 653 38.89 8.57 19.92
N GLU A 654 39.83 7.92 20.60
CA GLU A 654 41.20 8.39 20.67
C GLU A 654 42.01 7.84 19.50
N HIS A 655 42.60 8.72 18.71
CA HIS A 655 43.42 8.31 17.58
C HIS A 655 44.78 7.84 18.07
N VAL A 656 45.22 6.69 17.57
CA VAL A 656 46.53 6.13 17.90
C VAL A 656 47.32 5.92 16.62
N ASN A 657 48.62 6.21 16.68
CA ASN A 657 49.47 6.07 15.50
C ASN A 657 49.74 4.62 15.15
N ASN A 658 49.86 3.75 16.14
CA ASN A 658 50.03 2.33 15.88
C ASN A 658 48.74 1.72 15.33
N SER A 659 48.88 0.66 14.55
CA SER A 659 47.77 0.06 13.82
C SER A 659 47.57 -1.39 14.25
N TYR A 660 46.30 -1.81 14.28
CA TYR A 660 45.91 -3.17 14.60
C TYR A 660 44.94 -3.67 13.54
N GLU A 661 44.45 -4.90 13.73
CA GLU A 661 43.45 -5.45 12.85
C GLU A 661 42.10 -4.77 13.09
N CYS A 662 41.22 -4.89 12.10
CA CYS A 662 39.93 -4.21 12.13
C CYS A 662 38.87 -5.10 12.77
N ASP A 663 38.11 -4.54 13.70
CA ASP A 663 36.96 -5.21 14.30
C ASP A 663 35.67 -4.43 14.13
N ILE A 664 35.70 -3.11 14.27
CA ILE A 664 34.57 -2.25 13.97
C ILE A 664 34.95 -1.36 12.80
N PRO A 665 34.47 -1.66 11.59
CA PRO A 665 34.87 -0.90 10.39
C PRO A 665 34.18 0.45 10.34
N ILE A 666 34.94 1.51 10.60
CA ILE A 666 34.42 2.86 10.45
C ILE A 666 34.37 3.26 8.98
N GLY A 667 35.47 3.02 8.26
CA GLY A 667 35.50 3.34 6.85
C GLY A 667 36.70 4.16 6.43
N ALA A 668 36.98 4.18 5.12
CA ALA A 668 38.09 4.93 4.51
C ALA A 668 39.43 4.56 5.15
N GLY A 669 39.60 3.28 5.48
CA GLY A 669 40.81 2.80 6.11
C GLY A 669 40.88 3.01 7.60
N ILE A 670 39.83 3.55 8.22
CA ILE A 670 39.81 3.84 9.65
C ILE A 670 38.95 2.79 10.33
N CYS A 671 39.45 2.24 11.43
CA CYS A 671 38.73 1.24 12.22
C CYS A 671 38.77 1.66 13.68
N ALA A 672 37.84 1.09 14.46
CA ALA A 672 37.71 1.41 15.88
C ALA A 672 37.72 0.13 16.70
N SER A 673 38.15 0.26 17.95
CA SER A 673 38.20 -0.88 18.87
C SER A 673 38.07 -0.37 20.29
N TYR A 674 37.85 -1.31 21.22
CA TYR A 674 37.76 -1.00 22.64
C TYR A 674 39.00 -1.56 23.32
N GLN A 675 40.02 -0.72 23.47
CA GLN A 675 41.32 -1.17 23.94
C GLN A 675 41.95 -0.13 24.85
N THR A 676 42.64 -0.62 25.87
CA THR A 676 43.33 0.25 26.83
C THR A 676 44.52 0.95 26.19
N SER A 689 41.99 4.71 31.30
CA SER A 689 42.10 3.27 31.50
C SER A 689 41.64 2.50 30.27
N GLN A 690 40.37 2.09 30.29
CA GLN A 690 39.78 1.30 29.21
C GLN A 690 38.87 2.21 28.40
N SER A 691 39.19 2.36 27.11
CA SER A 691 38.50 3.35 26.28
C SER A 691 38.47 2.90 24.83
N ILE A 692 37.73 3.64 24.02
CA ILE A 692 37.60 3.39 22.59
C ILE A 692 38.75 4.08 21.88
N ILE A 693 39.48 3.30 21.07
CA ILE A 693 40.57 3.83 20.26
C ILE A 693 40.18 3.71 18.78
N ALA A 694 40.79 4.57 17.97
CA ALA A 694 40.61 4.56 16.53
C ALA A 694 41.97 4.54 15.87
N TYR A 695 42.10 3.78 14.78
CA TYR A 695 43.38 3.58 14.14
C TYR A 695 43.16 3.33 12.65
N THR A 696 44.28 3.17 11.94
CA THR A 696 44.22 2.72 10.56
C THR A 696 44.28 1.20 10.51
N MET A 697 43.61 0.63 9.51
CA MET A 697 43.58 -0.82 9.37
C MET A 697 44.95 -1.35 8.99
N SER A 698 45.38 -2.42 9.66
CA SER A 698 46.69 -3.01 9.43
C SER A 698 46.69 -3.74 8.09
N LEU A 699 47.55 -3.29 7.17
CA LEU A 699 47.69 -3.97 5.90
C LEU A 699 48.27 -5.37 6.05
N GLY A 700 49.26 -5.53 6.93
CA GLY A 700 49.84 -6.84 7.14
C GLY A 700 51.12 -6.74 7.94
N ALA A 701 51.79 -7.89 8.06
CA ALA A 701 53.04 -7.95 8.79
C ALA A 701 54.17 -7.38 7.93
N GLU A 702 54.86 -6.37 8.46
CA GLU A 702 55.98 -5.78 7.74
C GLU A 702 57.17 -6.73 7.76
N ASN A 703 57.69 -7.03 6.56
CA ASN A 703 58.83 -7.92 6.41
C ASN A 703 59.52 -7.60 5.10
N SER A 704 60.84 -7.82 5.08
CA SER A 704 61.66 -7.55 3.91
C SER A 704 62.39 -8.83 3.50
N VAL A 705 62.50 -9.04 2.19
CA VAL A 705 63.16 -10.22 1.64
C VAL A 705 64.24 -9.75 0.67
N ALA A 706 65.42 -10.35 0.76
CA ALA A 706 66.58 -9.96 -0.03
C ALA A 706 66.61 -10.81 -1.30
N TYR A 707 66.38 -10.16 -2.43
CA TYR A 707 66.39 -10.86 -3.72
C TYR A 707 67.76 -10.74 -4.38
N SER A 708 68.26 -11.86 -4.90
CA SER A 708 69.47 -11.87 -5.70
C SER A 708 69.32 -12.93 -6.78
N ASN A 709 70.10 -12.79 -7.85
CA ASN A 709 69.95 -13.69 -8.98
C ASN A 709 70.61 -15.05 -8.75
N ASN A 710 71.41 -15.19 -7.69
CA ASN A 710 72.09 -16.44 -7.39
C ASN A 710 72.00 -16.78 -5.90
N SER A 711 70.91 -16.38 -5.25
CA SER A 711 70.70 -16.66 -3.85
C SER A 711 69.30 -17.24 -3.64
N ILE A 712 69.22 -18.28 -2.83
CA ILE A 712 67.95 -18.93 -2.51
C ILE A 712 67.88 -19.07 -1.00
N ALA A 713 66.67 -19.18 -0.47
CA ALA A 713 66.44 -19.42 0.95
C ALA A 713 65.74 -20.76 1.10
N ILE A 714 66.36 -21.66 1.85
CA ILE A 714 65.83 -23.01 2.07
C ILE A 714 65.69 -23.23 3.56
N PRO A 715 64.53 -23.69 4.04
CA PRO A 715 64.36 -23.92 5.47
C PRO A 715 65.19 -25.09 5.96
N THR A 716 65.58 -25.02 7.23
CA THR A 716 66.27 -26.13 7.88
C THR A 716 65.44 -26.76 8.99
N ASN A 717 64.26 -26.23 9.29
CA ASN A 717 63.41 -26.78 10.33
C ASN A 717 61.96 -26.47 10.00
N PHE A 718 61.05 -26.98 10.82
CA PHE A 718 59.64 -26.80 10.55
C PHE A 718 58.85 -26.94 11.84
N THR A 719 57.59 -26.49 11.79
CA THR A 719 56.66 -26.60 12.90
C THR A 719 55.34 -27.14 12.35
N ILE A 720 54.74 -28.08 13.09
CA ILE A 720 53.41 -28.56 12.73
C ILE A 720 52.37 -27.75 13.50
N SER A 721 51.53 -27.02 12.78
CA SER A 721 50.65 -26.04 13.41
C SER A 721 49.19 -26.39 13.13
N VAL A 722 48.36 -26.36 14.16
CA VAL A 722 46.93 -26.59 14.01
C VAL A 722 46.21 -25.25 14.17
N THR A 723 45.44 -24.89 13.15
CA THR A 723 44.71 -23.62 13.10
C THR A 723 43.23 -23.89 12.96
N THR A 724 42.43 -23.19 13.75
CA THR A 724 40.98 -23.37 13.75
C THR A 724 40.33 -22.33 12.84
N GLU A 725 39.47 -22.80 11.95
CA GLU A 725 38.67 -21.94 11.08
C GLU A 725 37.20 -22.22 11.34
N ILE A 726 36.43 -21.17 11.62
CA ILE A 726 35.03 -21.28 12.00
C ILE A 726 34.20 -20.74 10.84
N LEU A 727 33.27 -21.55 10.34
CA LEU A 727 32.47 -21.17 9.18
C LEU A 727 31.01 -21.48 9.44
N PRO A 728 30.11 -20.50 9.35
CA PRO A 728 28.67 -20.80 9.41
C PRO A 728 28.24 -21.63 8.23
N VAL A 729 27.22 -22.47 8.46
CA VAL A 729 26.75 -23.39 7.42
C VAL A 729 25.28 -23.14 7.14
N SER A 730 24.47 -23.06 8.20
CA SER A 730 23.04 -22.84 8.08
C SER A 730 22.60 -21.82 9.11
N MET A 731 21.45 -21.20 8.87
CA MET A 731 20.84 -20.28 9.82
C MET A 731 19.52 -20.87 10.31
N THR A 732 18.82 -20.10 11.14
CA THR A 732 17.58 -20.57 11.73
C THR A 732 16.48 -20.63 10.67
N LYS A 733 15.83 -21.78 10.56
CA LYS A 733 14.73 -21.95 9.61
C LYS A 733 13.44 -21.39 10.21
N THR A 734 12.83 -20.44 9.49
CA THR A 734 11.62 -19.79 9.95
C THR A 734 10.54 -19.90 8.89
N SER A 735 9.30 -19.83 9.35
CA SER A 735 8.14 -19.86 8.48
C SER A 735 7.06 -18.99 9.10
N VAL A 736 6.06 -18.62 8.30
CA VAL A 736 4.97 -17.78 8.75
C VAL A 736 3.66 -18.56 8.60
N ASP A 737 2.82 -18.49 9.63
CA ASP A 737 1.49 -19.08 9.59
C ASP A 737 0.53 -18.04 9.05
N CYS A 738 -0.02 -18.29 7.86
CA CYS A 738 -0.80 -17.28 7.15
C CYS A 738 -2.11 -16.96 7.85
N THR A 739 -2.81 -17.97 8.35
CA THR A 739 -4.13 -17.72 8.94
C THR A 739 -3.99 -16.95 10.25
N MET A 740 -2.89 -17.15 10.97
CA MET A 740 -2.69 -16.41 12.24
C MET A 740 -2.03 -15.07 11.98
N TYR A 741 -1.30 -14.93 10.88
CA TYR A 741 -0.72 -13.62 10.55
C TYR A 741 -1.79 -12.67 10.03
N ILE A 742 -2.70 -13.17 9.20
CA ILE A 742 -3.72 -12.29 8.60
C ILE A 742 -4.86 -12.05 9.58
N CYS A 743 -5.42 -13.12 10.16
CA CYS A 743 -6.62 -13.00 10.98
C CYS A 743 -6.34 -12.68 12.43
N GLY A 744 -5.62 -13.55 13.13
CA GLY A 744 -5.55 -13.45 14.58
C GLY A 744 -6.85 -13.85 15.23
N ASP A 745 -7.56 -12.89 15.81
CA ASP A 745 -8.86 -13.12 16.44
C ASP A 745 -10.00 -12.46 15.67
N SER A 746 -9.92 -12.41 14.35
CA SER A 746 -10.95 -11.74 13.57
C SER A 746 -12.20 -12.59 13.41
N THR A 747 -13.35 -11.92 13.33
CA THR A 747 -14.61 -12.62 13.17
C THR A 747 -14.86 -13.03 11.71
N GLU A 748 -14.15 -12.40 10.78
CA GLU A 748 -14.38 -12.60 9.35
C GLU A 748 -13.10 -13.16 8.71
N CYS A 749 -12.51 -14.15 9.39
CA CYS A 749 -11.22 -14.71 9.01
C CYS A 749 -11.26 -15.34 7.62
N SER A 750 -12.39 -15.92 7.23
CA SER A 750 -12.48 -16.55 5.92
C SER A 750 -12.44 -15.52 4.80
N ASN A 751 -13.12 -14.39 4.99
CA ASN A 751 -13.06 -13.31 4.00
C ASN A 751 -11.68 -12.69 3.93
N LEU A 752 -11.02 -12.52 5.09
CA LEU A 752 -9.67 -11.98 5.11
C LEU A 752 -8.70 -12.92 4.42
N LEU A 753 -8.86 -14.23 4.62
CA LEU A 753 -8.05 -15.21 3.90
C LEU A 753 -8.32 -15.15 2.40
N LEU A 754 -9.58 -15.06 1.98
CA LEU A 754 -9.90 -14.99 0.56
C LEU A 754 -9.34 -13.73 -0.09
N GLN A 755 -9.13 -12.66 0.67
CA GLN A 755 -8.66 -11.43 0.01
C GLN A 755 -7.14 -11.30 0.13
N TYR A 756 -6.52 -11.88 1.16
CA TYR A 756 -5.09 -11.65 1.34
C TYR A 756 -4.30 -12.93 1.58
N GLY A 757 -4.78 -14.07 1.09
CA GLY A 757 -4.10 -15.31 1.39
C GLY A 757 -2.98 -15.67 0.45
N SER A 758 -3.12 -15.34 -0.83
CA SER A 758 -2.10 -15.72 -1.81
C SER A 758 -0.83 -14.89 -1.63
N PHE A 759 -0.97 -13.67 -1.13
CA PHE A 759 0.21 -12.85 -0.81
C PHE A 759 1.06 -13.50 0.27
N CYS A 760 0.43 -13.88 1.39
CA CYS A 760 1.15 -14.57 2.45
C CYS A 760 1.61 -15.95 2.00
N THR A 761 0.86 -16.60 1.11
CA THR A 761 1.28 -17.90 0.58
C THR A 761 2.56 -17.78 -0.23
N GLN A 762 2.67 -16.74 -1.06
CA GLN A 762 3.91 -16.50 -1.79
C GLN A 762 5.06 -16.14 -0.85
N LEU A 763 4.80 -15.33 0.17
CA LEU A 763 5.86 -14.99 1.13
C LEU A 763 6.31 -16.20 1.94
N ASN A 764 5.36 -17.06 2.31
CA ASN A 764 5.69 -18.29 3.03
C ASN A 764 6.40 -19.29 2.13
N ARG A 765 6.16 -19.22 0.81
CA ARG A 765 6.83 -20.09 -0.18
C ARG A 765 8.25 -19.58 -0.35
N ALA A 766 8.48 -18.29 -0.19
CA ALA A 766 9.82 -17.74 -0.17
C ALA A 766 10.59 -18.17 1.07
N LEU A 767 9.93 -18.10 2.24
CA LEU A 767 10.58 -18.49 3.49
C LEU A 767 10.87 -19.99 3.51
N THR A 768 9.96 -20.80 2.96
CA THR A 768 10.18 -22.25 2.89
C THR A 768 11.32 -22.58 1.94
N GLY A 769 11.44 -21.83 0.83
CA GLY A 769 12.58 -22.01 -0.04
C GLY A 769 13.89 -21.66 0.64
N ILE A 770 13.90 -20.61 1.45
CA ILE A 770 15.09 -20.27 2.23
C ILE A 770 15.44 -21.38 3.22
N ALA A 771 14.44 -21.93 3.91
CA ALA A 771 14.68 -23.01 4.88
C ALA A 771 15.20 -24.26 4.19
N VAL A 772 14.64 -24.61 3.03
CA VAL A 772 15.12 -25.75 2.26
C VAL A 772 16.55 -25.50 1.79
N GLU A 773 16.88 -24.25 1.44
CA GLU A 773 18.24 -23.90 1.08
C GLU A 773 19.19 -24.11 2.26
N GLN A 774 18.75 -23.78 3.47
CA GLN A 774 19.58 -24.03 4.66
C GLN A 774 19.81 -25.53 4.87
N ASP A 775 18.77 -26.34 4.66
CA ASP A 775 18.92 -27.79 4.78
C ASP A 775 19.88 -28.33 3.72
N LYS A 776 19.81 -27.81 2.50
CA LYS A 776 20.74 -28.23 1.44
C LYS A 776 22.17 -27.78 1.75
N ASN A 777 22.32 -26.63 2.40
CA ASN A 777 23.65 -26.18 2.83
C ASN A 777 24.24 -27.15 3.85
N THR A 778 23.43 -27.56 4.84
CA THR A 778 23.92 -28.51 5.83
C THR A 778 24.26 -29.86 5.20
N GLN A 779 23.43 -30.32 4.25
CA GLN A 779 23.71 -31.57 3.57
C GLN A 779 24.97 -31.50 2.71
N GLU A 780 25.18 -30.38 2.01
CA GLU A 780 26.34 -30.27 1.14
C GLU A 780 27.62 -30.05 1.93
N VAL A 781 27.51 -29.57 3.17
CA VAL A 781 28.71 -29.45 3.99
C VAL A 781 29.04 -30.78 4.65
N PHE A 782 28.07 -31.42 5.30
CA PHE A 782 28.37 -32.58 6.14
C PHE A 782 28.14 -33.92 5.48
N ALA A 783 27.23 -34.03 4.51
CA ALA A 783 26.88 -35.32 3.92
C ALA A 783 27.50 -35.53 2.55
N GLN A 784 28.74 -35.08 2.36
CA GLN A 784 29.42 -35.28 1.06
C GLN A 784 29.71 -36.76 0.82
N VAL A 785 30.17 -37.48 1.85
CA VAL A 785 30.42 -38.91 1.76
C VAL A 785 29.42 -39.61 2.67
N LYS A 786 28.52 -40.37 2.07
CA LYS A 786 27.46 -41.06 2.80
C LYS A 786 27.89 -42.47 3.16
N GLN A 787 28.95 -42.57 3.95
CA GLN A 787 29.42 -43.84 4.51
C GLN A 787 29.72 -43.62 5.99
N ILE A 788 29.19 -44.50 6.83
CA ILE A 788 29.35 -44.39 8.27
C ILE A 788 30.38 -45.41 8.72
N TYR A 789 31.51 -44.91 9.24
CA TYR A 789 32.56 -45.75 9.78
C TYR A 789 32.56 -45.63 11.30
N LYS A 790 32.57 -46.78 11.97
CA LYS A 790 32.57 -46.80 13.42
C LYS A 790 33.90 -46.25 13.94
N THR A 791 33.84 -45.54 15.07
CA THR A 791 35.02 -44.96 15.68
C THR A 791 35.91 -46.10 16.20
N PRO A 792 37.14 -46.19 15.72
CA PRO A 792 38.03 -47.25 16.20
C PRO A 792 38.47 -46.98 17.62
N PRO A 793 38.75 -48.03 18.40
CA PRO A 793 39.47 -47.83 19.66
C PRO A 793 40.83 -47.22 19.38
N ILE A 794 41.28 -46.33 20.26
CA ILE A 794 42.55 -45.64 20.06
C ILE A 794 43.69 -46.64 20.14
N LYS A 795 44.35 -46.84 18.99
CA LYS A 795 45.32 -47.92 18.83
C LYS A 795 46.31 -47.51 17.76
N ASP A 796 47.50 -47.06 18.19
CA ASP A 796 48.68 -46.88 17.34
C ASP A 796 48.41 -45.86 16.22
N PHE A 797 48.09 -44.64 16.65
CA PHE A 797 47.96 -43.51 15.73
C PHE A 797 49.30 -42.83 15.46
N GLY A 798 50.42 -43.50 15.70
CA GLY A 798 51.72 -42.91 15.46
C GLY A 798 52.14 -41.86 16.46
N GLY A 799 51.58 -41.90 17.67
CA GLY A 799 51.85 -40.89 18.66
C GLY A 799 50.95 -39.67 18.57
N PHE A 800 50.04 -39.62 17.61
CA PHE A 800 49.13 -38.50 17.45
C PHE A 800 47.91 -38.74 18.33
N ASN A 801 47.71 -37.87 19.31
CA ASN A 801 46.62 -38.00 20.27
C ASN A 801 45.37 -37.34 19.69
N PHE A 802 44.40 -38.16 19.28
CA PHE A 802 43.17 -37.68 18.67
C PHE A 802 41.99 -37.71 19.62
N SER A 803 42.21 -37.97 20.92
CA SER A 803 41.10 -38.19 21.84
C SER A 803 40.26 -36.95 22.06
N GLN A 804 40.77 -35.80 21.68
CA GLN A 804 39.99 -34.58 21.97
C GLN A 804 39.03 -34.31 20.81
N ILE A 805 39.31 -34.82 19.61
CA ILE A 805 38.42 -34.60 18.47
C ILE A 805 37.68 -35.88 18.11
N LEU A 806 38.29 -37.03 18.36
CA LEU A 806 37.63 -38.29 18.09
C LEU A 806 36.73 -38.64 19.28
N PRO A 807 35.44 -38.87 19.07
CA PRO A 807 34.50 -38.95 20.19
C PRO A 807 34.62 -40.25 20.97
N ASP A 808 34.28 -40.16 22.26
CA ASP A 808 34.33 -41.28 23.18
C ASP A 808 33.03 -42.08 23.14
N PRO A 809 33.12 -43.41 23.25
CA PRO A 809 31.90 -44.23 23.28
C PRO A 809 31.21 -44.26 24.63
N SER A 810 31.86 -43.79 25.69
CA SER A 810 31.28 -43.86 27.03
C SER A 810 30.10 -42.92 27.18
N LYS A 811 30.19 -41.73 26.62
CA LYS A 811 29.10 -40.76 26.72
C LYS A 811 27.91 -41.22 25.88
N PRO A 812 26.68 -40.99 26.35
CA PRO A 812 25.50 -41.29 25.52
C PRO A 812 25.44 -40.50 24.23
N SER A 813 25.93 -39.26 24.24
CA SER A 813 25.96 -38.47 23.03
C SER A 813 27.10 -38.91 22.12
N LYS A 814 26.95 -38.58 20.84
CA LYS A 814 27.94 -38.93 19.82
C LYS A 814 29.03 -37.86 19.72
N ARG A 815 28.89 -36.76 20.44
CA ARG A 815 29.80 -35.63 20.35
C ARG A 815 31.16 -35.96 20.98
N SER A 816 32.14 -35.12 20.67
CA SER A 816 33.48 -35.20 21.23
C SER A 816 33.69 -34.06 22.22
N PHE A 817 34.91 -34.01 22.74
CA PHE A 817 35.22 -32.99 23.78
C PHE A 817 35.22 -31.62 23.14
N ILE A 818 35.99 -31.47 22.07
CA ILE A 818 36.09 -30.19 21.37
C ILE A 818 34.71 -29.75 20.86
N GLU A 819 33.94 -30.72 20.35
CA GLU A 819 32.56 -30.43 19.93
C GLU A 819 31.71 -29.99 21.11
N ASP A 820 31.89 -30.62 22.27
CA ASP A 820 31.16 -30.23 23.47
C ASP A 820 31.51 -28.80 23.87
N LEU A 821 32.79 -28.43 23.79
CA LEU A 821 33.19 -27.06 24.07
C LEU A 821 32.60 -26.07 23.07
N LEU A 822 32.54 -26.47 21.79
CA LEU A 822 31.98 -25.60 20.76
C LEU A 822 30.50 -25.35 20.96
N PHE A 823 29.74 -26.40 21.31
CA PHE A 823 28.32 -26.20 21.61
C PHE A 823 28.09 -25.50 22.95
N ASN A 824 29.00 -25.64 23.90
CA ASN A 824 28.84 -24.92 25.17
C ASN A 824 29.19 -23.45 25.04
N LYS A 825 30.08 -23.10 24.11
CA LYS A 825 30.46 -21.69 23.95
C LYS A 825 29.32 -20.87 23.38
N VAL A 826 28.63 -21.38 22.36
CA VAL A 826 27.52 -20.68 21.74
C VAL A 826 26.23 -21.15 22.41
N THR A 827 25.80 -20.42 23.42
CA THR A 827 24.50 -20.66 24.03
C THR A 827 23.42 -20.10 23.10
N LEU A 828 22.36 -20.87 22.89
CA LEU A 828 21.29 -20.42 22.00
C LEU A 828 20.51 -19.29 22.65
N ALA A 829 20.33 -18.21 21.88
CA ALA A 829 19.51 -17.07 22.33
C ALA A 829 20.04 -16.45 23.62
N ASP A 830 21.35 -16.45 23.84
CA ASP A 830 21.90 -15.72 25.01
C ASP A 830 22.06 -14.26 24.61
N ALA A 831 20.96 -13.55 24.43
CA ALA A 831 21.03 -12.15 23.93
C ALA A 831 19.92 -11.33 24.60
N GLY A 832 19.92 -10.01 24.39
CA GLY A 832 18.93 -9.14 25.05
C GLY A 832 17.52 -9.55 24.64
N PHE A 833 17.38 -10.10 23.43
CA PHE A 833 16.04 -10.43 22.91
C PHE A 833 15.42 -11.57 23.72
N ILE A 834 16.24 -12.34 24.45
CA ILE A 834 15.68 -13.52 25.20
C ILE A 834 14.64 -13.05 26.22
N LYS A 835 14.82 -11.89 26.85
CA LYS A 835 13.88 -11.48 27.92
C LYS A 835 12.47 -11.31 27.37
N GLN A 836 12.33 -10.67 26.21
CA GLN A 836 10.99 -10.45 25.59
C GLN A 836 10.48 -11.75 24.96
N TYR A 837 11.32 -12.45 24.21
CA TYR A 837 10.91 -13.67 23.45
C TYR A 837 10.70 -14.91 24.32
N GLY A 838 11.50 -15.10 25.36
CA GLY A 838 11.40 -16.35 26.14
C GLY A 838 12.08 -17.50 25.44
N ASP A 839 13.02 -17.22 24.52
CA ASP A 839 13.80 -18.26 23.80
C ASP A 839 12.96 -18.83 22.65
N CYS A 840 11.80 -18.22 22.39
CA CYS A 840 10.94 -18.64 21.25
C CYS A 840 11.66 -18.34 19.94
N LEU A 841 12.57 -17.36 19.94
CA LEU A 841 13.28 -16.91 18.72
C LEU A 841 14.15 -18.02 18.10
N GLY A 842 14.75 -18.88 18.91
CA GLY A 842 15.69 -19.88 18.37
C GLY A 842 15.29 -21.30 18.67
N ASP A 843 15.91 -22.26 18.00
CA ASP A 843 15.51 -23.69 18.17
C ASP A 843 16.18 -24.28 19.40
N ILE A 844 15.39 -24.51 20.46
CA ILE A 844 15.92 -25.17 21.69
C ILE A 844 15.49 -26.63 21.65
N ALA A 845 14.75 -27.02 20.61
CA ALA A 845 14.25 -28.42 20.42
C ALA A 845 13.07 -28.66 21.37
N ALA A 846 12.69 -27.64 22.14
CA ALA A 846 11.58 -27.78 23.10
C ALA A 846 10.59 -26.62 22.88
N ARG A 847 10.77 -25.85 21.81
CA ARG A 847 9.90 -24.66 21.63
C ARG A 847 8.45 -25.16 21.50
N ASP A 848 7.51 -24.45 22.11
CA ASP A 848 6.11 -24.95 22.13
C ASP A 848 5.19 -24.05 21.32
N LEU A 849 3.91 -24.41 21.20
CA LEU A 849 2.94 -23.64 20.38
C LEU A 849 2.79 -22.22 20.92
N ILE A 850 3.03 -22.01 22.22
CA ILE A 850 2.84 -20.68 22.87
C ILE A 850 3.72 -19.64 22.17
N CYS A 851 4.89 -20.05 21.70
CA CYS A 851 5.84 -19.13 21.01
C CYS A 851 5.24 -18.57 19.71
N ALA A 852 4.51 -19.38 18.94
CA ALA A 852 3.86 -18.88 17.71
C ALA A 852 2.88 -17.78 18.10
N GLN A 853 2.14 -17.98 19.19
CA GLN A 853 1.16 -16.97 19.64
C GLN A 853 1.87 -15.66 19.96
N LYS A 854 3.02 -15.74 20.63
CA LYS A 854 3.80 -14.53 20.99
C LYS A 854 4.31 -13.80 19.73
N PHE A 855 4.73 -14.54 18.70
CA PHE A 855 5.35 -13.90 17.50
C PHE A 855 4.32 -13.52 16.44
N ASN A 856 3.02 -13.65 16.73
CA ASN A 856 1.93 -13.35 15.75
C ASN A 856 2.05 -14.22 14.51
N GLY A 857 2.27 -15.52 14.66
CA GLY A 857 2.23 -16.39 13.48
C GLY A 857 3.54 -17.00 13.12
N LEU A 858 4.63 -16.31 13.41
CA LEU A 858 5.95 -16.78 13.00
C LEU A 858 6.36 -17.99 13.82
N THR A 859 6.83 -19.03 13.13
CA THR A 859 7.27 -20.27 13.75
C THR A 859 8.68 -20.59 13.31
N VAL A 860 9.39 -21.35 14.13
CA VAL A 860 10.76 -21.76 13.85
C VAL A 860 10.74 -23.24 13.48
N LEU A 861 11.10 -23.53 12.24
CA LEU A 861 11.15 -24.91 11.77
C LEU A 861 12.45 -25.58 12.22
N PRO A 862 12.38 -26.79 12.77
CA PRO A 862 13.60 -27.48 13.17
C PRO A 862 14.39 -27.93 11.96
N PRO A 863 15.71 -28.02 12.06
CA PRO A 863 16.51 -28.51 10.94
C PRO A 863 16.25 -29.98 10.66
N LEU A 864 16.43 -30.36 9.39
CA LEU A 864 16.24 -31.75 8.99
C LEU A 864 17.29 -32.66 9.62
N LEU A 865 18.54 -32.20 9.66
CA LEU A 865 19.63 -32.98 10.25
C LEU A 865 19.75 -32.63 11.73
N THR A 866 19.47 -33.61 12.58
CA THR A 866 19.65 -33.45 14.01
C THR A 866 21.15 -33.30 14.31
N ASP A 867 21.46 -32.54 15.37
CA ASP A 867 22.85 -32.36 15.79
C ASP A 867 23.53 -33.69 16.11
N GLU A 868 22.74 -34.69 16.53
CA GLU A 868 23.28 -36.05 16.67
C GLU A 868 23.73 -36.60 15.32
N MET A 869 22.94 -36.36 14.26
CA MET A 869 23.28 -36.87 12.91
C MET A 869 24.40 -36.04 12.29
N ILE A 870 24.57 -34.79 12.68
CA ILE A 870 25.71 -33.99 12.23
C ILE A 870 26.98 -34.43 12.94
N ALA A 871 26.88 -34.72 14.24
CA ALA A 871 28.02 -35.25 14.98
C ALA A 871 28.41 -36.63 14.48
N GLN A 872 27.43 -37.42 14.04
CA GLN A 872 27.74 -38.73 13.49
C GLN A 872 28.43 -38.62 12.13
N TYR A 873 27.99 -37.68 11.29
CA TYR A 873 28.69 -37.41 10.04
C TYR A 873 30.12 -36.95 10.30
N THR A 874 30.30 -36.06 11.28
CA THR A 874 31.64 -35.57 11.62
C THR A 874 32.52 -36.70 12.13
N SER A 875 31.98 -37.58 12.99
CA SER A 875 32.75 -38.70 13.51
C SER A 875 33.09 -39.69 12.41
N ALA A 876 32.17 -39.94 11.48
CA ALA A 876 32.45 -40.81 10.35
C ALA A 876 33.53 -40.23 9.45
N LEU A 877 33.47 -38.92 9.20
CA LEU A 877 34.52 -38.25 8.43
C LEU A 877 35.88 -38.34 9.11
N LEU A 878 35.92 -38.12 10.43
CA LEU A 878 37.16 -38.22 11.18
C LEU A 878 37.73 -39.63 11.17
N ALA A 879 36.89 -40.63 11.44
CA ALA A 879 37.35 -42.01 11.48
C ALA A 879 37.83 -42.48 10.11
N GLY A 880 37.07 -42.16 9.05
CA GLY A 880 37.49 -42.51 7.71
C GLY A 880 38.76 -41.81 7.29
N THR A 881 38.91 -40.52 7.64
CA THR A 881 40.12 -39.78 7.31
C THR A 881 41.33 -40.38 7.99
N ILE A 882 41.26 -40.58 9.31
CA ILE A 882 42.40 -41.09 10.08
C ILE A 882 42.75 -42.52 9.64
N THR A 883 41.74 -43.34 9.37
CA THR A 883 42.01 -44.72 9.01
C THR A 883 42.55 -44.85 7.59
N SER A 884 42.00 -44.11 6.63
CA SER A 884 42.27 -44.35 5.22
C SER A 884 43.00 -43.22 4.50
N GLY A 885 42.59 -41.97 4.71
CA GLY A 885 43.15 -40.89 3.90
C GLY A 885 42.32 -40.63 2.67
N TRP A 886 42.96 -40.76 1.50
CA TRP A 886 42.32 -40.40 0.25
C TRP A 886 41.32 -41.46 -0.20
N THR A 887 41.51 -42.71 0.25
CA THR A 887 40.65 -43.79 -0.19
C THR A 887 39.31 -43.83 0.53
N PHE A 888 38.99 -42.80 1.28
CA PHE A 888 37.75 -42.85 2.10
C PHE A 888 36.53 -42.96 1.19
N GLY A 889 36.27 -41.95 0.36
CA GLY A 889 35.04 -41.92 -0.46
C GLY A 889 35.24 -42.54 -1.81
N ALA A 890 36.43 -43.08 -2.08
CA ALA A 890 36.73 -43.73 -3.37
C ALA A 890 36.02 -45.06 -3.39
N GLY A 891 35.41 -45.43 -2.28
CA GLY A 891 34.74 -46.74 -2.16
C GLY A 891 35.71 -47.70 -1.55
N ALA A 892 35.22 -48.73 -0.87
CA ALA A 892 36.13 -49.77 -0.36
C ALA A 892 37.26 -49.12 0.44
N ALA A 893 36.98 -48.51 1.61
CA ALA A 893 38.07 -47.81 2.33
C ALA A 893 39.21 -48.78 2.59
N LEU A 894 40.44 -48.34 2.34
CA LEU A 894 41.60 -49.23 2.45
C LEU A 894 42.45 -48.81 3.64
N GLN A 895 42.45 -49.61 4.70
CA GLN A 895 43.20 -49.33 5.92
C GLN A 895 44.65 -49.05 5.59
N ILE A 896 45.24 -48.12 6.33
CA ILE A 896 46.64 -47.74 6.17
C ILE A 896 47.12 -47.18 7.50
N PRO A 897 48.36 -47.46 7.92
CA PRO A 897 48.89 -46.82 9.12
C PRO A 897 48.95 -45.32 8.98
N PHE A 898 48.71 -44.62 10.09
CA PHE A 898 48.65 -43.16 10.06
C PHE A 898 50.00 -42.54 9.74
N ALA A 899 51.10 -43.20 10.15
CA ALA A 899 52.43 -42.71 9.81
C ALA A 899 52.66 -42.74 8.30
N MET A 900 52.18 -43.79 7.63
CA MET A 900 52.37 -43.86 6.19
C MET A 900 51.49 -42.84 5.46
N GLN A 901 50.30 -42.55 6.01
CA GLN A 901 49.48 -41.48 5.46
C GLN A 901 50.15 -40.12 5.63
N MET A 902 50.81 -39.90 6.77
CA MET A 902 51.58 -38.67 6.95
C MET A 902 52.77 -38.60 6.02
N ALA A 903 53.41 -39.74 5.73
CA ALA A 903 54.50 -39.76 4.75
C ALA A 903 53.99 -39.38 3.36
N TYR A 904 52.84 -39.92 2.97
CA TYR A 904 52.24 -39.56 1.69
C TYR A 904 51.85 -38.08 1.65
N ARG A 905 51.36 -37.54 2.77
CA ARG A 905 50.98 -36.13 2.78
C ARG A 905 52.19 -35.20 2.84
N PHE A 906 53.34 -35.65 3.34
CA PHE A 906 54.57 -34.89 3.10
C PHE A 906 55.02 -35.00 1.64
N ASN A 907 54.79 -36.15 1.00
CA ASN A 907 55.04 -36.23 -0.44
C ASN A 907 54.12 -35.30 -1.23
N GLY A 908 52.95 -34.98 -0.67
CA GLY A 908 52.07 -34.02 -1.30
C GLY A 908 52.62 -32.61 -1.34
N ILE A 909 53.41 -32.23 -0.33
CA ILE A 909 53.96 -30.87 -0.25
C ILE A 909 55.41 -30.86 -0.70
N GLY A 910 55.85 -31.95 -1.33
CA GLY A 910 57.19 -32.00 -1.87
C GLY A 910 58.29 -32.26 -0.85
N VAL A 911 58.00 -32.97 0.23
CA VAL A 911 58.98 -33.30 1.26
C VAL A 911 59.07 -34.81 1.36
N THR A 912 60.29 -35.35 1.34
CA THR A 912 60.46 -36.79 1.35
C THR A 912 60.04 -37.40 2.68
N GLN A 913 59.74 -38.70 2.65
CA GLN A 913 59.24 -39.41 3.82
C GLN A 913 60.27 -39.53 4.94
N ASN A 914 61.56 -39.40 4.62
CA ASN A 914 62.60 -39.50 5.63
C ASN A 914 62.50 -38.42 6.67
N VAL A 915 61.99 -37.24 6.29
CA VAL A 915 61.80 -36.15 7.24
C VAL A 915 60.79 -36.53 8.31
N LEU A 916 59.69 -37.18 7.91
CA LEU A 916 58.72 -37.68 8.88
C LEU A 916 59.30 -38.82 9.70
N TYR A 917 59.87 -39.83 9.04
CA TYR A 917 60.22 -41.05 9.74
C TYR A 917 61.43 -40.85 10.66
N GLU A 918 62.26 -39.85 10.39
CA GLU A 918 63.31 -39.49 11.33
C GLU A 918 62.79 -38.63 12.48
N ASN A 919 61.76 -37.83 12.23
CA ASN A 919 61.23 -36.87 13.21
C ASN A 919 59.77 -37.15 13.54
N GLN A 920 59.40 -38.42 13.70
CA GLN A 920 58.00 -38.75 13.95
C GLN A 920 57.55 -38.34 15.34
N LYS A 921 58.39 -38.58 16.35
CA LYS A 921 58.04 -38.25 17.73
C LYS A 921 57.92 -36.74 17.90
N LEU A 922 58.82 -35.98 17.27
CA LEU A 922 58.77 -34.52 17.37
C LEU A 922 57.50 -33.96 16.71
N ILE A 923 57.12 -34.52 15.55
CA ILE A 923 55.91 -34.07 14.87
C ILE A 923 54.66 -34.42 15.69
N ALA A 924 54.65 -35.62 16.27
CA ALA A 924 53.52 -36.02 17.12
C ALA A 924 53.41 -35.14 18.35
N ASN A 925 54.55 -34.80 18.97
CA ASN A 925 54.55 -33.92 20.14
C ASN A 925 54.08 -32.52 19.77
N GLN A 926 54.51 -32.00 18.62
CA GLN A 926 54.06 -30.69 18.17
C GLN A 926 52.57 -30.68 17.89
N PHE A 927 52.04 -31.74 17.27
CA PHE A 927 50.61 -31.82 17.01
C PHE A 927 49.81 -31.91 18.31
N ASN A 928 50.28 -32.70 19.27
CA ASN A 928 49.58 -32.81 20.55
C ASN A 928 49.63 -31.49 21.31
N SER A 929 50.77 -30.78 21.25
CA SER A 929 50.86 -29.47 21.89
C SER A 929 49.92 -28.47 21.25
N ALA A 930 49.81 -28.49 19.92
CA ALA A 930 48.89 -27.58 19.23
C ALA A 930 47.44 -27.90 19.56
N ILE A 931 47.09 -29.20 19.66
CA ILE A 931 45.75 -29.60 20.05
C ILE A 931 45.46 -29.15 21.48
N GLY A 932 46.43 -29.27 22.37
CA GLY A 932 46.26 -28.79 23.74
C GLY A 932 46.11 -27.28 23.83
N LYS A 933 46.73 -26.54 22.91
CA LYS A 933 46.65 -25.07 22.97
C LYS A 933 45.30 -24.66 22.40
N ILE A 934 44.79 -25.40 21.42
CA ILE A 934 43.44 -25.13 20.94
C ILE A 934 42.41 -25.45 22.02
N GLN A 935 42.54 -26.59 22.69
CA GLN A 935 41.60 -26.87 23.79
C GLN A 935 41.69 -25.75 24.84
N ASP A 936 42.89 -25.38 25.30
CA ASP A 936 42.97 -24.36 26.34
C ASP A 936 42.42 -23.02 25.87
N SER A 937 42.58 -22.70 24.58
CA SER A 937 42.02 -21.46 24.05
C SER A 937 40.50 -21.51 24.04
N LEU A 938 39.92 -22.67 23.71
CA LEU A 938 38.47 -22.81 23.79
C LEU A 938 38.00 -22.85 25.24
N SER A 939 38.84 -23.36 26.15
CA SER A 939 38.48 -23.40 27.56
C SER A 939 38.75 -22.09 28.27
N SER A 940 39.39 -21.13 27.60
CA SER A 940 39.74 -19.86 28.26
C SER A 940 38.59 -18.87 28.26
N THR A 941 37.44 -19.25 27.70
CA THR A 941 36.21 -18.47 27.55
C THR A 941 36.40 -17.23 26.68
N ALA A 942 37.50 -17.12 25.93
CA ALA A 942 37.65 -16.06 24.95
C ALA A 942 36.85 -16.43 23.72
N SER A 943 35.78 -15.69 23.46
CA SER A 943 34.81 -16.04 22.43
C SER A 943 35.41 -15.75 21.06
N ALA A 944 36.13 -16.72 20.51
CA ALA A 944 36.58 -16.67 19.13
C ALA A 944 35.51 -17.15 18.15
N LEU A 945 34.39 -17.63 18.67
CA LEU A 945 33.27 -18.10 17.84
C LEU A 945 32.29 -16.96 17.59
N GLY A 946 32.83 -15.85 17.09
CA GLY A 946 32.03 -14.68 16.78
C GLY A 946 31.31 -14.73 15.46
N LYS A 947 31.51 -15.78 14.66
CA LYS A 947 30.79 -15.94 13.40
C LYS A 947 29.51 -16.76 13.56
N LEU A 948 29.41 -17.57 14.62
CA LEU A 948 28.23 -18.37 14.86
C LEU A 948 27.25 -17.69 15.80
N GLN A 949 27.75 -16.96 16.79
CA GLN A 949 26.88 -16.15 17.64
C GLN A 949 26.27 -15.01 16.85
N ASP A 950 26.98 -14.51 15.84
CA ASP A 950 26.45 -13.42 15.02
C ASP A 950 25.24 -13.87 14.22
N VAL A 951 25.18 -15.15 13.83
CA VAL A 951 24.02 -15.68 13.11
C VAL A 951 22.78 -15.64 14.00
N VAL A 952 22.93 -16.11 15.24
CA VAL A 952 21.81 -16.12 16.19
C VAL A 952 21.39 -14.69 16.52
N ASN A 953 22.36 -13.79 16.71
CA ASN A 953 22.05 -12.39 17.00
C ASN A 953 21.33 -11.72 15.85
N GLN A 954 21.75 -12.01 14.61
CA GLN A 954 21.11 -11.42 13.44
C GLN A 954 19.69 -11.95 13.26
N ASN A 955 19.48 -13.25 13.50
CA ASN A 955 18.13 -13.81 13.40
C ASN A 955 17.21 -13.22 14.46
N ALA A 956 17.72 -13.08 15.69
CA ALA A 956 16.92 -12.49 16.76
C ALA A 956 16.62 -11.02 16.48
N GLN A 957 17.57 -10.31 15.89
CA GLN A 957 17.40 -8.87 15.59
C GLN A 957 16.40 -8.71 14.46
N ALA A 958 16.38 -9.62 13.48
CA ALA A 958 15.39 -9.60 12.41
C ALA A 958 13.99 -9.90 12.93
N LEU A 959 13.86 -10.89 13.82
CA LEU A 959 12.56 -11.19 14.42
C LEU A 959 12.06 -10.04 15.29
N ASN A 960 12.94 -9.41 16.05
CA ASN A 960 12.54 -8.22 16.83
C ASN A 960 12.02 -7.20 15.86
N THR A 961 12.81 -6.85 14.87
CA THR A 961 12.39 -5.79 13.95
C THR A 961 11.03 -6.11 13.35
N LEU A 962 10.78 -7.37 13.02
CA LEU A 962 9.49 -7.76 12.45
C LEU A 962 8.35 -7.55 13.46
N VAL A 963 8.55 -7.99 14.71
CA VAL A 963 7.48 -7.84 15.70
C VAL A 963 7.36 -6.39 16.15
N LYS A 964 8.34 -5.56 15.84
CA LYS A 964 8.17 -4.13 16.18
C LYS A 964 7.39 -3.50 15.04
N GLN A 965 7.66 -3.87 13.80
CA GLN A 965 6.82 -3.34 12.72
C GLN A 965 5.37 -3.79 12.87
N LEU A 966 5.15 -4.99 13.43
CA LEU A 966 3.79 -5.48 13.62
C LEU A 966 3.00 -4.68 14.64
N SER A 967 3.67 -3.95 15.53
CA SER A 967 2.95 -3.18 16.55
C SER A 967 2.42 -1.86 16.03
N SER A 968 2.84 -1.44 14.83
CA SER A 968 2.37 -0.18 14.27
C SER A 968 0.93 -0.32 13.80
N ASN A 969 0.24 0.84 13.67
CA ASN A 969 -1.19 0.90 13.27
C ASN A 969 -1.32 1.24 11.80
N PHE A 970 -0.21 1.51 11.14
CA PHE A 970 -0.15 1.72 9.69
C PHE A 970 -1.19 2.70 9.19
N GLY A 971 -1.37 3.81 9.90
CA GLY A 971 -2.36 4.81 9.51
C GLY A 971 -3.80 4.34 9.65
N ALA A 972 -4.12 3.66 10.74
CA ALA A 972 -5.48 3.21 11.03
C ALA A 972 -5.86 3.70 12.43
N ILE A 973 -7.12 3.47 12.80
CA ILE A 973 -7.59 3.90 14.12
C ILE A 973 -7.05 3.01 15.23
N SER A 974 -6.66 1.78 14.92
CA SER A 974 -6.11 0.88 15.92
C SER A 974 -5.15 -0.07 15.25
N SER A 975 -4.23 -0.62 16.05
CA SER A 975 -3.27 -1.60 15.56
C SER A 975 -3.76 -3.03 15.71
N VAL A 976 -4.93 -3.22 16.32
CA VAL A 976 -5.52 -4.54 16.51
C VAL A 976 -6.80 -4.62 15.67
N LEU A 977 -7.01 -5.78 15.03
CA LEU A 977 -8.11 -5.95 14.10
C LEU A 977 -9.45 -6.01 14.82
N ASN A 978 -9.44 -6.46 16.08
CA ASN A 978 -10.67 -6.65 16.83
C ASN A 978 -11.37 -5.32 17.12
N ASP A 979 -10.59 -4.27 17.38
CA ASP A 979 -11.18 -2.95 17.61
C ASP A 979 -11.85 -2.42 16.34
N ILE A 980 -11.22 -2.63 15.18
CA ILE A 980 -11.80 -2.19 13.92
C ILE A 980 -13.09 -2.96 13.62
N LEU A 981 -13.09 -4.27 13.89
CA LEU A 981 -14.31 -5.06 13.66
C LEU A 981 -15.40 -4.71 14.67
N SER A 982 -15.01 -4.35 15.89
CA SER A 982 -15.97 -4.05 16.95
C SER A 982 -16.60 -2.67 16.80
N ARG A 983 -15.83 -1.68 16.32
CA ARG A 983 -16.30 -0.31 16.32
C ARG A 983 -16.88 0.16 14.99
N LEU A 984 -16.52 -0.48 13.89
CA LEU A 984 -16.89 -0.01 12.57
C LEU A 984 -17.64 -1.09 11.79
N ASP A 985 -18.71 -0.68 11.11
CA ASP A 985 -19.40 -1.59 10.20
C ASP A 985 -18.50 -1.86 8.98
N PRO A 986 -18.67 -3.02 8.34
CA PRO A 986 -17.73 -3.46 7.27
C PRO A 986 -17.55 -2.49 6.10
N PRO A 987 -18.58 -1.75 5.64
CA PRO A 987 -18.33 -0.82 4.51
C PRO A 987 -17.27 0.24 4.77
N GLU A 988 -17.12 0.75 5.99
CA GLU A 988 -16.03 1.66 6.27
C GLU A 988 -14.93 1.01 7.10
N ALA A 989 -15.16 -0.18 7.63
CA ALA A 989 -14.09 -0.93 8.27
C ALA A 989 -13.16 -1.59 7.27
N GLU A 990 -13.61 -1.80 6.03
CA GLU A 990 -12.80 -2.50 5.05
C GLU A 990 -11.54 -1.72 4.67
N VAL A 991 -11.64 -0.38 4.66
CA VAL A 991 -10.46 0.44 4.36
C VAL A 991 -9.42 0.31 5.46
N GLN A 992 -9.87 0.34 6.71
CA GLN A 992 -8.96 0.18 7.85
C GLN A 992 -8.34 -1.22 7.84
N ILE A 993 -9.16 -2.24 7.52
CA ILE A 993 -8.67 -3.62 7.43
C ILE A 993 -7.60 -3.73 6.36
N ASP A 994 -7.86 -3.14 5.19
CA ASP A 994 -6.90 -3.20 4.09
C ASP A 994 -5.60 -2.49 4.44
N ARG A 995 -5.69 -1.33 5.09
CA ARG A 995 -4.48 -0.61 5.49
C ARG A 995 -3.64 -1.41 6.49
N LEU A 996 -4.30 -1.99 7.51
CA LEU A 996 -3.57 -2.73 8.53
C LEU A 996 -2.95 -4.01 7.95
N ILE A 997 -3.71 -4.75 7.14
CA ILE A 997 -3.20 -6.00 6.58
C ILE A 997 -2.11 -5.72 5.55
N THR A 998 -2.25 -4.66 4.76
CA THR A 998 -1.23 -4.29 3.80
C THR A 998 0.07 -3.87 4.49
N GLY A 999 -0.05 -3.12 5.60
CA GLY A 999 1.14 -2.77 6.36
C GLY A 999 1.83 -3.98 6.95
N ARG A 1000 1.06 -4.92 7.51
CA ARG A 1000 1.64 -6.15 8.03
C ARG A 1000 2.32 -6.97 6.95
N LEU A 1001 1.70 -7.07 5.77
CA LEU A 1001 2.27 -7.83 4.67
C LEU A 1001 3.53 -7.19 4.12
N GLN A 1002 3.57 -5.85 4.08
CA GLN A 1002 4.80 -5.17 3.66
C GLN A 1002 5.93 -5.35 4.66
N SER A 1003 5.59 -5.35 5.96
CA SER A 1003 6.59 -5.64 6.98
C SER A 1003 7.13 -7.07 6.83
N LEU A 1004 6.24 -8.03 6.56
CA LEU A 1004 6.67 -9.40 6.32
C LEU A 1004 7.54 -9.49 5.06
N GLN A 1005 7.22 -8.70 4.04
CA GLN A 1005 8.02 -8.70 2.82
C GLN A 1005 9.44 -8.17 3.08
N THR A 1006 9.55 -7.12 3.89
CA THR A 1006 10.88 -6.62 4.25
C THR A 1006 11.65 -7.64 5.07
N TYR A 1007 10.96 -8.35 5.97
CA TYR A 1007 11.60 -9.45 6.69
C TYR A 1007 12.08 -10.54 5.73
N VAL A 1008 11.29 -10.83 4.69
CA VAL A 1008 11.68 -11.83 3.70
C VAL A 1008 12.93 -11.38 2.95
N THR A 1009 13.00 -10.10 2.54
CA THR A 1009 14.18 -9.62 1.83
C THR A 1009 15.43 -9.64 2.70
N GLN A 1010 15.26 -9.31 4.00
CA GLN A 1010 16.37 -9.48 4.95
C GLN A 1010 16.79 -10.94 5.04
N GLN A 1011 15.82 -11.86 4.95
CA GLN A 1011 16.15 -13.28 4.97
C GLN A 1011 16.89 -13.71 3.70
N LEU A 1012 16.55 -13.11 2.54
CA LEU A 1012 17.35 -13.39 1.34
C LEU A 1012 18.79 -12.92 1.49
N ILE A 1013 19.00 -11.74 2.09
CA ILE A 1013 20.36 -11.26 2.29
C ILE A 1013 21.14 -12.19 3.23
N ARG A 1014 20.50 -12.54 4.35
CA ARG A 1014 21.16 -13.43 5.31
C ARG A 1014 21.40 -14.81 4.72
N ALA A 1015 20.46 -15.32 3.92
CA ALA A 1015 20.62 -16.61 3.28
C ALA A 1015 21.71 -16.57 2.21
N ALA A 1016 21.88 -15.44 1.53
CA ALA A 1016 22.98 -15.32 0.57
C ALA A 1016 24.33 -15.34 1.26
N GLU A 1017 24.46 -14.62 2.39
CA GLU A 1017 25.71 -14.63 3.13
C GLU A 1017 26.00 -16.02 3.71
N ILE A 1018 24.98 -16.68 4.26
CA ILE A 1018 25.14 -18.03 4.79
C ILE A 1018 25.43 -19.03 3.67
N ARG A 1019 24.85 -18.84 2.48
CA ARG A 1019 25.15 -19.71 1.35
C ARG A 1019 26.59 -19.55 0.89
N ALA A 1020 27.10 -18.31 0.90
CA ALA A 1020 28.52 -18.12 0.57
C ALA A 1020 29.43 -18.80 1.58
N SER A 1021 29.11 -18.66 2.88
CA SER A 1021 29.90 -19.31 3.90
C SER A 1021 29.80 -20.84 3.80
N ALA A 1022 28.62 -21.35 3.46
CA ALA A 1022 28.44 -22.79 3.33
C ALA A 1022 29.13 -23.34 2.09
N ASN A 1023 29.16 -22.58 1.00
CA ASN A 1023 29.93 -23.00 -0.18
C ASN A 1023 31.41 -23.04 0.14
N LEU A 1024 31.91 -22.05 0.89
CA LEU A 1024 33.31 -22.08 1.32
C LEU A 1024 33.59 -23.27 2.22
N ALA A 1025 32.66 -23.57 3.15
CA ALA A 1025 32.84 -24.71 4.05
C ALA A 1025 32.81 -26.03 3.29
N ALA A 1026 31.91 -26.17 2.32
CA ALA A 1026 31.83 -27.39 1.53
C ALA A 1026 33.07 -27.57 0.65
N THR A 1027 33.56 -26.48 0.06
CA THR A 1027 34.78 -26.56 -0.73
C THR A 1027 35.98 -26.94 0.13
N LYS A 1028 36.08 -26.38 1.34
CA LYS A 1028 37.17 -26.75 2.23
C LYS A 1028 37.03 -28.17 2.75
N MET A 1029 35.80 -28.64 2.94
CA MET A 1029 35.58 -30.03 3.33
C MET A 1029 36.01 -30.99 2.22
N SER A 1030 35.69 -30.65 0.97
CA SER A 1030 36.01 -31.55 -0.13
C SER A 1030 37.49 -31.48 -0.51
N GLU A 1031 38.15 -30.34 -0.28
CA GLU A 1031 39.52 -30.16 -0.73
C GLU A 1031 40.56 -30.35 0.37
N CYS A 1032 40.19 -30.26 1.64
CA CYS A 1032 41.19 -30.29 2.70
C CYS A 1032 40.92 -31.38 3.72
N VAL A 1033 39.64 -31.64 4.03
CA VAL A 1033 39.31 -32.78 4.88
C VAL A 1033 39.43 -34.08 4.10
N LEU A 1034 38.87 -34.11 2.90
CA LEU A 1034 38.84 -35.31 2.08
C LEU A 1034 40.06 -35.45 1.17
N GLY A 1035 40.99 -34.51 1.23
CA GLY A 1035 42.17 -34.58 0.39
C GLY A 1035 43.20 -33.57 0.83
N GLN A 1036 44.16 -33.32 -0.06
CA GLN A 1036 45.21 -32.33 0.19
C GLN A 1036 45.10 -31.20 -0.81
N SER A 1037 45.33 -29.97 -0.33
CA SER A 1037 45.19 -28.77 -1.14
C SER A 1037 46.55 -28.13 -1.35
N LYS A 1038 46.84 -27.79 -2.60
CA LYS A 1038 48.07 -27.08 -2.94
C LYS A 1038 47.93 -25.57 -2.86
N ARG A 1039 46.71 -25.07 -2.65
CA ARG A 1039 46.48 -23.64 -2.50
C ARG A 1039 47.04 -23.14 -1.17
N VAL A 1040 47.57 -21.93 -1.19
CA VAL A 1040 48.13 -21.32 0.02
C VAL A 1040 47.06 -20.46 0.67
N ASP A 1041 47.03 -20.50 2.01
CA ASP A 1041 46.09 -19.80 2.88
C ASP A 1041 44.63 -20.19 2.65
N PHE A 1042 44.37 -21.25 1.88
CA PHE A 1042 43.01 -21.76 1.77
C PHE A 1042 42.62 -22.53 3.02
N CYS A 1043 43.54 -23.34 3.55
CA CYS A 1043 43.30 -24.20 4.69
C CYS A 1043 44.44 -24.09 5.69
N GLY A 1044 44.77 -22.87 6.06
CA GLY A 1044 45.74 -22.64 7.10
C GLY A 1044 47.02 -22.03 6.55
N LYS A 1045 47.72 -21.30 7.42
CA LYS A 1045 48.99 -20.69 7.05
C LYS A 1045 50.07 -21.75 6.97
N GLY A 1046 50.76 -21.80 5.83
CA GLY A 1046 51.75 -22.82 5.57
C GLY A 1046 51.24 -23.84 4.57
N TYR A 1047 52.02 -24.92 4.42
CA TYR A 1047 51.68 -25.99 3.50
C TYR A 1047 50.68 -26.93 4.17
N HIS A 1048 49.52 -27.10 3.53
CA HIS A 1048 48.45 -27.88 4.11
C HIS A 1048 48.80 -29.36 4.17
N LEU A 1049 48.47 -30.00 5.29
CA LEU A 1049 48.60 -31.45 5.42
C LEU A 1049 47.28 -32.13 5.69
N MET A 1050 46.54 -31.70 6.71
CA MET A 1050 45.29 -32.35 7.07
C MET A 1050 44.26 -31.30 7.48
N SER A 1051 43.01 -31.73 7.56
CA SER A 1051 41.95 -30.89 8.11
C SER A 1051 40.93 -31.79 8.78
N PHE A 1052 40.56 -31.46 10.01
CA PHE A 1052 39.63 -32.25 10.79
C PHE A 1052 38.35 -31.47 11.02
N PRO A 1053 37.20 -31.97 10.58
CA PRO A 1053 35.94 -31.26 10.82
C PRO A 1053 35.47 -31.43 12.26
N GLN A 1054 34.74 -30.43 12.74
CA GLN A 1054 34.07 -30.47 14.02
C GLN A 1054 32.72 -29.78 13.87
N SER A 1055 31.66 -30.39 14.38
CA SER A 1055 30.36 -29.75 14.34
C SER A 1055 30.33 -28.57 15.31
N ALA A 1056 29.48 -27.60 15.02
CA ALA A 1056 29.39 -26.39 15.82
C ALA A 1056 27.98 -25.82 15.68
N PRO A 1057 27.51 -25.04 16.64
CA PRO A 1057 26.16 -24.45 16.54
C PRO A 1057 26.02 -23.61 15.30
N HIS A 1058 25.18 -24.11 14.37
CA HIS A 1058 24.97 -23.51 13.05
C HIS A 1058 26.27 -23.35 12.27
N GLY A 1059 27.18 -24.32 12.36
CA GLY A 1059 28.39 -24.18 11.59
C GLY A 1059 29.35 -25.33 11.78
N VAL A 1060 30.54 -25.17 11.19
CA VAL A 1060 31.58 -26.18 11.21
C VAL A 1060 32.91 -25.50 11.52
N VAL A 1061 33.73 -26.19 12.32
CA VAL A 1061 35.07 -25.72 12.69
C VAL A 1061 36.07 -26.70 12.13
N PHE A 1062 36.94 -26.22 11.26
CA PHE A 1062 38.02 -27.03 10.70
C PHE A 1062 39.29 -26.82 11.49
N LEU A 1063 39.92 -27.93 11.88
CA LEU A 1063 41.23 -27.92 12.52
C LEU A 1063 42.23 -28.29 11.43
N HIS A 1064 42.91 -27.28 10.89
CA HIS A 1064 43.87 -27.47 9.81
C HIS A 1064 45.23 -27.76 10.39
N VAL A 1065 45.80 -28.90 10.03
CA VAL A 1065 47.16 -29.27 10.38
C VAL A 1065 48.05 -28.92 9.20
N THR A 1066 48.98 -27.98 9.41
CA THR A 1066 49.80 -27.41 8.35
C THR A 1066 51.27 -27.45 8.72
N TYR A 1067 52.10 -27.37 7.68
CA TYR A 1067 53.56 -27.43 7.78
C TYR A 1067 54.09 -26.01 7.61
N VAL A 1068 54.62 -25.43 8.69
CA VAL A 1068 55.14 -24.07 8.64
C VAL A 1068 56.67 -24.18 8.63
N PRO A 1069 57.34 -23.75 7.56
CA PRO A 1069 58.79 -23.81 7.53
C PRO A 1069 59.42 -22.77 8.45
N ALA A 1070 60.63 -23.06 8.92
CA ALA A 1070 61.31 -22.18 9.86
C ALA A 1070 62.81 -22.42 9.79
N GLN A 1071 63.56 -21.45 10.30
CA GLN A 1071 65.03 -21.43 10.32
C GLN A 1071 65.60 -21.57 8.91
N GLU A 1072 65.22 -20.63 8.05
CA GLU A 1072 65.69 -20.63 6.68
C GLU A 1072 67.16 -20.21 6.62
N LYS A 1073 67.83 -20.64 5.55
CA LYS A 1073 69.23 -20.32 5.33
C LYS A 1073 69.43 -19.86 3.90
N ASN A 1074 70.33 -18.88 3.73
CA ASN A 1074 70.75 -18.45 2.41
C ASN A 1074 71.70 -19.47 1.80
N PHE A 1075 71.58 -19.67 0.49
CA PHE A 1075 72.46 -20.57 -0.24
C PHE A 1075 72.72 -20.00 -1.62
N THR A 1076 73.95 -20.13 -2.08
CA THR A 1076 74.30 -19.76 -3.45
C THR A 1076 73.79 -20.84 -4.40
N THR A 1077 72.87 -20.48 -5.29
CA THR A 1077 72.16 -21.43 -6.12
C THR A 1077 72.60 -21.32 -7.57
N ALA A 1078 72.36 -22.39 -8.32
CA ALA A 1078 72.69 -22.44 -9.74
C ALA A 1078 71.54 -23.08 -10.52
N PRO A 1079 71.31 -22.63 -11.75
CA PRO A 1079 70.28 -23.28 -12.57
C PRO A 1079 70.69 -24.66 -13.06
N ALA A 1080 71.95 -24.85 -13.42
CA ALA A 1080 72.45 -26.11 -13.95
C ALA A 1080 73.95 -26.17 -13.69
N ILE A 1081 74.56 -27.31 -14.01
CA ILE A 1081 75.98 -27.53 -13.78
C ILE A 1081 76.62 -28.06 -15.05
N CYS A 1082 77.67 -27.38 -15.52
CA CYS A 1082 78.38 -27.78 -16.73
C CYS A 1082 79.51 -28.73 -16.34
N HIS A 1083 79.31 -30.02 -16.58
CA HIS A 1083 80.32 -31.04 -16.32
C HIS A 1083 80.61 -31.78 -17.61
N ASP A 1084 81.91 -31.98 -17.89
CA ASP A 1084 82.39 -32.69 -19.08
C ASP A 1084 81.84 -32.07 -20.38
N GLY A 1085 81.64 -30.76 -20.37
CA GLY A 1085 81.13 -30.07 -21.53
C GLY A 1085 79.64 -30.23 -21.77
N LYS A 1086 78.90 -30.78 -20.82
CA LYS A 1086 77.46 -30.91 -20.98
C LYS A 1086 76.75 -30.42 -19.72
N ALA A 1087 75.54 -29.91 -19.90
CA ALA A 1087 74.77 -29.30 -18.83
C ALA A 1087 73.88 -30.31 -18.15
N HIS A 1088 73.91 -30.33 -16.81
CA HIS A 1088 73.09 -31.20 -16.00
C HIS A 1088 72.11 -30.34 -15.20
N PHE A 1089 70.79 -30.67 -15.30
CA PHE A 1089 69.61 -30.03 -14.74
C PHE A 1089 68.99 -30.94 -13.69
N PRO A 1090 68.38 -30.38 -12.63
CA PRO A 1090 67.90 -31.23 -11.53
C PRO A 1090 66.60 -31.95 -11.89
N ARG A 1091 66.55 -33.25 -11.58
CA ARG A 1091 65.28 -33.97 -11.73
C ARG A 1091 64.27 -33.52 -10.68
N GLU A 1092 64.71 -33.40 -9.44
CA GLU A 1092 63.92 -32.83 -8.36
C GLU A 1092 64.85 -31.99 -7.49
N GLY A 1093 64.34 -30.86 -7.01
CA GLY A 1093 65.14 -30.00 -6.17
C GLY A 1093 65.95 -29.00 -6.95
N VAL A 1094 66.89 -28.37 -6.24
CA VAL A 1094 67.70 -27.29 -6.76
C VAL A 1094 69.17 -27.56 -6.44
N PHE A 1095 70.05 -26.96 -7.23
CA PHE A 1095 71.48 -26.94 -6.95
C PHE A 1095 71.83 -25.75 -6.06
N VAL A 1096 72.27 -26.04 -4.85
CA VAL A 1096 72.74 -25.03 -3.92
C VAL A 1096 74.18 -25.36 -3.55
N SER A 1097 74.83 -24.41 -2.90
CA SER A 1097 76.23 -24.61 -2.52
C SER A 1097 76.44 -24.15 -1.08
N ASN A 1098 77.22 -24.93 -0.35
CA ASN A 1098 77.67 -24.50 1.00
C ASN A 1098 79.19 -24.34 0.84
N GLY A 1099 79.75 -23.19 1.19
CA GLY A 1099 81.16 -22.89 0.98
C GLY A 1099 81.56 -22.95 -0.48
N THR A 1100 82.29 -23.99 -0.85
CA THR A 1100 82.67 -24.25 -2.23
C THR A 1100 82.19 -25.62 -2.72
N HIS A 1101 81.29 -26.27 -2.00
CA HIS A 1101 80.79 -27.59 -2.36
C HIS A 1101 79.33 -27.50 -2.78
N TRP A 1102 78.99 -28.16 -3.88
CA TRP A 1102 77.67 -28.09 -4.48
C TRP A 1102 76.86 -29.34 -4.15
N PHE A 1103 75.59 -29.13 -3.79
CA PHE A 1103 74.66 -30.21 -3.49
C PHE A 1103 73.34 -29.92 -4.18
N VAL A 1104 72.47 -30.94 -4.21
CA VAL A 1104 71.10 -30.81 -4.68
C VAL A 1104 70.16 -31.12 -3.52
N THR A 1105 69.16 -30.26 -3.33
CA THR A 1105 68.25 -30.38 -2.19
C THR A 1105 66.82 -30.21 -2.66
N GLN A 1106 65.88 -30.78 -1.90
CA GLN A 1106 64.49 -30.44 -2.13
C GLN A 1106 64.23 -29.02 -1.63
N ARG A 1107 63.29 -28.33 -2.26
CA ARG A 1107 63.13 -26.90 -1.95
C ARG A 1107 62.54 -26.61 -0.58
N ASN A 1108 61.68 -27.46 -0.02
CA ASN A 1108 61.03 -27.12 1.23
C ASN A 1108 61.77 -27.59 2.48
N PHE A 1109 62.90 -28.28 2.32
CA PHE A 1109 63.66 -28.76 3.47
C PHE A 1109 65.11 -28.94 3.04
N TYR A 1110 66.03 -28.56 3.92
CA TYR A 1110 67.45 -28.65 3.58
C TYR A 1110 67.93 -30.07 3.85
N GLU A 1111 67.96 -30.88 2.79
CA GLU A 1111 68.50 -32.23 2.85
C GLU A 1111 69.60 -32.33 1.79
N PRO A 1112 70.85 -32.08 2.14
CA PRO A 1112 71.93 -32.07 1.15
C PRO A 1112 72.23 -33.48 0.65
N GLN A 1113 72.23 -33.63 -0.67
CA GLN A 1113 72.52 -34.91 -1.32
C GLN A 1113 73.63 -34.71 -2.33
N ILE A 1114 74.54 -35.69 -2.42
CA ILE A 1114 75.65 -35.63 -3.35
C ILE A 1114 75.11 -35.68 -4.77
N ILE A 1115 75.60 -34.77 -5.62
CA ILE A 1115 75.10 -34.66 -6.98
C ILE A 1115 75.47 -35.92 -7.76
N THR A 1116 74.46 -36.55 -8.35
CA THR A 1116 74.61 -37.87 -8.94
C THR A 1116 73.93 -37.86 -10.31
N THR A 1117 74.40 -38.74 -11.20
CA THR A 1117 73.73 -38.92 -12.50
C THR A 1117 72.31 -39.44 -12.35
N ASP A 1118 72.00 -40.12 -11.25
CA ASP A 1118 70.62 -40.47 -10.96
C ASP A 1118 69.81 -39.25 -10.55
N ASN A 1119 70.46 -38.26 -9.93
CA ASN A 1119 69.77 -37.06 -9.46
C ASN A 1119 69.54 -36.03 -10.56
N THR A 1120 70.38 -36.03 -11.60
CA THR A 1120 70.33 -35.00 -12.62
C THR A 1120 70.02 -35.63 -13.97
N PHE A 1121 69.63 -34.79 -14.93
CA PHE A 1121 69.48 -35.20 -16.31
C PHE A 1121 70.21 -34.23 -17.21
N VAL A 1122 70.79 -34.74 -18.29
CA VAL A 1122 71.63 -33.98 -19.19
C VAL A 1122 70.80 -33.52 -20.38
N SER A 1123 71.08 -32.30 -20.87
CA SER A 1123 70.41 -31.77 -22.04
C SER A 1123 71.30 -30.70 -22.68
N GLY A 1124 71.89 -31.03 -23.82
CA GLY A 1124 72.65 -30.07 -24.58
C GLY A 1124 73.97 -29.69 -23.94
N ASN A 1125 74.53 -28.59 -24.44
CA ASN A 1125 75.78 -28.04 -23.94
C ASN A 1125 75.54 -26.92 -22.93
N CYS A 1126 76.61 -26.54 -22.23
CA CYS A 1126 76.54 -25.53 -21.19
C CYS A 1126 76.84 -24.13 -21.70
N ASP A 1127 77.03 -23.96 -23.01
CA ASP A 1127 77.29 -22.63 -23.56
C ASP A 1127 76.03 -21.80 -23.66
N VAL A 1128 74.85 -22.44 -23.65
CA VAL A 1128 73.61 -21.71 -23.87
C VAL A 1128 72.93 -21.34 -22.55
N VAL A 1129 73.19 -22.07 -21.48
CA VAL A 1129 72.53 -21.82 -20.20
C VAL A 1129 73.17 -20.61 -19.54
N ILE A 1130 72.35 -19.66 -19.12
CA ILE A 1130 72.82 -18.44 -18.48
C ILE A 1130 72.92 -18.69 -16.99
N GLY A 1131 74.11 -18.48 -16.43
CA GLY A 1131 74.33 -18.68 -15.01
C GLY A 1131 74.80 -20.06 -14.60
N ILE A 1132 75.24 -20.87 -15.56
CA ILE A 1132 75.70 -22.23 -15.25
C ILE A 1132 77.05 -22.15 -14.55
N VAL A 1133 77.28 -23.06 -13.61
CA VAL A 1133 78.52 -23.12 -12.85
C VAL A 1133 79.27 -24.39 -13.23
N ASN A 1134 80.54 -24.44 -12.83
CA ASN A 1134 81.41 -25.58 -13.10
C ASN A 1134 81.50 -26.44 -11.84
N ASN A 1135 81.17 -27.73 -11.98
CA ASN A 1135 81.30 -28.69 -10.90
C ASN A 1135 81.38 -30.08 -11.52
N THR A 1136 81.51 -31.09 -10.66
CA THR A 1136 81.56 -32.48 -11.09
C THR A 1136 80.25 -33.18 -10.71
N VAL A 1137 79.87 -34.15 -11.53
CA VAL A 1137 78.68 -34.97 -11.29
C VAL A 1137 79.18 -36.37 -10.99
N TYR A 1138 79.03 -36.79 -9.74
CA TYR A 1138 79.61 -38.05 -9.31
C TYR A 1138 78.74 -39.22 -9.76
N ASP A 1139 79.38 -40.29 -10.20
CA ASP A 1139 78.65 -41.44 -10.70
C ASP A 1139 78.77 -42.60 -9.73
N PRO A 1140 77.69 -43.32 -9.43
CA PRO A 1140 77.77 -44.40 -8.43
C PRO A 1140 78.47 -45.65 -8.93
N LEU A 1141 78.55 -45.82 -10.25
CA LEU A 1141 79.23 -46.99 -10.83
C LEU A 1141 80.73 -46.96 -10.55
N GLN A 1142 81.33 -45.77 -10.62
CA GLN A 1142 82.78 -45.63 -10.56
C GLN A 1142 83.43 -46.14 -9.27
N PRO A 1143 82.95 -45.82 -8.06
CA PRO A 1143 83.67 -46.34 -6.87
C PRO A 1143 83.44 -47.82 -6.63
N GLU A 1144 82.26 -48.35 -6.93
CA GLU A 1144 81.92 -49.71 -6.52
C GLU A 1144 82.25 -50.76 -7.57
N LEU A 1145 82.39 -50.41 -8.84
CA LEU A 1145 82.64 -51.48 -9.80
C LEU A 1145 84.03 -51.38 -10.43
N ASP A 1146 84.56 -50.17 -10.61
CA ASP A 1146 85.91 -50.04 -11.16
C ASP A 1146 86.93 -50.41 -10.08
N SER A 1147 87.85 -51.30 -10.44
CA SER A 1147 88.89 -51.83 -9.56
C SER A 1147 88.32 -52.42 -8.27
N GLN B 14 -17.78 49.86 -37.71
CA GLN B 14 -18.53 49.45 -38.90
C GLN B 14 -17.65 48.65 -39.84
N CYS B 15 -18.19 47.60 -40.43
CA CYS B 15 -17.45 46.61 -41.18
C CYS B 15 -17.48 46.93 -42.67
N VAL B 16 -16.49 46.39 -43.38
CA VAL B 16 -16.30 46.65 -44.81
C VAL B 16 -16.20 45.31 -45.52
N ASN B 17 -16.96 45.18 -46.61
CA ASN B 17 -17.03 43.89 -47.33
C ASN B 17 -15.84 43.73 -48.26
N LEU B 18 -15.07 42.67 -48.07
CA LEU B 18 -13.99 42.35 -48.98
C LEU B 18 -14.45 41.32 -50.01
N THR B 19 -13.50 40.87 -50.84
CA THR B 19 -13.86 39.95 -51.92
C THR B 19 -14.00 38.53 -51.40
N THR B 20 -14.46 37.65 -52.29
CA THR B 20 -14.65 36.24 -51.94
C THR B 20 -13.30 35.56 -51.78
N ARG B 21 -13.15 34.72 -50.73
CA ARG B 21 -11.83 34.11 -50.41
C ARG B 21 -11.41 33.08 -51.46
N THR B 22 -12.35 32.51 -52.21
CA THR B 22 -12.16 31.56 -53.31
C THR B 22 -11.56 30.22 -52.89
N GLN B 23 -11.35 29.97 -51.59
CA GLN B 23 -10.95 28.68 -51.02
C GLN B 23 -9.63 28.19 -51.63
N LEU B 24 -8.57 28.90 -51.25
CA LEU B 24 -7.22 28.54 -51.65
C LEU B 24 -6.86 27.14 -51.13
N PRO B 25 -6.18 26.33 -51.94
CA PRO B 25 -5.80 24.97 -51.49
C PRO B 25 -4.84 25.01 -50.33
N PRO B 26 -4.87 24.01 -49.45
CA PRO B 26 -4.02 24.03 -48.26
C PRO B 26 -2.55 23.83 -48.61
N ALA B 27 -1.68 24.42 -47.79
CA ALA B 27 -0.23 24.25 -47.91
C ALA B 27 0.34 23.99 -46.53
N TYR B 28 1.25 23.03 -46.45
CA TYR B 28 1.79 22.57 -45.17
C TYR B 28 3.27 22.86 -45.09
N THR B 29 3.77 22.85 -43.86
CA THR B 29 5.20 23.03 -43.60
C THR B 29 5.53 22.33 -42.30
N ASN B 30 6.83 22.15 -42.05
CA ASN B 30 7.33 21.34 -40.96
C ASN B 30 7.66 22.22 -39.76
N SER B 31 7.23 21.78 -38.58
CA SER B 31 7.51 22.49 -37.32
C SER B 31 8.51 21.66 -36.51
N PHE B 32 9.78 21.97 -36.69
CA PHE B 32 10.86 21.19 -36.08
C PHE B 32 10.95 21.53 -34.59
N THR B 33 10.27 20.73 -33.76
CA THR B 33 10.33 20.82 -32.30
C THR B 33 9.97 22.21 -31.78
N ARG B 34 8.86 22.77 -32.25
CA ARG B 34 8.40 24.08 -31.77
C ARG B 34 7.05 23.95 -31.12
N GLY B 35 6.67 24.83 -30.22
CA GLY B 35 5.40 24.85 -29.51
C GLY B 35 5.46 24.37 -28.08
N VAL B 36 6.65 24.08 -27.54
CA VAL B 36 6.76 23.60 -26.17
C VAL B 36 6.68 24.78 -25.22
N TYR B 37 5.79 24.69 -24.23
CA TYR B 37 5.60 25.73 -23.25
C TYR B 37 5.90 25.21 -21.86
N TYR B 38 6.02 26.13 -20.90
CA TYR B 38 6.20 25.74 -19.51
C TYR B 38 4.88 25.24 -18.95
N PRO B 39 4.82 23.99 -18.47
CA PRO B 39 3.54 23.48 -17.95
C PRO B 39 3.21 23.99 -16.57
N ASP B 40 4.22 24.29 -15.74
CA ASP B 40 3.94 24.67 -14.33
C ASP B 40 4.72 25.91 -13.92
N LYS B 41 4.41 26.48 -12.74
CA LYS B 41 5.06 27.72 -12.28
C LYS B 41 6.02 27.40 -11.12
N VAL B 42 6.49 26.16 -11.03
CA VAL B 42 7.48 25.78 -9.97
C VAL B 42 8.87 25.78 -10.58
N PHE B 43 9.77 26.60 -10.04
CA PHE B 43 11.15 26.69 -10.56
C PHE B 43 11.82 25.34 -10.46
N ARG B 44 12.23 24.79 -11.60
CA ARG B 44 12.94 23.52 -11.60
C ARG B 44 14.31 23.70 -12.24
N SER B 45 15.34 23.17 -11.59
CA SER B 45 16.72 23.37 -12.03
C SER B 45 17.40 22.02 -12.16
N SER B 46 18.00 21.78 -13.33
CA SER B 46 18.84 20.61 -13.62
C SER B 46 18.10 19.30 -13.37
N VAL B 47 16.83 19.25 -13.78
CA VAL B 47 16.01 18.06 -13.62
C VAL B 47 15.25 17.83 -14.93
N LEU B 48 14.93 16.54 -15.16
CA LEU B 48 14.15 16.08 -16.35
C LEU B 48 12.75 15.73 -15.88
N HIS B 49 11.73 16.53 -16.23
CA HIS B 49 10.38 16.36 -15.72
C HIS B 49 9.48 15.85 -16.84
N SER B 50 8.68 14.83 -16.53
CA SER B 50 7.76 14.26 -17.50
C SER B 50 6.35 14.76 -17.22
N THR B 51 5.76 15.41 -18.22
CA THR B 51 4.41 15.96 -18.12
C THR B 51 3.55 15.40 -19.23
N GLN B 52 2.32 15.02 -18.89
CA GLN B 52 1.35 14.61 -19.92
C GLN B 52 0.39 15.78 -20.04
N ASP B 53 0.33 16.45 -21.19
CA ASP B 53 -0.52 17.61 -21.42
C ASP B 53 -0.75 17.73 -22.92
N LEU B 54 -1.37 18.84 -23.32
CA LEU B 54 -1.66 19.12 -24.72
C LEU B 54 -0.46 19.84 -25.32
N PHE B 55 0.30 19.14 -26.15
CA PHE B 55 1.46 19.69 -26.82
C PHE B 55 1.33 19.49 -28.33
N LEU B 56 1.95 20.38 -29.08
CA LEU B 56 2.05 20.19 -30.52
C LEU B 56 3.01 19.04 -30.80
N PRO B 57 2.60 18.01 -31.56
CA PRO B 57 3.51 16.90 -31.86
C PRO B 57 4.73 17.34 -32.65
N PHE B 58 5.88 16.74 -32.36
CA PHE B 58 7.11 17.13 -33.02
C PHE B 58 7.08 16.74 -34.50
N PHE B 59 7.65 17.61 -35.33
CA PHE B 59 7.75 17.41 -36.78
C PHE B 59 6.38 17.22 -37.42
N SER B 60 5.39 17.99 -36.97
CA SER B 60 4.04 17.89 -37.47
C SER B 60 3.86 18.76 -38.72
N ASN B 61 2.77 18.50 -39.43
CA ASN B 61 2.44 19.31 -40.61
C ASN B 61 1.60 20.47 -40.05
N VAL B 62 2.02 21.72 -40.18
CA VAL B 62 1.24 22.89 -39.71
C VAL B 62 0.77 23.61 -40.95
N THR B 63 -0.34 24.30 -40.84
CA THR B 63 -0.95 24.90 -42.03
C THR B 63 -0.46 26.33 -42.15
N TRP B 64 0.19 26.70 -43.26
CA TRP B 64 0.80 28.05 -43.36
C TRP B 64 0.01 28.86 -44.34
N PHE B 65 -0.30 30.07 -43.95
CA PHE B 65 -1.09 30.94 -44.80
C PHE B 65 -0.36 32.27 -44.87
N HIS B 66 -0.12 32.80 -46.06
CA HIS B 66 0.44 34.16 -46.16
C HIS B 66 -0.67 35.12 -45.75
N ALA B 67 -0.30 36.21 -45.11
CA ALA B 67 -1.26 37.22 -44.73
C ALA B 67 -1.86 37.87 -45.96
N ILE B 68 -1.07 38.17 -46.97
CA ILE B 68 -1.65 38.72 -48.21
C ILE B 68 -1.28 37.78 -49.34
N HIS B 69 -2.22 37.18 -50.04
CA HIS B 69 -1.81 36.33 -51.19
C HIS B 69 -2.08 37.04 -52.50
N VAL B 70 -1.09 37.07 -53.37
CA VAL B 70 -1.25 37.61 -54.75
C VAL B 70 -1.21 36.42 -55.71
N SER B 71 -2.37 35.82 -55.98
CA SER B 71 -2.50 34.60 -56.77
C SER B 71 -3.19 34.79 -58.11
N GLY B 72 -3.91 35.90 -58.31
CA GLY B 72 -4.62 36.10 -59.56
C GLY B 72 -3.69 36.41 -60.70
N THR B 73 -4.19 36.17 -61.92
CA THR B 73 -3.44 36.52 -63.13
C THR B 73 -3.30 38.02 -63.28
N ASN B 74 -4.35 38.78 -62.94
CA ASN B 74 -4.28 40.24 -62.98
C ASN B 74 -3.30 40.77 -61.93
N GLY B 75 -3.26 40.14 -60.76
CA GLY B 75 -2.45 40.61 -59.65
C GLY B 75 -3.23 41.04 -58.43
N THR B 76 -4.37 40.41 -58.16
CA THR B 76 -5.23 40.73 -56.99
C THR B 76 -4.47 40.46 -55.70
N LYS B 77 -4.55 41.34 -54.70
CA LYS B 77 -3.95 41.07 -53.38
C LYS B 77 -5.11 40.91 -52.41
N ARG B 78 -5.27 39.77 -51.77
CA ARG B 78 -6.39 39.65 -50.81
C ARG B 78 -5.91 38.89 -49.59
N PHE B 79 -6.30 39.39 -48.41
CA PHE B 79 -5.89 38.74 -47.15
C PHE B 79 -6.34 37.29 -47.11
N ASP B 80 -5.49 36.40 -46.63
CA ASP B 80 -5.96 35.01 -46.43
C ASP B 80 -6.38 34.95 -44.97
N ASN B 81 -7.65 35.26 -44.65
CA ASN B 81 -8.05 35.30 -43.24
C ASN B 81 -9.07 34.20 -43.06
N PRO B 82 -8.76 32.91 -43.16
CA PRO B 82 -9.77 31.94 -43.08
C PRO B 82 -10.21 31.74 -41.65
N VAL B 83 -11.45 31.36 -41.42
CA VAL B 83 -11.83 30.95 -40.04
C VAL B 83 -11.35 29.51 -39.97
N LEU B 84 -10.49 29.17 -39.02
CA LEU B 84 -9.90 27.83 -38.90
C LEU B 84 -10.38 27.18 -37.59
N PRO B 85 -10.49 25.85 -37.41
CA PRO B 85 -10.99 25.18 -36.21
C PRO B 85 -10.05 25.37 -35.02
N PHE B 86 -10.59 25.09 -33.83
CA PHE B 86 -9.85 25.18 -32.57
C PHE B 86 -10.04 23.83 -31.87
N ASN B 87 -9.17 22.88 -32.20
CA ASN B 87 -9.30 21.51 -31.71
C ASN B 87 -8.32 21.31 -30.56
N ASP B 88 -8.82 21.49 -29.32
CA ASP B 88 -8.10 21.21 -28.08
C ASP B 88 -6.81 22.04 -27.97
N GLY B 89 -6.82 23.22 -28.53
CA GLY B 89 -5.66 24.09 -28.49
C GLY B 89 -5.07 24.31 -29.87
N VAL B 90 -4.31 25.41 -30.01
CA VAL B 90 -3.67 25.82 -31.29
C VAL B 90 -2.34 26.45 -31.01
N TYR B 91 -1.33 26.30 -31.89
CA TYR B 91 -0.04 27.01 -31.83
C TYR B 91 -0.07 27.98 -32.98
N PHE B 92 -0.05 29.27 -32.74
CA PHE B 92 -0.05 30.28 -33.80
C PHE B 92 1.31 30.91 -33.85
N ALA B 93 2.05 30.65 -34.91
CA ALA B 93 3.36 31.20 -35.16
C ALA B 93 3.28 32.15 -36.34
N SER B 94 3.94 33.31 -36.23
CA SER B 94 3.90 34.33 -37.27
C SER B 94 5.31 34.85 -37.53
N THR B 95 5.67 34.96 -38.80
CA THR B 95 6.94 35.55 -39.23
C THR B 95 6.60 36.79 -40.06
N GLU B 96 6.69 37.96 -39.44
CA GLU B 96 6.32 39.21 -40.09
C GLU B 96 7.35 40.28 -39.74
N LYS B 97 7.32 41.37 -40.50
CA LYS B 97 8.23 42.48 -40.30
C LYS B 97 7.55 43.83 -40.25
N SER B 98 6.21 43.90 -40.32
CA SER B 98 5.55 45.19 -40.42
C SER B 98 4.26 45.29 -39.61
N ASN B 99 4.06 44.42 -38.60
CA ASN B 99 2.91 44.45 -37.69
C ASN B 99 1.58 44.36 -38.44
N ILE B 100 1.52 43.49 -39.45
CA ILE B 100 0.29 43.37 -40.22
C ILE B 100 -0.67 42.38 -39.58
N ILE B 101 -0.18 41.54 -38.67
CA ILE B 101 -1.04 40.68 -37.87
C ILE B 101 -1.30 41.37 -36.54
N ARG B 102 -2.56 41.48 -36.14
CA ARG B 102 -2.94 42.28 -34.98
C ARG B 102 -3.64 41.50 -33.87
N GLY B 103 -4.18 40.34 -34.14
CA GLY B 103 -4.86 39.59 -33.09
C GLY B 103 -5.77 38.53 -33.68
N TRP B 104 -6.62 37.99 -32.81
CA TRP B 104 -7.47 36.86 -33.15
C TRP B 104 -8.84 37.05 -32.54
N ILE B 105 -9.81 36.25 -33.02
CA ILE B 105 -11.13 36.15 -32.43
C ILE B 105 -11.43 34.68 -32.21
N PHE B 106 -12.04 34.35 -31.08
CA PHE B 106 -12.34 32.97 -30.71
C PHE B 106 -13.81 32.83 -30.38
N GLY B 107 -14.43 31.75 -30.86
CA GLY B 107 -15.83 31.52 -30.58
C GLY B 107 -16.32 30.26 -31.26
N THR B 108 -17.62 30.02 -31.13
CA THR B 108 -18.24 28.88 -31.79
C THR B 108 -18.99 29.30 -33.04
N THR B 109 -19.96 30.21 -32.89
CA THR B 109 -20.71 30.67 -34.04
C THR B 109 -20.18 31.99 -34.58
N LEU B 110 -19.43 32.72 -33.74
CA LEU B 110 -18.83 34.02 -34.08
C LEU B 110 -19.88 35.03 -34.53
N ASP B 111 -21.04 34.99 -33.88
CA ASP B 111 -22.11 35.95 -34.14
C ASP B 111 -22.77 36.32 -32.81
N SER B 112 -23.92 36.99 -32.90
CA SER B 112 -24.56 37.54 -31.71
C SER B 112 -25.23 36.48 -30.85
N LYS B 113 -25.37 35.24 -31.35
CA LYS B 113 -26.05 34.21 -30.58
C LYS B 113 -25.20 33.72 -29.41
N THR B 114 -23.91 33.52 -29.63
CA THR B 114 -23.01 32.99 -28.60
C THR B 114 -21.92 34.01 -28.29
N GLN B 115 -21.34 33.88 -27.11
CA GLN B 115 -20.26 34.75 -26.69
C GLN B 115 -18.98 34.44 -27.45
N SER B 116 -18.15 35.45 -27.63
CA SER B 116 -16.90 35.32 -28.37
C SER B 116 -15.82 36.13 -27.67
N LEU B 117 -14.56 35.76 -27.94
CA LEU B 117 -13.41 36.40 -27.32
C LEU B 117 -12.67 37.24 -28.36
N LEU B 118 -12.36 38.47 -28.01
CA LEU B 118 -11.66 39.42 -28.87
C LEU B 118 -10.28 39.69 -28.30
N ILE B 119 -9.24 39.44 -29.10
CA ILE B 119 -7.89 39.85 -28.78
C ILE B 119 -7.39 40.70 -29.94
N VAL B 120 -7.01 41.95 -29.65
CA VAL B 120 -6.56 42.90 -30.66
C VAL B 120 -5.42 43.72 -30.07
N ASN B 121 -4.42 44.03 -30.89
CA ASN B 121 -3.23 44.73 -30.45
C ASN B 121 -3.04 45.98 -31.29
N ASN B 122 -3.26 47.15 -30.69
CA ASN B 122 -2.85 48.39 -31.34
C ASN B 122 -1.51 48.82 -30.77
N ALA B 123 -1.11 50.06 -31.07
CA ALA B 123 0.27 50.47 -30.83
C ALA B 123 0.58 50.64 -29.34
N THR B 124 -0.44 50.85 -28.52
CA THR B 124 -0.20 51.19 -27.12
C THR B 124 -0.47 50.04 -26.14
N ASN B 125 -1.51 49.25 -26.34
CA ASN B 125 -1.88 48.25 -25.34
C ASN B 125 -2.66 47.12 -26.00
N VAL B 126 -3.14 46.20 -25.15
CA VAL B 126 -3.93 45.04 -25.57
C VAL B 126 -5.36 45.30 -25.16
N VAL B 127 -6.31 44.90 -26.00
CA VAL B 127 -7.72 44.93 -25.66
C VAL B 127 -8.24 43.50 -25.71
N ILE B 128 -8.61 42.96 -24.55
CA ILE B 128 -9.19 41.63 -24.46
C ILE B 128 -10.62 41.78 -23.96
N LYS B 129 -11.58 41.41 -24.80
CA LYS B 129 -12.99 41.60 -24.44
C LYS B 129 -13.76 40.32 -24.74
N VAL B 130 -14.64 39.88 -23.87
CA VAL B 130 -15.57 38.77 -24.08
C VAL B 130 -16.97 39.35 -24.09
N CYS B 131 -17.57 39.40 -25.26
CA CYS B 131 -18.91 39.95 -25.43
C CYS B 131 -19.67 39.05 -26.39
N GLU B 132 -20.85 39.49 -26.81
CA GLU B 132 -21.57 38.84 -27.91
C GLU B 132 -21.40 39.71 -29.15
N PHE B 133 -20.27 39.55 -29.82
CA PHE B 133 -19.93 40.35 -30.99
C PHE B 133 -20.65 39.81 -32.22
N GLN B 134 -21.17 40.72 -33.04
CA GLN B 134 -21.65 40.38 -34.36
C GLN B 134 -20.51 40.62 -35.34
N PHE B 135 -19.66 39.61 -35.49
CA PHE B 135 -18.51 39.72 -36.38
C PHE B 135 -18.97 39.69 -37.82
N CYS B 136 -18.32 40.52 -38.64
CA CYS B 136 -18.54 40.47 -40.07
C CYS B 136 -17.72 39.35 -40.70
N ASN B 137 -17.89 39.18 -42.01
CA ASN B 137 -17.26 38.06 -42.70
C ASN B 137 -15.74 38.23 -42.77
N ASP B 138 -15.28 39.48 -42.87
CA ASP B 138 -13.85 39.75 -43.01
C ASP B 138 -13.40 40.78 -41.98
N PRO B 139 -13.08 40.38 -40.75
CA PRO B 139 -12.61 41.36 -39.76
C PRO B 139 -11.18 41.79 -40.01
N PHE B 140 -10.93 43.10 -39.93
CA PHE B 140 -9.60 43.64 -40.13
C PHE B 140 -9.50 44.99 -39.43
N LEU B 141 -8.27 45.48 -39.31
CA LEU B 141 -7.99 46.80 -38.77
C LEU B 141 -7.41 47.67 -39.87
N GLY B 142 -8.03 48.82 -40.11
CA GLY B 142 -7.46 49.78 -41.05
C GLY B 142 -6.36 50.58 -40.39
N VAL B 143 -5.19 50.60 -41.04
CA VAL B 143 -4.00 51.22 -40.49
C VAL B 143 -3.54 52.32 -41.44
N TYR B 144 -3.42 53.53 -40.91
CA TYR B 144 -2.92 54.67 -41.68
C TYR B 144 -1.94 55.45 -40.84
N TYR B 145 -0.81 55.80 -41.44
CA TYR B 145 0.22 56.58 -40.71
C TYR B 145 -0.23 58.04 -40.73
N HIS B 146 0.23 58.81 -39.77
CA HIS B 146 -0.08 60.22 -39.69
C HIS B 146 0.79 61.01 -40.67
N LYS B 147 0.46 62.30 -40.86
CA LYS B 147 1.15 63.05 -41.94
C LYS B 147 2.59 63.45 -41.62
N ASN B 148 2.92 63.77 -40.36
CA ASN B 148 4.25 64.29 -40.08
C ASN B 148 5.13 63.34 -39.28
N ASN B 149 4.55 62.46 -38.46
CA ASN B 149 5.37 61.69 -37.55
C ASN B 149 5.80 60.34 -38.14
N LYS B 150 4.80 59.48 -38.38
CA LYS B 150 5.09 58.13 -38.93
C LYS B 150 5.79 57.27 -37.88
N SER B 151 5.81 57.69 -36.62
CA SER B 151 6.40 56.84 -35.58
C SER B 151 5.39 55.82 -35.08
N TRP B 152 4.10 56.16 -35.02
CA TRP B 152 3.06 55.16 -34.68
C TRP B 152 2.04 55.02 -35.82
N MET B 153 1.12 54.05 -35.73
CA MET B 153 0.13 53.83 -36.82
C MET B 153 -1.28 53.92 -36.23
N GLU B 154 -2.12 54.88 -36.63
CA GLU B 154 -3.44 54.92 -35.99
C GLU B 154 -4.23 53.74 -36.50
N SER B 155 -5.06 53.13 -35.69
CA SER B 155 -5.85 51.96 -36.10
C SER B 155 -7.34 52.23 -36.11
N GLU B 156 -8.03 51.83 -37.18
CA GLU B 156 -9.50 51.95 -37.22
C GLU B 156 -10.03 50.56 -37.08
N PHE B 157 -10.91 50.35 -36.11
CA PHE B 157 -11.39 48.98 -35.86
C PHE B 157 -12.60 48.68 -36.70
N ARG B 158 -12.48 47.70 -37.54
CA ARG B 158 -13.53 47.19 -38.42
C ARG B 158 -13.84 45.72 -38.15
N VAL B 159 -13.87 45.33 -36.87
CA VAL B 159 -13.94 43.91 -36.54
C VAL B 159 -15.39 43.44 -36.42
N TYR B 160 -16.20 44.15 -35.64
CA TYR B 160 -17.55 43.69 -35.35
C TYR B 160 -18.54 44.81 -35.61
N SER B 161 -19.76 44.41 -36.00
CA SER B 161 -20.83 45.39 -36.20
C SER B 161 -21.34 45.92 -34.87
N SER B 162 -21.56 45.03 -33.89
CA SER B 162 -22.08 45.43 -32.60
C SER B 162 -21.53 44.50 -31.53
N ALA B 163 -21.49 45.00 -30.30
CA ALA B 163 -21.02 44.22 -29.16
C ALA B 163 -22.00 44.38 -28.01
N ASN B 164 -22.42 43.27 -27.41
CA ASN B 164 -23.40 43.32 -26.30
C ASN B 164 -23.03 42.30 -25.21
N ASN B 165 -23.64 42.40 -24.03
CA ASN B 165 -23.41 41.40 -22.95
C ASN B 165 -21.91 41.17 -22.72
N CYS B 166 -21.15 42.24 -22.49
CA CYS B 166 -19.69 42.10 -22.16
C CYS B 166 -19.50 41.63 -20.72
N THR B 167 -18.73 40.56 -20.50
CA THR B 167 -18.49 40.01 -19.18
C THR B 167 -17.01 39.97 -18.81
N PHE B 168 -16.13 40.55 -19.64
CA PHE B 168 -14.71 40.52 -19.35
C PHE B 168 -14.04 41.70 -20.03
N GLU B 169 -12.99 42.23 -19.39
CA GLU B 169 -12.24 43.36 -19.89
C GLU B 169 -10.82 43.29 -19.32
N TYR B 170 -9.83 43.41 -20.20
CA TYR B 170 -8.43 43.25 -19.80
C TYR B 170 -7.53 44.08 -20.71
N VAL B 171 -6.70 44.93 -20.12
CA VAL B 171 -5.72 45.73 -20.85
C VAL B 171 -4.36 45.59 -20.17
N SER B 172 -3.31 45.49 -20.97
CA SER B 172 -1.94 45.40 -20.48
C SER B 172 -0.99 45.85 -21.59
N GLN B 173 0.30 45.56 -21.41
CA GLN B 173 1.31 45.96 -22.42
C GLN B 173 1.12 45.12 -23.67
N PRO B 174 1.43 45.59 -24.90
CA PRO B 174 1.14 44.84 -26.11
C PRO B 174 1.71 43.42 -26.25
N PHE B 175 0.91 42.46 -26.71
CA PHE B 175 1.39 41.09 -26.97
C PHE B 175 2.38 41.16 -28.13
N LEU B 176 2.08 41.97 -29.15
CA LEU B 176 2.95 42.04 -30.35
C LEU B 176 3.79 43.32 -30.32
N MET B 177 5.12 43.20 -30.33
CA MET B 177 6.03 44.36 -30.23
C MET B 177 6.06 45.16 -31.53
N ASP B 178 6.52 46.42 -31.47
CA ASP B 178 6.56 47.30 -32.68
C ASP B 178 7.63 46.78 -33.64
N LEU B 179 7.25 46.48 -34.88
CA LEU B 179 8.21 45.92 -35.87
C LEU B 179 8.66 47.00 -36.85
N GLU B 180 8.37 48.27 -36.56
CA GLU B 180 8.87 49.35 -37.44
C GLU B 180 10.32 49.68 -37.06
N GLY B 184 16.09 45.55 -44.68
CA GLY B 184 14.79 45.39 -44.03
C GLY B 184 14.35 43.94 -43.94
N ASN B 185 15.32 43.04 -43.76
CA ASN B 185 15.06 41.61 -43.66
C ASN B 185 15.00 41.14 -42.20
N PHE B 186 14.57 42.02 -41.29
CA PHE B 186 14.53 41.70 -39.86
C PHE B 186 13.17 41.09 -39.50
N LYS B 187 12.92 39.91 -40.08
CA LYS B 187 11.67 39.18 -39.73
C LYS B 187 11.79 38.72 -38.28
N ASN B 188 10.67 38.44 -37.63
CA ASN B 188 10.70 37.95 -36.23
C ASN B 188 9.79 36.73 -36.13
N LEU B 189 10.07 35.80 -35.22
CA LEU B 189 9.11 34.68 -35.03
C LEU B 189 8.39 34.94 -33.72
N ARG B 190 7.08 35.14 -33.77
CA ARG B 190 6.30 35.30 -32.52
C ARG B 190 5.45 34.06 -32.41
N GLU B 191 5.49 33.38 -31.28
CA GLU B 191 4.77 32.10 -31.18
C GLU B 191 3.88 32.14 -29.96
N PHE B 192 2.68 31.60 -30.10
CA PHE B 192 1.71 31.59 -29.00
C PHE B 192 0.97 30.28 -29.00
N VAL B 193 0.74 29.69 -27.85
CA VAL B 193 -0.10 28.46 -27.76
C VAL B 193 -1.31 28.91 -26.97
N PHE B 194 -2.50 28.66 -27.49
CA PHE B 194 -3.76 29.06 -26.84
C PHE B 194 -4.47 27.81 -26.38
N LYS B 195 -4.91 27.76 -25.12
CA LYS B 195 -5.61 26.62 -24.55
C LYS B 195 -6.85 27.10 -23.80
N ASN B 196 -7.94 26.35 -23.91
CA ASN B 196 -9.18 26.65 -23.21
C ASN B 196 -9.54 25.43 -22.35
N ILE B 197 -9.03 25.41 -21.13
CA ILE B 197 -9.21 24.27 -20.23
C ILE B 197 -9.84 24.77 -18.94
N ASP B 198 -10.97 24.15 -18.56
CA ASP B 198 -11.67 24.40 -17.30
C ASP B 198 -12.08 25.86 -17.15
N GLY B 199 -12.51 26.48 -18.25
CA GLY B 199 -12.97 27.85 -18.22
C GLY B 199 -11.88 28.89 -18.19
N TYR B 200 -10.63 28.50 -18.27
CA TYR B 200 -9.62 29.54 -18.38
C TYR B 200 -8.98 29.49 -19.75
N PHE B 201 -8.83 30.61 -20.47
CA PHE B 201 -8.09 30.64 -21.75
C PHE B 201 -6.66 30.93 -21.39
N LYS B 202 -5.73 30.01 -21.62
CA LYS B 202 -4.34 30.22 -21.19
C LYS B 202 -3.51 30.56 -22.41
N ILE B 203 -2.71 31.62 -22.36
CA ILE B 203 -1.92 32.05 -23.54
C ILE B 203 -0.46 31.91 -23.18
N TYR B 204 0.39 31.35 -24.03
CA TYR B 204 1.82 31.16 -23.70
C TYR B 204 2.61 31.66 -24.89
N SER B 205 3.63 32.48 -24.68
CA SER B 205 4.32 33.05 -25.85
C SER B 205 5.81 33.23 -25.71
N LYS B 206 6.52 33.27 -26.83
CA LYS B 206 7.98 33.60 -26.82
C LYS B 206 8.25 34.47 -28.06
N HIS B 207 9.13 35.47 -27.95
CA HIS B 207 9.49 36.31 -29.12
C HIS B 207 10.97 36.13 -29.43
N THR B 208 11.31 35.72 -30.66
CA THR B 208 12.72 35.50 -31.05
C THR B 208 13.00 36.13 -32.41
N PRO B 209 14.03 36.98 -32.57
CA PRO B 209 14.42 37.49 -33.90
C PRO B 209 14.96 36.36 -34.78
N ILE B 210 14.54 36.26 -36.03
CA ILE B 210 14.95 35.14 -36.93
C ILE B 210 15.77 35.77 -38.04
N ASN B 211 16.35 34.96 -38.93
CA ASN B 211 17.24 35.50 -39.96
C ASN B 211 17.40 34.52 -41.11
N LEU B 212 16.94 34.93 -42.30
CA LEU B 212 17.09 34.22 -43.57
C LEU B 212 16.44 32.85 -43.59
N VAL B 213 15.55 32.55 -42.65
CA VAL B 213 14.79 31.30 -42.64
C VAL B 213 13.35 31.65 -42.96
N ARG B 214 12.93 31.31 -44.18
CA ARG B 214 11.55 31.65 -44.65
C ARG B 214 10.52 30.91 -43.82
N ASP B 215 10.71 29.61 -43.63
CA ASP B 215 9.77 28.77 -42.90
C ASP B 215 10.09 28.82 -41.40
N LEU B 216 9.50 27.91 -40.65
CA LEU B 216 9.77 27.83 -39.22
C LEU B 216 11.20 27.37 -38.99
N PRO B 217 11.91 27.98 -38.04
CA PRO B 217 13.32 27.63 -37.85
C PRO B 217 13.49 26.33 -37.08
N GLN B 218 14.66 25.71 -37.25
CA GLN B 218 15.02 24.52 -36.51
C GLN B 218 15.76 24.94 -35.24
N GLY B 219 15.28 24.45 -34.11
CA GLY B 219 15.80 24.87 -32.82
C GLY B 219 14.74 24.68 -31.76
N PHE B 220 15.09 25.11 -30.55
CA PHE B 220 14.21 24.93 -29.40
C PHE B 220 14.10 26.26 -28.65
N SER B 221 12.89 26.81 -28.59
CA SER B 221 12.57 27.93 -27.73
C SER B 221 11.33 27.59 -26.92
N ALA B 222 11.42 27.75 -25.61
CA ALA B 222 10.35 27.40 -24.70
C ALA B 222 9.43 28.60 -24.50
N LEU B 223 8.12 28.34 -24.50
CA LEU B 223 7.14 29.42 -24.44
C LEU B 223 6.79 29.73 -22.99
N GLU B 224 7.11 30.94 -22.56
CA GLU B 224 6.84 31.31 -21.17
C GLU B 224 5.37 31.70 -21.04
N PRO B 225 4.70 31.48 -19.89
CA PRO B 225 3.30 31.86 -19.69
C PRO B 225 3.10 33.37 -19.82
N LEU B 226 1.95 33.76 -20.35
CA LEU B 226 1.62 35.16 -20.54
C LEU B 226 0.46 35.62 -19.67
N VAL B 227 -0.69 34.97 -19.77
CA VAL B 227 -1.87 35.35 -18.99
C VAL B 227 -2.80 34.15 -18.92
N ASP B 228 -3.57 34.06 -17.85
CA ASP B 228 -4.63 33.07 -17.68
C ASP B 228 -5.95 33.82 -17.57
N LEU B 229 -6.78 33.73 -18.59
CA LEU B 229 -7.98 34.54 -18.66
C LEU B 229 -9.20 33.74 -18.23
N PRO B 230 -9.90 34.15 -17.17
CA PRO B 230 -11.13 33.45 -16.76
C PRO B 230 -12.33 33.81 -17.64
N ILE B 231 -12.23 33.46 -18.92
CA ILE B 231 -13.27 33.86 -19.88
C ILE B 231 -14.53 33.01 -19.69
N GLY B 232 -14.37 31.73 -19.42
CA GLY B 232 -15.50 30.85 -19.15
C GLY B 232 -16.45 30.66 -20.31
N ILE B 233 -15.94 30.64 -21.55
CA ILE B 233 -16.78 30.47 -22.73
C ILE B 233 -16.32 29.22 -23.48
N ASN B 234 -17.15 28.82 -24.44
CA ASN B 234 -16.91 27.65 -25.28
C ASN B 234 -16.30 28.14 -26.59
N ILE B 235 -15.18 27.54 -26.99
CA ILE B 235 -14.42 27.95 -28.17
C ILE B 235 -14.26 26.76 -29.10
N THR B 236 -14.66 26.93 -30.36
CA THR B 236 -14.57 25.89 -31.37
C THR B 236 -13.86 26.34 -32.64
N ARG B 237 -13.98 27.61 -33.03
CA ARG B 237 -13.35 28.12 -34.23
C ARG B 237 -12.60 29.40 -33.88
N PHE B 238 -11.62 29.74 -34.71
CA PHE B 238 -10.91 31.01 -34.54
C PHE B 238 -10.54 31.58 -35.89
N GLN B 239 -10.31 32.90 -35.91
CA GLN B 239 -9.90 33.65 -37.08
C GLN B 239 -8.75 34.57 -36.72
N THR B 240 -8.07 35.09 -37.73
CA THR B 240 -6.90 35.95 -37.53
C THR B 240 -7.22 37.35 -38.03
N LEU B 241 -6.92 38.34 -37.20
CA LEU B 241 -7.13 39.74 -37.57
C LEU B 241 -5.89 40.29 -38.25
N LEU B 242 -6.07 40.94 -39.40
CA LEU B 242 -4.96 41.46 -40.17
C LEU B 242 -5.12 42.97 -40.35
N ALA B 243 -4.00 43.63 -40.59
CA ALA B 243 -3.97 45.08 -40.77
C ALA B 243 -3.98 45.40 -42.26
N LEU B 244 -4.87 46.28 -42.67
CA LEU B 244 -5.05 46.67 -44.07
C LEU B 244 -4.38 48.02 -44.29
N HIS B 245 -3.13 48.01 -44.73
CA HIS B 245 -2.43 49.26 -45.01
C HIS B 245 -2.92 49.88 -46.30
N ARG B 246 -3.33 49.05 -47.26
CA ARG B 246 -3.86 49.56 -48.56
C ARG B 246 -5.30 50.06 -48.38
N SER B 247 -5.91 50.58 -49.45
CA SER B 247 -7.29 51.14 -49.37
C SER B 247 -8.28 50.22 -50.08
N TYR B 248 -9.45 49.98 -49.48
CA TYR B 248 -10.45 49.07 -50.09
C TYR B 248 -11.15 49.75 -51.28
N LEU B 249 -11.33 51.06 -51.34
CA LEU B 249 -11.94 51.89 -52.42
C LEU B 249 -10.99 51.97 -53.62
N THR B 250 -9.69 52.09 -53.37
CA THR B 250 -8.77 52.08 -54.51
C THR B 250 -7.70 50.99 -54.32
N PRO B 251 -7.86 49.75 -54.85
CA PRO B 251 -6.78 48.78 -54.73
C PRO B 251 -5.67 49.19 -55.72
N GLY B 252 -4.46 49.39 -55.20
CA GLY B 252 -3.35 49.77 -56.10
C GLY B 252 -3.04 48.69 -57.08
N ASP B 253 -2.41 49.05 -58.21
CA ASP B 253 -1.98 48.01 -59.17
C ASP B 253 -1.01 47.09 -58.41
N SER B 254 -0.07 47.67 -57.66
CA SER B 254 0.82 46.86 -56.79
C SER B 254 1.60 47.76 -55.84
N SER B 255 2.16 47.19 -54.77
CA SER B 255 3.07 47.90 -53.83
C SER B 255 2.30 48.77 -52.84
N SER B 256 0.97 48.88 -53.00
CA SER B 256 0.13 49.65 -52.05
C SER B 256 0.13 48.97 -50.68
N GLY B 257 0.04 47.64 -50.68
CA GLY B 257 0.07 46.85 -49.43
C GLY B 257 1.48 46.37 -49.13
N TRP B 258 1.62 45.41 -48.22
CA TRP B 258 3.00 45.04 -47.80
C TRP B 258 3.68 43.95 -48.64
N THR B 259 4.34 44.33 -49.73
CA THR B 259 5.20 43.39 -50.51
C THR B 259 4.60 42.04 -50.86
N ALA B 260 3.35 41.99 -51.34
CA ALA B 260 2.82 40.70 -51.86
C ALA B 260 2.95 39.58 -50.83
N GLY B 261 2.67 39.87 -49.57
CA GLY B 261 2.64 38.81 -48.54
C GLY B 261 3.91 38.02 -48.29
N ALA B 262 5.06 38.67 -48.15
CA ALA B 262 6.26 37.93 -47.70
C ALA B 262 5.91 37.46 -46.28
N ALA B 263 5.20 38.29 -45.51
CA ALA B 263 4.75 37.95 -44.13
C ALA B 263 3.77 36.78 -44.14
N ALA B 264 3.81 35.93 -43.10
CA ALA B 264 2.98 34.72 -43.12
C ALA B 264 2.71 34.26 -41.70
N TYR B 265 1.72 33.40 -41.52
CA TYR B 265 1.48 32.86 -40.19
C TYR B 265 1.23 31.36 -40.27
N TYR B 266 1.53 30.66 -39.18
CA TYR B 266 1.53 29.21 -39.12
C TYR B 266 0.58 28.76 -38.02
N VAL B 267 -0.24 27.75 -38.32
CA VAL B 267 -1.25 27.26 -37.39
C VAL B 267 -1.05 25.77 -37.18
N GLY B 268 -0.88 25.36 -35.93
CA GLY B 268 -0.80 23.96 -35.59
C GLY B 268 -1.70 23.64 -34.41
N TYR B 269 -2.16 22.39 -34.36
CA TYR B 269 -3.15 21.95 -33.38
C TYR B 269 -2.50 21.06 -32.33
N LEU B 270 -2.79 21.35 -31.07
CA LEU B 270 -2.25 20.55 -29.98
C LEU B 270 -2.95 19.20 -29.89
N GLN B 271 -2.22 18.20 -29.41
CA GLN B 271 -2.74 16.87 -29.19
C GLN B 271 -2.22 16.34 -27.86
N PRO B 272 -2.94 15.42 -27.22
CA PRO B 272 -2.47 14.86 -25.94
C PRO B 272 -1.20 14.02 -26.14
N ARG B 273 -0.10 14.51 -25.58
CA ARG B 273 1.19 13.85 -25.70
C ARG B 273 1.88 13.86 -24.34
N THR B 274 2.86 12.97 -24.19
CA THR B 274 3.71 12.93 -23.02
C THR B 274 5.10 13.40 -23.41
N PHE B 275 5.55 14.50 -22.78
CA PHE B 275 6.83 15.11 -23.11
C PHE B 275 7.77 15.00 -21.93
N LEU B 276 9.04 14.75 -22.21
CA LEU B 276 10.10 14.74 -21.21
C LEU B 276 10.88 16.04 -21.35
N LEU B 277 10.66 16.97 -20.41
CA LEU B 277 11.18 18.32 -20.50
C LEU B 277 12.49 18.42 -19.73
N LYS B 278 13.57 18.95 -20.27
CA LYS B 278 14.80 18.97 -19.46
C LYS B 278 15.06 20.38 -18.95
N TYR B 279 14.88 20.61 -17.66
CA TYR B 279 15.15 21.94 -17.04
C TYR B 279 16.65 22.02 -16.72
N ASN B 280 17.33 23.12 -17.08
CA ASN B 280 18.79 23.27 -16.86
C ASN B 280 19.06 23.93 -15.51
N GLU B 281 20.31 24.28 -15.22
CA GLU B 281 20.70 24.87 -13.90
C GLU B 281 20.00 26.20 -13.62
N ASN B 282 19.76 27.01 -14.65
CA ASN B 282 19.17 28.36 -14.45
C ASN B 282 17.65 28.23 -14.44
N GLY B 283 17.11 27.01 -14.52
CA GLY B 283 15.66 26.80 -14.45
C GLY B 283 14.94 26.81 -15.79
N THR B 284 15.65 26.74 -16.91
CA THR B 284 15.03 26.87 -18.25
C THR B 284 14.83 25.49 -18.90
N ILE B 285 13.74 25.29 -19.66
CA ILE B 285 13.54 24.00 -20.39
C ILE B 285 14.47 24.09 -21.59
N THR B 286 15.54 23.30 -21.59
CA THR B 286 16.56 23.40 -22.64
C THR B 286 16.40 22.33 -23.73
N ASP B 287 15.55 21.31 -23.54
CA ASP B 287 15.42 20.22 -24.54
C ASP B 287 14.18 19.39 -24.25
N ALA B 288 13.51 18.86 -25.28
CA ALA B 288 12.38 18.01 -24.94
C ALA B 288 12.37 16.79 -25.85
N VAL B 289 11.66 15.76 -25.41
CA VAL B 289 11.54 14.51 -26.15
C VAL B 289 10.06 14.18 -26.30
N ASP B 290 9.60 13.89 -27.51
CA ASP B 290 8.20 13.45 -27.73
C ASP B 290 8.23 11.94 -27.68
N CYS B 291 7.59 11.31 -26.70
CA CYS B 291 7.67 9.86 -26.50
C CYS B 291 6.99 9.11 -27.63
N ALA B 292 6.13 9.76 -28.35
CA ALA B 292 5.39 9.06 -29.42
C ALA B 292 6.09 9.21 -30.77
N LEU B 293 7.20 9.92 -30.87
CA LEU B 293 7.77 10.23 -32.20
C LEU B 293 8.44 9.00 -32.81
N ASP B 294 9.56 8.54 -32.26
CA ASP B 294 10.31 7.44 -32.90
C ASP B 294 10.60 6.39 -31.84
N PRO B 295 11.20 5.18 -31.85
CA PRO B 295 11.54 4.26 -30.75
C PRO B 295 12.69 4.72 -29.85
N LEU B 296 13.60 5.54 -30.38
CA LEU B 296 14.64 6.11 -29.53
C LEU B 296 14.05 7.00 -28.45
N SER B 297 13.05 7.81 -28.80
CA SER B 297 12.38 8.64 -27.81
C SER B 297 11.53 7.81 -26.86
N GLU B 298 10.95 6.70 -27.31
CA GLU B 298 10.25 5.81 -26.41
C GLU B 298 11.19 5.19 -25.39
N THR B 299 12.40 4.82 -25.82
CA THR B 299 13.42 4.33 -24.90
C THR B 299 13.84 5.43 -23.92
N LYS B 300 13.98 6.66 -24.42
CA LYS B 300 14.36 7.78 -23.56
C LYS B 300 13.29 8.05 -22.51
N CYS B 301 12.01 7.97 -22.89
CA CYS B 301 10.94 8.19 -21.93
C CYS B 301 10.80 7.04 -20.95
N THR B 302 11.08 5.81 -21.40
CA THR B 302 11.06 4.66 -20.49
C THR B 302 12.18 4.75 -19.46
N LEU B 303 13.37 5.17 -19.89
CA LEU B 303 14.51 5.26 -18.99
C LEU B 303 14.58 6.60 -18.26
N LYS B 304 13.75 7.57 -18.64
CA LYS B 304 13.73 8.93 -18.07
C LYS B 304 15.09 9.59 -18.16
N SER B 305 15.75 9.42 -19.31
CA SER B 305 17.06 10.01 -19.53
C SER B 305 17.23 10.28 -21.02
N PHE B 306 18.01 11.31 -21.34
CA PHE B 306 18.20 11.70 -22.76
C PHE B 306 19.37 10.93 -23.37
N THR B 307 20.16 10.22 -22.57
CA THR B 307 21.23 9.40 -23.09
C THR B 307 20.98 7.95 -22.70
N VAL B 308 20.94 7.07 -23.70
CA VAL B 308 20.77 5.65 -23.48
C VAL B 308 22.08 4.96 -23.83
N GLU B 309 22.32 3.81 -23.21
CA GLU B 309 23.55 3.08 -23.43
C GLU B 309 23.35 2.00 -24.48
N LYS B 310 24.43 1.28 -24.78
CA LYS B 310 24.37 0.20 -25.75
C LYS B 310 23.59 -0.99 -25.19
N GLY B 311 22.71 -1.54 -26.00
CA GLY B 311 22.01 -2.76 -25.62
C GLY B 311 20.56 -2.72 -26.06
N ILE B 312 19.80 -3.65 -25.49
CA ILE B 312 18.36 -3.78 -25.74
C ILE B 312 17.62 -3.16 -24.55
N TYR B 313 16.43 -2.63 -24.82
CA TYR B 313 15.61 -2.02 -23.79
C TYR B 313 14.14 -2.31 -24.07
N GLN B 314 13.43 -2.80 -23.05
CA GLN B 314 11.99 -2.99 -23.17
C GLN B 314 11.29 -1.68 -22.87
N THR B 315 10.43 -1.24 -23.80
CA THR B 315 9.81 0.07 -23.73
C THR B 315 8.31 -0.05 -23.55
N SER B 316 7.76 0.76 -22.65
CA SER B 316 6.32 0.83 -22.47
C SER B 316 5.67 1.60 -23.62
N ASN B 317 4.36 1.41 -23.77
CA ASN B 317 3.63 1.94 -24.91
C ASN B 317 3.39 3.44 -24.74
N PHE B 318 3.86 4.21 -25.71
CA PHE B 318 3.51 5.62 -25.83
C PHE B 318 3.05 6.00 -27.22
N ARG B 319 3.05 5.06 -28.17
CA ARG B 319 2.96 5.39 -29.58
C ARG B 319 1.53 5.59 -30.08
N VAL B 320 0.54 4.99 -29.44
CA VAL B 320 -0.82 4.96 -29.98
C VAL B 320 -1.76 5.68 -29.02
N GLN B 321 -2.59 6.56 -29.58
CA GLN B 321 -3.62 7.27 -28.82
C GLN B 321 -4.93 7.12 -29.58
N PRO B 322 -6.03 6.78 -28.90
CA PRO B 322 -7.32 6.63 -29.59
C PRO B 322 -7.88 7.99 -30.00
N THR B 323 -8.42 8.06 -31.21
CA THR B 323 -8.96 9.30 -31.75
C THR B 323 -10.46 9.27 -31.93
N GLU B 324 -11.09 8.10 -31.85
CA GLU B 324 -12.54 7.97 -32.00
C GLU B 324 -13.09 7.11 -30.88
N SER B 325 -14.37 7.33 -30.58
CA SER B 325 -15.08 6.60 -29.54
C SER B 325 -16.37 6.04 -30.10
N ILE B 326 -16.68 4.79 -29.75
CA ILE B 326 -17.90 4.13 -30.19
C ILE B 326 -18.74 3.76 -28.97
N VAL B 327 -20.05 3.91 -29.10
CA VAL B 327 -21.01 3.53 -28.07
C VAL B 327 -21.97 2.52 -28.66
N ARG B 328 -22.15 1.40 -27.97
CA ARG B 328 -23.04 0.34 -28.43
C ARG B 328 -23.99 -0.03 -27.31
N PHE B 329 -25.27 0.30 -27.49
CA PHE B 329 -26.34 0.06 -26.54
C PHE B 329 -27.42 -0.79 -27.19
N PRO B 330 -28.24 -1.50 -26.40
CA PRO B 330 -29.32 -2.30 -27.00
C PRO B 330 -30.37 -1.44 -27.68
N ASN B 331 -31.10 -2.07 -28.59
CA ASN B 331 -32.15 -1.39 -29.33
C ASN B 331 -33.36 -1.14 -28.44
N ILE B 332 -33.32 -0.04 -27.67
CA ILE B 332 -34.38 0.32 -26.75
C ILE B 332 -34.93 1.67 -27.15
N THR B 333 -36.25 1.77 -27.30
CA THR B 333 -36.89 2.98 -27.82
C THR B 333 -37.70 3.72 -26.76
N ASN B 334 -38.56 3.02 -26.03
CA ASN B 334 -39.49 3.67 -25.13
C ASN B 334 -38.78 4.23 -23.88
N LEU B 335 -39.36 5.28 -23.33
CA LEU B 335 -38.83 5.93 -22.14
C LEU B 335 -39.35 5.25 -20.89
N CYS B 336 -38.58 5.35 -19.81
CA CYS B 336 -38.94 4.66 -18.57
C CYS B 336 -40.12 5.36 -17.91
N PRO B 337 -41.03 4.60 -17.30
CA PRO B 337 -42.20 5.21 -16.63
C PRO B 337 -41.85 5.82 -15.28
N PHE B 338 -41.00 6.84 -15.31
CA PHE B 338 -40.70 7.57 -14.08
C PHE B 338 -41.84 8.48 -13.68
N GLY B 339 -42.77 8.78 -14.60
CA GLY B 339 -43.98 9.48 -14.22
C GLY B 339 -44.88 8.66 -13.32
N GLU B 340 -44.92 7.34 -13.53
CA GLU B 340 -45.70 6.50 -12.64
C GLU B 340 -45.03 6.34 -11.28
N VAL B 341 -43.69 6.21 -11.27
CA VAL B 341 -42.97 5.99 -10.03
C VAL B 341 -42.96 7.26 -9.18
N PHE B 342 -42.68 8.41 -9.80
CA PHE B 342 -42.42 9.65 -9.07
C PHE B 342 -43.65 10.52 -8.89
N ASN B 343 -44.60 10.48 -9.82
CA ASN B 343 -45.74 11.39 -9.80
C ASN B 343 -47.04 10.64 -9.49
N ALA B 344 -46.95 9.58 -8.71
CA ALA B 344 -48.13 8.83 -8.28
C ALA B 344 -48.95 9.66 -7.30
N THR B 345 -50.26 9.45 -7.33
CA THR B 345 -51.15 10.19 -6.43
C THR B 345 -50.94 9.80 -4.97
N ARG B 346 -50.75 8.51 -4.73
CA ARG B 346 -50.54 8.02 -3.35
C ARG B 346 -49.36 7.06 -3.29
N PHE B 347 -48.44 7.30 -2.39
CA PHE B 347 -47.29 6.44 -2.16
C PHE B 347 -47.57 5.48 -1.02
N ALA B 348 -46.83 4.37 -1.01
CA ALA B 348 -47.00 3.37 0.03
C ALA B 348 -46.43 3.85 1.35
N SER B 349 -46.83 3.19 2.43
CA SER B 349 -46.31 3.50 3.75
C SER B 349 -44.88 2.97 3.87
N VAL B 350 -44.19 3.39 4.92
CA VAL B 350 -42.80 2.97 5.10
C VAL B 350 -42.70 1.54 5.63
N TYR B 351 -43.71 1.07 6.37
CA TYR B 351 -43.65 -0.30 6.87
C TYR B 351 -43.93 -1.31 5.76
N ALA B 352 -44.78 -0.95 4.80
CA ALA B 352 -45.03 -1.76 3.61
C ALA B 352 -44.68 -0.90 2.40
N TRP B 353 -43.39 -0.86 2.07
CA TRP B 353 -42.92 -0.04 0.97
C TRP B 353 -43.17 -0.73 -0.37
N ASN B 354 -43.36 0.07 -1.41
CA ASN B 354 -43.75 -0.45 -2.72
C ASN B 354 -42.53 -0.67 -3.58
N ARG B 355 -42.30 -1.90 -4.02
CA ARG B 355 -41.19 -2.22 -4.89
C ARG B 355 -41.71 -2.48 -6.30
N LYS B 356 -41.14 -1.75 -7.26
CA LYS B 356 -41.57 -1.84 -8.66
C LYS B 356 -40.37 -2.15 -9.53
N ARG B 357 -40.54 -3.04 -10.49
CA ARG B 357 -39.46 -3.41 -11.40
C ARG B 357 -39.45 -2.49 -12.61
N ILE B 358 -38.27 -1.97 -12.95
CA ILE B 358 -38.09 -1.10 -14.12
C ILE B 358 -37.24 -1.86 -15.12
N SER B 359 -37.77 -2.08 -16.32
CA SER B 359 -37.05 -2.84 -17.33
C SER B 359 -37.55 -2.46 -18.71
N ASN B 360 -36.71 -2.76 -19.72
CA ASN B 360 -37.01 -2.58 -21.13
C ASN B 360 -37.38 -1.13 -21.47
N CYS B 361 -36.57 -0.19 -20.97
CA CYS B 361 -36.80 1.22 -21.24
C CYS B 361 -35.48 1.97 -21.09
N VAL B 362 -35.52 3.27 -21.39
CA VAL B 362 -34.35 4.13 -21.36
C VAL B 362 -34.42 5.02 -20.13
N ALA B 363 -33.41 4.92 -19.27
CA ALA B 363 -33.39 5.64 -17.99
C ALA B 363 -32.85 7.04 -18.21
N ASP B 364 -33.75 7.97 -18.54
CA ASP B 364 -33.41 9.37 -18.74
C ASP B 364 -33.89 10.16 -17.54
N TYR B 365 -32.96 10.58 -16.68
N TYR B 365 -32.94 10.58 -16.69
CA TYR B 365 -33.36 11.37 -15.52
CA TYR B 365 -33.27 11.37 -15.51
C TYR B 365 -33.40 12.86 -15.81
C TYR B 365 -33.43 12.85 -15.83
N SER B 366 -33.10 13.27 -17.05
CA SER B 366 -33.15 14.68 -17.40
C SER B 366 -34.58 15.20 -17.50
N VAL B 367 -35.55 14.31 -17.72
CA VAL B 367 -36.94 14.74 -17.80
C VAL B 367 -37.55 14.93 -16.42
N LEU B 368 -36.86 14.45 -15.37
CA LEU B 368 -37.42 14.52 -14.03
C LEU B 368 -37.36 15.93 -13.46
N TYR B 369 -36.25 16.65 -13.64
CA TYR B 369 -36.13 17.97 -13.04
C TYR B 369 -36.71 19.08 -13.90
N ASN B 370 -37.61 18.77 -14.83
CA ASN B 370 -38.37 19.83 -15.49
C ASN B 370 -39.40 20.41 -14.53
N SER B 371 -39.99 19.58 -13.67
CA SER B 371 -41.01 20.00 -12.73
C SER B 371 -40.80 19.51 -11.31
N ALA B 372 -39.93 18.53 -11.09
CA ALA B 372 -39.70 17.95 -9.77
C ALA B 372 -38.32 18.36 -9.26
N SER B 373 -38.27 18.84 -8.02
CA SER B 373 -37.03 19.23 -7.38
C SER B 373 -36.74 18.26 -6.24
N PHE B 374 -35.57 17.65 -6.27
CA PHE B 374 -35.20 16.60 -5.32
C PHE B 374 -34.30 17.21 -4.25
N SER B 375 -34.76 17.17 -3.00
CA SER B 375 -33.95 17.69 -1.90
C SER B 375 -32.78 16.77 -1.58
N THR B 376 -32.96 15.46 -1.74
CA THR B 376 -31.92 14.48 -1.47
C THR B 376 -31.72 13.62 -2.71
N PHE B 377 -30.47 13.50 -3.15
CA PHE B 377 -30.11 12.64 -4.29
C PHE B 377 -28.70 12.11 -4.02
N LYS B 378 -28.63 10.91 -3.44
CA LYS B 378 -27.36 10.33 -3.03
C LYS B 378 -27.19 8.97 -3.69
N CYS B 379 -26.12 8.80 -4.47
CA CYS B 379 -25.84 7.56 -5.18
C CYS B 379 -24.65 6.86 -4.55
N TYR B 380 -24.86 5.60 -4.17
CA TYR B 380 -23.84 4.77 -3.53
C TYR B 380 -23.39 3.71 -4.52
N GLY B 381 -22.08 3.55 -4.66
CA GLY B 381 -21.52 2.58 -5.58
C GLY B 381 -21.47 3.03 -7.03
N VAL B 382 -21.94 4.24 -7.32
CA VAL B 382 -21.95 4.77 -8.68
C VAL B 382 -21.90 6.29 -8.59
N SER B 383 -21.22 6.92 -9.55
CA SER B 383 -21.26 8.37 -9.48
C SER B 383 -22.45 8.92 -10.26
N PRO B 384 -23.06 9.99 -9.76
CA PRO B 384 -24.21 10.58 -10.48
C PRO B 384 -23.86 11.14 -11.86
N THR B 385 -22.62 11.58 -12.06
CA THR B 385 -22.23 12.06 -13.38
C THR B 385 -22.10 10.93 -14.39
N LYS B 386 -21.65 9.76 -13.95
CA LYS B 386 -21.49 8.60 -14.82
C LYS B 386 -22.77 7.81 -14.99
N LEU B 387 -23.90 8.34 -14.51
CA LEU B 387 -25.16 7.61 -14.58
C LEU B 387 -25.76 7.60 -15.97
N ASN B 388 -25.39 8.56 -16.83
CA ASN B 388 -25.92 8.59 -18.19
C ASN B 388 -25.34 7.49 -19.06
N ASP B 389 -24.02 7.29 -19.01
CA ASP B 389 -23.35 6.34 -19.89
C ASP B 389 -23.21 4.96 -19.24
N LEU B 390 -24.31 4.44 -18.71
CA LEU B 390 -24.29 3.14 -18.05
C LEU B 390 -25.58 2.39 -18.36
N CYS B 391 -25.48 1.06 -18.34
CA CYS B 391 -26.62 0.18 -18.53
C CYS B 391 -26.78 -0.69 -17.30
N PHE B 392 -28.01 -0.80 -16.81
CA PHE B 392 -28.31 -1.53 -15.59
C PHE B 392 -29.04 -2.83 -15.92
N THR B 393 -28.72 -3.88 -15.18
CA THR B 393 -29.32 -5.19 -15.43
C THR B 393 -30.77 -5.22 -14.94
N ASN B 394 -30.98 -5.05 -13.64
CA ASN B 394 -32.30 -4.94 -13.06
C ASN B 394 -32.36 -3.74 -12.15
N VAL B 395 -33.47 -3.00 -12.22
CA VAL B 395 -33.68 -1.80 -11.43
C VAL B 395 -34.96 -1.97 -10.63
N TYR B 396 -34.88 -1.72 -9.33
CA TYR B 396 -36.05 -1.81 -8.46
C TYR B 396 -36.25 -0.48 -7.75
N ALA B 397 -37.44 0.09 -7.89
CA ALA B 397 -37.79 1.35 -7.25
C ALA B 397 -38.56 1.03 -5.98
N ASP B 398 -38.00 1.41 -4.83
CA ASP B 398 -38.62 1.22 -3.53
C ASP B 398 -39.18 2.56 -3.07
N SER B 399 -40.50 2.69 -3.08
CA SER B 399 -41.16 3.97 -2.86
C SER B 399 -41.92 3.94 -1.54
N PHE B 400 -41.78 5.02 -0.76
CA PHE B 400 -42.50 5.18 0.49
C PHE B 400 -42.50 6.66 0.87
N VAL B 401 -43.09 6.96 2.03
CA VAL B 401 -43.19 8.32 2.55
C VAL B 401 -42.74 8.31 4.00
N ILE B 402 -41.82 9.21 4.34
CA ILE B 402 -41.37 9.41 5.72
C ILE B 402 -41.50 10.89 6.06
N ARG B 403 -41.01 11.25 7.24
CA ARG B 403 -40.89 12.67 7.58
C ARG B 403 -39.45 13.12 7.31
N GLY B 404 -39.22 14.42 7.48
CA GLY B 404 -37.93 14.99 7.09
C GLY B 404 -36.77 14.49 7.92
N ASP B 405 -36.94 14.44 9.24
CA ASP B 405 -35.89 14.05 10.18
C ASP B 405 -35.43 12.61 9.99
N GLU B 406 -36.19 11.81 9.25
CA GLU B 406 -35.86 10.42 8.99
C GLU B 406 -35.29 10.19 7.60
N VAL B 407 -35.22 11.23 6.76
CA VAL B 407 -34.60 11.08 5.44
C VAL B 407 -33.12 10.77 5.57
N ARG B 408 -32.49 11.22 6.65
CA ARG B 408 -31.10 10.87 6.93
C ARG B 408 -30.92 9.37 7.21
N GLN B 409 -31.99 8.65 7.53
CA GLN B 409 -31.88 7.23 7.86
C GLN B 409 -31.94 6.33 6.65
N ILE B 410 -32.26 6.85 5.47
CA ILE B 410 -32.28 6.04 4.25
C ILE B 410 -30.87 6.11 3.68
N ALA B 411 -29.99 5.28 4.22
CA ALA B 411 -28.58 5.20 3.83
C ALA B 411 -28.00 3.90 4.35
N PRO B 412 -27.03 3.31 3.66
CA PRO B 412 -26.36 2.12 4.20
C PRO B 412 -25.56 2.46 5.46
N GLY B 413 -25.59 1.53 6.41
CA GLY B 413 -24.87 1.73 7.65
C GLY B 413 -25.52 2.66 8.64
N GLN B 414 -26.75 3.08 8.40
CA GLN B 414 -27.45 4.00 9.29
C GLN B 414 -28.34 3.22 10.26
N THR B 415 -28.65 3.87 11.38
CA THR B 415 -29.56 3.32 12.36
C THR B 415 -30.68 4.33 12.62
N GLY B 416 -31.67 3.89 13.38
CA GLY B 416 -32.82 4.72 13.68
C GLY B 416 -34.06 3.86 13.75
N LYS B 417 -35.20 4.54 13.72
CA LYS B 417 -36.48 3.83 13.74
C LYS B 417 -36.78 3.22 12.37
N ILE B 418 -36.56 3.99 11.30
CA ILE B 418 -36.81 3.50 9.95
C ILE B 418 -35.77 2.44 9.56
N ALA B 419 -34.51 2.69 9.88
CA ALA B 419 -33.44 1.79 9.47
C ALA B 419 -33.44 0.47 10.25
N ASP B 420 -34.17 0.41 11.36
CA ASP B 420 -34.22 -0.82 12.13
C ASP B 420 -35.55 -1.55 11.99
N TYR B 421 -36.67 -0.82 12.00
CA TYR B 421 -37.98 -1.46 12.06
C TYR B 421 -38.80 -1.33 10.79
N ASN B 422 -38.44 -0.44 9.88
CA ASN B 422 -39.27 -0.17 8.71
C ASN B 422 -38.58 -0.47 7.39
N TYR B 423 -37.40 0.07 7.15
CA TYR B 423 -36.74 -0.10 5.86
C TYR B 423 -35.23 0.02 6.05
N LYS B 424 -34.51 -1.05 5.76
CA LYS B 424 -33.06 -1.08 5.91
C LYS B 424 -32.42 -1.40 4.56
N LEU B 425 -31.36 -0.67 4.22
CA LEU B 425 -30.53 -0.84 3.04
C LEU B 425 -29.30 -1.67 3.38
N PRO B 426 -28.85 -2.52 2.46
CA PRO B 426 -27.66 -3.33 2.74
C PRO B 426 -26.39 -2.50 2.75
N ASP B 427 -25.34 -3.07 3.35
CA ASP B 427 -24.05 -2.40 3.40
C ASP B 427 -23.43 -2.27 2.02
N ASP B 428 -23.55 -3.31 1.20
CA ASP B 428 -23.03 -3.30 -0.17
C ASP B 428 -24.07 -2.81 -1.18
N PHE B 429 -24.68 -1.66 -0.89
CA PHE B 429 -25.78 -1.15 -1.68
C PHE B 429 -25.24 -0.34 -2.85
N THR B 430 -25.69 -0.67 -4.06
CA THR B 430 -25.37 0.08 -5.28
C THR B 430 -26.67 0.63 -5.84
N GLY B 431 -26.86 1.94 -5.73
CA GLY B 431 -28.10 2.55 -6.19
C GLY B 431 -28.22 3.96 -5.65
N CYS B 432 -29.32 4.59 -6.00
CA CYS B 432 -29.51 6.01 -5.71
C CYS B 432 -30.77 6.24 -4.88
N VAL B 433 -30.61 6.96 -3.77
CA VAL B 433 -31.72 7.36 -2.92
C VAL B 433 -32.15 8.75 -3.35
N ILE B 434 -33.44 8.92 -3.64
CA ILE B 434 -34.02 10.17 -4.08
C ILE B 434 -35.13 10.52 -3.09
N ALA B 435 -35.18 11.77 -2.65
CA ALA B 435 -36.19 12.18 -1.70
C ALA B 435 -36.56 13.64 -1.94
N TRP B 436 -37.86 13.92 -1.90
CA TRP B 436 -38.32 15.29 -2.11
C TRP B 436 -39.47 15.61 -1.18
N ASN B 437 -39.56 16.88 -0.80
CA ASN B 437 -40.63 17.34 0.08
C ASN B 437 -41.97 17.30 -0.66
N SER B 438 -42.99 16.82 0.03
CA SER B 438 -44.34 16.71 -0.53
C SER B 438 -45.37 17.19 0.48
N ASN B 439 -45.14 18.36 1.06
CA ASN B 439 -46.11 18.93 1.99
C ASN B 439 -47.38 19.36 1.29
N ASN B 440 -47.29 19.70 0.00
CA ASN B 440 -48.48 20.13 -0.74
C ASN B 440 -49.40 18.96 -1.05
N LEU B 441 -48.86 17.76 -1.19
CA LEU B 441 -49.63 16.60 -1.65
C LEU B 441 -50.07 15.71 -0.49
N ASP B 442 -49.11 15.22 0.30
CA ASP B 442 -49.41 14.21 1.30
C ASP B 442 -50.16 14.78 2.49
N SER B 443 -49.70 15.92 3.00
CA SER B 443 -50.30 16.50 4.19
C SER B 443 -51.59 17.24 3.83
N LYS B 444 -52.60 17.11 4.69
CA LYS B 444 -53.88 17.76 4.51
C LYS B 444 -54.30 18.43 5.80
N VAL B 445 -55.26 19.34 5.68
CA VAL B 445 -55.71 20.12 6.83
C VAL B 445 -56.49 19.22 7.79
N GLY B 446 -56.11 19.24 9.06
CA GLY B 446 -56.74 18.42 10.07
C GLY B 446 -55.98 17.16 10.44
N GLY B 447 -54.97 16.79 9.65
CA GLY B 447 -54.17 15.62 9.96
C GLY B 447 -54.32 14.49 8.96
N ASN B 448 -53.24 14.14 8.28
CA ASN B 448 -53.21 13.02 7.35
C ASN B 448 -52.70 11.79 8.10
N TYR B 449 -53.59 10.85 8.40
CA TYR B 449 -53.26 9.66 9.15
C TYR B 449 -53.21 8.41 8.28
N ASN B 450 -53.04 8.57 6.97
CA ASN B 450 -53.01 7.46 6.03
C ASN B 450 -51.63 6.83 5.89
N TYR B 451 -50.61 7.38 6.54
CA TYR B 451 -49.25 6.86 6.47
C TYR B 451 -48.86 6.31 7.83
N LEU B 452 -48.34 5.09 7.83
CA LEU B 452 -48.05 4.37 9.06
C LEU B 452 -46.57 4.02 9.15
N TYR B 453 -46.10 3.84 10.39
CA TYR B 453 -44.73 3.42 10.64
C TYR B 453 -44.74 2.44 11.81
N ARG B 454 -43.72 1.60 11.85
CA ARG B 454 -43.61 0.56 12.87
C ARG B 454 -42.81 1.11 14.05
N LEU B 455 -43.50 1.34 15.17
CA LEU B 455 -42.81 1.79 16.38
C LEU B 455 -41.96 0.69 16.99
N PHE B 456 -42.53 -0.51 17.13
CA PHE B 456 -41.94 -1.56 17.94
C PHE B 456 -41.73 -2.82 17.12
N ARG B 457 -40.59 -3.46 17.33
CA ARG B 457 -40.30 -4.75 16.72
C ARG B 457 -39.33 -5.49 17.62
N LYS B 458 -39.42 -6.82 17.62
CA LYS B 458 -38.60 -7.63 18.52
C LYS B 458 -37.14 -7.63 18.10
N SER B 459 -36.87 -7.53 16.81
CA SER B 459 -35.50 -7.55 16.30
C SER B 459 -35.38 -6.60 15.11
N ASN B 460 -34.15 -6.21 14.82
CA ASN B 460 -33.88 -5.32 13.71
C ASN B 460 -34.12 -6.03 12.37
N LEU B 461 -34.55 -5.27 11.38
CA LEU B 461 -34.83 -5.82 10.06
C LEU B 461 -33.54 -6.19 9.34
N LYS B 462 -33.67 -7.17 8.47
CA LYS B 462 -32.51 -7.53 7.66
C LYS B 462 -32.68 -6.74 6.36
N PRO B 463 -31.63 -6.45 5.57
CA PRO B 463 -31.71 -5.59 4.38
C PRO B 463 -32.78 -6.04 3.39
N PHE B 464 -33.53 -5.06 2.87
CA PHE B 464 -34.61 -5.25 1.90
C PHE B 464 -35.68 -6.21 2.39
N GLU B 465 -35.94 -6.22 3.69
CA GLU B 465 -37.01 -7.02 4.27
C GLU B 465 -38.11 -6.08 4.76
N ARG B 466 -39.35 -6.43 4.44
CA ARG B 466 -40.51 -5.66 4.88
C ARG B 466 -41.35 -6.53 5.82
N ASP B 467 -42.04 -5.88 6.76
CA ASP B 467 -42.84 -6.56 7.77
C ASP B 467 -44.20 -5.88 7.82
N ILE B 468 -45.23 -6.54 7.28
CA ILE B 468 -46.58 -5.99 7.25
C ILE B 468 -47.45 -6.60 8.35
N SER B 469 -46.88 -7.41 9.22
CA SER B 469 -47.65 -8.00 10.31
C SER B 469 -48.06 -6.95 11.32
N THR B 470 -49.29 -7.07 11.82
CA THR B 470 -49.85 -6.13 12.79
C THR B 470 -50.11 -6.80 14.13
N GLU B 471 -49.30 -7.80 14.48
CA GLU B 471 -49.45 -8.48 15.76
C GLU B 471 -48.98 -7.58 16.90
N ILE B 472 -49.61 -7.76 18.06
CA ILE B 472 -49.37 -6.89 19.21
C ILE B 472 -47.99 -7.16 19.77
N TYR B 473 -47.23 -6.08 20.02
CA TYR B 473 -45.88 -6.19 20.54
C TYR B 473 -45.91 -6.38 22.05
N GLN B 474 -45.16 -7.36 22.56
CA GLN B 474 -45.10 -7.65 23.98
C GLN B 474 -43.94 -6.89 24.59
N ALA B 475 -44.22 -5.68 25.07
CA ALA B 475 -43.18 -4.87 25.70
C ALA B 475 -42.82 -5.38 27.08
N GLY B 476 -43.83 -5.79 27.87
CA GLY B 476 -43.60 -6.25 29.22
C GLY B 476 -43.45 -7.76 29.31
N SER B 477 -43.30 -8.23 30.55
CA SER B 477 -43.15 -9.66 30.79
C SER B 477 -44.46 -10.43 30.64
N THR B 478 -45.59 -9.78 30.94
CA THR B 478 -46.87 -10.45 30.82
C THR B 478 -47.25 -10.69 29.37
N PRO B 479 -47.90 -11.80 29.06
CA PRO B 479 -48.36 -12.04 27.69
C PRO B 479 -49.44 -11.07 27.27
N CYS B 480 -49.42 -10.69 26.00
CA CYS B 480 -50.40 -9.74 25.47
C CYS B 480 -51.74 -10.39 25.22
N ASN B 481 -51.75 -11.67 24.82
CA ASN B 481 -52.97 -12.45 24.54
C ASN B 481 -53.82 -11.80 23.44
N GLY B 482 -53.19 -11.09 22.52
CA GLY B 482 -53.88 -10.54 21.37
C GLY B 482 -54.73 -9.31 21.63
N VAL B 483 -54.64 -8.72 22.82
CA VAL B 483 -55.40 -7.53 23.17
C VAL B 483 -54.46 -6.44 23.64
N GLU B 484 -54.78 -5.19 23.30
CA GLU B 484 -53.98 -4.06 23.73
C GLU B 484 -54.21 -3.76 25.19
N GLY B 485 -53.22 -3.13 25.82
CA GLY B 485 -53.32 -2.79 27.22
C GLY B 485 -52.01 -2.23 27.73
N PHE B 486 -51.81 -2.38 29.04
CA PHE B 486 -50.55 -1.97 29.65
C PHE B 486 -49.44 -2.90 29.20
N ASN B 487 -48.33 -2.31 28.74
CA ASN B 487 -47.17 -3.01 28.18
C ASN B 487 -47.55 -3.89 26.98
N CYS B 488 -48.57 -3.49 26.23
CA CYS B 488 -48.99 -4.18 25.02
C CYS B 488 -49.45 -3.12 24.02
N TYR B 489 -48.60 -2.84 23.04
CA TYR B 489 -48.80 -1.73 22.12
C TYR B 489 -49.04 -2.26 20.71
N PHE B 490 -49.92 -1.59 19.98
CA PHE B 490 -50.04 -1.84 18.55
C PHE B 490 -48.79 -1.34 17.85
N PRO B 491 -48.15 -2.16 17.01
CA PRO B 491 -46.83 -1.79 16.48
C PRO B 491 -46.84 -0.66 15.48
N LEU B 492 -47.98 -0.34 14.86
CA LEU B 492 -48.07 0.67 13.81
C LEU B 492 -48.73 1.92 14.35
N GLN B 493 -48.13 3.08 14.04
CA GLN B 493 -48.67 4.37 14.43
C GLN B 493 -48.70 5.28 13.19
N SER B 494 -49.59 6.26 13.22
CA SER B 494 -49.69 7.21 12.12
C SER B 494 -48.71 8.36 12.29
N TYR B 495 -48.17 8.83 11.15
CA TYR B 495 -47.41 10.08 11.15
C TYR B 495 -48.26 11.26 11.58
N GLY B 496 -49.46 11.39 11.04
CA GLY B 496 -50.29 12.53 11.36
C GLY B 496 -49.76 13.82 10.78
N PHE B 497 -49.75 13.92 9.45
CA PHE B 497 -49.16 15.05 8.75
C PHE B 497 -50.11 16.23 8.73
N GLN B 498 -49.58 17.41 9.00
CA GLN B 498 -50.31 18.67 8.94
C GLN B 498 -49.53 19.69 8.12
N PRO B 499 -50.22 20.59 7.40
CA PRO B 499 -49.50 21.59 6.61
C PRO B 499 -48.79 22.64 7.45
N THR B 500 -49.14 22.79 8.71
CA THR B 500 -48.49 23.76 9.60
C THR B 500 -47.36 23.14 10.41
N ASN B 501 -46.98 21.91 10.12
CA ASN B 501 -45.90 21.25 10.84
C ASN B 501 -44.54 21.84 10.43
N GLY B 502 -43.52 21.48 11.19
CA GLY B 502 -42.17 21.91 10.89
C GLY B 502 -41.61 21.18 9.67
N VAL B 503 -40.41 21.61 9.26
CA VAL B 503 -39.77 21.01 8.09
C VAL B 503 -39.39 19.56 8.37
N GLY B 504 -38.89 19.28 9.56
CA GLY B 504 -38.58 17.91 9.93
C GLY B 504 -39.77 17.03 10.19
N TYR B 505 -40.96 17.62 10.34
CA TYR B 505 -42.19 16.87 10.52
C TYR B 505 -43.05 16.83 9.27
N GLN B 506 -42.59 17.45 8.19
CA GLN B 506 -43.26 17.54 6.90
C GLN B 506 -43.08 16.25 6.10
N PRO B 507 -44.03 15.92 5.23
CA PRO B 507 -43.90 14.70 4.43
C PRO B 507 -42.74 14.78 3.44
N TYR B 508 -42.10 13.62 3.23
CA TYR B 508 -41.00 13.50 2.28
C TYR B 508 -41.19 12.18 1.54
N ARG B 509 -41.35 12.26 0.23
CA ARG B 509 -41.50 11.08 -0.59
C ARG B 509 -40.12 10.57 -1.00
N VAL B 510 -39.86 9.28 -0.78
CA VAL B 510 -38.56 8.68 -1.00
C VAL B 510 -38.71 7.54 -2.00
N VAL B 511 -37.88 7.57 -3.04
CA VAL B 511 -37.74 6.49 -4.01
C VAL B 511 -36.28 6.05 -3.99
N VAL B 512 -36.06 4.78 -3.69
CA VAL B 512 -34.72 4.20 -3.65
C VAL B 512 -34.58 3.29 -4.86
N LEU B 513 -33.71 3.67 -5.79
CA LEU B 513 -33.48 2.92 -7.01
C LEU B 513 -32.30 1.99 -6.80
N SER B 514 -32.57 0.69 -6.73
CA SER B 514 -31.56 -0.34 -6.55
C SER B 514 -31.17 -0.89 -7.91
N PHE B 515 -29.85 -0.91 -8.16
CA PHE B 515 -29.28 -1.28 -9.45
C PHE B 515 -28.46 -2.56 -9.31
N GLU B 516 -27.87 -2.95 -10.44
CA GLU B 516 -26.81 -3.96 -10.48
C GLU B 516 -26.00 -3.69 -11.73
N LEU B 517 -24.70 -3.44 -11.56
CA LEU B 517 -23.85 -2.89 -12.62
C LEU B 517 -22.91 -3.96 -13.16
N LEU B 518 -22.97 -4.17 -14.47
CA LEU B 518 -21.94 -4.86 -15.26
C LEU B 518 -21.72 -6.30 -14.79
N HIS B 519 -22.83 -7.02 -14.58
CA HIS B 519 -22.76 -8.43 -14.19
C HIS B 519 -23.71 -9.33 -14.98
N ALA B 520 -24.76 -8.80 -15.58
CA ALA B 520 -25.78 -9.57 -16.27
C ALA B 520 -26.15 -8.80 -17.53
N PRO B 521 -26.83 -9.45 -18.49
CA PRO B 521 -27.39 -8.70 -19.61
C PRO B 521 -28.38 -7.64 -19.14
N ALA B 522 -28.31 -6.48 -19.78
CA ALA B 522 -29.01 -5.28 -19.32
C ALA B 522 -30.26 -5.04 -20.15
N THR B 523 -31.34 -4.65 -19.48
CA THR B 523 -32.58 -4.29 -20.15
C THR B 523 -32.90 -2.81 -20.09
N VAL B 524 -32.28 -2.06 -19.19
CA VAL B 524 -32.51 -0.63 -19.05
C VAL B 524 -31.16 0.08 -19.18
N CYS B 525 -31.13 1.15 -19.97
CA CYS B 525 -29.89 1.83 -20.29
C CYS B 525 -30.09 3.33 -20.16
N GLY B 526 -29.03 4.08 -20.45
CA GLY B 526 -29.03 5.51 -20.30
C GLY B 526 -29.39 6.25 -21.57
N PRO B 527 -29.32 7.58 -21.53
CA PRO B 527 -29.74 8.38 -22.69
C PRO B 527 -28.71 8.45 -23.81
N LYS B 528 -27.54 7.84 -23.65
CA LYS B 528 -26.49 7.95 -24.66
C LYS B 528 -26.88 7.23 -25.95
N LYS B 529 -26.57 7.87 -27.07
CA LYS B 529 -26.96 7.35 -28.38
C LYS B 529 -25.91 6.39 -28.90
N SER B 530 -26.35 5.23 -29.38
CA SER B 530 -25.43 4.22 -29.87
C SER B 530 -24.85 4.62 -31.23
N THR B 531 -23.67 4.08 -31.52
CA THR B 531 -22.99 4.35 -32.78
C THR B 531 -22.62 3.05 -33.49
N ASN B 532 -21.82 3.16 -34.54
CA ASN B 532 -21.40 1.99 -35.29
C ASN B 532 -20.29 1.21 -34.59
N LEU B 533 -20.08 -0.03 -35.03
CA LEU B 533 -19.06 -0.90 -34.46
C LEU B 533 -17.85 -0.92 -35.40
N VAL B 534 -16.69 -0.57 -34.86
CA VAL B 534 -15.44 -0.58 -35.62
C VAL B 534 -14.63 -1.78 -35.16
N LYS B 535 -14.60 -2.82 -35.97
CA LYS B 535 -13.89 -4.05 -35.63
C LYS B 535 -12.44 -3.99 -36.08
N ASN B 536 -11.58 -4.71 -35.35
CA ASN B 536 -10.16 -4.87 -35.67
C ASN B 536 -9.43 -3.54 -35.73
N LYS B 537 -9.82 -2.61 -34.85
CA LYS B 537 -9.18 -1.31 -34.78
C LYS B 537 -9.12 -0.86 -33.33
N CYS B 538 -8.11 -0.06 -33.01
CA CYS B 538 -7.99 0.54 -31.70
C CYS B 538 -8.99 1.67 -31.56
N VAL B 539 -9.92 1.54 -30.62
CA VAL B 539 -11.01 2.50 -30.49
C VAL B 539 -11.50 2.52 -29.05
N ASN B 540 -11.89 3.70 -28.58
CA ASN B 540 -12.60 3.81 -27.31
C ASN B 540 -13.98 3.17 -27.45
N PHE B 541 -14.30 2.23 -26.57
CA PHE B 541 -15.51 1.46 -26.69
C PHE B 541 -16.35 1.57 -25.42
N ASN B 542 -17.67 1.47 -25.59
CA ASN B 542 -18.63 1.53 -24.49
C ASN B 542 -19.70 0.46 -24.77
N PHE B 543 -19.56 -0.69 -24.14
CA PHE B 543 -20.50 -1.81 -24.29
C PHE B 543 -21.31 -1.97 -23.01
N ASN B 544 -22.60 -1.63 -23.08
CA ASN B 544 -23.55 -1.74 -21.98
C ASN B 544 -23.05 -1.00 -20.72
N GLY B 545 -22.46 0.16 -20.93
CA GLY B 545 -21.91 0.94 -19.85
C GLY B 545 -20.46 0.62 -19.51
N LEU B 546 -19.91 -0.46 -20.05
CA LEU B 546 -18.52 -0.83 -19.81
C LEU B 546 -17.63 -0.05 -20.78
N THR B 547 -16.85 0.89 -20.25
CA THR B 547 -16.00 1.76 -21.06
C THR B 547 -14.56 1.27 -21.03
N GLY B 548 -13.87 1.43 -22.15
CA GLY B 548 -12.48 1.02 -22.21
C GLY B 548 -11.83 1.49 -23.50
N THR B 549 -10.55 1.17 -23.61
CA THR B 549 -9.76 1.48 -24.81
C THR B 549 -9.00 0.24 -25.24
N GLY B 550 -9.27 -0.23 -26.45
CA GLY B 550 -8.60 -1.43 -26.92
C GLY B 550 -9.02 -1.75 -28.35
N VAL B 551 -8.73 -2.99 -28.75
CA VAL B 551 -9.07 -3.50 -30.07
C VAL B 551 -9.91 -4.75 -29.87
N LEU B 552 -10.82 -5.01 -30.80
CA LEU B 552 -11.74 -6.14 -30.71
C LEU B 552 -11.53 -7.09 -31.87
N THR B 553 -11.72 -8.38 -31.61
CA THR B 553 -11.73 -9.39 -32.64
C THR B 553 -12.98 -10.25 -32.48
N GLU B 554 -13.33 -10.96 -33.55
CA GLU B 554 -14.41 -11.93 -33.46
C GLU B 554 -13.93 -13.16 -32.70
N SER B 555 -14.79 -13.67 -31.83
CA SER B 555 -14.43 -14.75 -30.93
C SER B 555 -15.30 -15.97 -31.19
N ASN B 556 -14.71 -17.14 -30.97
CA ASN B 556 -15.40 -18.42 -31.12
C ASN B 556 -16.03 -18.91 -29.82
N LYS B 557 -15.98 -18.09 -28.77
CA LYS B 557 -16.55 -18.46 -27.48
C LYS B 557 -18.08 -18.50 -27.58
N LYS B 558 -18.68 -19.32 -26.72
CA LYS B 558 -20.13 -19.45 -26.64
C LYS B 558 -20.59 -19.02 -25.26
N PHE B 559 -21.60 -18.16 -25.21
CA PHE B 559 -22.11 -17.62 -23.96
C PHE B 559 -23.44 -18.26 -23.60
N LEU B 560 -23.61 -18.53 -22.31
CA LEU B 560 -24.91 -18.92 -21.80
C LEU B 560 -25.85 -17.72 -21.84
N PRO B 561 -27.17 -17.95 -21.92
CA PRO B 561 -28.10 -16.82 -22.06
C PRO B 561 -28.12 -15.85 -20.88
N PHE B 562 -27.65 -16.25 -19.70
CA PHE B 562 -27.59 -15.37 -18.55
C PHE B 562 -26.22 -14.71 -18.39
N GLN B 563 -25.31 -14.92 -19.34
CA GLN B 563 -23.96 -14.37 -19.28
C GLN B 563 -23.81 -13.22 -20.27
N GLN B 564 -23.13 -12.17 -19.84
CA GLN B 564 -22.89 -11.00 -20.68
C GLN B 564 -21.41 -10.69 -20.87
N PHE B 565 -20.59 -10.82 -19.82
CA PHE B 565 -19.18 -10.50 -19.88
C PHE B 565 -18.34 -11.76 -19.66
N GLY B 566 -17.09 -11.69 -20.08
CA GLY B 566 -16.19 -12.82 -19.95
C GLY B 566 -14.85 -12.46 -19.35
N ARG B 567 -14.41 -13.20 -18.33
CA ARG B 567 -13.17 -12.83 -17.63
C ARG B 567 -12.40 -14.09 -17.23
N ASP B 568 -11.49 -14.59 -18.08
CA ASP B 568 -10.72 -15.80 -17.80
C ASP B 568 -9.61 -15.54 -16.77
N ILE B 569 -9.14 -14.30 -16.69
CA ILE B 569 -8.08 -13.93 -15.75
C ILE B 569 -8.64 -13.21 -14.53
N ALA B 570 -9.89 -12.77 -14.58
CA ALA B 570 -10.73 -12.17 -13.53
C ALA B 570 -10.31 -10.76 -13.13
N ASP B 571 -9.31 -10.15 -13.79
CA ASP B 571 -9.05 -8.73 -13.65
C ASP B 571 -9.07 -8.00 -14.98
N THR B 572 -9.47 -8.67 -16.06
CA THR B 572 -9.61 -8.04 -17.36
C THR B 572 -10.79 -8.68 -18.09
N THR B 573 -11.69 -7.84 -18.59
CA THR B 573 -12.86 -8.32 -19.33
C THR B 573 -12.43 -8.58 -20.77
N ASP B 574 -12.31 -9.86 -21.11
CA ASP B 574 -11.85 -10.21 -22.45
C ASP B 574 -13.01 -10.29 -23.43
N ALA B 575 -13.99 -11.14 -23.14
CA ALA B 575 -15.09 -11.38 -24.08
C ALA B 575 -16.33 -10.67 -23.61
N VAL B 576 -17.05 -10.07 -24.57
CA VAL B 576 -18.29 -9.37 -24.30
C VAL B 576 -19.28 -9.77 -25.38
N ARG B 577 -20.57 -9.66 -25.06
CA ARG B 577 -21.63 -9.87 -26.02
C ARG B 577 -22.12 -8.51 -26.50
N ASP B 578 -22.02 -8.26 -27.80
CA ASP B 578 -22.47 -6.99 -28.36
C ASP B 578 -23.99 -6.88 -28.21
N PRO B 579 -24.49 -5.71 -27.78
CA PRO B 579 -25.92 -5.63 -27.43
C PRO B 579 -26.85 -5.64 -28.64
N GLN B 580 -26.47 -5.00 -29.74
CA GLN B 580 -27.37 -4.96 -30.90
C GLN B 580 -27.34 -6.28 -31.66
N THR B 581 -26.17 -6.65 -32.19
CA THR B 581 -26.00 -7.94 -32.84
C THR B 581 -25.43 -8.92 -31.83
N LEU B 582 -26.05 -10.10 -31.73
CA LEU B 582 -25.76 -11.05 -30.65
C LEU B 582 -24.44 -11.78 -30.81
N GLU B 583 -23.58 -11.36 -31.74
CA GLU B 583 -22.25 -11.94 -31.85
C GLU B 583 -21.40 -11.60 -30.62
N ILE B 584 -20.45 -12.47 -30.31
CA ILE B 584 -19.56 -12.30 -29.17
C ILE B 584 -18.23 -11.78 -29.68
N LEU B 585 -17.80 -10.65 -29.12
CA LEU B 585 -16.56 -10.00 -29.53
C LEU B 585 -15.58 -10.08 -28.35
N ASP B 586 -14.37 -10.56 -28.61
CA ASP B 586 -13.38 -10.55 -27.55
C ASP B 586 -12.45 -9.34 -27.67
N ILE B 587 -12.14 -8.74 -26.53
CA ILE B 587 -11.42 -7.48 -26.47
C ILE B 587 -10.00 -7.74 -25.99
N THR B 588 -9.02 -7.37 -26.82
CA THR B 588 -7.63 -7.41 -26.43
C THR B 588 -7.13 -5.97 -26.29
N PRO B 589 -6.11 -5.72 -25.47
CA PRO B 589 -5.64 -4.34 -25.28
C PRO B 589 -5.04 -3.76 -26.54
N CYS B 590 -5.22 -2.44 -26.70
CA CYS B 590 -4.58 -1.71 -27.79
C CYS B 590 -3.07 -1.69 -27.66
N SER B 591 -2.55 -1.79 -26.44
CA SER B 591 -1.12 -1.67 -26.22
C SER B 591 -0.40 -2.94 -26.65
N PHE B 592 0.40 -2.84 -27.71
CA PHE B 592 1.32 -3.89 -28.11
C PHE B 592 2.63 -3.60 -27.37
N GLY B 593 2.73 -4.10 -26.15
CA GLY B 593 3.90 -3.85 -25.35
C GLY B 593 5.07 -4.78 -25.60
N GLY B 594 4.91 -5.78 -26.46
CA GLY B 594 6.01 -6.66 -26.79
C GLY B 594 6.99 -6.04 -27.76
N VAL B 595 7.61 -4.93 -27.37
CA VAL B 595 8.52 -4.17 -28.21
C VAL B 595 9.81 -3.96 -27.44
N SER B 596 10.93 -4.31 -28.06
CA SER B 596 12.25 -4.04 -27.51
C SER B 596 13.01 -3.20 -28.52
N VAL B 597 13.82 -2.27 -28.03
CA VAL B 597 14.61 -1.38 -28.87
C VAL B 597 16.06 -1.76 -28.70
N ILE B 598 16.69 -2.19 -29.79
CA ILE B 598 18.13 -2.44 -29.84
C ILE B 598 18.78 -1.13 -30.28
N THR B 599 19.60 -0.55 -29.42
CA THR B 599 20.24 0.70 -29.74
C THR B 599 21.72 0.65 -29.36
N PRO B 600 22.58 1.37 -30.09
CA PRO B 600 23.90 1.71 -29.55
C PRO B 600 23.77 2.89 -28.61
N GLY B 601 24.92 3.40 -28.17
CA GLY B 601 24.93 4.58 -27.35
C GLY B 601 24.41 5.80 -28.09
N THR B 602 23.73 6.70 -27.38
CA THR B 602 23.29 7.98 -27.93
C THR B 602 24.51 8.79 -28.32
N ASN B 603 25.58 8.65 -27.54
CA ASN B 603 26.87 9.23 -27.89
C ASN B 603 27.38 8.69 -29.22
N THR B 604 27.08 7.42 -29.53
CA THR B 604 27.55 6.83 -30.77
C THR B 604 26.64 7.16 -31.96
N SER B 605 25.35 6.87 -31.84
CA SER B 605 24.43 7.07 -32.96
C SER B 605 23.01 7.23 -32.42
N ASN B 606 22.11 7.65 -33.30
CA ASN B 606 20.71 7.86 -32.95
C ASN B 606 19.76 6.96 -33.73
N GLN B 607 20.28 5.99 -34.48
CA GLN B 607 19.43 5.04 -35.19
C GLN B 607 19.31 3.74 -34.40
N VAL B 608 18.12 3.13 -34.48
CA VAL B 608 17.77 1.99 -33.64
C VAL B 608 17.22 0.88 -34.50
N ALA B 609 17.01 -0.29 -33.87
CA ALA B 609 16.28 -1.39 -34.45
C ALA B 609 15.21 -1.81 -33.47
N VAL B 610 14.10 -2.35 -33.98
CA VAL B 610 12.96 -2.71 -33.15
C VAL B 610 12.69 -4.21 -33.27
N LEU B 611 12.66 -4.90 -32.14
CA LEU B 611 12.31 -6.30 -32.06
C LEU B 611 10.89 -6.40 -31.51
N TYR B 612 9.95 -6.78 -32.37
CA TYR B 612 8.58 -7.05 -31.95
C TYR B 612 8.52 -8.50 -31.52
N GLN B 613 8.24 -8.72 -30.24
CA GLN B 613 8.43 -10.02 -29.63
C GLN B 613 7.27 -10.97 -29.92
N ASP B 614 7.61 -12.18 -30.36
CA ASP B 614 6.66 -13.30 -30.50
C ASP B 614 5.54 -13.00 -31.48
N VAL B 615 5.84 -12.25 -32.54
CA VAL B 615 4.90 -12.00 -33.62
C VAL B 615 5.58 -12.32 -34.94
N ASN B 616 4.76 -12.60 -35.94
CA ASN B 616 5.26 -12.86 -37.29
C ASN B 616 5.51 -11.54 -38.01
N CYS B 617 6.46 -11.56 -38.94
CA CYS B 617 6.83 -10.34 -39.66
C CYS B 617 5.74 -9.83 -40.58
N THR B 618 4.86 -10.72 -41.07
CA THR B 618 3.75 -10.28 -41.90
C THR B 618 2.65 -9.60 -41.10
N GLU B 619 2.57 -9.87 -39.79
CA GLU B 619 1.54 -9.31 -38.95
C GLU B 619 2.03 -8.13 -38.10
N VAL B 620 3.24 -7.64 -38.37
CA VAL B 620 3.77 -6.50 -37.61
C VAL B 620 2.95 -5.22 -37.81
N PRO B 621 2.58 -4.81 -39.05
CA PRO B 621 1.69 -3.63 -39.15
C PRO B 621 0.33 -3.83 -38.49
N VAL B 622 -0.21 -5.04 -38.48
CA VAL B 622 -1.49 -5.29 -37.84
C VAL B 622 -1.34 -5.22 -36.31
N ALA B 623 -0.26 -5.81 -35.78
CA ALA B 623 -0.12 -5.92 -34.33
C ALA B 623 0.18 -4.57 -33.68
N ILE B 624 1.00 -3.74 -34.32
CA ILE B 624 1.36 -2.45 -33.73
C ILE B 624 0.40 -1.33 -34.11
N HIS B 625 -0.56 -1.62 -35.00
CA HIS B 625 -1.53 -0.64 -35.51
C HIS B 625 -0.80 0.54 -36.16
N ALA B 626 -0.10 0.23 -37.25
CA ALA B 626 0.81 1.20 -37.86
C ALA B 626 0.05 2.32 -38.57
N ASP B 627 -1.22 2.07 -38.93
CA ASP B 627 -2.00 3.10 -39.61
C ASP B 627 -2.38 4.24 -38.67
N GLN B 628 -2.40 3.99 -37.37
CA GLN B 628 -2.67 5.03 -36.38
C GLN B 628 -1.40 5.69 -35.84
N LEU B 629 -0.23 5.27 -36.29
CA LEU B 629 1.03 5.75 -35.73
C LEU B 629 1.55 6.92 -36.54
N THR B 630 2.52 7.63 -35.97
CA THR B 630 3.17 8.71 -36.68
C THR B 630 4.04 8.15 -37.80
N PRO B 631 4.32 8.94 -38.84
CA PRO B 631 5.12 8.45 -39.98
C PRO B 631 6.51 7.96 -39.61
N THR B 632 7.10 8.40 -38.49
CA THR B 632 8.40 7.91 -38.11
C THR B 632 8.33 6.47 -37.61
N TRP B 633 7.21 6.10 -37.02
CA TRP B 633 7.04 4.70 -36.56
C TRP B 633 6.67 3.79 -37.73
N ARG B 634 6.15 4.29 -38.85
CA ARG B 634 5.92 3.43 -40.01
C ARG B 634 7.19 3.12 -40.78
N VAL B 635 8.30 3.82 -40.48
CA VAL B 635 9.60 3.42 -41.01
C VAL B 635 9.99 2.05 -40.44
N TYR B 636 9.76 1.84 -39.15
CA TYR B 636 10.08 0.58 -38.49
C TYR B 636 8.94 -0.43 -38.56
N SER B 637 7.81 -0.07 -39.18
CA SER B 637 6.72 -1.03 -39.34
C SER B 637 7.02 -2.03 -40.45
N THR B 638 7.64 -1.57 -41.53
CA THR B 638 8.00 -2.44 -42.64
C THR B 638 9.15 -1.79 -43.40
N GLY B 639 9.81 -2.59 -44.23
CA GLY B 639 10.92 -2.10 -45.01
C GLY B 639 11.74 -3.25 -45.56
N SER B 640 12.91 -2.89 -46.10
CA SER B 640 13.83 -3.89 -46.63
C SER B 640 14.53 -4.64 -45.51
N ASN B 641 14.87 -3.94 -44.43
CA ASN B 641 15.60 -4.54 -43.31
C ASN B 641 14.61 -5.19 -42.34
N VAL B 642 14.09 -6.34 -42.75
CA VAL B 642 13.15 -7.11 -41.95
C VAL B 642 13.70 -8.53 -41.83
N PHE B 643 13.85 -9.00 -40.59
CA PHE B 643 14.43 -10.31 -40.32
C PHE B 643 13.47 -11.05 -39.39
N GLN B 644 13.10 -12.27 -39.76
CA GLN B 644 12.24 -13.10 -38.93
C GLN B 644 13.10 -14.02 -38.08
N THR B 645 13.03 -13.83 -36.77
CA THR B 645 13.75 -14.63 -35.80
C THR B 645 12.75 -15.42 -34.95
N ARG B 646 13.25 -16.43 -34.25
CA ARG B 646 12.40 -17.19 -33.35
C ARG B 646 12.03 -16.41 -32.11
N ALA B 647 12.79 -15.39 -31.75
CA ALA B 647 12.42 -14.50 -30.66
C ALA B 647 11.34 -13.51 -31.10
N GLY B 648 11.36 -13.09 -32.35
CA GLY B 648 10.39 -12.13 -32.84
C GLY B 648 10.80 -11.62 -34.22
N CYS B 649 10.17 -10.53 -34.61
CA CYS B 649 10.46 -9.88 -35.89
C CYS B 649 11.31 -8.64 -35.64
N LEU B 650 12.48 -8.59 -36.27
CA LEU B 650 13.43 -7.51 -36.07
C LEU B 650 13.46 -6.63 -37.31
N ILE B 651 13.11 -5.36 -37.15
CA ILE B 651 13.04 -4.40 -38.25
C ILE B 651 13.95 -3.23 -37.94
N GLY B 652 14.81 -2.89 -38.90
CA GLY B 652 15.77 -1.81 -38.73
C GLY B 652 17.21 -2.26 -38.67
N ALA B 653 17.48 -3.56 -38.74
CA ALA B 653 18.84 -4.08 -38.70
C ALA B 653 19.08 -4.96 -39.93
N GLU B 654 20.29 -4.85 -40.49
CA GLU B 654 20.64 -5.57 -41.70
C GLU B 654 21.18 -6.95 -41.35
N HIS B 655 20.55 -7.99 -41.90
CA HIS B 655 21.00 -9.34 -41.65
C HIS B 655 22.23 -9.65 -42.50
N VAL B 656 23.24 -10.26 -41.88
CA VAL B 656 24.47 -10.65 -42.56
C VAL B 656 24.67 -12.15 -42.37
N ASN B 657 25.15 -12.82 -43.42
CA ASN B 657 25.35 -14.25 -43.35
C ASN B 657 26.57 -14.62 -42.52
N ASN B 658 27.62 -13.80 -42.53
CA ASN B 658 28.77 -14.05 -41.68
C ASN B 658 28.42 -13.77 -40.23
N SER B 659 29.13 -14.45 -39.32
CA SER B 659 28.82 -14.43 -37.90
C SER B 659 30.00 -13.87 -37.11
N TYR B 660 29.68 -13.15 -36.04
CA TYR B 660 30.66 -12.59 -35.12
C TYR B 660 30.25 -12.92 -33.69
N GLU B 661 31.03 -12.43 -32.73
CA GLU B 661 30.70 -12.58 -31.33
C GLU B 661 29.52 -11.69 -30.95
N CYS B 662 28.87 -12.04 -29.85
CA CYS B 662 27.66 -11.36 -29.41
C CYS B 662 28.01 -10.20 -28.48
N ASP B 663 27.43 -9.03 -28.76
CA ASP B 663 27.54 -7.87 -27.89
C ASP B 663 26.19 -7.34 -27.44
N ILE B 664 25.21 -7.31 -28.31
CA ILE B 664 23.83 -6.98 -27.96
C ILE B 664 22.98 -8.22 -28.20
N PRO B 665 22.62 -8.95 -27.15
CA PRO B 665 21.86 -10.20 -27.31
C PRO B 665 20.40 -9.93 -27.62
N ILE B 666 20.01 -10.14 -28.88
CA ILE B 666 18.61 -10.04 -29.25
C ILE B 666 17.83 -11.24 -28.75
N GLY B 667 18.37 -12.44 -28.97
CA GLY B 667 17.72 -13.65 -28.50
C GLY B 667 17.52 -14.68 -29.58
N ALA B 668 17.26 -15.92 -29.16
CA ALA B 668 17.02 -17.07 -30.05
C ALA B 668 18.18 -17.27 -31.03
N GLY B 669 19.39 -17.02 -30.57
CA GLY B 669 20.57 -17.14 -31.41
C GLY B 669 20.88 -15.95 -32.27
N ILE B 670 20.13 -14.86 -32.16
CA ILE B 670 20.34 -13.68 -32.97
C ILE B 670 20.97 -12.60 -32.08
N CYS B 671 22.02 -11.96 -32.59
CA CYS B 671 22.70 -10.89 -31.90
C CYS B 671 22.82 -9.69 -32.84
N ALA B 672 23.01 -8.52 -32.25
CA ALA B 672 23.09 -7.27 -33.01
C ALA B 672 24.36 -6.53 -32.65
N SER B 673 24.84 -5.71 -33.59
CA SER B 673 26.04 -4.92 -33.39
C SER B 673 25.96 -3.67 -34.26
N TYR B 674 26.85 -2.73 -33.99
CA TYR B 674 26.97 -1.50 -34.77
C TYR B 674 28.26 -1.59 -35.59
N GLN B 675 28.15 -2.07 -36.82
CA GLN B 675 29.32 -2.37 -37.63
C GLN B 675 29.08 -1.99 -39.08
N THR B 676 30.12 -1.44 -39.71
CA THR B 676 30.05 -1.04 -41.12
C THR B 676 29.95 -2.25 -42.04
N SER B 689 27.03 3.13 -45.00
CA SER B 689 28.32 3.33 -44.35
C SER B 689 28.37 2.56 -43.02
N GLN B 690 28.04 3.26 -41.95
CA GLN B 690 28.05 2.70 -40.60
C GLN B 690 26.60 2.46 -40.17
N SER B 691 26.27 1.22 -39.84
CA SER B 691 24.89 0.86 -39.57
C SER B 691 24.83 -0.31 -38.59
N ILE B 692 23.61 -0.62 -38.16
CA ILE B 692 23.34 -1.73 -37.26
C ILE B 692 23.19 -3.00 -38.08
N ILE B 693 23.94 -4.03 -37.72
CA ILE B 693 23.87 -5.33 -38.36
C ILE B 693 23.35 -6.35 -37.35
N ALA B 694 22.74 -7.41 -37.87
CA ALA B 694 22.25 -8.52 -37.07
C ALA B 694 22.78 -9.82 -37.66
N TYR B 695 23.12 -10.76 -36.78
CA TYR B 695 23.77 -11.99 -37.21
C TYR B 695 23.44 -13.10 -36.23
N THR B 696 23.92 -14.30 -36.55
CA THR B 696 23.88 -15.41 -35.61
C THR B 696 25.13 -15.40 -34.75
N MET B 697 24.97 -15.84 -33.50
CA MET B 697 26.08 -15.84 -32.57
C MET B 697 27.11 -16.89 -32.98
N SER B 698 28.37 -16.47 -33.04
CA SER B 698 29.46 -17.36 -33.44
C SER B 698 29.80 -18.30 -32.29
N LEU B 699 29.66 -19.60 -32.53
CA LEU B 699 29.94 -20.58 -31.49
C LEU B 699 31.43 -20.68 -31.20
N GLY B 700 32.26 -20.55 -32.22
CA GLY B 700 33.70 -20.62 -32.02
C GLY B 700 34.40 -20.76 -33.35
N ALA B 701 35.73 -20.93 -33.27
CA ALA B 701 36.55 -21.08 -34.46
C ALA B 701 36.38 -22.48 -35.03
N GLU B 702 36.00 -22.56 -36.30
CA GLU B 702 35.85 -23.85 -36.95
C GLU B 702 37.22 -24.46 -37.23
N ASN B 703 37.46 -25.65 -36.68
CA ASN B 703 38.74 -26.31 -36.81
C ASN B 703 38.50 -27.81 -36.97
N SER B 704 39.39 -28.46 -37.71
CA SER B 704 39.31 -29.89 -37.96
C SER B 704 40.60 -30.56 -37.51
N VAL B 705 40.46 -31.71 -36.85
CA VAL B 705 41.58 -32.46 -36.32
C VAL B 705 41.52 -33.89 -36.87
N ALA B 706 42.68 -34.42 -37.25
CA ALA B 706 42.78 -35.75 -37.86
C ALA B 706 43.09 -36.77 -36.78
N TYR B 707 42.13 -37.63 -36.48
CA TYR B 707 42.31 -38.67 -35.49
C TYR B 707 42.75 -39.98 -36.15
N SER B 708 43.74 -40.63 -35.55
CA SER B 708 44.15 -41.96 -35.98
C SER B 708 44.62 -42.73 -34.75
N ASN B 709 44.63 -44.07 -34.85
CA ASN B 709 44.99 -44.88 -33.71
C ASN B 709 46.50 -44.94 -33.46
N ASN B 710 47.30 -44.49 -34.41
CA ASN B 710 48.75 -44.51 -34.28
C ASN B 710 49.38 -43.19 -34.71
N SER B 711 48.67 -42.08 -34.49
CA SER B 711 49.16 -40.75 -34.83
C SER B 711 48.96 -39.81 -33.66
N ILE B 712 49.99 -39.02 -33.36
CA ILE B 712 49.95 -38.04 -32.30
C ILE B 712 50.45 -36.72 -32.88
N ALA B 713 50.06 -35.62 -32.24
CA ALA B 713 50.52 -34.29 -32.62
C ALA B 713 51.28 -33.70 -31.44
N ILE B 714 52.56 -33.37 -31.66
CA ILE B 714 53.42 -32.83 -30.62
C ILE B 714 53.94 -31.48 -31.08
N PRO B 715 53.85 -30.44 -30.26
CA PRO B 715 54.35 -29.12 -30.66
C PRO B 715 55.87 -29.10 -30.75
N THR B 716 56.37 -28.25 -31.63
CA THR B 716 57.80 -28.00 -31.74
C THR B 716 58.20 -26.58 -31.35
N ASN B 717 57.24 -25.72 -31.03
CA ASN B 717 57.55 -24.35 -30.63
C ASN B 717 56.45 -23.86 -29.71
N PHE B 718 56.63 -22.64 -29.18
CA PHE B 718 55.67 -22.11 -28.22
C PHE B 718 55.75 -20.59 -28.21
N THR B 719 54.67 -19.97 -27.73
CA THR B 719 54.59 -18.53 -27.53
C THR B 719 54.21 -18.28 -26.07
N ILE B 720 54.82 -17.27 -25.46
CA ILE B 720 54.44 -16.85 -24.12
C ILE B 720 53.49 -15.66 -24.26
N SER B 721 52.24 -15.85 -23.86
CA SER B 721 51.18 -14.89 -24.15
C SER B 721 50.63 -14.32 -22.86
N VAL B 722 50.48 -12.99 -22.80
CA VAL B 722 49.86 -12.34 -21.65
C VAL B 722 48.47 -11.89 -22.05
N THR B 723 47.48 -12.32 -21.27
CA THR B 723 46.07 -12.05 -21.53
C THR B 723 45.47 -11.33 -20.34
N THR B 724 44.74 -10.24 -20.61
CA THR B 724 44.12 -9.45 -19.57
C THR B 724 42.69 -9.94 -19.32
N GLU B 725 42.37 -10.15 -18.05
CA GLU B 725 41.02 -10.51 -17.63
C GLU B 725 40.53 -9.50 -16.61
N ILE B 726 39.41 -8.86 -16.90
CA ILE B 726 38.86 -7.79 -16.07
C ILE B 726 37.67 -8.36 -15.31
N LEU B 727 37.68 -8.22 -13.98
CA LEU B 727 36.63 -8.79 -13.15
C LEU B 727 36.17 -7.77 -12.12
N PRO B 728 34.88 -7.45 -12.07
CA PRO B 728 34.37 -6.62 -10.97
C PRO B 728 34.49 -7.33 -9.64
N VAL B 729 34.70 -6.54 -8.58
CA VAL B 729 34.89 -7.05 -7.23
C VAL B 729 33.84 -6.48 -6.27
N SER B 730 33.68 -5.16 -6.26
CA SER B 730 32.72 -4.50 -5.39
C SER B 730 31.96 -3.46 -6.17
N MET B 731 30.78 -3.10 -5.67
CA MET B 731 29.97 -2.06 -6.26
C MET B 731 29.85 -0.90 -5.25
N THR B 732 29.13 0.14 -5.65
CA THR B 732 29.02 1.34 -4.83
C THR B 732 28.19 1.07 -3.59
N LYS B 733 28.76 1.39 -2.42
CA LYS B 733 28.07 1.22 -1.16
C LYS B 733 27.12 2.39 -0.92
N THR B 734 25.84 2.09 -0.77
CA THR B 734 24.82 3.10 -0.57
C THR B 734 24.03 2.82 0.70
N SER B 735 23.49 3.88 1.28
CA SER B 735 22.64 3.78 2.45
C SER B 735 21.57 4.85 2.35
N VAL B 736 20.54 4.72 3.16
CA VAL B 736 19.43 5.67 3.17
C VAL B 736 19.35 6.33 4.55
N ASP B 737 19.20 7.65 4.55
CA ASP B 737 18.93 8.39 5.78
C ASP B 737 17.43 8.35 6.03
N CYS B 738 17.02 7.65 7.09
CA CYS B 738 15.60 7.41 7.32
C CYS B 738 14.83 8.67 7.66
N THR B 739 15.40 9.53 8.50
CA THR B 739 14.66 10.71 8.94
C THR B 739 14.47 11.70 7.79
N MET B 740 15.45 11.78 6.89
CA MET B 740 15.35 12.70 5.73
C MET B 740 14.49 12.08 4.66
N TYR B 741 14.47 10.75 4.57
CA TYR B 741 13.61 10.09 3.59
C TYR B 741 12.15 10.21 3.98
N ILE B 742 11.82 9.96 5.25
CA ILE B 742 10.43 9.94 5.66
C ILE B 742 9.90 11.37 5.88
N CYS B 743 10.61 12.16 6.68
CA CYS B 743 10.15 13.50 7.01
C CYS B 743 10.50 14.53 5.95
N GLY B 744 11.77 14.64 5.58
CA GLY B 744 12.21 15.79 4.81
C GLY B 744 12.23 17.00 5.73
N ASP B 745 11.39 17.99 5.43
CA ASP B 745 11.22 19.16 6.28
C ASP B 745 9.76 19.33 6.71
N SER B 746 9.12 18.24 7.10
CA SER B 746 7.72 18.30 7.53
C SER B 746 7.61 18.93 8.91
N THR B 747 6.43 19.50 9.17
CA THR B 747 6.22 20.16 10.46
C THR B 747 6.03 19.16 11.59
N GLU B 748 5.67 17.93 11.26
CA GLU B 748 5.62 16.83 12.22
C GLU B 748 6.54 15.72 11.72
N CYS B 749 7.63 15.50 12.46
CA CYS B 749 8.60 14.48 12.05
C CYS B 749 8.60 13.31 13.00
N SER B 750 8.38 13.55 14.30
CA SER B 750 8.47 12.47 15.27
C SER B 750 7.28 11.53 15.14
N ASN B 751 6.10 12.06 14.82
CA ASN B 751 4.94 11.19 14.58
C ASN B 751 5.15 10.33 13.35
N LEU B 752 5.71 10.91 12.29
CA LEU B 752 5.98 10.14 11.07
C LEU B 752 7.05 9.09 11.33
N LEU B 753 8.04 9.42 12.16
CA LEU B 753 9.06 8.43 12.54
C LEU B 753 8.44 7.28 13.33
N LEU B 754 7.59 7.59 14.32
CA LEU B 754 6.94 6.54 15.09
C LEU B 754 6.00 5.68 14.24
N GLN B 755 5.53 6.20 13.12
CA GLN B 755 4.59 5.35 12.36
C GLN B 755 5.33 4.60 11.26
N TYR B 756 6.42 5.15 10.70
CA TYR B 756 7.04 4.52 9.53
C TYR B 756 8.55 4.38 9.68
N GLY B 757 9.07 4.27 10.89
CA GLY B 757 10.51 4.24 11.06
C GLY B 757 11.13 2.86 11.00
N SER B 758 10.42 1.85 11.50
CA SER B 758 10.98 0.51 11.53
C SER B 758 11.06 -0.09 10.12
N PHE B 759 10.14 0.33 9.24
CA PHE B 759 10.20 -0.08 7.83
C PHE B 759 11.48 0.40 7.17
N CYS B 760 11.77 1.70 7.30
CA CYS B 760 13.01 2.24 6.75
C CYS B 760 14.22 1.70 7.49
N THR B 761 14.09 1.39 8.78
CA THR B 761 15.20 0.81 9.52
C THR B 761 15.56 -0.58 8.99
N GLN B 762 14.55 -1.39 8.69
CA GLN B 762 14.80 -2.70 8.06
C GLN B 762 15.40 -2.55 6.66
N LEU B 763 14.90 -1.59 5.86
CA LEU B 763 15.46 -1.37 4.54
C LEU B 763 16.90 -0.86 4.60
N ASN B 764 17.19 0.01 5.56
CA ASN B 764 18.55 0.52 5.72
C ASN B 764 19.48 -0.56 6.26
N ARG B 765 18.96 -1.46 7.10
CA ARG B 765 19.75 -2.61 7.52
C ARG B 765 20.05 -3.52 6.34
N ALA B 766 19.09 -3.67 5.42
CA ALA B 766 19.34 -4.43 4.20
C ALA B 766 20.45 -3.79 3.35
N LEU B 767 20.39 -2.47 3.18
CA LEU B 767 21.41 -1.77 2.40
C LEU B 767 22.77 -1.83 3.09
N THR B 768 22.78 -1.74 4.43
CA THR B 768 24.03 -1.86 5.18
C THR B 768 24.62 -3.26 5.04
N GLY B 769 23.77 -4.29 5.04
CA GLY B 769 24.26 -5.63 4.80
C GLY B 769 24.84 -5.80 3.41
N ILE B 770 24.23 -5.16 2.41
CA ILE B 770 24.78 -5.18 1.06
C ILE B 770 26.15 -4.50 1.03
N ALA B 771 26.29 -3.35 1.70
CA ALA B 771 27.55 -2.63 1.72
C ALA B 771 28.64 -3.43 2.44
N VAL B 772 28.29 -4.08 3.55
CA VAL B 772 29.22 -4.94 4.26
C VAL B 772 29.62 -6.13 3.38
N GLU B 773 28.68 -6.65 2.59
CA GLU B 773 29.02 -7.72 1.64
C GLU B 773 30.01 -7.24 0.59
N GLN B 774 29.86 -6.00 0.11
CA GLN B 774 30.83 -5.45 -0.83
C GLN B 774 32.22 -5.32 -0.20
N ASP B 775 32.27 -4.87 1.06
CA ASP B 775 33.55 -4.77 1.76
C ASP B 775 34.19 -6.15 1.94
N LYS B 776 33.39 -7.16 2.28
CA LYS B 776 33.91 -8.52 2.40
C LYS B 776 34.39 -9.07 1.07
N ASN B 777 33.71 -8.67 -0.02
CA ASN B 777 34.16 -9.07 -1.36
C ASN B 777 35.54 -8.48 -1.66
N THR B 778 35.73 -7.19 -1.36
CA THR B 778 37.03 -6.57 -1.59
C THR B 778 38.11 -7.20 -0.73
N GLN B 779 37.78 -7.52 0.53
CA GLN B 779 38.76 -8.16 1.42
C GLN B 779 39.10 -9.56 0.97
N GLU B 780 38.12 -10.33 0.49
CA GLU B 780 38.40 -11.71 0.09
C GLU B 780 39.11 -11.77 -1.25
N VAL B 781 39.00 -10.70 -2.06
CA VAL B 781 39.77 -10.69 -3.31
C VAL B 781 41.21 -10.23 -3.05
N PHE B 782 41.39 -9.13 -2.31
CA PHE B 782 42.71 -8.53 -2.22
C PHE B 782 43.50 -8.89 -0.97
N ALA B 783 42.84 -9.20 0.14
CA ALA B 783 43.54 -9.41 1.41
C ALA B 783 43.65 -10.89 1.79
N GLN B 784 43.90 -11.77 0.82
CA GLN B 784 44.06 -13.18 1.14
C GLN B 784 45.34 -13.44 1.92
N VAL B 785 46.43 -12.80 1.52
CA VAL B 785 47.72 -12.91 2.21
C VAL B 785 47.99 -11.57 2.87
N LYS B 786 47.98 -11.53 4.19
CA LYS B 786 48.16 -10.29 4.95
C LYS B 786 49.62 -10.15 5.36
N GLN B 787 50.48 -10.11 4.34
CA GLN B 787 51.90 -9.81 4.51
C GLN B 787 52.28 -8.72 3.52
N ILE B 788 52.95 -7.69 4.01
CA ILE B 788 53.37 -6.56 3.18
C ILE B 788 54.86 -6.73 2.88
N TYR B 789 55.18 -6.90 1.60
CA TYR B 789 56.56 -6.98 1.14
C TYR B 789 56.89 -5.72 0.36
N LYS B 790 58.02 -5.10 0.71
CA LYS B 790 58.45 -3.88 0.04
C LYS B 790 58.82 -4.18 -1.41
N THR B 791 58.57 -3.20 -2.27
CA THR B 791 58.88 -3.37 -3.68
C THR B 791 60.40 -3.41 -3.87
N PRO B 792 60.94 -4.50 -4.41
CA PRO B 792 62.39 -4.58 -4.62
C PRO B 792 62.82 -3.65 -5.72
N PRO B 793 64.06 -3.14 -5.66
CA PRO B 793 64.65 -2.49 -6.83
C PRO B 793 64.75 -3.49 -7.97
N ILE B 794 64.54 -3.01 -9.19
CA ILE B 794 64.55 -3.88 -10.36
C ILE B 794 65.97 -4.39 -10.56
N LYS B 795 66.20 -5.65 -10.21
CA LYS B 795 67.54 -6.22 -10.16
C LYS B 795 67.45 -7.68 -10.58
N ASP B 796 67.81 -7.95 -11.83
CA ASP B 796 68.06 -9.30 -12.36
C ASP B 796 66.80 -10.17 -12.27
N PHE B 797 65.75 -9.72 -12.97
CA PHE B 797 64.53 -10.49 -13.14
C PHE B 797 64.61 -11.49 -14.28
N GLY B 798 65.80 -11.83 -14.74
CA GLY B 798 65.97 -12.77 -15.84
C GLY B 798 65.63 -12.22 -17.21
N GLY B 799 65.67 -10.90 -17.39
CA GLY B 799 65.25 -10.29 -18.63
C GLY B 799 63.78 -9.94 -18.71
N PHE B 800 63.00 -10.28 -17.69
CA PHE B 800 61.58 -9.98 -17.66
C PHE B 800 61.38 -8.57 -17.12
N ASN B 801 60.88 -7.68 -17.97
CA ASN B 801 60.70 -6.27 -17.61
C ASN B 801 59.35 -6.13 -16.91
N PHE B 802 59.39 -5.91 -15.59
CA PHE B 802 58.19 -5.78 -14.77
C PHE B 802 57.86 -4.35 -14.41
N SER B 803 58.56 -3.36 -14.99
CA SER B 803 58.44 -1.98 -14.54
C SER B 803 57.07 -1.39 -14.83
N GLN B 804 56.32 -2.01 -15.71
CA GLN B 804 55.02 -1.42 -16.07
C GLN B 804 53.95 -1.86 -15.06
N ILE B 805 54.13 -2.99 -14.39
CA ILE B 805 53.14 -3.47 -13.42
C ILE B 805 53.67 -3.33 -12.00
N LEU B 806 54.98 -3.39 -11.82
CA LEU B 806 55.56 -3.21 -10.50
C LEU B 806 55.71 -1.71 -10.23
N PRO B 807 55.16 -1.19 -9.14
CA PRO B 807 55.07 0.26 -8.98
C PRO B 807 56.40 0.93 -8.67
N ASP B 808 56.49 2.20 -9.07
CA ASP B 808 57.69 3.00 -8.90
C ASP B 808 57.66 3.75 -7.57
N PRO B 809 58.81 3.84 -6.89
CA PRO B 809 58.86 4.59 -5.62
C PRO B 809 58.93 6.10 -5.81
N SER B 810 59.18 6.59 -7.03
CA SER B 810 59.33 8.02 -7.23
C SER B 810 58.00 8.76 -7.09
N LYS B 811 56.92 8.16 -7.58
CA LYS B 811 55.61 8.78 -7.47
C LYS B 811 55.13 8.76 -6.01
N PRO B 812 54.41 9.79 -5.57
CA PRO B 812 53.85 9.76 -4.20
C PRO B 812 52.84 8.64 -3.99
N SER B 813 52.10 8.27 -5.04
CA SER B 813 51.14 7.19 -4.92
C SER B 813 51.83 5.83 -5.00
N LYS B 814 51.13 4.82 -4.50
CA LYS B 814 51.60 3.44 -4.53
C LYS B 814 51.23 2.76 -5.85
N ARG B 815 50.53 3.49 -6.73
CA ARG B 815 50.00 2.95 -7.98
C ARG B 815 51.13 2.66 -8.97
N SER B 816 50.80 1.84 -9.97
CA SER B 816 51.70 1.52 -11.06
C SER B 816 51.18 2.17 -12.35
N PHE B 817 51.96 1.96 -13.42
CA PHE B 817 51.63 2.60 -14.71
C PHE B 817 50.35 1.97 -15.25
N ILE B 818 50.34 0.65 -15.35
CA ILE B 818 49.16 -0.07 -15.83
C ILE B 818 47.96 0.24 -14.94
N GLU B 819 48.18 0.29 -13.63
CA GLU B 819 47.12 0.69 -12.70
C GLU B 819 46.68 2.12 -12.95
N ASP B 820 47.63 3.01 -13.27
CA ASP B 820 47.28 4.39 -13.60
C ASP B 820 46.39 4.46 -14.83
N LEU B 821 46.71 3.67 -15.86
CA LEU B 821 45.86 3.65 -17.06
C LEU B 821 44.49 3.04 -16.76
N LEU B 822 44.44 2.02 -15.90
CA LEU B 822 43.16 1.41 -15.56
C LEU B 822 42.26 2.37 -14.81
N PHE B 823 42.83 3.14 -13.87
CA PHE B 823 42.04 4.13 -13.14
C PHE B 823 41.72 5.34 -13.99
N ASN B 824 42.55 5.67 -14.99
CA ASN B 824 42.23 6.78 -15.88
C ASN B 824 41.18 6.41 -16.92
N LYS B 825 41.09 5.13 -17.29
CA LYS B 825 40.13 4.72 -18.33
C LYS B 825 38.70 4.82 -17.83
N VAL B 826 38.44 4.33 -16.62
CA VAL B 826 37.10 4.36 -16.04
C VAL B 826 37.00 5.62 -15.19
N THR B 827 36.52 6.71 -15.79
CA THR B 827 36.21 7.93 -15.06
C THR B 827 34.94 7.69 -14.26
N LEU B 828 34.97 8.07 -12.98
CA LEU B 828 33.82 7.80 -12.10
C LEU B 828 32.61 8.64 -12.53
N ALA B 829 31.48 7.99 -12.78
CA ALA B 829 30.22 8.70 -13.10
C ALA B 829 30.37 9.58 -14.34
N ASP B 830 31.12 9.15 -15.35
CA ASP B 830 31.18 9.91 -16.62
C ASP B 830 30.00 9.48 -17.49
N ALA B 831 28.79 9.90 -17.12
CA ALA B 831 27.57 9.43 -17.84
C ALA B 831 26.54 10.55 -17.86
N GLY B 832 25.41 10.34 -18.54
CA GLY B 832 24.38 11.40 -18.66
C GLY B 832 23.90 11.81 -17.29
N PHE B 833 23.87 10.88 -16.35
CA PHE B 833 23.35 11.15 -14.99
C PHE B 833 24.21 12.20 -14.28
N ILE B 834 25.46 12.41 -14.71
CA ILE B 834 26.35 13.36 -13.97
C ILE B 834 25.72 14.76 -13.99
N LYS B 835 25.10 15.15 -15.10
CA LYS B 835 24.51 16.51 -15.21
C LYS B 835 23.37 16.68 -14.20
N GLN B 836 22.48 15.70 -14.11
CA GLN B 836 21.33 15.77 -13.18
C GLN B 836 21.75 15.68 -11.71
N TYR B 837 22.68 14.79 -11.36
CA TYR B 837 23.01 14.56 -9.93
C TYR B 837 24.32 15.23 -9.48
N GLY B 838 25.02 15.91 -10.39
CA GLY B 838 26.25 16.63 -10.00
C GLY B 838 27.29 15.72 -9.38
N ASP B 839 27.40 14.47 -9.85
CA ASP B 839 28.45 13.53 -9.36
C ASP B 839 28.27 13.26 -7.87
N CYS B 840 27.03 13.31 -7.37
CA CYS B 840 26.78 12.93 -5.95
C CYS B 840 26.42 11.44 -5.92
N LEU B 841 26.42 10.80 -7.10
CA LEU B 841 26.00 9.37 -7.21
C LEU B 841 27.22 8.45 -7.14
N GLY B 842 28.42 9.00 -7.02
CA GLY B 842 29.63 8.16 -7.08
C GLY B 842 30.61 8.52 -5.98
N ASP B 843 31.53 7.61 -5.68
CA ASP B 843 32.52 7.86 -4.59
C ASP B 843 33.69 8.66 -5.18
N ILE B 844 33.59 9.98 -5.15
CA ILE B 844 34.70 10.86 -5.64
C ILE B 844 35.60 11.17 -4.44
N ALA B 845 35.20 10.75 -3.23
CA ALA B 845 35.98 10.95 -1.99
C ALA B 845 35.85 12.41 -1.52
N ALA B 846 35.07 13.22 -2.24
CA ALA B 846 34.91 14.64 -1.88
C ALA B 846 33.43 14.99 -1.78
N ARG B 847 32.53 14.01 -1.94
CA ARG B 847 31.08 14.33 -1.94
C ARG B 847 30.73 14.96 -0.59
N ASP B 848 29.88 15.99 -0.59
CA ASP B 848 29.59 16.73 0.67
C ASP B 848 28.16 16.48 1.14
N LEU B 849 27.77 17.08 2.27
CA LEU B 849 26.42 16.86 2.87
C LEU B 849 25.32 17.34 1.91
N ILE B 850 25.59 18.38 1.10
CA ILE B 850 24.56 18.99 0.19
C ILE B 850 24.05 17.96 -0.82
N CYS B 851 24.81 16.91 -1.09
CA CYS B 851 24.39 15.82 -2.01
C CYS B 851 23.24 14.96 -1.45
N ALA B 852 23.26 14.66 -0.16
CA ALA B 852 22.22 13.80 0.45
C ALA B 852 20.88 14.51 0.31
N GLN B 853 20.84 15.82 0.59
CA GLN B 853 19.59 16.61 0.46
C GLN B 853 19.06 16.48 -0.96
N LYS B 854 19.95 16.56 -1.96
CA LYS B 854 19.55 16.45 -3.38
C LYS B 854 18.93 15.08 -3.67
N PHE B 855 19.46 14.00 -3.08
CA PHE B 855 18.97 12.63 -3.39
C PHE B 855 17.81 12.24 -2.49
N ASN B 856 17.32 13.14 -1.63
CA ASN B 856 16.22 12.85 -0.67
C ASN B 856 16.63 11.77 0.32
N GLY B 857 17.85 11.84 0.86
CA GLY B 857 18.19 10.89 1.92
C GLY B 857 19.29 9.94 1.53
N LEU B 858 19.35 9.57 0.28
CA LEU B 858 20.32 8.54 -0.12
C LEU B 858 21.74 9.09 -0.05
N THR B 859 22.62 8.33 0.60
CA THR B 859 24.01 8.69 0.75
C THR B 859 24.88 7.56 0.24
N VAL B 860 26.10 7.92 -0.17
CA VAL B 860 27.07 6.96 -0.69
C VAL B 860 28.13 6.75 0.38
N LEU B 861 28.20 5.54 0.90
CA LEU B 861 29.19 5.20 1.91
C LEU B 861 30.53 4.89 1.25
N PRO B 862 31.63 5.46 1.74
CA PRO B 862 32.94 5.17 1.15
C PRO B 862 33.36 3.75 1.46
N PRO B 863 34.17 3.14 0.59
CA PRO B 863 34.66 1.78 0.87
C PRO B 863 35.61 1.76 2.05
N LEU B 864 35.64 0.60 2.73
CA LEU B 864 36.52 0.43 3.87
C LEU B 864 37.99 0.46 3.45
N LEU B 865 38.31 -0.18 2.35
CA LEU B 865 39.69 -0.21 1.85
C LEU B 865 39.90 0.94 0.87
N THR B 866 40.81 1.84 1.22
CA THR B 866 41.21 2.93 0.34
C THR B 866 41.91 2.35 -0.88
N ASP B 867 41.78 3.04 -2.02
CA ASP B 867 42.49 2.64 -3.25
C ASP B 867 44.00 2.60 -3.04
N GLU B 868 44.53 3.43 -2.14
CA GLU B 868 45.93 3.30 -1.75
C GLU B 868 46.17 1.96 -1.05
N MET B 869 45.25 1.53 -0.21
CA MET B 869 45.44 0.26 0.54
C MET B 869 45.23 -0.92 -0.40
N ILE B 870 44.31 -0.82 -1.36
CA ILE B 870 44.15 -1.88 -2.35
C ILE B 870 45.37 -1.96 -3.25
N ALA B 871 45.91 -0.80 -3.64
CA ALA B 871 47.12 -0.78 -4.47
C ALA B 871 48.32 -1.32 -3.70
N GLN B 872 48.37 -1.10 -2.38
CA GLN B 872 49.47 -1.64 -1.59
C GLN B 872 49.33 -3.15 -1.42
N TYR B 873 48.10 -3.66 -1.29
CA TYR B 873 47.87 -5.10 -1.33
C TYR B 873 48.33 -5.70 -2.65
N THR B 874 47.99 -5.04 -3.76
CA THR B 874 48.39 -5.53 -5.08
C THR B 874 49.90 -5.50 -5.25
N SER B 875 50.55 -4.44 -4.76
CA SER B 875 52.00 -4.35 -4.85
C SER B 875 52.69 -5.40 -3.98
N ALA B 876 52.14 -5.66 -2.79
CA ALA B 876 52.69 -6.71 -1.93
C ALA B 876 52.53 -8.08 -2.57
N LEU B 877 51.37 -8.34 -3.19
CA LEU B 877 51.17 -9.60 -3.90
C LEU B 877 52.13 -9.75 -5.08
N LEU B 878 52.33 -8.68 -5.85
CA LEU B 878 53.26 -8.72 -6.97
C LEU B 878 54.71 -8.96 -6.51
N ALA B 879 55.15 -8.21 -5.50
CA ALA B 879 56.52 -8.36 -5.02
C ALA B 879 56.76 -9.73 -4.42
N GLY B 880 55.81 -10.21 -3.61
CA GLY B 880 55.94 -11.55 -3.05
C GLY B 880 55.93 -12.64 -4.09
N THR B 881 55.05 -12.50 -5.10
CA THR B 881 54.98 -13.49 -6.17
C THR B 881 56.29 -13.55 -6.94
N ILE B 882 56.77 -12.39 -7.41
CA ILE B 882 58.00 -12.34 -8.22
C ILE B 882 59.20 -12.81 -7.41
N THR B 883 59.27 -12.45 -6.13
CA THR B 883 60.43 -12.84 -5.33
C THR B 883 60.40 -14.32 -4.97
N SER B 884 59.24 -14.85 -4.56
CA SER B 884 59.19 -16.17 -3.95
C SER B 884 58.47 -17.23 -4.78
N GLY B 885 57.32 -16.94 -5.35
CA GLY B 885 56.52 -17.96 -6.00
C GLY B 885 55.51 -18.58 -5.04
N TRP B 886 55.63 -19.89 -4.82
CA TRP B 886 54.65 -20.62 -4.03
C TRP B 886 54.84 -20.41 -2.54
N THR B 887 56.04 -20.03 -2.10
CA THR B 887 56.34 -19.87 -0.68
C THR B 887 55.88 -18.52 -0.13
N PHE B 888 55.32 -17.66 -0.97
CA PHE B 888 54.88 -16.35 -0.51
C PHE B 888 53.72 -16.47 0.48
N GLY B 889 52.74 -17.31 0.18
CA GLY B 889 51.61 -17.49 1.05
C GLY B 889 51.81 -18.42 2.22
N ALA B 890 52.91 -19.18 2.23
CA ALA B 890 53.16 -20.16 3.28
C ALA B 890 53.71 -19.55 4.56
N GLY B 891 53.97 -18.24 4.58
CA GLY B 891 54.57 -17.61 5.72
C GLY B 891 56.08 -17.79 5.75
N ALA B 892 56.77 -16.70 6.10
CA ALA B 892 58.23 -16.58 6.02
C ALA B 892 58.71 -16.96 4.62
N ALA B 893 58.38 -16.08 3.67
CA ALA B 893 58.60 -16.37 2.25
C ALA B 893 60.09 -16.46 1.94
N LEU B 894 60.41 -17.26 0.92
CA LEU B 894 61.78 -17.66 0.62
C LEU B 894 62.20 -17.03 -0.70
N GLN B 895 63.36 -16.37 -0.69
CA GLN B 895 63.87 -15.80 -1.92
C GLN B 895 64.31 -16.90 -2.89
N ILE B 896 64.10 -16.64 -4.17
CA ILE B 896 64.48 -17.57 -5.23
C ILE B 896 64.69 -16.74 -6.49
N PRO B 897 65.69 -17.05 -7.33
CA PRO B 897 65.81 -16.36 -8.61
C PRO B 897 64.59 -16.59 -9.49
N PHE B 898 64.26 -15.57 -10.28
CA PHE B 898 63.06 -15.65 -11.09
C PHE B 898 63.16 -16.69 -12.19
N ALA B 899 64.38 -16.92 -12.71
CA ALA B 899 64.56 -17.96 -13.72
C ALA B 899 64.27 -19.35 -13.16
N MET B 900 64.63 -19.58 -11.90
CA MET B 900 64.35 -20.87 -11.29
C MET B 900 62.86 -21.04 -11.01
N GLN B 901 62.15 -19.95 -10.70
CA GLN B 901 60.70 -20.00 -10.59
C GLN B 901 60.06 -20.29 -11.96
N MET B 902 60.64 -19.73 -13.03
CA MET B 902 60.22 -20.07 -14.38
C MET B 902 60.41 -21.55 -14.68
N ALA B 903 61.56 -22.11 -14.27
CA ALA B 903 61.82 -23.52 -14.50
C ALA B 903 60.85 -24.40 -13.74
N TYR B 904 60.53 -24.03 -12.49
CA TYR B 904 59.55 -24.78 -11.71
C TYR B 904 58.16 -24.68 -12.33
N ARG B 905 57.79 -23.51 -12.86
CA ARG B 905 56.46 -23.38 -13.44
C ARG B 905 56.35 -24.01 -14.83
N PHE B 906 57.46 -24.20 -15.55
CA PHE B 906 57.42 -25.11 -16.69
C PHE B 906 57.34 -26.57 -16.24
N ASN B 907 57.99 -26.91 -15.12
CA ASN B 907 57.84 -28.26 -14.58
C ASN B 907 56.41 -28.54 -14.13
N GLY B 908 55.66 -27.49 -13.79
CA GLY B 908 54.27 -27.66 -13.45
C GLY B 908 53.40 -28.09 -14.62
N ILE B 909 53.71 -27.61 -15.83
CA ILE B 909 52.90 -27.91 -17.00
C ILE B 909 53.51 -29.07 -17.79
N GLY B 910 54.45 -29.78 -17.18
CA GLY B 910 55.03 -30.95 -17.79
C GLY B 910 56.08 -30.66 -18.86
N VAL B 911 56.80 -29.56 -18.75
CA VAL B 911 57.86 -29.20 -19.69
C VAL B 911 59.16 -29.07 -18.90
N THR B 912 60.21 -29.73 -19.38
CA THR B 912 61.47 -29.76 -18.65
C THR B 912 62.12 -28.38 -18.63
N GLN B 913 62.99 -28.17 -17.65
CA GLN B 913 63.64 -26.88 -17.42
C GLN B 913 64.61 -26.50 -18.53
N ASN B 914 65.09 -27.46 -19.31
CA ASN B 914 66.02 -27.18 -20.38
C ASN B 914 65.39 -26.31 -21.47
N VAL B 915 64.07 -26.45 -21.66
CA VAL B 915 63.36 -25.62 -22.63
C VAL B 915 63.43 -24.15 -22.21
N LEU B 916 63.28 -23.88 -20.92
CA LEU B 916 63.46 -22.53 -20.42
C LEU B 916 64.90 -22.06 -20.55
N TYR B 917 65.85 -22.86 -20.02
CA TYR B 917 67.20 -22.35 -19.85
C TYR B 917 67.93 -22.22 -21.18
N GLU B 918 67.51 -22.99 -22.18
CA GLU B 918 68.02 -22.77 -23.54
C GLU B 918 67.39 -21.57 -24.21
N ASN B 919 66.11 -21.30 -23.94
CA ASN B 919 65.35 -20.25 -24.60
C ASN B 919 64.90 -19.16 -23.63
N GLN B 920 65.77 -18.75 -22.72
CA GLN B 920 65.39 -17.78 -21.71
C GLN B 920 65.22 -16.38 -22.30
N LYS B 921 66.14 -15.98 -23.17
CA LYS B 921 66.07 -14.65 -23.77
C LYS B 921 64.85 -14.51 -24.67
N LEU B 922 64.53 -15.56 -25.42
CA LEU B 922 63.35 -15.54 -26.29
C LEU B 922 62.06 -15.42 -25.48
N ILE B 923 61.97 -16.15 -24.36
CA ILE B 923 60.79 -16.08 -23.51
C ILE B 923 60.67 -14.71 -22.87
N ALA B 924 61.80 -14.14 -22.41
CA ALA B 924 61.77 -12.80 -21.83
C ALA B 924 61.36 -11.75 -22.86
N ASN B 925 61.86 -11.87 -24.10
CA ASN B 925 61.49 -10.93 -25.15
C ASN B 925 60.01 -11.07 -25.52
N GLN B 926 59.49 -12.30 -25.56
CA GLN B 926 58.07 -12.49 -25.84
C GLN B 926 57.20 -11.91 -24.73
N PHE B 927 57.61 -12.09 -23.47
CA PHE B 927 56.84 -11.52 -22.36
C PHE B 927 56.87 -10.00 -22.38
N ASN B 928 58.04 -9.41 -22.68
CA ASN B 928 58.12 -7.94 -22.76
C ASN B 928 57.31 -7.41 -23.93
N SER B 929 57.30 -8.11 -25.06
CA SER B 929 56.49 -7.71 -26.20
C SER B 929 55.00 -7.81 -25.89
N ALA B 930 54.59 -8.85 -25.17
CA ALA B 930 53.19 -8.97 -24.78
C ALA B 930 52.78 -7.88 -23.80
N ILE B 931 53.66 -7.54 -22.86
CA ILE B 931 53.40 -6.44 -21.93
C ILE B 931 53.28 -5.12 -22.70
N GLY B 932 54.15 -4.92 -23.70
CA GLY B 932 54.05 -3.74 -24.54
C GLY B 932 52.77 -3.67 -25.36
N LYS B 933 52.23 -4.82 -25.75
CA LYS B 933 51.00 -4.81 -26.58
C LYS B 933 49.83 -4.54 -25.65
N ILE B 934 49.89 -5.06 -24.43
CA ILE B 934 48.85 -4.71 -23.45
C ILE B 934 48.90 -3.21 -23.14
N GLN B 935 50.09 -2.65 -22.94
CA GLN B 935 50.06 -1.19 -22.67
C GLN B 935 49.54 -0.45 -23.92
N ASP B 936 49.98 -0.79 -25.14
CA ASP B 936 49.45 -0.05 -26.29
C ASP B 936 47.95 -0.23 -26.44
N SER B 937 47.42 -1.40 -26.08
CA SER B 937 45.98 -1.62 -26.14
C SER B 937 45.25 -0.77 -25.11
N LEU B 938 45.82 -0.63 -23.91
CA LEU B 938 45.22 0.25 -22.92
C LEU B 938 45.43 1.71 -23.28
N SER B 939 46.51 2.03 -23.98
CA SER B 939 46.78 3.41 -24.38
C SER B 939 46.02 3.81 -25.65
N SER B 940 45.38 2.86 -26.33
CA SER B 940 44.72 3.16 -27.60
C SER B 940 43.33 3.73 -27.41
N THR B 941 42.88 3.90 -26.16
CA THR B 941 41.58 4.40 -25.72
C THR B 941 40.43 3.50 -26.17
N ALA B 942 40.69 2.28 -26.64
CA ALA B 942 39.64 1.31 -26.90
C ALA B 942 39.18 0.73 -25.58
N SER B 943 37.97 1.06 -25.16
CA SER B 943 37.48 0.73 -23.82
C SER B 943 37.15 -0.74 -23.76
N ALA B 944 38.15 -1.56 -23.42
CA ALA B 944 37.94 -2.96 -23.12
C ALA B 944 37.47 -3.17 -21.68
N LEU B 945 37.44 -2.11 -20.87
CA LEU B 945 36.98 -2.18 -19.49
C LEU B 945 35.48 -1.91 -19.41
N GLY B 946 34.72 -2.68 -20.19
CA GLY B 946 33.28 -2.57 -20.22
C GLY B 946 32.57 -3.27 -19.09
N LYS B 947 33.28 -3.98 -18.22
CA LYS B 947 32.68 -4.63 -17.07
C LYS B 947 32.72 -3.76 -15.82
N LEU B 948 33.63 -2.79 -15.76
CA LEU B 948 33.74 -1.88 -14.61
C LEU B 948 32.95 -0.61 -14.82
N GLN B 949 32.91 -0.09 -16.05
CA GLN B 949 32.05 1.04 -16.36
C GLN B 949 30.58 0.65 -16.25
N ASP B 950 30.26 -0.62 -16.53
CA ASP B 950 28.88 -1.09 -16.44
C ASP B 950 28.38 -1.07 -15.01
N VAL B 951 29.27 -1.28 -14.04
CA VAL B 951 28.87 -1.23 -12.62
C VAL B 951 28.44 0.18 -12.24
N VAL B 952 29.25 1.18 -12.64
CA VAL B 952 28.93 2.57 -12.36
C VAL B 952 27.66 2.99 -13.08
N ASN B 953 27.51 2.56 -14.33
CA ASN B 953 26.31 2.89 -15.10
C ASN B 953 25.06 2.26 -14.48
N GLN B 954 25.16 1.02 -14.00
CA GLN B 954 24.01 0.37 -13.39
C GLN B 954 23.63 1.02 -12.06
N ASN B 955 24.64 1.40 -11.27
CA ASN B 955 24.35 2.12 -10.02
C ASN B 955 23.69 3.47 -10.29
N ALA B 956 24.17 4.18 -11.31
CA ALA B 956 23.58 5.46 -11.67
C ALA B 956 22.15 5.29 -12.18
N GLN B 957 21.90 4.25 -12.95
CA GLN B 957 20.53 3.99 -13.46
C GLN B 957 19.61 3.60 -12.31
N ALA B 958 20.10 2.85 -11.32
CA ALA B 958 19.28 2.52 -10.16
C ALA B 958 18.94 3.75 -9.34
N LEU B 959 19.92 4.63 -9.11
CA LEU B 959 19.66 5.86 -8.36
C LEU B 959 18.72 6.79 -9.13
N ASN B 960 18.88 6.90 -10.43
CA ASN B 960 17.92 7.71 -11.22
C ASN B 960 16.56 7.10 -11.00
N THR B 961 16.39 5.84 -11.30
CA THR B 961 15.06 5.23 -11.20
C THR B 961 14.44 5.50 -9.84
N LEU B 962 15.25 5.45 -8.77
CA LEU B 962 14.73 5.72 -7.43
C LEU B 962 14.28 7.18 -7.29
N VAL B 963 15.09 8.12 -7.76
CA VAL B 963 14.72 9.53 -7.60
C VAL B 963 13.61 9.92 -8.57
N LYS B 964 13.42 9.13 -9.63
CA LYS B 964 12.27 9.37 -10.50
C LYS B 964 11.00 8.79 -9.90
N GLN B 965 11.12 7.66 -9.18
CA GLN B 965 9.99 7.14 -8.41
C GLN B 965 9.59 8.08 -7.29
N LEU B 966 10.55 8.77 -6.68
CA LEU B 966 10.25 9.68 -5.58
C LEU B 966 9.48 10.91 -6.02
N SER B 967 9.51 11.24 -7.31
CA SER B 967 8.80 12.44 -7.79
C SER B 967 7.30 12.21 -7.96
N SER B 968 6.83 10.98 -7.88
CA SER B 968 5.41 10.70 -8.04
C SER B 968 4.64 11.12 -6.78
N ASN B 969 3.30 11.24 -6.94
CA ASN B 969 2.39 11.69 -5.86
C ASN B 969 1.59 10.51 -5.32
N PHE B 970 1.71 9.35 -5.93
CA PHE B 970 1.12 8.10 -5.45
C PHE B 970 -0.34 8.23 -5.04
N GLY B 971 -1.15 8.90 -5.88
CA GLY B 971 -2.55 9.07 -5.57
C GLY B 971 -2.84 10.00 -4.40
N ALA B 972 -2.11 11.10 -4.30
CA ALA B 972 -2.33 12.12 -3.29
C ALA B 972 -2.54 13.46 -3.98
N ILE B 973 -2.87 14.49 -3.20
CA ILE B 973 -3.10 15.81 -3.78
C ILE B 973 -1.80 16.48 -4.18
N SER B 974 -0.67 16.06 -3.60
CA SER B 974 0.62 16.65 -3.94
C SER B 974 1.71 15.60 -3.74
N SER B 975 2.84 15.81 -4.40
CA SER B 975 4.00 14.94 -4.26
C SER B 975 4.94 15.39 -3.16
N VAL B 976 4.64 16.50 -2.49
CA VAL B 976 5.45 17.03 -1.40
C VAL B 976 4.63 17.03 -0.12
N LEU B 977 5.26 16.66 0.99
CA LEU B 977 4.56 16.54 2.26
C LEU B 977 4.11 17.89 2.81
N ASN B 978 4.87 18.95 2.54
CA ASN B 978 4.58 20.25 3.14
C ASN B 978 3.24 20.80 2.67
N ASP B 979 2.88 20.56 1.41
CA ASP B 979 1.57 20.99 0.92
C ASP B 979 0.44 20.25 1.64
N ILE B 980 0.62 18.97 1.91
CA ILE B 980 -0.42 18.19 2.57
C ILE B 980 -0.57 18.62 4.02
N LEU B 981 0.55 18.87 4.72
CA LEU B 981 0.46 19.37 6.09
C LEU B 981 -0.11 20.79 6.13
N SER B 982 0.20 21.61 5.13
CA SER B 982 -0.24 23.00 5.14
C SER B 982 -1.71 23.15 4.77
N ARG B 983 -2.21 22.34 3.86
CA ARG B 983 -3.56 22.54 3.33
C ARG B 983 -4.62 21.71 4.04
N LEU B 984 -4.25 20.62 4.69
CA LEU B 984 -5.21 19.70 5.27
C LEU B 984 -4.95 19.50 6.76
N ASP B 985 -6.02 19.50 7.55
CA ASP B 985 -5.91 19.15 8.95
C ASP B 985 -5.60 17.65 9.09
N PRO B 986 -4.92 17.24 10.18
CA PRO B 986 -4.39 15.86 10.29
C PRO B 986 -5.43 14.74 10.15
N PRO B 987 -6.69 14.88 10.62
CA PRO B 987 -7.63 13.75 10.43
C PRO B 987 -7.87 13.34 8.98
N GLU B 988 -7.85 14.27 8.03
CA GLU B 988 -7.95 13.89 6.62
C GLU B 988 -6.62 13.99 5.89
N ALA B 989 -5.61 14.63 6.50
CA ALA B 989 -4.28 14.62 5.91
C ALA B 989 -3.55 13.30 6.14
N GLU B 990 -3.92 12.53 7.17
CA GLU B 990 -3.20 11.31 7.50
C GLU B 990 -3.32 10.27 6.40
N VAL B 991 -4.45 10.24 5.68
CA VAL B 991 -4.61 9.31 4.57
C VAL B 991 -3.63 9.65 3.44
N GLN B 992 -3.51 10.92 3.11
CA GLN B 992 -2.59 11.34 2.05
C GLN B 992 -1.14 11.11 2.46
N ILE B 993 -0.82 11.37 3.72
CA ILE B 993 0.54 11.12 4.22
C ILE B 993 0.84 9.63 4.20
N ASP B 994 -0.12 8.79 4.57
CA ASP B 994 0.07 7.35 4.52
C ASP B 994 0.31 6.88 3.10
N ARG B 995 -0.47 7.40 2.14
CA ARG B 995 -0.28 7.02 0.73
C ARG B 995 1.08 7.44 0.22
N LEU B 996 1.50 8.67 0.51
CA LEU B 996 2.78 9.18 0.01
C LEU B 996 3.96 8.44 0.63
N ILE B 997 3.95 8.25 1.95
CA ILE B 997 5.06 7.58 2.62
C ILE B 997 5.10 6.10 2.25
N THR B 998 3.94 5.46 2.11
CA THR B 998 3.90 4.07 1.68
C THR B 998 4.43 3.90 0.26
N GLY B 999 4.10 4.85 -0.63
CA GLY B 999 4.65 4.81 -1.97
C GLY B 999 6.16 4.99 -2.00
N ARG B 1000 6.67 5.94 -1.21
CA ARG B 1000 8.12 6.13 -1.14
C ARG B 1000 8.81 4.90 -0.58
N LEU B 1001 8.22 4.27 0.43
CA LEU B 1001 8.81 3.08 1.03
C LEU B 1001 8.79 1.90 0.07
N GLN B 1002 7.72 1.76 -0.72
CA GLN B 1002 7.68 0.70 -1.74
C GLN B 1002 8.70 0.95 -2.84
N SER B 1003 8.90 2.21 -3.22
CA SER B 1003 9.93 2.55 -4.20
C SER B 1003 11.32 2.20 -3.65
N LEU B 1004 11.56 2.51 -2.37
CA LEU B 1004 12.83 2.14 -1.74
C LEU B 1004 12.99 0.62 -1.66
N GLN B 1005 11.89 -0.10 -1.46
CA GLN B 1005 11.96 -1.56 -1.42
C GLN B 1005 12.33 -2.13 -2.79
N THR B 1006 11.77 -1.57 -3.85
CA THR B 1006 12.16 -2.00 -5.20
C THR B 1006 13.62 -1.68 -5.48
N TYR B 1007 14.09 -0.53 -5.00
CA TYR B 1007 15.51 -0.21 -5.11
C TYR B 1007 16.36 -1.22 -4.35
N VAL B 1008 15.90 -1.65 -3.17
CA VAL B 1008 16.62 -2.66 -2.40
C VAL B 1008 16.69 -3.99 -3.14
N THR B 1009 15.58 -4.41 -3.77
CA THR B 1009 15.59 -5.67 -4.52
C THR B 1009 16.51 -5.59 -5.74
N GLN B 1010 16.52 -4.45 -6.44
CA GLN B 1010 17.48 -4.24 -7.52
C GLN B 1010 18.91 -4.30 -7.00
N GLN B 1011 19.15 -3.76 -5.80
CA GLN B 1011 20.47 -3.86 -5.18
C GLN B 1011 20.80 -5.31 -4.82
N LEU B 1012 19.80 -6.10 -4.46
CA LEU B 1012 20.05 -7.53 -4.18
C LEU B 1012 20.52 -8.25 -5.44
N ILE B 1013 19.86 -7.98 -6.57
CA ILE B 1013 20.26 -8.63 -7.83
C ILE B 1013 21.65 -8.18 -8.24
N ARG B 1014 21.92 -6.88 -8.15
CA ARG B 1014 23.24 -6.36 -8.51
C ARG B 1014 24.32 -6.90 -7.58
N ALA B 1015 24.01 -7.00 -6.28
CA ALA B 1015 24.97 -7.55 -5.32
C ALA B 1015 25.21 -9.03 -5.53
N ALA B 1016 24.20 -9.77 -5.98
CA ALA B 1016 24.41 -11.18 -6.33
C ALA B 1016 25.35 -11.32 -7.52
N GLU B 1017 25.15 -10.49 -8.56
CA GLU B 1017 26.04 -10.55 -9.72
C GLU B 1017 27.47 -10.15 -9.35
N ILE B 1018 27.61 -9.08 -8.55
CA ILE B 1018 28.94 -8.64 -8.11
C ILE B 1018 29.57 -9.68 -7.19
N ARG B 1019 28.77 -10.37 -6.37
CA ARG B 1019 29.30 -11.42 -5.50
C ARG B 1019 29.80 -12.60 -6.32
N ALA B 1020 29.09 -12.96 -7.40
CA ALA B 1020 29.58 -14.02 -8.28
C ALA B 1020 30.89 -13.63 -8.95
N SER B 1021 30.97 -12.38 -9.43
CA SER B 1021 32.22 -11.90 -10.04
C SER B 1021 33.35 -11.85 -9.03
N ALA B 1022 33.06 -11.47 -7.79
CA ALA B 1022 34.09 -11.38 -6.76
C ALA B 1022 34.54 -12.77 -6.31
N ASN B 1023 33.62 -13.74 -6.29
CA ASN B 1023 34.01 -15.12 -6.00
C ASN B 1023 34.92 -15.67 -7.09
N LEU B 1024 34.61 -15.37 -8.35
CA LEU B 1024 35.49 -15.77 -9.45
C LEU B 1024 36.85 -15.09 -9.34
N ALA B 1025 36.87 -13.80 -8.98
CA ALA B 1025 38.12 -13.07 -8.83
C ALA B 1025 38.95 -13.62 -7.67
N ALA B 1026 38.31 -13.96 -6.56
CA ALA B 1026 39.03 -14.52 -5.42
C ALA B 1026 39.57 -15.91 -5.72
N THR B 1027 38.79 -16.73 -6.43
CA THR B 1027 39.26 -18.05 -6.83
C THR B 1027 40.45 -17.95 -7.78
N LYS B 1028 40.39 -17.00 -8.73
CA LYS B 1028 41.53 -16.81 -9.63
C LYS B 1028 42.73 -16.24 -8.90
N MET B 1029 42.51 -15.39 -7.90
CA MET B 1029 43.60 -14.87 -7.07
C MET B 1029 44.28 -16.00 -6.31
N SER B 1030 43.50 -16.91 -5.74
CA SER B 1030 44.09 -17.98 -4.93
C SER B 1030 44.69 -19.09 -5.79
N GLU B 1031 44.19 -19.29 -7.00
CA GLU B 1031 44.63 -20.41 -7.81
C GLU B 1031 45.65 -20.05 -8.88
N CYS B 1032 45.71 -18.80 -9.32
CA CYS B 1032 46.56 -18.45 -10.45
C CYS B 1032 47.59 -17.39 -10.09
N VAL B 1033 47.23 -16.46 -9.20
CA VAL B 1033 48.22 -15.51 -8.72
C VAL B 1033 49.12 -16.14 -7.66
N LEU B 1034 48.51 -16.81 -6.68
CA LEU B 1034 49.23 -17.41 -5.57
C LEU B 1034 49.74 -18.81 -5.88
N GLY B 1035 49.48 -19.32 -7.07
CA GLY B 1035 49.92 -20.66 -7.41
C GLY B 1035 49.72 -20.91 -8.90
N GLN B 1036 49.83 -22.19 -9.27
CA GLN B 1036 49.65 -22.61 -10.64
C GLN B 1036 48.41 -23.47 -10.76
N SER B 1037 47.64 -23.25 -11.83
CA SER B 1037 46.39 -23.93 -12.07
C SER B 1037 46.51 -24.86 -13.26
N LYS B 1038 46.02 -26.09 -13.12
CA LYS B 1038 46.02 -27.06 -14.21
C LYS B 1038 44.75 -26.98 -15.05
N ARG B 1039 43.78 -26.18 -14.66
CA ARG B 1039 42.55 -26.03 -15.42
C ARG B 1039 42.81 -25.25 -16.71
N VAL B 1040 42.10 -25.64 -17.76
CA VAL B 1040 42.23 -24.98 -19.06
C VAL B 1040 41.16 -23.91 -19.19
N ASP B 1041 41.55 -22.77 -19.75
CA ASP B 1041 40.74 -21.56 -19.95
C ASP B 1041 40.22 -20.95 -18.65
N PHE B 1042 40.71 -21.41 -17.50
CA PHE B 1042 40.38 -20.73 -16.25
C PHE B 1042 41.16 -19.43 -16.12
N CYS B 1043 42.43 -19.43 -16.50
CA CYS B 1043 43.32 -18.28 -16.39
C CYS B 1043 44.08 -18.07 -17.69
N GLY B 1044 43.36 -18.04 -18.78
CA GLY B 1044 43.95 -17.71 -20.07
C GLY B 1044 44.04 -18.91 -20.98
N LYS B 1045 44.05 -18.64 -22.29
CA LYS B 1045 44.19 -19.71 -23.27
C LYS B 1045 45.62 -20.25 -23.26
N GLY B 1046 45.74 -21.56 -23.22
CA GLY B 1046 47.03 -22.21 -23.11
C GLY B 1046 47.29 -22.73 -21.72
N TYR B 1047 48.50 -23.24 -21.52
CA TYR B 1047 48.92 -23.78 -20.23
C TYR B 1047 49.33 -22.63 -19.33
N HIS B 1048 48.69 -22.54 -18.16
CA HIS B 1048 48.88 -21.42 -17.26
C HIS B 1048 50.28 -21.43 -16.65
N LEU B 1049 50.89 -20.25 -16.57
CA LEU B 1049 52.13 -20.07 -15.85
C LEU B 1049 52.00 -19.10 -14.68
N MET B 1050 51.52 -17.89 -14.91
CA MET B 1050 51.41 -16.90 -13.85
C MET B 1050 50.16 -16.07 -14.04
N SER B 1051 49.86 -15.27 -13.01
CA SER B 1051 48.85 -14.24 -13.12
C SER B 1051 49.27 -13.09 -12.20
N PHE B 1052 49.27 -11.88 -12.75
CA PHE B 1052 49.67 -10.70 -12.01
C PHE B 1052 48.46 -9.83 -11.73
N PRO B 1053 48.12 -9.56 -10.48
CA PRO B 1053 46.97 -8.71 -10.19
C PRO B 1053 47.28 -7.25 -10.43
N GLN B 1054 46.24 -6.50 -10.79
CA GLN B 1054 46.30 -5.05 -10.90
C GLN B 1054 44.98 -4.50 -10.37
N SER B 1055 45.05 -3.47 -9.54
CA SER B 1055 43.83 -2.85 -9.05
C SER B 1055 43.16 -2.09 -10.18
N ALA B 1056 41.85 -1.91 -10.06
CA ALA B 1056 41.06 -1.31 -11.13
C ALA B 1056 39.82 -0.69 -10.49
N PRO B 1057 39.21 0.31 -11.15
CA PRO B 1057 38.00 0.94 -10.58
C PRO B 1057 36.89 -0.08 -10.35
N HIS B 1058 36.61 -0.33 -9.07
CA HIS B 1058 35.66 -1.34 -8.62
C HIS B 1058 35.99 -2.73 -9.17
N GLY B 1059 37.26 -3.10 -9.25
CA GLY B 1059 37.57 -4.42 -9.74
C GLY B 1059 39.06 -4.70 -9.79
N VAL B 1060 39.38 -5.85 -10.39
CA VAL B 1060 40.75 -6.33 -10.49
C VAL B 1060 40.99 -6.84 -11.91
N VAL B 1061 42.18 -6.57 -12.42
CA VAL B 1061 42.60 -7.02 -13.75
C VAL B 1061 43.76 -7.98 -13.57
N PHE B 1062 43.58 -9.21 -14.03
CA PHE B 1062 44.63 -10.22 -13.98
C PHE B 1062 45.36 -10.25 -15.32
N LEU B 1063 46.68 -10.19 -15.27
CA LEU B 1063 47.54 -10.37 -16.43
C LEU B 1063 48.03 -11.82 -16.36
N HIS B 1064 47.38 -12.69 -17.13
CA HIS B 1064 47.72 -14.11 -17.14
C HIS B 1064 48.84 -14.36 -18.13
N VAL B 1065 49.96 -14.87 -17.65
CA VAL B 1065 51.05 -15.30 -18.49
C VAL B 1065 50.88 -16.79 -18.73
N THR B 1066 50.71 -17.18 -19.99
CA THR B 1066 50.37 -18.54 -20.37
C THR B 1066 51.29 -19.05 -21.48
N TYR B 1067 51.35 -20.38 -21.58
CA TYR B 1067 52.19 -21.09 -22.54
C TYR B 1067 51.27 -21.61 -23.66
N VAL B 1068 51.42 -21.06 -24.86
CA VAL B 1068 50.58 -21.45 -25.99
C VAL B 1068 51.45 -22.26 -26.95
N PRO B 1069 51.19 -23.56 -27.12
CA PRO B 1069 51.99 -24.35 -28.06
C PRO B 1069 51.71 -23.98 -29.51
N ALA B 1070 52.71 -24.22 -30.36
CA ALA B 1070 52.59 -23.87 -31.77
C ALA B 1070 53.57 -24.73 -32.58
N GLN B 1071 53.32 -24.76 -33.89
CA GLN B 1071 54.09 -25.55 -34.86
C GLN B 1071 54.10 -27.03 -34.50
N GLU B 1072 52.90 -27.59 -34.40
CA GLU B 1072 52.74 -29.00 -34.08
C GLU B 1072 53.16 -29.87 -35.26
N LYS B 1073 53.55 -31.10 -34.95
CA LYS B 1073 53.96 -32.07 -35.96
C LYS B 1073 53.29 -33.40 -35.70
N ASN B 1074 52.92 -34.07 -36.80
CA ASN B 1074 52.42 -35.44 -36.72
C ASN B 1074 53.57 -36.41 -36.45
N PHE B 1075 53.28 -37.43 -35.66
CA PHE B 1075 54.25 -38.48 -35.37
C PHE B 1075 53.52 -39.80 -35.24
N THR B 1076 54.16 -40.87 -35.74
CA THR B 1076 53.65 -42.21 -35.54
C THR B 1076 53.99 -42.68 -34.14
N THR B 1077 52.97 -42.90 -33.32
CA THR B 1077 53.16 -43.17 -31.90
C THR B 1077 52.88 -44.64 -31.60
N ALA B 1078 53.39 -45.08 -30.45
CA ALA B 1078 53.17 -46.44 -29.99
C ALA B 1078 52.88 -46.43 -28.49
N PRO B 1079 52.04 -47.35 -28.01
CA PRO B 1079 51.81 -47.43 -26.56
C PRO B 1079 52.97 -48.01 -25.78
N ALA B 1080 53.65 -49.01 -26.33
CA ALA B 1080 54.78 -49.65 -25.66
C ALA B 1080 55.69 -50.24 -26.74
N ILE B 1081 56.83 -50.77 -26.31
CA ILE B 1081 57.81 -51.34 -27.22
C ILE B 1081 58.21 -52.72 -26.73
N CYS B 1082 58.06 -53.73 -27.61
CA CYS B 1082 58.42 -55.09 -27.27
C CYS B 1082 59.88 -55.34 -27.64
N HIS B 1083 60.76 -55.36 -26.64
CA HIS B 1083 62.17 -55.63 -26.83
C HIS B 1083 62.56 -56.83 -25.98
N ASP B 1084 63.32 -57.76 -26.58
CA ASP B 1084 63.80 -58.97 -25.92
C ASP B 1084 62.67 -59.80 -25.33
N GLY B 1085 61.50 -59.76 -25.98
CA GLY B 1085 60.36 -60.51 -25.50
C GLY B 1085 59.63 -59.89 -24.33
N LYS B 1086 59.96 -58.66 -23.94
CA LYS B 1086 59.27 -58.01 -22.84
C LYS B 1086 58.87 -56.60 -23.26
N ALA B 1087 57.77 -56.12 -22.68
CA ALA B 1087 57.19 -54.84 -23.05
C ALA B 1087 57.74 -53.74 -22.17
N HIS B 1088 58.15 -52.64 -22.80
CA HIS B 1088 58.66 -51.46 -22.11
C HIS B 1088 57.68 -50.32 -22.35
N PHE B 1089 57.24 -49.67 -21.26
CA PHE B 1089 56.28 -48.58 -21.17
C PHE B 1089 56.98 -47.30 -20.75
N PRO B 1090 56.51 -46.13 -21.20
CA PRO B 1090 57.25 -44.89 -20.91
C PRO B 1090 57.05 -44.44 -19.47
N ARG B 1091 58.16 -44.13 -18.80
CA ARG B 1091 58.07 -43.56 -17.46
C ARG B 1091 57.50 -42.14 -17.51
N GLU B 1092 57.95 -41.35 -18.48
CA GLU B 1092 57.39 -40.03 -18.74
C GLU B 1092 57.42 -39.79 -20.24
N GLY B 1093 56.37 -39.15 -20.75
CA GLY B 1093 56.29 -38.89 -22.17
C GLY B 1093 55.69 -40.04 -22.96
N VAL B 1094 55.87 -39.97 -24.27
CA VAL B 1094 55.27 -40.88 -25.22
C VAL B 1094 56.34 -41.39 -26.17
N PHE B 1095 56.09 -42.58 -26.73
CA PHE B 1095 56.93 -43.15 -27.78
C PHE B 1095 56.43 -42.69 -29.15
N VAL B 1096 57.27 -41.93 -29.85
CA VAL B 1096 56.97 -41.47 -31.20
C VAL B 1096 58.08 -41.94 -32.12
N SER B 1097 57.84 -41.80 -33.42
CA SER B 1097 58.82 -42.24 -34.41
C SER B 1097 58.96 -41.17 -35.48
N ASN B 1098 60.21 -40.93 -35.87
CA ASN B 1098 60.49 -40.08 -37.04
C ASN B 1098 61.12 -41.03 -38.05
N GLY B 1099 60.60 -41.10 -39.27
CA GLY B 1099 61.04 -42.06 -40.27
C GLY B 1099 60.87 -43.50 -39.82
N THR B 1100 61.98 -44.15 -39.50
CA THR B 1100 61.98 -45.50 -38.93
C THR B 1100 62.68 -45.57 -37.58
N HIS B 1101 62.96 -44.43 -36.95
CA HIS B 1101 63.66 -44.37 -35.68
C HIS B 1101 62.71 -43.94 -34.58
N TRP B 1102 62.75 -44.64 -33.45
CA TRP B 1102 61.84 -44.42 -32.34
C TRP B 1102 62.51 -43.64 -31.22
N PHE B 1103 61.79 -42.66 -30.67
CA PHE B 1103 62.25 -41.84 -29.58
C PHE B 1103 61.14 -41.72 -28.55
N VAL B 1104 61.49 -41.23 -27.37
CA VAL B 1104 60.53 -40.91 -26.32
C VAL B 1104 60.64 -39.41 -26.01
N THR B 1105 59.49 -38.73 -26.02
CA THR B 1105 59.45 -37.28 -25.85
C THR B 1105 58.44 -36.90 -24.78
N GLN B 1106 58.63 -35.72 -24.19
CA GLN B 1106 57.55 -35.17 -23.38
C GLN B 1106 56.42 -34.71 -24.29
N ARG B 1107 55.18 -34.78 -23.81
CA ARG B 1107 54.03 -34.55 -24.69
C ARG B 1107 53.86 -33.10 -25.13
N ASN B 1108 54.25 -32.12 -24.33
CA ASN B 1108 53.98 -30.72 -24.66
C ASN B 1108 55.10 -30.05 -25.46
N PHE B 1109 56.19 -30.74 -25.73
CA PHE B 1109 57.29 -30.16 -26.48
C PHE B 1109 58.09 -31.28 -27.12
N TYR B 1110 58.51 -31.07 -28.37
CA TYR B 1110 59.25 -32.11 -29.10
C TYR B 1110 60.71 -32.03 -28.72
N GLU B 1111 61.11 -32.84 -27.75
CA GLU B 1111 62.51 -32.99 -27.35
C GLU B 1111 62.86 -34.46 -27.44
N PRO B 1112 63.36 -34.92 -28.59
CA PRO B 1112 63.60 -36.36 -28.77
C PRO B 1112 64.75 -36.86 -27.91
N GLN B 1113 64.54 -38.00 -27.27
CA GLN B 1113 65.52 -38.62 -26.40
C GLN B 1113 65.66 -40.08 -26.78
N ILE B 1114 66.90 -40.59 -26.74
CA ILE B 1114 67.17 -41.98 -27.08
C ILE B 1114 66.53 -42.87 -26.04
N ILE B 1115 65.82 -43.91 -26.50
CA ILE B 1115 65.08 -44.79 -25.60
C ILE B 1115 66.06 -45.58 -24.73
N THR B 1116 65.88 -45.47 -23.43
CA THR B 1116 66.84 -45.99 -22.46
C THR B 1116 66.08 -46.75 -21.38
N THR B 1117 66.76 -47.71 -20.74
CA THR B 1117 66.15 -48.44 -19.63
C THR B 1117 65.84 -47.53 -18.45
N ASP B 1118 66.53 -46.39 -18.33
CA ASP B 1118 66.13 -45.39 -17.34
C ASP B 1118 64.84 -44.71 -17.75
N ASN B 1119 64.65 -44.49 -19.05
CA ASN B 1119 63.46 -43.80 -19.55
C ASN B 1119 62.21 -44.67 -19.55
N THR B 1120 62.37 -46.00 -19.53
CA THR B 1120 61.25 -46.91 -19.65
C THR B 1120 61.16 -47.79 -18.41
N PHE B 1121 60.01 -48.45 -18.25
CA PHE B 1121 59.86 -49.49 -17.23
C PHE B 1121 59.21 -50.71 -17.87
N VAL B 1122 59.65 -51.89 -17.45
CA VAL B 1122 59.23 -53.15 -18.05
C VAL B 1122 58.07 -53.73 -17.23
N SER B 1123 57.12 -54.36 -17.91
CA SER B 1123 56.00 -55.01 -17.23
C SER B 1123 55.46 -56.10 -18.14
N GLY B 1124 55.78 -57.35 -17.83
CA GLY B 1124 55.20 -58.48 -18.50
C GLY B 1124 55.69 -58.67 -19.93
N ASN B 1125 54.97 -59.52 -20.65
CA ASN B 1125 55.27 -59.83 -22.04
C ASN B 1125 54.52 -58.89 -22.98
N CYS B 1126 54.95 -58.88 -24.23
CA CYS B 1126 54.41 -57.98 -25.23
C CYS B 1126 53.29 -58.59 -26.06
N ASP B 1127 52.85 -59.81 -25.74
CA ASP B 1127 51.77 -60.43 -26.49
C ASP B 1127 50.40 -59.88 -26.10
N VAL B 1128 50.30 -59.23 -24.94
CA VAL B 1128 49.00 -58.79 -24.47
C VAL B 1128 48.74 -57.33 -24.85
N VAL B 1129 49.77 -56.54 -25.07
CA VAL B 1129 49.62 -55.12 -25.37
C VAL B 1129 49.18 -54.96 -26.81
N ILE B 1130 48.09 -54.23 -27.03
CA ILE B 1130 47.56 -54.00 -28.37
C ILE B 1130 48.22 -52.76 -28.94
N GLY B 1131 48.81 -52.91 -30.13
CA GLY B 1131 49.49 -51.81 -30.78
C GLY B 1131 50.97 -51.71 -30.50
N ILE B 1132 51.56 -52.71 -29.85
CA ILE B 1132 52.98 -52.66 -29.52
C ILE B 1132 53.82 -52.84 -30.77
N VAL B 1133 54.95 -52.14 -30.82
CA VAL B 1133 55.85 -52.20 -31.96
C VAL B 1133 57.17 -52.85 -31.52
N ASN B 1134 57.99 -53.20 -32.51
CA ASN B 1134 59.28 -53.83 -32.28
C ASN B 1134 60.37 -52.79 -32.41
N ASN B 1135 61.19 -52.66 -31.37
CA ASN B 1135 62.33 -51.76 -31.38
C ASN B 1135 63.32 -52.24 -30.32
N THR B 1136 64.45 -51.54 -30.22
CA THR B 1136 65.48 -51.85 -29.23
C THR B 1136 65.46 -50.80 -28.14
N VAL B 1137 65.81 -51.22 -26.93
CA VAL B 1137 65.91 -50.33 -25.78
C VAL B 1137 67.39 -50.28 -25.42
N TYR B 1138 68.01 -49.14 -25.66
CA TYR B 1138 69.45 -49.01 -25.47
C TYR B 1138 69.79 -48.87 -23.99
N ASP B 1139 70.91 -49.45 -23.59
CA ASP B 1139 71.31 -49.40 -22.19
C ASP B 1139 72.58 -48.58 -22.03
N PRO B 1140 72.69 -47.77 -20.97
CA PRO B 1140 73.88 -46.92 -20.82
C PRO B 1140 75.11 -47.68 -20.37
N LEU B 1141 74.95 -48.84 -19.73
CA LEU B 1141 76.07 -49.61 -19.23
C LEU B 1141 76.91 -50.19 -20.36
N GLN B 1142 76.27 -50.63 -21.44
CA GLN B 1142 76.93 -51.35 -22.51
C GLN B 1142 78.04 -50.57 -23.23
N PRO B 1143 77.87 -49.30 -23.66
CA PRO B 1143 78.98 -48.65 -24.36
C PRO B 1143 80.11 -48.22 -23.45
N GLU B 1144 79.83 -47.85 -22.20
CA GLU B 1144 80.85 -47.25 -21.35
C GLU B 1144 81.61 -48.26 -20.51
N LEU B 1145 81.04 -49.43 -20.20
CA LEU B 1145 81.77 -50.30 -19.30
C LEU B 1145 82.23 -51.59 -19.97
N ASP B 1146 81.47 -52.09 -20.94
CA ASP B 1146 81.91 -53.29 -21.67
C ASP B 1146 83.03 -52.92 -22.64
N SER B 1147 84.13 -53.68 -22.56
CA SER B 1147 85.34 -53.48 -23.36
C SER B 1147 85.90 -52.06 -23.25
N GLN C 14 -60.14 -24.68 -0.28
CA GLN C 14 -60.54 -25.24 1.02
C GLN C 14 -59.71 -26.46 1.35
N CYS C 15 -59.31 -26.60 2.60
CA CYS C 15 -58.34 -27.58 3.06
C CYS C 15 -59.05 -28.82 3.58
N VAL C 16 -58.30 -29.93 3.58
CA VAL C 16 -58.81 -31.24 3.96
C VAL C 16 -57.89 -31.82 5.02
N ASN C 17 -58.48 -32.30 6.11
CA ASN C 17 -57.70 -32.81 7.25
C ASN C 17 -57.21 -34.22 6.99
N LEU C 18 -55.91 -34.43 7.04
CA LEU C 18 -55.34 -35.76 6.93
C LEU C 18 -55.05 -36.31 8.32
N THR C 19 -54.43 -37.50 8.37
CA THR C 19 -54.19 -38.16 9.64
C THR C 19 -52.96 -37.56 10.33
N THR C 20 -52.75 -38.01 11.57
CA THR C 20 -51.62 -37.54 12.37
C THR C 20 -50.32 -38.10 11.80
N ARG C 21 -49.27 -37.25 11.71
CA ARG C 21 -48.00 -37.67 11.06
C ARG C 21 -47.26 -38.73 11.89
N THR C 22 -47.50 -38.81 13.19
CA THR C 22 -46.95 -39.79 14.15
C THR C 22 -45.44 -39.68 14.34
N GLN C 23 -44.77 -38.70 13.74
CA GLN C 23 -43.36 -38.37 13.99
C GLN C 23 -42.44 -39.57 13.69
N LEU C 24 -42.35 -39.86 12.39
CA LEU C 24 -41.47 -40.91 11.92
C LEU C 24 -40.01 -40.59 12.26
N PRO C 25 -39.23 -41.60 12.67
CA PRO C 25 -37.83 -41.36 13.01
C PRO C 25 -37.02 -40.91 11.81
N PRO C 26 -35.98 -40.10 12.03
CA PRO C 26 -35.21 -39.57 10.90
C PRO C 26 -34.38 -40.65 10.22
N ALA C 27 -34.17 -40.47 8.91
CA ALA C 27 -33.32 -41.35 8.12
C ALA C 27 -32.41 -40.49 7.25
N TYR C 28 -31.13 -40.87 7.18
CA TYR C 28 -30.12 -40.05 6.51
C TYR C 28 -29.56 -40.81 5.32
N THR C 29 -28.93 -40.06 4.42
CA THR C 29 -28.27 -40.62 3.26
C THR C 29 -27.15 -39.67 2.84
N ASN C 30 -26.26 -40.17 1.98
CA ASN C 30 -25.04 -39.48 1.63
C ASN C 30 -25.23 -38.70 0.34
N SER C 31 -24.76 -37.45 0.32
CA SER C 31 -24.83 -36.60 -0.87
C SER C 31 -23.41 -36.41 -1.41
N PHE C 32 -23.05 -37.28 -2.34
CA PHE C 32 -21.69 -37.30 -2.88
C PHE C 32 -21.48 -36.13 -3.83
N THR C 33 -20.96 -35.02 -3.30
CA THR C 33 -20.57 -33.83 -4.06
C THR C 33 -21.73 -33.27 -4.90
N ARG C 34 -22.90 -33.10 -4.29
CA ARG C 34 -24.05 -32.52 -4.98
C ARG C 34 -24.47 -31.24 -4.30
N GLY C 35 -25.12 -30.32 -5.01
CA GLY C 35 -25.59 -29.04 -4.52
C GLY C 35 -24.77 -27.84 -4.94
N VAL C 36 -23.77 -28.03 -5.79
CA VAL C 36 -22.93 -26.92 -6.22
C VAL C 36 -23.64 -26.14 -7.31
N TYR C 37 -23.75 -24.82 -7.13
CA TYR C 37 -24.41 -23.95 -8.08
C TYR C 37 -23.42 -22.92 -8.63
N TYR C 38 -23.84 -22.23 -9.69
CA TYR C 38 -23.03 -21.14 -10.23
C TYR C 38 -23.16 -19.93 -9.31
N PRO C 39 -22.05 -19.42 -8.77
CA PRO C 39 -22.16 -18.27 -7.86
C PRO C 39 -22.34 -16.96 -8.59
N ASP C 40 -21.82 -16.82 -9.82
CA ASP C 40 -21.86 -15.50 -10.51
C ASP C 40 -22.34 -15.68 -11.95
N LYS C 41 -22.59 -14.57 -12.64
CA LYS C 41 -23.12 -14.61 -14.04
C LYS C 41 -22.05 -14.13 -15.02
N VAL C 42 -20.76 -14.24 -14.66
CA VAL C 42 -19.64 -13.86 -15.57
C VAL C 42 -19.09 -15.13 -16.22
N PHE C 43 -19.14 -15.22 -17.54
CA PHE C 43 -18.65 -16.41 -18.26
C PHE C 43 -17.18 -16.62 -17.94
N ARG C 44 -16.87 -17.75 -17.32
CA ARG C 44 -15.47 -18.07 -17.03
C ARG C 44 -15.09 -19.35 -17.74
N SER C 45 -13.94 -19.35 -18.40
CA SER C 45 -13.50 -20.46 -19.22
C SER C 45 -12.09 -20.88 -18.82
N SER C 46 -11.93 -22.18 -18.52
CA SER C 46 -10.63 -22.80 -18.25
C SER C 46 -9.90 -22.13 -17.09
N VAL C 47 -10.63 -21.78 -16.04
CA VAL C 47 -10.06 -21.13 -14.87
C VAL C 47 -10.63 -21.79 -13.63
N LEU C 48 -9.83 -21.76 -12.54
CA LEU C 48 -10.22 -22.30 -11.21
C LEU C 48 -10.53 -21.10 -10.31
N HIS C 49 -11.80 -20.90 -9.94
CA HIS C 49 -12.23 -19.74 -9.19
C HIS C 49 -12.62 -20.15 -7.78
N SER C 50 -12.12 -19.41 -6.79
CA SER C 50 -12.41 -19.68 -5.39
C SER C 50 -13.47 -18.71 -4.89
N THR C 51 -14.59 -19.26 -4.42
CA THR C 51 -15.70 -18.47 -3.91
C THR C 51 -16.03 -18.90 -2.49
N GLN C 52 -16.26 -17.93 -1.61
CA GLN C 52 -16.73 -18.25 -0.25
C GLN C 52 -18.21 -17.88 -0.27
N ASP C 53 -19.10 -18.85 -0.08
CA ASP C 53 -20.54 -18.65 -0.10
C ASP C 53 -21.20 -19.78 0.67
N LEU C 54 -22.52 -19.83 0.61
CA LEU C 54 -23.29 -20.87 1.29
C LEU C 54 -23.43 -22.07 0.36
N PHE C 55 -22.70 -23.14 0.66
CA PHE C 55 -22.74 -24.36 -0.12
C PHE C 55 -23.07 -25.53 0.78
N LEU C 56 -23.68 -26.55 0.20
CA LEU C 56 -23.87 -27.80 0.92
C LEU C 56 -22.54 -28.49 1.10
N PRO C 57 -22.14 -28.85 2.33
CA PRO C 57 -20.86 -29.54 2.53
C PRO C 57 -20.81 -30.88 1.83
N PHE C 58 -19.64 -31.24 1.30
CA PHE C 58 -19.50 -32.49 0.56
C PHE C 58 -19.62 -33.68 1.51
N PHE C 59 -20.26 -34.74 1.01
CA PHE C 59 -20.48 -35.99 1.73
C PHE C 59 -21.21 -35.77 3.05
N SER C 60 -22.21 -34.91 3.02
CA SER C 60 -22.99 -34.57 4.21
C SER C 60 -24.12 -35.57 4.40
N ASN C 61 -24.70 -35.56 5.59
CA ASN C 61 -25.86 -36.41 5.88
C ASN C 61 -27.07 -35.56 5.49
N VAL C 62 -27.88 -35.96 4.53
CA VAL C 62 -29.10 -35.22 4.14
C VAL C 62 -30.28 -36.03 4.58
N THR C 63 -31.39 -35.38 4.86
CA THR C 63 -32.52 -36.07 5.46
C THR C 63 -33.45 -36.52 4.35
N TRP C 64 -33.73 -37.81 4.22
CA TRP C 64 -34.52 -38.30 3.07
C TRP C 64 -35.87 -38.74 3.56
N PHE C 65 -36.89 -38.31 2.87
CA PHE C 65 -38.26 -38.65 3.27
C PHE C 65 -38.95 -39.18 2.03
N HIS C 66 -39.60 -40.32 2.12
CA HIS C 66 -40.42 -40.79 0.99
C HIS C 66 -41.66 -39.90 0.96
N ALA C 67 -42.15 -39.62 -0.23
CA ALA C 67 -43.37 -38.84 -0.38
C ALA C 67 -44.55 -39.58 0.21
N ILE C 68 -44.67 -40.87 -0.02
CA ILE C 68 -45.77 -41.62 0.61
C ILE C 68 -45.14 -42.71 1.45
N HIS C 69 -45.35 -42.76 2.76
CA HIS C 69 -44.78 -43.89 3.53
C HIS C 69 -45.87 -44.89 3.89
N VAL C 70 -45.62 -46.16 3.63
CA VAL C 70 -46.53 -47.26 4.06
C VAL C 70 -45.83 -48.02 5.18
N SER C 71 -46.03 -47.58 6.43
CA SER C 71 -45.34 -48.11 7.60
C SER C 71 -46.24 -48.85 8.56
N GLY C 72 -47.56 -48.69 8.47
CA GLY C 72 -48.45 -49.36 9.40
C GLY C 72 -48.54 -50.85 9.14
N THR C 73 -48.97 -51.58 10.18
CA THR C 73 -49.20 -53.02 10.04
C THR C 73 -50.38 -53.30 9.13
N ASN C 74 -51.44 -52.48 9.21
CA ASN C 74 -52.58 -52.64 8.33
C ASN C 74 -52.20 -52.33 6.88
N GLY C 75 -51.34 -51.34 6.68
CA GLY C 75 -50.98 -50.87 5.35
C GLY C 75 -51.39 -49.46 5.04
N THR C 76 -51.40 -48.56 6.03
CA THR C 76 -51.76 -47.14 5.86
C THR C 76 -50.77 -46.45 4.92
N LYS C 77 -51.24 -45.62 4.00
CA LYS C 77 -50.34 -44.83 3.14
C LYS C 77 -50.53 -43.38 3.55
N ARG C 78 -49.51 -42.70 4.04
CA ARG C 78 -49.73 -41.28 4.40
C ARG C 78 -48.52 -40.48 3.95
N PHE C 79 -48.78 -39.30 3.37
CA PHE C 79 -47.69 -38.42 2.89
C PHE C 79 -46.75 -38.07 4.04
N ASP C 80 -45.45 -38.08 3.78
CA ASP C 80 -44.52 -37.59 4.82
C ASP C 80 -44.28 -36.13 4.45
N ASN C 81 -45.10 -35.19 4.94
CA ASN C 81 -44.94 -33.79 4.54
C ASN C 81 -44.54 -33.02 5.77
N PRO C 82 -43.35 -33.21 6.38
CA PRO C 82 -43.08 -32.54 7.58
C PRO C 82 -42.75 -31.09 7.31
N VAL C 83 -43.02 -30.20 8.26
CA VAL C 83 -42.50 -28.83 8.10
C VAL C 83 -41.07 -28.95 8.60
N LEU C 84 -40.08 -28.59 7.80
CA LEU C 84 -38.65 -28.74 8.15
C LEU C 84 -38.01 -27.34 8.24
N PRO C 85 -36.94 -27.06 9.02
CA PRO C 85 -36.33 -25.75 9.18
C PRO C 85 -35.65 -25.28 7.90
N PHE C 86 -35.36 -23.97 7.87
CA PHE C 86 -34.70 -23.31 6.74
C PHE C 86 -33.50 -22.56 7.34
N ASN C 87 -32.38 -23.26 7.48
CA ASN C 87 -31.20 -22.70 8.15
C ASN C 87 -30.21 -22.26 7.08
N ASP C 88 -30.26 -20.96 6.74
CA ASP C 88 -29.30 -20.30 5.85
C ASP C 88 -29.26 -20.95 4.46
N GLY C 89 -30.38 -21.48 4.02
CA GLY C 89 -30.46 -22.13 2.73
C GLY C 89 -30.72 -23.62 2.85
N VAL C 90 -31.26 -24.20 1.77
CA VAL C 90 -31.61 -25.64 1.71
C VAL C 90 -31.34 -26.18 0.32
N TYR C 91 -30.95 -27.44 0.16
CA TYR C 91 -30.83 -28.14 -1.14
C TYR C 91 -31.96 -29.14 -1.15
N PHE C 92 -32.92 -29.02 -2.05
CA PHE C 92 -34.02 -29.96 -2.15
C PHE C 92 -33.84 -30.79 -3.40
N ALA C 93 -33.54 -32.06 -3.23
CA ALA C 93 -33.37 -33.01 -4.32
C ALA C 93 -34.52 -34.00 -4.27
N SER C 94 -35.07 -34.33 -5.43
CA SER C 94 -36.21 -35.24 -5.53
C SER C 94 -35.97 -36.25 -6.65
N THR C 95 -36.24 -37.52 -6.35
CA THR C 95 -36.18 -38.60 -7.34
C THR C 95 -37.58 -39.18 -7.46
N GLU C 96 -38.30 -38.77 -8.51
CA GLU C 96 -39.68 -39.18 -8.70
C GLU C 96 -39.90 -39.51 -10.17
N LYS C 97 -41.02 -40.19 -10.44
CA LYS C 97 -41.37 -40.57 -11.80
C LYS C 97 -42.81 -40.25 -12.16
N SER C 98 -43.57 -39.58 -11.29
CA SER C 98 -44.98 -39.37 -11.58
C SER C 98 -45.50 -37.99 -11.17
N ASN C 99 -44.62 -37.00 -10.99
CA ASN C 99 -44.99 -35.61 -10.68
C ASN C 99 -45.82 -35.51 -9.40
N ILE C 100 -45.44 -36.27 -8.37
CA ILE C 100 -46.21 -36.24 -7.13
C ILE C 100 -45.73 -35.12 -6.22
N ILE C 101 -44.54 -34.59 -6.47
CA ILE C 101 -44.07 -33.39 -5.77
C ILE C 101 -44.37 -32.18 -6.63
N ARG C 102 -45.00 -31.16 -6.04
CA ARG C 102 -45.52 -30.04 -6.81
C ARG C 102 -44.95 -28.69 -6.40
N GLY C 103 -44.36 -28.56 -5.24
CA GLY C 103 -43.81 -27.27 -4.83
C GLY C 103 -43.61 -27.21 -3.34
N TRP C 104 -43.38 -25.99 -2.86
CA TRP C 104 -42.99 -25.75 -1.47
C TRP C 104 -43.69 -24.49 -0.96
N ILE C 105 -43.69 -24.33 0.36
CA ILE C 105 -44.13 -23.10 1.02
C ILE C 105 -43.05 -22.68 1.99
N PHE C 106 -42.78 -21.38 2.06
CA PHE C 106 -41.71 -20.84 2.89
C PHE C 106 -42.28 -19.76 3.80
N GLY C 107 -41.87 -19.76 5.05
CA GLY C 107 -42.33 -18.76 5.98
C GLY C 107 -41.77 -18.99 7.37
N THR C 108 -42.23 -18.15 8.31
CA THR C 108 -41.81 -18.31 9.70
C THR C 108 -42.90 -18.98 10.52
N THR C 109 -44.09 -18.37 10.56
CA THR C 109 -45.19 -18.96 11.32
C THR C 109 -46.12 -19.76 10.43
N LEU C 110 -46.09 -19.51 9.12
CA LEU C 110 -46.90 -20.18 8.11
C LEU C 110 -48.40 -20.06 8.41
N ASP C 111 -48.79 -18.88 8.89
CA ASP C 111 -50.19 -18.56 9.15
C ASP C 111 -50.45 -17.11 8.74
N SER C 112 -51.61 -16.60 9.15
CA SER C 112 -52.04 -15.28 8.69
C SER C 112 -51.30 -14.13 9.36
N LYS C 113 -50.51 -14.41 10.41
CA LYS C 113 -49.83 -13.34 11.11
C LYS C 113 -48.67 -12.79 10.30
N THR C 114 -47.88 -13.67 9.67
CA THR C 114 -46.70 -13.27 8.92
C THR C 114 -46.86 -13.66 7.46
N GLN C 115 -46.11 -12.98 6.60
CA GLN C 115 -46.13 -13.27 5.18
C GLN C 115 -45.42 -14.58 4.88
N SER C 116 -45.86 -15.23 3.80
CA SER C 116 -45.31 -16.52 3.41
C SER C 116 -45.20 -16.57 1.90
N LEU C 117 -44.32 -17.46 1.41
CA LEU C 117 -44.06 -17.61 -0.01
C LEU C 117 -44.65 -18.93 -0.50
N LEU C 118 -45.38 -18.87 -1.62
CA LEU C 118 -46.02 -20.02 -2.22
C LEU C 118 -45.35 -20.31 -3.56
N ILE C 119 -44.84 -21.53 -3.72
CA ILE C 119 -44.37 -22.03 -5.01
C ILE C 119 -45.14 -23.32 -5.30
N VAL C 120 -45.85 -23.34 -6.42
CA VAL C 120 -46.66 -24.49 -6.81
C VAL C 120 -46.57 -24.65 -8.32
N ASN C 121 -46.52 -25.90 -8.78
CA ASN C 121 -46.33 -26.22 -10.18
C ASN C 121 -47.49 -27.10 -10.66
N ASN C 122 -48.37 -26.55 -11.48
CA ASN C 122 -49.35 -27.37 -12.18
C ASN C 122 -48.82 -27.66 -13.59
N ALA C 123 -49.69 -28.19 -14.45
CA ALA C 123 -49.24 -28.76 -15.71
C ALA C 123 -48.78 -27.70 -16.69
N THR C 124 -49.25 -26.46 -16.54
CA THR C 124 -49.00 -25.43 -17.54
C THR C 124 -47.94 -24.42 -17.15
N ASN C 125 -47.90 -23.95 -15.90
CA ASN C 125 -47.00 -22.88 -15.53
C ASN C 125 -46.69 -22.94 -14.04
N VAL C 126 -45.96 -21.92 -13.58
CA VAL C 126 -45.56 -21.77 -12.18
C VAL C 126 -46.40 -20.66 -11.58
N VAL C 127 -46.82 -20.83 -10.33
CA VAL C 127 -47.48 -19.77 -9.58
C VAL C 127 -46.61 -19.46 -8.37
N ILE C 128 -46.04 -18.26 -8.34
CA ILE C 128 -45.24 -17.79 -7.22
C ILE C 128 -45.97 -16.61 -6.60
N LYS C 129 -46.41 -16.76 -5.35
CA LYS C 129 -47.20 -15.71 -4.70
C LYS C 129 -46.66 -15.47 -3.32
N VAL C 130 -46.51 -14.24 -2.87
CA VAL C 130 -46.17 -13.85 -1.51
C VAL C 130 -47.37 -13.13 -0.93
N CYS C 131 -48.06 -13.79 0.00
CA CYS C 131 -49.25 -13.23 0.62
C CYS C 131 -49.19 -13.56 2.11
N GLU C 132 -50.28 -13.31 2.81
CA GLU C 132 -50.45 -13.79 4.18
C GLU C 132 -51.41 -14.97 4.13
N PHE C 133 -50.88 -16.14 3.80
CA PHE C 133 -51.69 -17.34 3.64
C PHE C 133 -51.99 -17.96 5.01
N GLN C 134 -53.22 -18.40 5.19
CA GLN C 134 -53.58 -19.24 6.33
C GLN C 134 -53.45 -20.69 5.89
N PHE C 135 -52.23 -21.22 5.99
CA PHE C 135 -51.98 -22.60 5.60
C PHE C 135 -52.61 -23.56 6.58
N CYS C 136 -53.18 -24.64 6.05
CA CYS C 136 -53.66 -25.71 6.90
C CYS C 136 -52.51 -26.63 7.30
N ASN C 137 -52.83 -27.63 8.13
CA ASN C 137 -51.80 -28.48 8.70
C ASN C 137 -51.17 -29.38 7.63
N ASP C 138 -51.94 -29.77 6.64
CA ASP C 138 -51.47 -30.69 5.60
C ASP C 138 -51.78 -30.13 4.22
N PRO C 139 -50.93 -29.26 3.66
CA PRO C 139 -51.19 -28.73 2.33
C PRO C 139 -50.87 -29.74 1.24
N PHE C 140 -51.76 -29.89 0.26
CA PHE C 140 -51.56 -30.80 -0.85
C PHE C 140 -52.39 -30.35 -2.03
N LEU C 141 -52.11 -30.94 -3.18
CA LEU C 141 -52.87 -30.71 -4.40
C LEU C 141 -53.59 -32.00 -4.79
N GLY C 142 -54.90 -31.93 -4.95
CA GLY C 142 -55.64 -33.07 -5.45
C GLY C 142 -55.52 -33.17 -6.96
N VAL C 143 -55.11 -34.34 -7.43
CA VAL C 143 -54.82 -34.57 -8.85
C VAL C 143 -55.75 -35.67 -9.35
N TYR C 144 -56.51 -35.36 -10.40
CA TYR C 144 -57.38 -36.34 -11.04
C TYR C 144 -57.26 -36.22 -12.54
N TYR C 145 -57.13 -37.36 -13.22
CA TYR C 145 -57.01 -37.34 -14.69
C TYR C 145 -58.41 -37.19 -15.24
N HIS C 146 -58.52 -36.69 -16.45
CA HIS C 146 -59.80 -36.53 -17.12
C HIS C 146 -60.26 -37.86 -17.70
N LYS C 147 -61.51 -37.90 -18.16
CA LYS C 147 -62.07 -39.23 -18.55
C LYS C 147 -61.54 -39.76 -19.89
N ASN C 148 -61.28 -38.91 -20.89
CA ASN C 148 -60.92 -39.43 -22.20
C ASN C 148 -59.47 -39.19 -22.59
N ASN C 149 -58.83 -38.14 -22.07
CA ASN C 149 -57.52 -37.78 -22.57
C ASN C 149 -56.38 -38.42 -21.78
N LYS C 150 -56.29 -38.04 -20.51
CA LYS C 150 -55.20 -38.58 -19.64
C LYS C 150 -53.83 -38.04 -20.08
N SER C 151 -53.81 -37.01 -20.92
CA SER C 151 -52.52 -36.42 -21.29
C SER C 151 -52.08 -35.39 -20.26
N TRP C 152 -53.02 -34.67 -19.64
CA TRP C 152 -52.67 -33.76 -18.53
C TRP C 152 -53.40 -34.15 -17.24
N MET C 153 -53.08 -33.53 -16.10
CA MET C 153 -53.73 -33.88 -14.81
C MET C 153 -54.36 -32.62 -14.21
N GLU C 154 -55.69 -32.56 -14.04
CA GLU C 154 -56.23 -31.31 -13.49
C GLU C 154 -55.84 -31.24 -12.03
N SER C 155 -55.55 -30.07 -11.51
CA SER C 155 -55.14 -29.93 -10.10
C SER C 155 -56.13 -29.13 -9.28
N GLU C 156 -56.49 -29.64 -8.10
CA GLU C 156 -57.35 -28.88 -7.19
C GLU C 156 -56.47 -28.40 -6.07
N PHE C 157 -56.48 -27.10 -5.81
CA PHE C 157 -55.56 -26.54 -4.81
C PHE C 157 -56.20 -26.58 -3.46
N ARG C 158 -55.58 -27.29 -2.55
CA ARG C 158 -55.98 -27.42 -1.15
C ARG C 158 -54.88 -26.95 -0.21
N VAL C 159 -54.22 -25.84 -0.54
CA VAL C 159 -53.01 -25.44 0.17
C VAL C 159 -53.36 -24.55 1.36
N TYR C 160 -54.12 -23.48 1.11
CA TYR C 160 -54.38 -22.47 2.13
C TYR C 160 -55.86 -22.22 2.25
N SER C 161 -56.30 -21.86 3.46
CA SER C 161 -57.70 -21.51 3.67
C SER C 161 -58.01 -20.14 3.08
N SER C 162 -57.14 -19.15 3.30
CA SER C 162 -57.36 -17.80 2.80
C SER C 162 -56.01 -17.16 2.49
N ALA C 163 -56.04 -16.18 1.60
CA ALA C 163 -54.84 -15.44 1.21
C ALA C 163 -55.15 -13.95 1.23
N ASN C 164 -54.30 -13.16 1.89
CA ASN C 164 -54.56 -11.70 1.99
C ASN C 164 -53.24 -10.94 1.84
N ASN C 165 -53.30 -9.62 1.61
CA ASN C 165 -52.08 -8.79 1.55
C ASN C 165 -51.03 -9.40 0.60
N CYS C 166 -51.41 -9.67 -0.65
CA CYS C 166 -50.44 -10.19 -1.66
C CYS C 166 -49.56 -9.05 -2.18
N THR C 167 -48.23 -9.23 -2.15
CA THR C 167 -47.28 -8.23 -2.60
C THR C 167 -46.38 -8.72 -3.73
N PHE C 168 -46.62 -9.92 -4.25
CA PHE C 168 -45.77 -10.45 -5.31
C PHE C 168 -46.57 -11.45 -6.14
N GLU C 169 -46.26 -11.51 -7.43
CA GLU C 169 -46.93 -12.41 -8.37
C GLU C 169 -45.97 -12.70 -9.52
N TYR C 170 -45.79 -13.97 -9.84
CA TYR C 170 -44.82 -14.39 -10.85
C TYR C 170 -45.27 -15.69 -11.49
N VAL C 171 -45.36 -15.70 -12.82
CA VAL C 171 -45.70 -16.88 -13.60
C VAL C 171 -44.69 -17.05 -14.73
N SER C 172 -44.29 -18.29 -14.99
CA SER C 172 -43.36 -18.61 -16.08
C SER C 172 -43.53 -20.08 -16.44
N GLN C 173 -42.58 -20.62 -17.20
CA GLN C 173 -42.66 -22.03 -17.64
C GLN C 173 -42.44 -22.93 -16.43
N PRO C 174 -43.01 -24.15 -16.34
CA PRO C 174 -42.92 -24.97 -15.13
C PRO C 174 -41.51 -25.33 -14.61
N PHE C 175 -41.29 -25.22 -13.29
CA PHE C 175 -40.01 -25.63 -12.68
C PHE C 175 -39.88 -27.14 -12.83
N LEU C 176 -40.98 -27.87 -12.64
CA LEU C 176 -40.93 -29.35 -12.69
C LEU C 176 -41.52 -29.86 -14.01
N MET C 177 -40.72 -30.58 -14.81
CA MET C 177 -41.16 -31.06 -16.16
C MET C 177 -42.16 -32.20 -16.04
N ASP C 178 -42.91 -32.48 -17.11
CA ASP C 178 -43.94 -33.56 -17.09
C ASP C 178 -43.23 -34.91 -17.05
N LEU C 179 -43.56 -35.73 -16.05
CA LEU C 179 -42.89 -37.05 -15.87
C LEU C 179 -43.80 -38.17 -16.36
N GLU C 180 -44.89 -37.84 -17.05
CA GLU C 180 -45.75 -38.91 -17.62
C GLU C 180 -45.14 -39.40 -18.93
N GLY C 184 -41.00 -48.68 -16.73
CA GLY C 184 -41.36 -47.43 -16.09
C GLY C 184 -40.40 -47.03 -14.98
N ASN C 185 -39.12 -47.35 -15.18
CA ASN C 185 -38.08 -47.05 -14.21
C ASN C 185 -37.31 -45.78 -14.56
N PHE C 186 -37.98 -44.83 -15.23
CA PHE C 186 -37.34 -43.59 -15.68
C PHE C 186 -37.46 -42.52 -14.59
N LYS C 187 -36.80 -42.79 -13.45
CA LYS C 187 -36.77 -41.79 -12.36
C LYS C 187 -35.91 -40.62 -12.84
N ASN C 188 -36.10 -39.45 -12.25
CA ASN C 188 -35.28 -38.27 -12.63
C ASN C 188 -34.75 -37.62 -11.35
N LEU C 189 -33.60 -36.96 -11.40
CA LEU C 189 -33.13 -36.22 -10.21
C LEU C 189 -33.34 -34.73 -10.49
N ARG C 190 -34.20 -34.08 -9.73
CA ARG C 190 -34.39 -32.62 -9.90
C ARG C 190 -33.80 -32.01 -8.65
N GLU C 191 -32.92 -31.04 -8.80
CA GLU C 191 -32.23 -30.49 -7.61
C GLU C 191 -32.37 -28.99 -7.63
N PHE C 192 -32.61 -28.43 -6.45
CA PHE C 192 -32.79 -26.97 -6.32
C PHE C 192 -32.13 -26.51 -5.06
N VAL C 193 -31.44 -25.38 -5.08
CA VAL C 193 -30.87 -24.78 -3.86
C VAL C 193 -31.63 -23.48 -3.69
N PHE C 194 -32.20 -23.26 -2.52
CA PHE C 194 -32.99 -22.05 -2.23
C PHE C 194 -32.22 -21.20 -1.23
N LYS C 195 -32.05 -19.91 -1.51
CA LYS C 195 -31.34 -18.99 -0.63
C LYS C 195 -32.16 -17.72 -0.46
N ASN C 196 -32.15 -17.18 0.75
CA ASN C 196 -32.85 -15.93 1.07
C ASN C 196 -31.81 -14.95 1.62
N ILE C 197 -31.17 -14.20 0.74
CA ILE C 197 -30.09 -13.29 1.11
C ILE C 197 -30.45 -11.88 0.63
N ASP C 198 -30.44 -10.93 1.56
CA ASP C 198 -30.64 -9.50 1.28
C ASP C 198 -31.99 -9.23 0.62
N GLY C 199 -33.02 -9.95 1.04
CA GLY C 199 -34.35 -9.76 0.52
C GLY C 199 -34.62 -10.39 -0.82
N TYR C 200 -33.67 -11.10 -1.38
CA TYR C 200 -34.01 -11.81 -2.61
C TYR C 200 -34.03 -13.30 -2.35
N PHE C 201 -35.06 -14.04 -2.78
CA PHE C 201 -35.06 -15.52 -2.69
C PHE C 201 -34.45 -16.01 -3.97
N LYS C 202 -33.30 -16.67 -3.94
CA LYS C 202 -32.61 -17.06 -5.17
C LYS C 202 -32.80 -18.56 -5.35
N ILE C 203 -33.23 -19.01 -6.53
CA ILE C 203 -33.49 -20.44 -6.75
C ILE C 203 -32.51 -20.95 -7.80
N TYR C 204 -31.87 -22.08 -7.63
CA TYR C 204 -30.87 -22.58 -8.60
C TYR C 204 -31.20 -24.03 -8.87
N SER C 205 -31.27 -24.45 -10.12
CA SER C 205 -31.71 -25.84 -10.36
C SER C 205 -31.02 -26.54 -11.51
N LYS C 206 -31.01 -27.87 -11.49
CA LYS C 206 -30.52 -28.68 -12.64
C LYS C 206 -31.43 -29.90 -12.76
N HIS C 207 -31.74 -30.34 -13.99
CA HIS C 207 -32.56 -31.57 -14.17
C HIS C 207 -31.74 -32.63 -14.89
N THR C 208 -31.58 -33.80 -14.30
CA THR C 208 -30.78 -34.90 -14.92
C THR C 208 -31.52 -36.22 -14.84
N PRO C 209 -31.71 -36.96 -15.95
CA PRO C 209 -32.31 -38.30 -15.89
C PRO C 209 -31.35 -39.28 -15.17
N ILE C 210 -31.87 -40.09 -14.23
CA ILE C 210 -31.01 -40.99 -13.43
C ILE C 210 -31.41 -42.41 -13.82
N ASN C 211 -30.71 -43.44 -13.32
CA ASN C 211 -30.96 -44.81 -13.74
C ASN C 211 -30.42 -45.81 -12.72
N LEU C 212 -31.33 -46.59 -12.12
CA LEU C 212 -31.05 -47.68 -11.20
C LEU C 212 -30.28 -47.27 -9.95
N VAL C 213 -30.24 -45.98 -9.63
CA VAL C 213 -29.63 -45.50 -8.39
C VAL C 213 -30.76 -45.00 -7.51
N ARG C 214 -31.06 -45.77 -6.45
CA ARG C 214 -32.18 -45.43 -5.54
C ARG C 214 -31.88 -44.13 -4.80
N ASP C 215 -30.69 -44.00 -4.24
CA ASP C 215 -30.29 -42.84 -3.47
C ASP C 215 -29.73 -41.77 -4.42
N LEU C 216 -29.10 -40.76 -3.83
CA LEU C 216 -28.49 -39.71 -4.62
C LEU C 216 -27.30 -40.26 -5.41
N PRO C 217 -27.15 -39.89 -6.68
CA PRO C 217 -26.08 -40.48 -7.49
C PRO C 217 -24.73 -39.85 -7.19
N GLN C 218 -23.68 -40.61 -7.51
CA GLN C 218 -22.32 -40.11 -7.39
C GLN C 218 -21.90 -39.48 -8.71
N GLY C 219 -21.44 -38.23 -8.63
CA GLY C 219 -21.13 -37.47 -9.82
C GLY C 219 -21.23 -35.99 -9.52
N PHE C 220 -21.04 -35.19 -10.55
CA PHE C 220 -21.04 -33.74 -10.41
C PHE C 220 -21.95 -33.12 -11.47
N SER C 221 -22.99 -32.45 -11.02
CA SER C 221 -23.83 -31.62 -11.88
C SER C 221 -23.97 -30.25 -11.24
N ALA C 222 -23.66 -29.21 -12.01
CA ALA C 222 -23.69 -27.83 -11.52
C ALA C 222 -25.07 -27.24 -11.72
N LEU C 223 -25.55 -26.51 -10.70
CA LEU C 223 -26.90 -25.99 -10.72
C LEU C 223 -26.92 -24.60 -11.36
N GLU C 224 -27.61 -24.48 -12.48
CA GLU C 224 -27.65 -23.19 -13.17
C GLU C 224 -28.70 -22.30 -12.51
N PRO C 225 -28.53 -20.96 -12.46
CA PRO C 225 -29.53 -20.06 -11.86
C PRO C 225 -30.87 -20.14 -12.56
N LEU C 226 -31.93 -19.98 -11.79
CA LEU C 226 -33.29 -20.04 -12.32
C LEU C 226 -34.02 -18.70 -12.23
N VAL C 227 -34.12 -18.13 -11.04
CA VAL C 227 -34.82 -16.86 -10.86
C VAL C 227 -34.32 -16.23 -9.56
N ASP C 228 -34.34 -14.89 -9.51
CA ASP C 228 -34.06 -14.13 -8.30
C ASP C 228 -35.31 -13.35 -7.94
N LEU C 229 -35.96 -13.76 -6.86
CA LEU C 229 -37.26 -13.21 -6.51
C LEU C 229 -37.12 -12.14 -5.45
N PRO C 230 -37.52 -10.89 -5.72
CA PRO C 230 -37.48 -9.84 -4.68
C PRO C 230 -38.65 -9.95 -3.70
N ILE C 231 -38.68 -11.05 -2.95
CA ILE C 231 -39.81 -11.31 -2.06
C ILE C 231 -39.74 -10.42 -0.83
N GLY C 232 -38.54 -10.20 -0.29
CA GLY C 232 -38.35 -9.33 0.85
C GLY C 232 -39.03 -9.77 2.13
N ILE C 233 -39.10 -11.08 2.38
CA ILE C 233 -39.73 -11.61 3.57
C ILE C 233 -38.71 -12.41 4.36
N ASN C 234 -39.10 -12.75 5.60
CA ASN C 234 -38.27 -13.52 6.52
C ASN C 234 -38.72 -14.97 6.44
N ILE C 235 -37.76 -15.89 6.25
CA ILE C 235 -38.04 -17.30 6.06
C ILE C 235 -37.26 -18.10 7.09
N THR C 236 -37.97 -18.95 7.83
CA THR C 236 -37.37 -19.78 8.86
C THR C 236 -37.73 -21.27 8.72
N ARG C 237 -38.92 -21.59 8.23
CA ARG C 237 -39.36 -22.96 8.07
C ARG C 237 -39.89 -23.16 6.66
N PHE C 238 -39.89 -24.41 6.20
CA PHE C 238 -40.49 -24.72 4.90
C PHE C 238 -41.14 -26.09 4.94
N GLN C 239 -42.09 -26.29 4.02
CA GLN C 239 -42.82 -27.54 3.86
C GLN C 239 -42.85 -27.90 2.39
N THR C 240 -43.20 -29.16 2.10
CA THR C 240 -43.22 -29.68 0.74
C THR C 240 -44.66 -30.00 0.34
N LEU C 241 -45.07 -29.53 -0.83
CA LEU C 241 -46.41 -29.79 -1.34
C LEU C 241 -46.39 -31.06 -2.17
N LEU C 242 -47.34 -31.96 -1.90
CA LEU C 242 -47.40 -33.24 -2.57
C LEU C 242 -48.74 -33.38 -3.28
N ALA C 243 -48.77 -34.23 -4.30
CA ALA C 243 -49.96 -34.48 -5.09
C ALA C 243 -50.65 -35.74 -4.58
N LEU C 244 -51.95 -35.65 -4.33
CA LEU C 244 -52.74 -36.74 -3.78
C LEU C 244 -53.55 -37.36 -4.92
N HIS C 245 -53.01 -38.41 -5.54
CA HIS C 245 -53.72 -39.10 -6.61
C HIS C 245 -54.85 -39.95 -6.05
N ARG C 246 -54.65 -40.52 -4.86
CA ARG C 246 -55.69 -41.39 -4.22
C ARG C 246 -56.80 -40.52 -3.62
N SER C 247 -57.83 -41.15 -3.03
CA SER C 247 -58.96 -40.41 -2.43
C SER C 247 -58.84 -40.39 -0.90
N TYR C 248 -59.24 -39.27 -0.28
CA TYR C 248 -59.18 -39.16 1.20
C TYR C 248 -60.52 -39.66 1.80
N LEU C 249 -61.59 -39.63 0.99
CA LEU C 249 -62.91 -40.16 1.46
C LEU C 249 -62.90 -41.69 1.44
N THR C 250 -62.36 -42.29 0.38
CA THR C 250 -62.23 -43.76 0.40
C THR C 250 -60.76 -44.09 0.12
N PRO C 251 -59.96 -44.42 1.15
CA PRO C 251 -58.57 -44.82 0.94
C PRO C 251 -58.64 -46.24 0.40
N GLY C 252 -57.81 -46.54 -0.60
CA GLY C 252 -57.80 -47.90 -1.13
C GLY C 252 -57.05 -48.85 -0.24
N ASP C 253 -57.33 -50.14 -0.35
CA ASP C 253 -56.54 -51.13 0.44
C ASP C 253 -55.08 -50.96 -0.01
N SER C 254 -54.85 -50.89 -1.32
CA SER C 254 -53.47 -50.61 -1.83
C SER C 254 -53.51 -50.28 -3.32
N SER C 255 -52.45 -49.65 -3.85
CA SER C 255 -52.30 -49.39 -5.30
C SER C 255 -53.12 -48.19 -5.77
N SER C 256 -53.93 -47.61 -4.89
CA SER C 256 -54.73 -46.41 -5.24
C SER C 256 -53.78 -45.22 -5.47
N GLY C 257 -52.76 -45.10 -4.63
CA GLY C 257 -51.75 -44.03 -4.76
C GLY C 257 -50.55 -44.51 -5.55
N TRP C 258 -49.44 -43.78 -5.49
CA TRP C 258 -48.31 -44.15 -6.37
C TRP C 258 -47.32 -45.16 -5.78
N THR C 259 -47.59 -46.46 -5.94
CA THR C 259 -46.60 -47.53 -5.60
C THR C 259 -45.94 -47.42 -4.22
N ALA C 260 -46.68 -47.15 -3.15
CA ALA C 260 -46.07 -47.22 -1.80
C ALA C 260 -44.82 -46.36 -1.70
N GLY C 261 -44.83 -45.17 -2.28
CA GLY C 261 -43.70 -44.24 -2.11
C GLY C 261 -42.33 -44.68 -2.58
N ALA C 262 -42.22 -45.22 -3.79
CA ALA C 262 -40.87 -45.44 -4.35
C ALA C 262 -40.26 -44.06 -4.51
N ALA C 263 -41.08 -43.06 -4.89
CA ALA C 263 -40.64 -41.64 -5.04
C ALA C 263 -40.22 -41.05 -3.69
N ALA C 264 -39.22 -40.16 -3.71
CA ALA C 264 -38.69 -39.66 -2.42
C ALA C 264 -38.05 -38.30 -2.65
N TYR C 265 -37.83 -37.56 -1.57
CA TYR C 265 -37.13 -36.28 -1.71
C TYR C 265 -36.08 -36.14 -0.61
N TYR C 266 -35.05 -35.35 -0.91
CA TYR C 266 -33.87 -35.22 -0.07
C TYR C 266 -33.69 -33.76 0.30
N VAL C 267 -33.38 -33.50 1.58
CA VAL C 267 -33.25 -32.15 2.10
C VAL C 267 -31.88 -32.00 2.75
N GLY C 268 -31.12 -31.03 2.30
CA GLY C 268 -29.84 -30.70 2.92
C GLY C 268 -29.74 -29.21 3.16
N TYR C 269 -28.94 -28.85 4.17
CA TYR C 269 -28.84 -27.48 4.63
C TYR C 269 -27.48 -26.90 4.25
N LEU C 270 -27.50 -25.70 3.67
CA LEU C 270 -26.26 -25.04 3.28
C LEU C 270 -25.52 -24.51 4.50
N GLN C 271 -24.20 -24.43 4.38
CA GLN C 271 -23.32 -23.91 5.41
C GLN C 271 -22.25 -23.04 4.77
N PRO C 272 -21.70 -22.06 5.49
CA PRO C 272 -20.64 -21.23 4.91
C PRO C 272 -19.37 -22.03 4.67
N ARG C 273 -19.03 -22.19 3.40
CA ARG C 273 -17.85 -22.95 3.00
C ARG C 273 -17.12 -22.19 1.90
N THR C 274 -15.85 -22.55 1.71
CA THR C 274 -15.03 -22.03 0.62
C THR C 274 -14.80 -23.13 -0.39
N PHE C 275 -15.26 -22.92 -1.62
CA PHE C 275 -15.19 -23.92 -2.67
C PHE C 275 -14.26 -23.43 -3.77
N LEU C 276 -13.48 -24.36 -4.33
CA LEU C 276 -12.65 -24.09 -5.49
C LEU C 276 -13.32 -24.69 -6.71
N LEU C 277 -13.92 -23.84 -7.54
CA LEU C 277 -14.75 -24.28 -8.64
C LEU C 277 -13.93 -24.34 -9.92
N LYS C 278 -13.95 -25.41 -10.69
CA LYS C 278 -13.08 -25.42 -11.89
C LYS C 278 -13.93 -25.20 -13.14
N TYR C 279 -13.85 -24.03 -13.76
CA TYR C 279 -14.59 -23.74 -15.01
C TYR C 279 -13.80 -24.30 -16.19
N ASN C 280 -14.42 -25.01 -17.12
CA ASN C 280 -13.73 -25.64 -18.28
C ASN C 280 -13.73 -24.69 -19.47
N GLU C 281 -13.26 -25.15 -20.64
CA GLU C 281 -13.17 -24.28 -21.85
C GLU C 281 -14.52 -23.74 -22.31
N ASN C 282 -15.59 -24.52 -22.17
CA ASN C 282 -16.92 -24.12 -22.66
C ASN C 282 -17.62 -23.26 -21.59
N GLY C 283 -16.94 -22.97 -20.48
CA GLY C 283 -17.51 -22.11 -19.43
C GLY C 283 -18.26 -22.84 -18.34
N THR C 284 -18.16 -24.17 -18.25
CA THR C 284 -18.97 -24.96 -17.29
C THR C 284 -18.16 -25.31 -16.04
N ILE C 285 -18.78 -25.35 -14.85
CA ILE C 285 -18.06 -25.78 -13.62
C ILE C 285 -17.98 -27.30 -13.72
N THR C 286 -16.79 -27.84 -13.95
CA THR C 286 -16.64 -29.28 -14.19
C THR C 286 -16.18 -30.04 -12.95
N ASP C 287 -15.74 -29.37 -11.87
CA ASP C 287 -15.22 -30.07 -10.68
C ASP C 287 -15.12 -29.11 -9.50
N ALA C 288 -15.34 -29.58 -8.27
CA ALA C 288 -15.14 -28.63 -7.18
C ALA C 288 -14.42 -29.32 -6.04
N VAL C 289 -13.84 -28.52 -5.15
CA VAL C 289 -13.11 -29.00 -3.99
C VAL C 289 -13.66 -28.30 -2.75
N ASP C 290 -14.03 -29.05 -1.72
CA ASP C 290 -14.46 -28.44 -0.44
C ASP C 290 -13.22 -28.34 0.42
N CYS C 291 -12.77 -27.13 0.75
CA CYS C 291 -11.49 -26.93 1.47
C CYS C 291 -11.56 -27.46 2.89
N ALA C 292 -12.76 -27.64 3.41
CA ALA C 292 -12.88 -28.09 4.81
C ALA C 292 -13.02 -29.60 4.88
N LEU C 293 -13.04 -30.32 3.77
CA LEU C 293 -13.37 -31.77 3.84
C LEU C 293 -12.22 -32.59 4.41
N ASP C 294 -11.10 -32.70 3.70
CA ASP C 294 -10.01 -33.59 4.14
C ASP C 294 -8.71 -32.80 4.09
N PRO C 295 -7.46 -33.07 4.44
CA PRO C 295 -6.22 -32.29 4.26
C PRO C 295 -5.74 -32.17 2.82
N LEU C 296 -6.05 -33.15 1.97
CA LEU C 296 -5.70 -33.04 0.55
C LEU C 296 -6.42 -31.87 -0.10
N SER C 297 -7.70 -31.68 0.23
CA SER C 297 -8.44 -30.53 -0.31
C SER C 297 -7.96 -29.22 0.30
N GLU C 298 -7.49 -29.24 1.55
CA GLU C 298 -6.89 -28.04 2.12
C GLU C 298 -5.61 -27.67 1.38
N THR C 299 -4.79 -28.66 1.03
CA THR C 299 -3.61 -28.41 0.22
C THR C 299 -3.98 -27.90 -1.17
N LYS C 300 -5.05 -28.45 -1.76
CA LYS C 300 -5.52 -27.99 -3.07
C LYS C 300 -5.99 -26.55 -3.02
N CYS C 301 -6.69 -26.16 -1.95
CA CYS C 301 -7.15 -24.79 -1.82
C CYS C 301 -6.01 -23.83 -1.50
N THR C 302 -5.02 -24.29 -0.74
CA THR C 302 -3.85 -23.45 -0.47
C THR C 302 -3.03 -23.21 -1.73
N LEU C 303 -2.85 -24.25 -2.55
CA LEU C 303 -2.06 -24.12 -3.76
C LEU C 303 -2.88 -23.64 -4.96
N LYS C 304 -4.21 -23.56 -4.83
CA LYS C 304 -5.13 -23.18 -5.90
C LYS C 304 -4.96 -24.07 -7.14
N SER C 305 -4.85 -25.38 -6.90
CA SER C 305 -4.69 -26.33 -7.99
C SER C 305 -5.30 -27.65 -7.58
N PHE C 306 -5.84 -28.36 -8.57
CA PHE C 306 -6.50 -29.67 -8.30
C PHE C 306 -5.45 -30.77 -8.33
N THR C 307 -4.23 -30.49 -8.77
CA THR C 307 -3.15 -31.46 -8.74
C THR C 307 -2.01 -30.91 -7.90
N VAL C 308 -1.59 -31.67 -6.90
CA VAL C 308 -0.45 -31.31 -6.05
C VAL C 308 0.67 -32.30 -6.34
N GLU C 309 1.91 -31.87 -6.13
CA GLU C 309 3.07 -32.70 -6.39
C GLU C 309 3.54 -33.39 -5.11
N LYS C 310 4.58 -34.20 -5.26
CA LYS C 310 5.16 -34.90 -4.12
C LYS C 310 5.87 -33.91 -3.20
N GLY C 311 5.65 -34.06 -1.91
CA GLY C 311 6.36 -33.27 -0.93
C GLY C 311 5.46 -32.85 0.22
N ILE C 312 5.97 -31.91 1.00
CA ILE C 312 5.25 -31.34 2.13
C ILE C 312 4.73 -29.97 1.73
N TYR C 313 3.59 -29.58 2.30
CA TYR C 313 2.97 -28.30 2.00
C TYR C 313 2.35 -27.73 3.27
N GLN C 314 2.67 -26.47 3.56
CA GLN C 314 2.04 -25.78 4.68
C GLN C 314 0.69 -25.22 4.23
N THR C 315 -0.36 -25.56 4.96
CA THR C 315 -1.73 -25.25 4.56
C THR C 315 -2.35 -24.26 5.53
N SER C 316 -3.03 -23.26 4.98
CA SER C 316 -3.78 -22.31 5.78
C SER C 316 -5.08 -22.94 6.28
N ASN C 317 -5.64 -22.34 7.32
CA ASN C 317 -6.78 -22.94 8.02
C ASN C 317 -8.06 -22.74 7.20
N PHE C 318 -8.75 -23.85 6.91
CA PHE C 318 -10.09 -23.82 6.36
C PHE C 318 -11.03 -24.78 7.08
N ARG C 319 -10.56 -25.48 8.11
CA ARG C 319 -11.27 -26.65 8.61
C ARG C 319 -12.30 -26.33 9.69
N VAL C 320 -12.16 -25.23 10.42
CA VAL C 320 -13.00 -24.95 11.57
C VAL C 320 -13.79 -23.67 11.32
N GLN C 321 -15.09 -23.72 11.61
CA GLN C 321 -15.97 -22.57 11.52
C GLN C 321 -16.76 -22.47 12.81
N PRO C 322 -16.83 -21.29 13.43
CA PRO C 322 -17.59 -21.16 14.68
C PRO C 322 -19.09 -21.26 14.43
N THR C 323 -19.78 -21.98 15.31
CA THR C 323 -21.22 -22.19 15.20
C THR C 323 -22.02 -21.46 16.25
N GLU C 324 -21.44 -21.18 17.41
CA GLU C 324 -22.13 -20.49 18.49
C GLU C 324 -21.40 -19.20 18.82
N SER C 325 -22.14 -18.24 19.36
CA SER C 325 -21.61 -16.94 19.77
C SER C 325 -22.01 -16.67 21.21
N ILE C 326 -21.07 -16.13 21.98
CA ILE C 326 -21.30 -15.78 23.38
C ILE C 326 -21.08 -14.30 23.57
N VAL C 327 -21.92 -13.69 24.40
CA VAL C 327 -21.82 -12.27 24.76
C VAL C 327 -21.69 -12.20 26.27
N ARG C 328 -20.69 -11.47 26.76
CA ARG C 328 -20.45 -11.32 28.18
C ARG C 328 -20.34 -9.83 28.50
N PHE C 329 -21.30 -9.31 29.25
CA PHE C 329 -21.40 -7.92 29.66
C PHE C 329 -21.48 -7.84 31.17
N PRO C 330 -21.11 -6.71 31.78
CA PRO C 330 -21.21 -6.58 33.24
C PRO C 330 -22.65 -6.63 33.73
N ASN C 331 -22.79 -6.95 35.01
CA ASN C 331 -24.11 -7.03 35.63
C ASN C 331 -24.66 -5.63 35.84
N ILE C 332 -25.27 -5.06 34.80
CA ILE C 332 -25.84 -3.72 34.85
C ILE C 332 -27.33 -3.83 34.59
N THR C 333 -28.13 -3.25 35.47
CA THR C 333 -29.58 -3.38 35.43
C THR C 333 -30.30 -2.10 35.02
N ASN C 334 -29.97 -0.98 35.65
CA ASN C 334 -30.72 0.25 35.45
C ASN C 334 -30.44 0.85 34.07
N LEU C 335 -31.44 1.57 33.57
CA LEU C 335 -31.36 2.22 32.26
C LEU C 335 -30.77 3.62 32.43
N CYS C 336 -30.07 4.07 31.39
CA CYS C 336 -29.36 5.34 31.47
C CYS C 336 -30.34 6.51 31.51
N PRO C 337 -30.04 7.56 32.28
CA PRO C 337 -30.97 8.70 32.38
C PRO C 337 -30.88 9.62 31.16
N PHE C 338 -31.28 9.10 30.01
CA PHE C 338 -31.36 9.93 28.81
C PHE C 338 -32.57 10.85 28.85
N GLY C 339 -33.55 10.58 29.71
CA GLY C 339 -34.62 11.52 29.93
C GLY C 339 -34.16 12.81 30.59
N GLU C 340 -33.17 12.71 31.49
CA GLU C 340 -32.62 13.92 32.09
C GLU C 340 -31.75 14.69 31.11
N VAL C 341 -30.98 13.98 30.30
CA VAL C 341 -30.07 14.64 29.37
C VAL C 341 -30.85 15.28 28.22
N PHE C 342 -31.81 14.56 27.65
CA PHE C 342 -32.46 14.95 26.42
C PHE C 342 -33.75 15.73 26.63
N ASN C 343 -34.51 15.43 27.68
CA ASN C 343 -35.83 15.99 27.89
C ASN C 343 -35.83 17.03 29.01
N ALA C 344 -34.69 17.66 29.25
CA ALA C 344 -34.60 18.70 30.26
C ALA C 344 -35.38 19.94 29.83
N THR C 345 -35.95 20.62 30.82
CA THR C 345 -36.77 21.80 30.54
C THR C 345 -35.92 22.99 30.12
N ARG C 346 -34.63 22.98 30.45
CA ARG C 346 -33.75 24.09 30.02
C ARG C 346 -32.33 23.61 29.79
N PHE C 347 -31.82 23.82 28.60
CA PHE C 347 -30.47 23.48 28.19
C PHE C 347 -29.54 24.66 28.43
N ALA C 348 -28.26 24.36 28.58
CA ALA C 348 -27.27 25.39 28.82
C ALA C 348 -26.98 26.17 27.54
N SER C 349 -26.35 27.33 27.70
CA SER C 349 -25.92 28.11 26.56
C SER C 349 -24.69 27.47 25.92
N VAL C 350 -24.36 27.93 24.71
CA VAL C 350 -23.23 27.31 24.01
C VAL C 350 -21.90 27.81 24.56
N TYR C 351 -21.84 29.02 25.12
CA TYR C 351 -20.58 29.51 25.67
C TYR C 351 -20.24 28.80 26.97
N ALA C 352 -21.25 28.40 27.75
CA ALA C 352 -21.07 27.59 28.95
C ALA C 352 -21.93 26.34 28.77
N TRP C 353 -21.38 25.36 28.07
CA TRP C 353 -22.12 24.14 27.76
C TRP C 353 -22.07 23.19 28.94
N ASN C 354 -23.14 22.40 29.09
CA ASN C 354 -23.29 21.54 30.28
C ASN C 354 -22.72 20.17 30.00
N ARG C 355 -21.72 19.77 30.77
CA ARG C 355 -21.12 18.45 30.64
C ARG C 355 -21.59 17.57 31.79
N LYS C 356 -22.14 16.40 31.45
CA LYS C 356 -22.69 15.47 32.43
C LYS C 356 -22.05 14.11 32.23
N ARG C 357 -21.69 13.45 33.33
CA ARG C 357 -21.09 12.12 33.25
C ARG C 357 -22.18 11.05 33.28
N ILE C 358 -22.07 10.09 32.36
CA ILE C 358 -23.00 8.97 32.28
C ILE C 358 -22.24 7.70 32.63
N SER C 359 -22.69 6.99 33.66
CA SER C 359 -21.98 5.80 34.11
C SER C 359 -22.95 4.89 34.84
N ASN C 360 -22.55 3.61 34.93
CA ASN C 360 -23.26 2.57 35.69
C ASN C 360 -24.71 2.41 35.23
N CYS C 361 -24.90 2.34 33.91
CA CYS C 361 -26.24 2.16 33.35
C CYS C 361 -26.12 1.52 31.98
N VAL C 362 -27.27 1.27 31.35
CA VAL C 362 -27.35 0.60 30.06
C VAL C 362 -27.75 1.61 29.01
N ALA C 363 -26.90 1.75 27.97
CA ALA C 363 -27.09 2.78 26.94
C ALA C 363 -27.98 2.22 25.84
N ASP C 364 -29.29 2.32 26.05
CA ASP C 364 -30.29 1.90 25.07
C ASP C 364 -30.88 3.17 24.44
N TYR C 365 -30.51 3.44 23.19
N TYR C 365 -30.51 3.41 23.18
CA TYR C 365 -31.06 4.61 22.53
CA TYR C 365 -31.01 4.58 22.45
C TYR C 365 -32.41 4.33 21.87
C TYR C 365 -32.40 4.34 21.88
N SER C 366 -32.84 3.08 21.81
CA SER C 366 -34.11 2.72 21.20
C SER C 366 -35.33 3.23 21.97
N VAL C 367 -35.15 3.65 23.23
CA VAL C 367 -36.25 4.29 23.94
C VAL C 367 -36.47 5.72 23.47
N LEU C 368 -35.54 6.29 22.70
CA LEU C 368 -35.71 7.65 22.18
C LEU C 368 -36.45 7.68 20.85
N TYR C 369 -36.90 6.53 20.34
CA TYR C 369 -37.58 6.49 19.04
C TYR C 369 -38.97 7.11 19.13
N ASN C 370 -39.67 6.88 20.23
CA ASN C 370 -41.08 7.27 20.32
C ASN C 370 -41.22 8.78 20.48
N SER C 371 -40.40 9.39 21.33
CA SER C 371 -40.58 10.78 21.73
C SER C 371 -39.86 11.78 20.83
N ALA C 372 -38.55 11.67 20.70
CA ALA C 372 -37.74 12.70 20.04
C ALA C 372 -37.26 12.21 18.68
N SER C 373 -37.36 13.09 17.68
CA SER C 373 -36.84 12.83 16.35
C SER C 373 -35.61 13.70 16.14
N PHE C 374 -34.49 13.07 15.84
CA PHE C 374 -33.21 13.77 15.75
C PHE C 374 -32.94 14.12 14.29
N SER C 375 -32.83 15.42 14.02
CA SER C 375 -32.50 15.86 12.65
C SER C 375 -31.05 15.54 12.30
N THR C 376 -30.15 15.60 13.28
CA THR C 376 -28.75 15.30 13.06
C THR C 376 -28.30 14.21 14.02
N PHE C 377 -27.67 13.17 13.48
CA PHE C 377 -27.12 12.08 14.28
C PHE C 377 -25.88 11.56 13.54
N LYS C 378 -24.70 12.06 13.94
CA LYS C 378 -23.45 11.74 13.26
C LYS C 378 -22.46 11.18 14.26
N CYS C 379 -21.99 9.96 14.01
CA CYS C 379 -21.06 9.29 14.91
C CYS C 379 -19.68 9.22 14.25
N TYR C 380 -18.67 9.73 14.96
CA TYR C 380 -17.30 9.77 14.49
C TYR C 380 -16.47 8.77 15.29
N GLY C 381 -15.70 7.93 14.60
CA GLY C 381 -14.90 6.93 15.24
C GLY C 381 -15.64 5.66 15.61
N VAL C 382 -16.94 5.59 15.32
CA VAL C 382 -17.76 4.43 15.64
C VAL C 382 -18.92 4.39 14.65
N SER C 383 -19.36 3.18 14.31
CA SER C 383 -20.52 3.18 13.43
C SER C 383 -21.80 3.13 14.24
N PRO C 384 -22.86 3.80 13.79
CA PRO C 384 -24.13 3.79 14.53
C PRO C 384 -24.79 2.42 14.60
N THR C 385 -24.52 1.54 13.63
CA THR C 385 -25.09 0.19 13.69
C THR C 385 -24.39 -0.66 14.75
N LYS C 386 -23.10 -0.47 14.95
CA LYS C 386 -22.34 -1.22 15.94
C LYS C 386 -22.43 -0.61 17.33
N LEU C 387 -23.28 0.40 17.52
CA LEU C 387 -23.39 1.08 18.81
C LEU C 387 -24.10 0.24 19.86
N ASN C 388 -24.93 -0.73 19.44
CA ASN C 388 -25.63 -1.57 20.39
C ASN C 388 -24.70 -2.57 21.07
N ASP C 389 -23.84 -3.23 20.31
CA ASP C 389 -22.97 -4.29 20.84
C ASP C 389 -21.61 -3.75 21.27
N LEU C 390 -21.61 -2.68 22.05
CA LEU C 390 -20.37 -2.07 22.51
C LEU C 390 -20.54 -1.60 23.95
N CYS C 391 -19.41 -1.56 24.66
CA CYS C 391 -19.35 -1.03 26.02
C CYS C 391 -18.38 0.14 26.06
N PHE C 392 -18.78 1.20 26.73
CA PHE C 392 -17.99 2.43 26.79
C PHE C 392 -17.43 2.62 28.20
N THR C 393 -16.21 3.15 28.26
CA THR C 393 -15.54 3.33 29.55
C THR C 393 -16.11 4.53 30.30
N ASN C 394 -15.97 5.71 29.72
CA ASN C 394 -16.58 6.92 30.26
C ASN C 394 -17.33 7.65 29.16
N VAL C 395 -18.51 8.16 29.49
CA VAL C 395 -19.37 8.85 28.55
C VAL C 395 -19.68 10.24 29.11
N TYR C 396 -19.45 11.26 28.31
CA TYR C 396 -19.75 12.63 28.70
C TYR C 396 -20.72 13.25 27.71
N ALA C 397 -21.84 13.75 28.21
CA ALA C 397 -22.86 14.40 27.40
C ALA C 397 -22.66 15.90 27.51
N ASP C 398 -22.36 16.53 26.38
CA ASP C 398 -22.15 17.97 26.29
C ASP C 398 -23.40 18.58 25.65
N SER C 399 -24.19 19.29 26.43
CA SER C 399 -25.50 19.76 26.00
C SER C 399 -25.51 21.27 25.91
N PHE C 400 -26.08 21.78 24.82
CA PHE C 400 -26.23 23.22 24.61
C PHE C 400 -27.29 23.45 23.53
N VAL C 401 -27.51 24.72 23.19
CA VAL C 401 -28.48 25.14 22.19
C VAL C 401 -27.80 26.10 21.22
N ILE C 402 -27.91 25.81 19.91
CA ILE C 402 -27.38 26.68 18.88
C ILE C 402 -28.48 26.95 17.86
N ARG C 403 -28.12 27.71 16.82
CA ARG C 403 -29.02 27.98 15.72
C ARG C 403 -29.02 26.81 14.74
N GLY C 404 -29.97 26.83 13.80
CA GLY C 404 -30.04 25.78 12.80
C GLY C 404 -28.86 25.82 11.84
N ASP C 405 -28.37 27.01 11.50
CA ASP C 405 -27.25 27.16 10.58
C ASP C 405 -25.92 26.81 11.21
N GLU C 406 -25.87 26.59 12.53
CA GLU C 406 -24.63 26.38 13.25
C GLU C 406 -24.41 24.93 13.64
N VAL C 407 -25.41 24.05 13.41
CA VAL C 407 -25.28 22.63 13.69
C VAL C 407 -24.18 21.99 12.83
N ARG C 408 -23.93 22.55 11.65
CA ARG C 408 -22.84 22.08 10.81
C ARG C 408 -21.47 22.33 11.43
N GLN C 409 -21.37 23.22 12.43
CA GLN C 409 -20.10 23.51 13.06
C GLN C 409 -19.75 22.56 14.20
N ILE C 410 -20.68 21.70 14.60
CA ILE C 410 -20.41 20.71 15.66
C ILE C 410 -19.91 19.46 14.93
N ALA C 411 -18.62 19.49 14.60
CA ALA C 411 -17.94 18.39 13.90
C ALA C 411 -16.44 18.58 14.05
N PRO C 412 -15.66 17.51 14.08
CA PRO C 412 -14.20 17.66 14.08
C PRO C 412 -13.71 18.25 12.77
N GLY C 413 -12.71 19.13 12.88
CA GLY C 413 -12.14 19.78 11.71
C GLY C 413 -12.95 20.91 11.15
N GLN C 414 -14.00 21.36 11.84
CA GLN C 414 -14.83 22.45 11.36
C GLN C 414 -14.39 23.77 11.97
N THR C 415 -14.71 24.85 11.27
CA THR C 415 -14.48 26.20 11.77
C THR C 415 -15.77 26.99 11.72
N GLY C 416 -15.74 28.19 12.26
CA GLY C 416 -16.89 29.04 12.28
C GLY C 416 -16.91 29.87 13.56
N LYS C 417 -18.12 30.19 14.00
CA LYS C 417 -18.28 30.94 15.24
C LYS C 417 -18.28 30.02 16.45
N ILE C 418 -19.09 28.96 16.40
CA ILE C 418 -19.15 28.01 17.51
C ILE C 418 -17.86 27.22 17.62
N ALA C 419 -17.34 26.75 16.48
CA ALA C 419 -16.15 25.91 16.49
C ALA C 419 -14.89 26.66 16.87
N ASP C 420 -14.92 28.00 16.86
CA ASP C 420 -13.74 28.76 17.26
C ASP C 420 -13.88 29.39 18.64
N TYR C 421 -15.05 29.97 18.95
CA TYR C 421 -15.17 30.76 20.16
C TYR C 421 -16.07 30.15 21.22
N ASN C 422 -16.89 29.14 20.88
CA ASN C 422 -17.87 28.62 21.82
C ASN C 422 -17.66 27.16 22.16
N TYR C 423 -17.55 26.27 21.18
CA TYR C 423 -17.44 24.84 21.45
C TYR C 423 -16.71 24.17 20.30
N LYS C 424 -15.53 23.62 20.59
CA LYS C 424 -14.70 22.96 19.59
C LYS C 424 -14.48 21.52 19.98
N LEU C 425 -14.66 20.61 19.01
CA LEU C 425 -14.43 19.17 19.12
C LEU C 425 -13.02 18.83 18.65
N PRO C 426 -12.37 17.86 19.29
CA PRO C 426 -11.00 17.49 18.89
C PRO C 426 -11.00 16.78 17.55
N ASP C 427 -9.81 16.75 16.94
CA ASP C 427 -9.65 16.07 15.66
C ASP C 427 -9.82 14.56 15.79
N ASP C 428 -9.30 13.99 16.87
CA ASP C 428 -9.43 12.55 17.14
C ASP C 428 -10.65 12.24 18.00
N PHE C 429 -11.80 12.78 17.60
CA PHE C 429 -13.02 12.67 18.39
C PHE C 429 -13.71 11.35 18.12
N THR C 430 -14.04 10.61 19.18
CA THR C 430 -14.80 9.38 19.10
C THR C 430 -16.09 9.57 19.89
N GLY C 431 -17.20 9.76 19.18
CA GLY C 431 -18.46 10.01 19.84
C GLY C 431 -19.51 10.43 18.83
N CYS C 432 -20.71 10.67 19.33
CA CYS C 432 -21.85 10.94 18.47
C CYS C 432 -22.46 12.31 18.78
N VAL C 433 -22.63 13.11 17.73
CA VAL C 433 -23.30 14.40 17.81
C VAL C 433 -24.77 14.18 17.47
N ILE C 434 -25.66 14.62 18.37
CA ILE C 434 -27.10 14.50 18.23
C ILE C 434 -27.68 15.89 18.30
N ALA C 435 -28.60 16.20 17.39
CA ALA C 435 -29.19 17.53 17.37
C ALA C 435 -30.62 17.45 16.84
N TRP C 436 -31.51 18.21 17.48
CA TRP C 436 -32.90 18.21 17.06
C TRP C 436 -33.49 19.61 17.21
N ASN C 437 -34.47 19.90 16.35
CA ASN C 437 -35.15 21.19 16.40
C ASN C 437 -36.02 21.28 17.65
N SER C 438 -35.99 22.45 18.29
CA SER C 438 -36.75 22.71 19.50
C SER C 438 -37.39 24.08 19.44
N ASN C 439 -38.05 24.39 18.31
CA ASN C 439 -38.73 25.66 18.18
C ASN C 439 -39.95 25.75 19.10
N ASN C 440 -40.55 24.61 19.43
CA ASN C 440 -41.72 24.61 20.30
C ASN C 440 -41.36 24.89 21.75
N LEU C 441 -40.13 24.55 22.15
CA LEU C 441 -39.73 24.65 23.56
C LEU C 441 -38.92 25.90 23.84
N ASP C 442 -37.79 26.07 23.14
CA ASP C 442 -36.85 27.13 23.48
C ASP C 442 -37.36 28.50 23.09
N SER C 443 -37.89 28.63 21.87
CA SER C 443 -38.33 29.93 21.38
C SER C 443 -39.69 30.28 21.95
N LYS C 444 -39.86 31.57 22.29
CA LYS C 444 -41.10 32.07 22.83
C LYS C 444 -41.49 33.35 22.10
N VAL C 445 -42.76 33.72 22.24
CA VAL C 445 -43.29 34.88 21.54
C VAL C 445 -42.71 36.16 22.14
N GLY C 446 -42.16 37.02 21.28
CA GLY C 446 -41.56 38.26 21.71
C GLY C 446 -40.04 38.23 21.77
N GLY C 447 -39.43 37.05 21.70
CA GLY C 447 -37.99 36.95 21.71
C GLY C 447 -37.43 36.26 22.95
N ASN C 448 -36.82 35.10 22.74
CA ASN C 448 -36.14 34.37 23.82
C ASN C 448 -34.69 34.79 23.85
N TYR C 449 -34.32 35.62 24.82
CA TYR C 449 -32.96 36.14 24.95
C TYR C 449 -32.19 35.46 26.07
N ASN C 450 -32.61 34.26 26.48
CA ASN C 450 -31.99 33.54 27.57
C ASN C 450 -30.80 32.68 27.13
N TYR C 451 -30.51 32.64 25.83
CA TYR C 451 -29.40 31.86 25.31
C TYR C 451 -28.34 32.81 24.75
N LEU C 452 -27.11 32.66 25.21
CA LEU C 452 -26.03 33.58 24.88
C LEU C 452 -24.96 32.87 24.06
N TYR C 453 -24.20 33.66 23.31
CA TYR C 453 -23.09 33.13 22.52
C TYR C 453 -22.01 34.19 22.45
N ARG C 454 -20.79 33.73 22.16
CA ARG C 454 -19.59 34.57 22.21
C ARG C 454 -19.25 35.05 20.80
N LEU C 455 -19.39 36.36 20.56
CA LEU C 455 -18.98 36.92 19.28
C LEU C 455 -17.46 36.96 19.16
N PHE C 456 -16.78 37.45 20.19
CA PHE C 456 -15.40 37.87 20.09
C PHE C 456 -14.54 37.11 21.09
N ARG C 457 -13.37 36.67 20.64
CA ARG C 457 -12.36 36.09 21.51
C ARG C 457 -11.00 36.36 20.90
N LYS C 458 -9.99 36.53 21.76
CA LYS C 458 -8.66 36.88 21.29
C LYS C 458 -8.02 35.74 20.52
N SER C 459 -8.31 34.50 20.89
CA SER C 459 -7.75 33.34 20.21
C SER C 459 -8.82 32.26 20.12
N ASN C 460 -8.60 31.33 19.20
CA ASN C 460 -9.52 30.22 19.03
C ASN C 460 -9.46 29.27 20.22
N LEU C 461 -10.59 28.64 20.51
CA LEU C 461 -10.67 27.70 21.61
C LEU C 461 -9.90 26.41 21.28
N LYS C 462 -9.42 25.81 22.34
CA LYS C 462 -8.75 24.52 22.16
C LYS C 462 -9.82 23.48 22.44
N PRO C 463 -9.73 22.22 21.96
CA PRO C 463 -10.81 21.24 22.08
C PRO C 463 -11.27 21.02 23.52
N PHE C 464 -12.59 21.03 23.68
CA PHE C 464 -13.27 20.80 24.98
C PHE C 464 -12.92 21.85 26.03
N GLU C 465 -12.68 23.09 25.62
CA GLU C 465 -12.43 24.16 26.61
C GLU C 465 -13.69 24.98 26.75
N ARG C 466 -13.98 25.49 27.94
CA ARG C 466 -15.17 26.33 28.19
C ARG C 466 -14.65 27.70 28.63
N ASP C 467 -15.06 28.78 27.97
CA ASP C 467 -14.70 30.11 28.47
C ASP C 467 -15.99 30.77 28.92
N ILE C 468 -16.13 31.03 30.20
CA ILE C 468 -17.36 31.66 30.74
C ILE C 468 -16.98 33.06 31.22
N SER C 469 -15.82 33.61 30.78
CA SER C 469 -15.45 34.95 31.17
C SER C 469 -16.22 35.99 30.39
N THR C 470 -16.63 37.07 31.07
CA THR C 470 -17.42 38.14 30.48
C THR C 470 -16.64 39.44 30.41
N GLU C 471 -15.31 39.34 30.30
CA GLU C 471 -14.49 40.53 30.20
C GLU C 471 -14.64 41.20 28.82
N ILE C 472 -14.44 42.50 28.80
CA ILE C 472 -14.68 43.29 27.58
C ILE C 472 -13.59 43.01 26.57
N TYR C 473 -13.99 42.76 25.32
CA TYR C 473 -13.04 42.47 24.25
C TYR C 473 -12.49 43.77 23.68
N GLN C 474 -11.17 43.85 23.53
CA GLN C 474 -10.51 45.04 23.01
C GLN C 474 -10.34 44.88 21.51
N ALA C 475 -11.32 45.37 20.75
CA ALA C 475 -11.26 45.28 19.30
C ALA C 475 -10.27 46.28 18.72
N GLY C 476 -10.24 47.51 19.25
CA GLY C 476 -9.37 48.54 18.75
C GLY C 476 -8.04 48.61 19.49
N SER C 477 -7.24 49.59 19.10
CA SER C 477 -5.93 49.78 19.73
CA SER C 477 -5.93 49.78 19.73
C SER C 477 -6.05 50.41 21.11
N THR C 478 -7.08 51.24 21.33
CA THR C 478 -7.25 51.89 22.61
C THR C 478 -7.68 50.89 23.68
N PRO C 479 -7.20 51.04 24.91
CA PRO C 479 -7.64 50.15 25.99
C PRO C 479 -9.11 50.34 26.33
N CYS C 480 -9.76 49.23 26.68
CA CYS C 480 -11.18 49.28 27.01
C CYS C 480 -11.43 49.83 28.41
N ASN C 481 -10.53 49.56 29.35
CA ASN C 481 -10.61 50.03 30.74
C ASN C 481 -11.89 49.54 31.43
N GLY C 482 -12.39 48.38 31.03
CA GLY C 482 -13.53 47.76 31.69
C GLY C 482 -14.88 48.37 31.39
N VAL C 483 -14.97 49.29 30.43
CA VAL C 483 -16.23 49.94 30.08
C VAL C 483 -16.47 49.76 28.58
N GLU C 484 -17.74 49.60 28.22
CA GLU C 484 -18.11 49.45 26.83
C GLU C 484 -18.05 50.79 26.10
N GLY C 485 -17.88 50.73 24.79
CA GLY C 485 -17.80 51.93 24.00
C GLY C 485 -17.43 51.63 22.57
N PHE C 486 -16.82 52.61 21.91
CA PHE C 486 -16.33 52.41 20.55
C PHE C 486 -15.13 51.47 20.60
N ASN C 487 -15.15 50.45 19.74
CA ASN C 487 -14.15 49.39 19.66
C ASN C 487 -13.98 48.65 20.99
N CYS C 488 -15.05 48.56 21.78
CA CYS C 488 -15.05 47.82 23.04
C CYS C 488 -16.42 47.18 23.19
N TYR C 489 -16.50 45.87 22.90
CA TYR C 489 -17.76 45.15 22.82
C TYR C 489 -17.86 44.14 23.94
N PHE C 490 -19.06 43.99 24.48
CA PHE C 490 -19.35 42.87 25.37
C PHE C 490 -19.33 41.58 24.56
N PRO C 491 -18.57 40.56 24.98
CA PRO C 491 -18.36 39.40 24.11
C PRO C 491 -19.58 38.50 23.95
N LEU C 492 -20.56 38.59 24.85
CA LEU C 492 -21.72 37.69 24.82
C LEU C 492 -22.94 38.44 24.33
N GLN C 493 -23.71 37.81 23.44
CA GLN C 493 -24.95 38.38 22.94
C GLN C 493 -26.00 37.29 22.88
N SER C 494 -27.27 37.70 22.88
CA SER C 494 -28.38 36.77 22.87
C SER C 494 -28.70 36.31 21.45
N TYR C 495 -29.10 35.04 21.33
CA TYR C 495 -29.66 34.54 20.08
C TYR C 495 -30.93 35.27 19.69
N GLY C 496 -31.83 35.50 20.63
CA GLY C 496 -33.08 36.17 20.32
C GLY C 496 -34.01 35.31 19.49
N PHE C 497 -34.47 34.21 20.05
CA PHE C 497 -35.27 33.24 19.32
C PHE C 497 -36.73 33.67 19.27
N GLN C 498 -37.33 33.54 18.09
CA GLN C 498 -38.74 33.82 17.86
C GLN C 498 -39.38 32.65 17.14
N PRO C 499 -40.66 32.36 17.39
CA PRO C 499 -41.31 31.25 16.69
C PRO C 499 -41.54 31.50 15.20
N THR C 500 -41.49 32.76 14.75
CA THR C 500 -41.68 33.09 13.35
C THR C 500 -40.36 33.17 12.57
N ASN C 501 -39.25 32.80 13.21
CA ASN C 501 -37.97 32.84 12.54
C ASN C 501 -37.84 31.71 11.51
N GLY C 502 -36.82 31.81 10.68
CA GLY C 502 -36.55 30.80 9.70
C GLY C 502 -36.01 29.52 10.32
N VAL C 503 -35.85 28.51 9.46
CA VAL C 503 -35.35 27.21 9.92
C VAL C 503 -33.90 27.34 10.40
N GLY C 504 -33.08 28.10 9.68
CA GLY C 504 -31.72 28.32 10.11
C GLY C 504 -31.56 29.27 11.29
N TYR C 505 -32.63 29.95 11.69
CA TYR C 505 -32.62 30.82 12.85
C TYR C 505 -33.40 30.24 14.02
N GLN C 506 -33.92 29.03 13.88
CA GLN C 506 -34.72 28.31 14.86
C GLN C 506 -33.82 27.63 15.88
N PRO C 507 -34.31 27.42 17.10
CA PRO C 507 -33.48 26.75 18.12
C PRO C 507 -33.20 25.30 17.77
N TYR C 508 -31.97 24.87 18.05
CA TYR C 508 -31.55 23.49 17.83
C TYR C 508 -30.82 23.03 19.07
N ARG C 509 -31.36 22.01 19.74
CA ARG C 509 -30.70 21.46 20.93
C ARG C 509 -29.70 20.40 20.51
N VAL C 510 -28.48 20.49 21.03
CA VAL C 510 -27.38 19.62 20.64
C VAL C 510 -26.86 18.92 21.89
N VAL C 511 -26.74 17.60 21.81
CA VAL C 511 -26.09 16.77 22.82
C VAL C 511 -24.96 16.01 22.11
N VAL C 512 -23.73 16.22 22.59
CA VAL C 512 -22.55 15.56 22.04
C VAL C 512 -22.10 14.52 23.05
N LEU C 513 -22.22 13.25 22.68
CA LEU C 513 -21.85 12.14 23.54
C LEU C 513 -20.43 11.71 23.21
N SER C 514 -19.50 11.99 24.12
CA SER C 514 -18.09 11.63 23.97
C SER C 514 -17.83 10.33 24.69
N PHE C 515 -17.24 9.37 23.97
CA PHE C 515 -16.99 8.03 24.46
C PHE C 515 -15.49 7.78 24.58
N GLU C 516 -15.16 6.55 24.97
CA GLU C 516 -13.82 6.00 24.87
C GLU C 516 -13.96 4.50 24.75
N LEU C 517 -13.43 3.93 23.66
CA LEU C 517 -13.74 2.56 23.27
C LEU C 517 -12.55 1.64 23.52
N LEU C 518 -12.79 0.58 24.31
CA LEU C 518 -11.92 -0.60 24.40
C LEU C 518 -10.52 -0.24 24.90
N HIS C 519 -10.45 0.58 25.95
CA HIS C 519 -9.17 0.94 26.56
C HIS C 519 -9.16 0.84 28.08
N ALA C 520 -10.30 0.90 28.74
CA ALA C 520 -10.42 0.91 30.18
C ALA C 520 -11.58 0.01 30.56
N PRO C 521 -11.68 -0.40 31.84
CA PRO C 521 -12.91 -1.07 32.29
C PRO C 521 -14.13 -0.20 32.09
N ALA C 522 -15.21 -0.83 31.64
CA ALA C 522 -16.41 -0.13 31.20
C ALA C 522 -17.49 -0.17 32.26
N THR C 523 -18.18 0.96 32.44
CA THR C 523 -19.30 1.06 33.36
C THR C 523 -20.64 1.19 32.67
N VAL C 524 -20.66 1.59 31.40
CA VAL C 524 -21.90 1.74 30.63
C VAL C 524 -21.80 0.86 29.39
N CYS C 525 -22.87 0.12 29.10
CA CYS C 525 -22.87 -0.87 28.05
C CYS C 525 -24.15 -0.74 27.22
N GLY C 526 -24.25 -1.57 26.20
CA GLY C 526 -25.36 -1.52 25.27
C GLY C 526 -26.50 -2.43 25.67
N PRO C 527 -27.52 -2.52 24.81
CA PRO C 527 -28.72 -3.29 25.15
C PRO C 527 -28.56 -4.80 24.96
N LYS C 528 -27.41 -5.26 24.48
CA LYS C 528 -27.23 -6.69 24.20
C LYS C 528 -27.23 -7.50 25.48
N LYS C 529 -27.89 -8.66 25.44
CA LYS C 529 -28.06 -9.50 26.61
C LYS C 529 -26.91 -10.48 26.72
N SER C 530 -26.34 -10.59 27.92
CA SER C 530 -25.20 -11.46 28.14
C SER C 530 -25.62 -12.93 28.14
N THR C 531 -24.67 -13.80 27.81
CA THR C 531 -24.89 -15.23 27.80
C THR C 531 -23.85 -15.95 28.66
N ASN C 532 -23.81 -17.28 28.58
CA ASN C 532 -22.87 -18.07 29.35
C ASN C 532 -21.46 -18.01 28.74
N LEU C 533 -20.48 -18.42 29.55
CA LEU C 533 -19.09 -18.45 29.14
C LEU C 533 -18.71 -19.89 28.79
N VAL C 534 -18.20 -20.09 27.58
CA VAL C 534 -17.75 -21.39 27.10
C VAL C 534 -16.23 -21.37 27.07
N LYS C 535 -15.60 -22.03 28.03
CA LYS C 535 -14.15 -22.06 28.14
C LYS C 535 -13.58 -23.24 27.35
N ASN C 536 -12.35 -23.06 26.87
CA ASN C 536 -11.57 -24.09 26.19
C ASN C 536 -12.29 -24.63 24.95
N LYS C 537 -13.01 -23.76 24.25
CA LYS C 537 -13.70 -24.11 23.02
C LYS C 537 -13.61 -22.95 22.05
N CYS C 538 -13.66 -23.27 20.76
CA CYS C 538 -13.69 -22.25 19.72
C CYS C 538 -15.09 -21.67 19.63
N VAL C 539 -15.21 -20.36 19.88
CA VAL C 539 -16.51 -19.71 19.96
C VAL C 539 -16.35 -18.25 19.60
N ASN C 540 -17.37 -17.69 18.93
CA ASN C 540 -17.44 -16.25 18.76
C ASN C 540 -17.71 -15.60 20.12
N PHE C 541 -16.89 -14.61 20.47
CA PHE C 541 -16.97 -14.01 21.79
C PHE C 541 -17.12 -12.49 21.69
N ASN C 542 -17.74 -11.91 22.70
CA ASN C 542 -17.97 -10.47 22.78
C ASN C 542 -17.77 -10.05 24.24
N PHE C 543 -16.59 -9.52 24.54
CA PHE C 543 -16.23 -9.09 25.89
C PHE C 543 -16.14 -7.57 25.92
N ASN C 544 -17.11 -6.94 26.60
CA ASN C 544 -17.18 -5.49 26.78
C ASN C 544 -17.16 -4.76 25.44
N GLY C 545 -17.85 -5.32 24.45
CA GLY C 545 -17.88 -4.77 23.11
C GLY C 545 -16.78 -5.27 22.20
N LEU C 546 -15.75 -5.91 22.74
CA LEU C 546 -14.66 -6.46 21.93
C LEU C 546 -15.13 -7.78 21.33
N THR C 547 -15.32 -7.80 20.02
CA THR C 547 -15.79 -8.99 19.31
C THR C 547 -14.60 -9.73 18.72
N GLY C 548 -14.70 -11.06 18.71
CA GLY C 548 -13.62 -11.86 18.16
C GLY C 548 -14.06 -13.30 17.99
N THR C 549 -13.16 -14.08 17.39
CA THR C 549 -13.34 -15.51 17.21
C THR C 549 -12.07 -16.22 17.67
N GLY C 550 -12.23 -17.19 18.57
CA GLY C 550 -11.08 -17.91 19.06
C GLY C 550 -11.46 -18.81 20.21
N VAL C 551 -10.44 -19.26 20.93
CA VAL C 551 -10.58 -20.12 22.10
C VAL C 551 -10.00 -19.37 23.29
N LEU C 552 -10.52 -19.66 24.49
CA LEU C 552 -10.07 -18.99 25.70
C LEU C 552 -9.53 -20.02 26.68
N THR C 553 -8.46 -19.64 27.38
CA THR C 553 -7.92 -20.45 28.46
C THR C 553 -7.79 -19.58 29.71
N GLU C 554 -7.71 -20.25 30.85
CA GLU C 554 -7.45 -19.54 32.10
C GLU C 554 -6.00 -19.09 32.15
N SER C 555 -5.78 -17.86 32.61
CA SER C 555 -4.46 -17.26 32.59
C SER C 555 -4.02 -16.92 34.01
N ASN C 556 -2.72 -16.99 34.23
CA ASN C 556 -2.11 -16.67 35.52
C ASN C 556 -1.67 -15.21 35.61
N LYS C 557 -2.00 -14.40 34.61
CA LYS C 557 -1.64 -12.99 34.62
C LYS C 557 -2.42 -12.24 35.70
N LYS C 558 -1.85 -11.13 36.16
CA LYS C 558 -2.47 -10.27 37.16
C LYS C 558 -2.66 -8.89 36.56
N PHE C 559 -3.88 -8.36 36.67
CA PHE C 559 -4.23 -7.07 36.10
C PHE C 559 -4.30 -6.01 37.19
N LEU C 560 -3.79 -4.83 36.88
CA LEU C 560 -4.01 -3.67 37.72
C LEU C 560 -5.47 -3.26 37.64
N PRO C 561 -6.00 -2.60 38.68
CA PRO C 561 -7.44 -2.27 38.69
C PRO C 561 -7.89 -1.32 37.57
N PHE C 562 -6.98 -0.56 36.98
CA PHE C 562 -7.32 0.32 35.87
C PHE C 562 -7.08 -0.32 34.50
N GLN C 563 -6.71 -1.60 34.47
CA GLN C 563 -6.43 -2.31 33.22
C GLN C 563 -7.55 -3.28 32.91
N GLN C 564 -7.91 -3.38 31.63
CA GLN C 564 -8.97 -4.27 31.17
C GLN C 564 -8.50 -5.25 30.11
N PHE C 565 -7.64 -4.82 29.18
CA PHE C 565 -7.20 -5.66 28.07
C PHE C 565 -5.69 -5.88 28.15
N GLY C 566 -5.23 -6.94 27.49
CA GLY C 566 -3.82 -7.29 27.50
C GLY C 566 -3.24 -7.58 26.14
N ARG C 567 -2.11 -6.97 25.83
CA ARG C 567 -1.51 -7.12 24.49
C ARG C 567 0.02 -7.22 24.64
N ASP C 568 0.64 -8.35 24.31
CA ASP C 568 2.10 -8.46 24.38
C ASP C 568 2.74 -7.76 23.20
N ILE C 569 2.12 -7.84 22.02
CA ILE C 569 2.71 -7.41 20.76
C ILE C 569 1.95 -6.22 20.18
N ALA C 570 0.80 -5.88 20.74
CA ALA C 570 -0.07 -4.73 20.48
C ALA C 570 -0.76 -4.80 19.12
N ASP C 571 -0.90 -5.97 18.52
CA ASP C 571 -1.78 -6.14 17.36
C ASP C 571 -2.81 -7.24 17.59
N THR C 572 -2.78 -7.91 18.75
CA THR C 572 -3.76 -8.92 19.11
C THR C 572 -3.96 -8.85 20.62
N THR C 573 -5.22 -8.91 21.05
CA THR C 573 -5.57 -8.86 22.47
C THR C 573 -5.35 -10.24 23.06
N ASP C 574 -4.32 -10.36 23.90
CA ASP C 574 -4.03 -11.63 24.55
C ASP C 574 -5.08 -11.98 25.59
N ALA C 575 -5.15 -11.18 26.66
CA ALA C 575 -5.95 -11.51 27.82
C ALA C 575 -6.96 -10.41 28.06
N VAL C 576 -8.11 -10.80 28.59
CA VAL C 576 -9.18 -9.87 28.93
C VAL C 576 -9.65 -10.23 30.33
N ARG C 577 -10.20 -9.25 31.02
CA ARG C 577 -10.85 -9.47 32.30
C ARG C 577 -12.34 -9.67 32.03
N ASP C 578 -12.84 -10.85 32.38
CA ASP C 578 -14.25 -11.15 32.16
C ASP C 578 -15.12 -10.23 32.99
N PRO C 579 -16.16 -9.64 32.40
CA PRO C 579 -16.87 -8.56 33.11
C PRO C 579 -17.69 -9.03 34.30
N GLN C 580 -18.26 -10.24 34.24
CA GLN C 580 -19.06 -10.72 35.36
C GLN C 580 -18.17 -11.31 36.45
N THR C 581 -17.44 -12.37 36.13
CA THR C 581 -16.50 -12.97 37.07
C THR C 581 -15.12 -12.37 36.83
N LEU C 582 -14.47 -11.88 37.89
CA LEU C 582 -13.26 -11.08 37.77
C LEU C 582 -12.01 -11.89 37.40
N GLU C 583 -12.16 -13.15 37.01
CA GLU C 583 -11.04 -13.94 36.51
C GLU C 583 -10.55 -13.38 35.18
N ILE C 584 -9.26 -13.62 34.90
CA ILE C 584 -8.62 -13.14 33.68
C ILE C 584 -8.49 -14.32 32.72
N LEU C 585 -9.04 -14.17 31.51
CA LEU C 585 -9.02 -15.22 30.50
C LEU C 585 -8.15 -14.76 29.34
N ASP C 586 -7.17 -15.58 28.96
CA ASP C 586 -6.36 -15.21 27.80
C ASP C 586 -6.89 -15.91 26.55
N ILE C 587 -6.78 -15.20 25.43
CA ILE C 587 -7.42 -15.59 24.18
C ILE C 587 -6.36 -16.10 23.21
N THR C 588 -6.54 -17.32 22.74
CA THR C 588 -5.75 -17.95 21.72
C THR C 588 -6.56 -17.96 20.43
N PRO C 589 -5.95 -17.69 19.27
CA PRO C 589 -6.68 -17.81 18.01
C PRO C 589 -7.17 -19.23 17.77
N CYS C 590 -8.37 -19.34 17.21
CA CYS C 590 -8.95 -20.64 16.88
C CYS C 590 -8.17 -21.34 15.77
N SER C 591 -7.49 -20.58 14.93
CA SER C 591 -6.81 -21.16 13.78
C SER C 591 -5.52 -21.85 14.20
N PHE C 592 -5.47 -23.16 14.03
CA PHE C 592 -4.25 -23.94 14.19
C PHE C 592 -3.70 -24.16 12.78
N GLY C 593 -3.01 -23.13 12.27
CA GLY C 593 -2.42 -23.23 10.95
C GLY C 593 -1.05 -23.88 10.91
N GLY C 594 -0.53 -24.29 12.07
CA GLY C 594 0.74 -24.96 12.12
C GLY C 594 0.63 -26.45 11.80
N VAL C 595 0.11 -26.76 10.63
CA VAL C 595 -0.03 -28.13 10.16
C VAL C 595 0.47 -28.21 8.73
N SER C 596 1.23 -29.26 8.43
CA SER C 596 1.81 -29.46 7.11
C SER C 596 1.35 -30.81 6.57
N VAL C 597 0.92 -30.83 5.32
CA VAL C 597 0.42 -32.05 4.69
C VAL C 597 1.56 -32.65 3.88
N ILE C 598 1.92 -33.88 4.23
CA ILE C 598 2.88 -34.68 3.46
C ILE C 598 2.05 -35.50 2.46
N THR C 599 2.26 -35.25 1.18
CA THR C 599 1.49 -35.95 0.16
C THR C 599 2.41 -36.44 -0.96
N PRO C 600 2.06 -37.53 -1.62
CA PRO C 600 2.63 -37.81 -2.94
C PRO C 600 1.88 -37.02 -4.00
N GLY C 601 2.21 -37.30 -5.25
CA GLY C 601 1.50 -36.67 -6.35
C GLY C 601 0.04 -37.08 -6.41
N THR C 602 -0.83 -36.17 -6.83
CA THR C 602 -2.25 -36.46 -7.05
C THR C 602 -2.37 -37.51 -8.14
N ASN C 603 -1.47 -37.44 -9.13
CA ASN C 603 -1.37 -38.47 -10.16
C ASN C 603 -1.07 -39.83 -9.54
N THR C 604 -0.28 -39.86 -8.46
CA THR C 604 0.09 -41.13 -7.85
C THR C 604 -0.99 -41.64 -6.90
N SER C 605 -1.38 -40.84 -5.91
CA SER C 605 -2.33 -41.28 -4.91
C SER C 605 -3.04 -40.07 -4.31
N ASN C 606 -4.13 -40.35 -3.59
CA ASN C 606 -4.93 -39.31 -2.96
C ASN C 606 -4.92 -39.39 -1.44
N GLN C 607 -4.11 -40.27 -0.85
CA GLN C 607 -4.00 -40.35 0.61
C GLN C 607 -2.78 -39.56 1.09
N VAL C 608 -2.94 -38.94 2.26
CA VAL C 608 -1.96 -37.99 2.77
C VAL C 608 -1.61 -38.34 4.21
N ALA C 609 -0.62 -37.63 4.74
CA ALA C 609 -0.31 -37.63 6.17
C ALA C 609 -0.22 -36.19 6.62
N VAL C 610 -0.42 -35.94 7.91
CA VAL C 610 -0.38 -34.59 8.45
C VAL C 610 0.58 -34.51 9.62
N LEU C 611 1.41 -33.47 9.63
CA LEU C 611 2.29 -33.16 10.75
C LEU C 611 1.71 -31.92 11.43
N TYR C 612 1.35 -32.07 12.69
CA TYR C 612 0.97 -30.95 13.53
C TYR C 612 2.24 -30.44 14.21
N GLN C 613 2.60 -29.19 13.92
CA GLN C 613 3.91 -28.67 14.26
C GLN C 613 4.01 -28.32 15.74
N ASP C 614 5.05 -28.84 16.39
CA ASP C 614 5.46 -28.45 17.74
C ASP C 614 4.36 -28.69 18.78
N VAL C 615 3.59 -29.76 18.60
CA VAL C 615 2.60 -30.16 19.58
C VAL C 615 2.86 -31.62 19.95
N ASN C 616 2.34 -32.00 21.11
CA ASN C 616 2.44 -33.38 21.55
C ASN C 616 1.30 -34.19 20.93
N CYS C 617 1.54 -35.49 20.76
CA CYS C 617 0.56 -36.35 20.11
C CYS C 617 -0.68 -36.57 20.97
N THR C 618 -0.56 -36.44 22.30
CA THR C 618 -1.72 -36.56 23.17
C THR C 618 -2.62 -35.33 23.12
N GLU C 619 -2.08 -34.18 22.72
CA GLU C 619 -2.83 -32.93 22.66
C GLU C 619 -3.28 -32.58 21.26
N VAL C 620 -3.16 -33.51 20.30
CA VAL C 620 -3.59 -33.23 18.93
C VAL C 620 -5.10 -33.01 18.81
N PRO C 621 -5.99 -33.84 19.41
CA PRO C 621 -7.42 -33.49 19.33
C PRO C 621 -7.78 -32.18 20.03
N VAL C 622 -7.07 -31.82 21.09
CA VAL C 622 -7.34 -30.56 21.77
C VAL C 622 -6.88 -29.38 20.91
N ALA C 623 -5.70 -29.49 20.30
CA ALA C 623 -5.11 -28.35 19.59
C ALA C 623 -5.86 -28.04 18.31
N ILE C 624 -6.29 -29.07 17.57
CA ILE C 624 -6.98 -28.86 16.29
C ILE C 624 -8.48 -28.75 16.43
N HIS C 625 -9.01 -28.96 17.64
CA HIS C 625 -10.45 -28.94 17.94
C HIS C 625 -11.21 -29.94 17.06
N ALA C 626 -10.88 -31.22 17.27
CA ALA C 626 -11.39 -32.27 16.39
C ALA C 626 -12.88 -32.53 16.61
N ASP C 627 -13.42 -32.08 17.75
CA ASP C 627 -14.84 -32.25 18.00
C ASP C 627 -15.69 -31.38 17.09
N GLN C 628 -15.17 -30.21 16.69
CA GLN C 628 -15.88 -29.31 15.80
C GLN C 628 -15.63 -29.59 14.33
N LEU C 629 -14.68 -30.47 14.01
CA LEU C 629 -14.31 -30.71 12.62
C LEU C 629 -15.23 -31.74 11.98
N THR C 630 -15.11 -31.88 10.66
CA THR C 630 -15.83 -32.91 9.95
C THR C 630 -15.24 -34.27 10.30
N PRO C 631 -16.02 -35.36 10.19
CA PRO C 631 -15.49 -36.68 10.53
C PRO C 631 -14.35 -37.15 9.64
N THR C 632 -14.17 -36.57 8.45
CA THR C 632 -13.01 -36.91 7.63
C THR C 632 -11.71 -36.40 8.27
N TRP C 633 -11.77 -35.24 8.91
CA TRP C 633 -10.58 -34.72 9.63
C TRP C 633 -10.42 -35.46 10.96
N ARG C 634 -11.43 -36.18 11.47
CA ARG C 634 -11.26 -36.97 12.67
C ARG C 634 -10.45 -38.24 12.42
N VAL C 635 -10.33 -38.65 11.15
CA VAL C 635 -9.46 -39.78 10.82
C VAL C 635 -8.00 -39.43 11.10
N TYR C 636 -7.59 -38.22 10.76
CA TYR C 636 -6.23 -37.76 10.98
C TYR C 636 -6.03 -37.15 12.37
N SER C 637 -7.08 -37.07 13.18
CA SER C 637 -6.93 -36.57 14.54
C SER C 637 -6.27 -37.60 15.45
N THR C 638 -6.62 -38.87 15.28
CA THR C 638 -6.04 -39.95 16.07
C THR C 638 -6.20 -41.25 15.29
N GLY C 639 -5.43 -42.24 15.71
CA GLY C 639 -5.49 -43.54 15.07
C GLY C 639 -4.28 -44.38 15.45
N SER C 640 -4.13 -45.50 14.72
CA SER C 640 -2.99 -46.38 14.95
C SER C 640 -1.71 -45.77 14.40
N ASN C 641 -1.79 -45.08 13.26
CA ASN C 641 -0.61 -44.50 12.62
C ASN C 641 -0.35 -43.10 13.20
N VAL C 642 0.19 -43.10 14.42
CA VAL C 642 0.55 -41.89 15.13
C VAL C 642 2.02 -42.00 15.55
N PHE C 643 2.83 -41.02 15.15
CA PHE C 643 4.26 -41.03 15.42
C PHE C 643 4.62 -39.69 16.06
N GLN C 644 5.34 -39.73 17.17
CA GLN C 644 5.78 -38.52 17.84
C GLN C 644 7.21 -38.22 17.40
N THR C 645 7.40 -37.08 16.74
CA THR C 645 8.70 -36.61 16.29
C THR C 645 9.04 -35.33 17.03
N ARG C 646 10.32 -34.95 16.96
CA ARG C 646 10.75 -33.69 17.55
C ARG C 646 10.27 -32.48 16.74
N ALA C 647 9.94 -32.67 15.46
CA ALA C 647 9.34 -31.60 14.67
C ALA C 647 7.86 -31.43 14.99
N GLY C 648 7.17 -32.51 15.34
CA GLY C 648 5.75 -32.43 15.63
C GLY C 648 5.16 -33.83 15.72
N CYS C 649 3.84 -33.88 15.66
CA CYS C 649 3.12 -35.14 15.70
C CYS C 649 2.63 -35.49 14.30
N LEU C 650 3.05 -36.65 13.79
CA LEU C 650 2.74 -37.07 12.44
C LEU C 650 1.70 -38.18 12.47
N ILE C 651 0.55 -37.92 11.86
CA ILE C 651 -0.57 -38.86 11.84
C ILE C 651 -0.93 -39.14 10.39
N GLY C 652 -1.03 -40.42 10.04
CA GLY C 652 -1.32 -40.84 8.69
C GLY C 652 -0.20 -41.57 8.00
N ALA C 653 0.94 -41.74 8.65
CA ALA C 653 2.08 -42.45 8.07
C ALA C 653 2.52 -43.56 8.99
N GLU C 654 2.94 -44.68 8.40
CA GLU C 654 3.34 -45.86 9.15
C GLU C 654 4.83 -45.79 9.45
N HIS C 655 5.17 -45.83 10.74
CA HIS C 655 6.58 -45.79 11.14
C HIS C 655 7.22 -47.15 10.92
N VAL C 656 8.41 -47.15 10.32
CA VAL C 656 9.18 -48.36 10.08
C VAL C 656 10.54 -48.22 10.73
N ASN C 657 11.03 -49.32 11.33
CA ASN C 657 12.32 -49.30 11.99
C ASN C 657 13.48 -49.23 11.01
N ASN C 658 13.35 -49.87 9.85
CA ASN C 658 14.37 -49.78 8.82
C ASN C 658 14.41 -48.38 8.20
N SER C 659 15.57 -47.98 7.71
CA SER C 659 15.82 -46.64 7.23
C SER C 659 16.22 -46.65 5.76
N TYR C 660 15.77 -45.62 5.04
CA TYR C 660 16.13 -45.41 3.64
C TYR C 660 16.57 -43.97 3.44
N GLU C 661 16.83 -43.62 2.19
CA GLU C 661 17.18 -42.25 1.84
C GLU C 661 15.96 -41.35 1.92
N CYS C 662 16.22 -40.05 2.02
CA CYS C 662 15.16 -39.07 2.22
C CYS C 662 14.69 -38.53 0.87
N ASP C 663 13.37 -38.52 0.67
CA ASP C 663 12.75 -37.93 -0.50
C ASP C 663 11.75 -36.84 -0.15
N ILE C 664 10.95 -37.02 0.89
CA ILE C 664 10.08 -35.98 1.44
C ILE C 664 10.60 -35.62 2.82
N PRO C 665 11.27 -34.48 2.96
CA PRO C 665 11.86 -34.11 4.27
C PRO C 665 10.79 -33.69 5.25
N ILE C 666 10.48 -34.59 6.19
CA ILE C 666 9.56 -34.24 7.27
C ILE C 666 10.23 -33.31 8.27
N GLY C 667 11.46 -33.63 8.67
CA GLY C 667 12.18 -32.81 9.62
C GLY C 667 12.54 -33.52 10.89
N ALA C 668 13.51 -32.96 11.63
CA ALA C 668 13.98 -33.47 12.93
C ALA C 668 14.41 -34.92 12.84
N GLY C 669 15.05 -35.28 11.73
CA GLY C 669 15.51 -36.64 11.52
C GLY C 669 14.50 -37.59 10.93
N ILE C 670 13.29 -37.13 10.61
CA ILE C 670 12.24 -37.98 10.08
C ILE C 670 12.02 -37.62 8.61
N CYS C 671 11.81 -38.64 7.78
CA CYS C 671 11.47 -38.47 6.38
C CYS C 671 10.31 -39.39 6.03
N ALA C 672 9.65 -39.09 4.92
CA ALA C 672 8.49 -39.85 4.47
C ALA C 672 8.67 -40.30 3.03
N SER C 673 8.00 -41.39 2.69
CA SER C 673 8.04 -41.92 1.33
C SER C 673 6.74 -42.66 1.06
N TYR C 674 6.52 -43.00 -0.20
CA TYR C 674 5.34 -43.77 -0.63
C TYR C 674 5.84 -45.15 -1.04
N GLN C 675 5.83 -46.09 -0.10
CA GLN C 675 6.45 -47.38 -0.32
C GLN C 675 5.61 -48.49 0.30
N THR C 676 5.56 -49.62 -0.38
CA THR C 676 4.80 -50.78 0.08
C THR C 676 5.46 -51.42 1.30
N SER C 689 -1.28 -52.58 1.35
CA SER C 689 -0.55 -52.72 0.10
C SER C 689 0.45 -51.58 -0.10
N GLN C 690 0.00 -50.55 -0.79
CA GLN C 690 0.82 -49.39 -1.12
C GLN C 690 0.41 -48.23 -0.22
N SER C 691 1.34 -47.71 0.57
CA SER C 691 0.99 -46.72 1.58
C SER C 691 2.18 -45.80 1.86
N ILE C 692 1.89 -44.74 2.62
CA ILE C 692 2.90 -43.77 3.04
C ILE C 692 3.60 -44.31 4.28
N ILE C 693 4.93 -44.35 4.24
CA ILE C 693 5.73 -44.77 5.37
C ILE C 693 6.60 -43.60 5.83
N ALA C 694 6.97 -43.64 7.10
CA ALA C 694 7.86 -42.66 7.70
C ALA C 694 9.01 -43.38 8.38
N TYR C 695 10.20 -42.79 8.32
CA TYR C 695 11.40 -43.45 8.82
C TYR C 695 12.42 -42.39 9.24
N THR C 696 13.53 -42.86 9.76
CA THR C 696 14.67 -41.99 10.02
C THR C 696 15.58 -41.94 8.80
N MET C 697 16.21 -40.79 8.59
CA MET C 697 17.07 -40.60 7.43
C MET C 697 18.33 -41.45 7.56
N SER C 698 18.65 -42.19 6.51
CA SER C 698 19.82 -43.06 6.49
C SER C 698 21.08 -42.22 6.31
N LEU C 699 22.01 -42.33 7.26
CA LEU C 699 23.26 -41.58 7.16
C LEU C 699 24.20 -42.18 6.11
N GLY C 700 24.20 -43.50 5.97
CA GLY C 700 25.05 -44.12 4.97
C GLY C 700 25.09 -45.63 5.15
N ALA C 701 25.98 -46.26 4.39
CA ALA C 701 26.15 -47.70 4.43
C ALA C 701 26.97 -48.09 5.64
N GLU C 702 26.42 -48.99 6.46
CA GLU C 702 27.13 -49.45 7.65
C GLU C 702 28.19 -50.47 7.28
N ASN C 703 29.45 -50.15 7.60
CA ASN C 703 30.57 -51.06 7.37
C ASN C 703 31.71 -50.70 8.30
N SER C 704 32.63 -51.64 8.48
CA SER C 704 33.73 -51.51 9.42
C SER C 704 35.06 -51.71 8.70
N VAL C 705 36.09 -51.03 9.20
CA VAL C 705 37.45 -51.15 8.67
C VAL C 705 38.37 -51.49 9.82
N ALA C 706 39.28 -52.45 9.59
CA ALA C 706 40.18 -52.96 10.62
C ALA C 706 41.50 -52.20 10.53
N TYR C 707 41.78 -51.40 11.56
CA TYR C 707 42.99 -50.61 11.60
C TYR C 707 44.08 -51.35 12.38
N SER C 708 45.30 -51.33 11.85
CA SER C 708 46.47 -51.84 12.55
C SER C 708 47.67 -51.02 12.12
N ASN C 709 48.70 -51.00 12.96
CA ASN C 709 49.88 -50.18 12.68
C ASN C 709 50.79 -50.78 11.62
N ASN C 710 50.60 -52.04 11.26
CA ASN C 710 51.43 -52.71 10.27
C ASN C 710 50.58 -53.49 9.27
N SER C 711 49.38 -53.01 8.99
CA SER C 711 48.49 -53.66 8.03
C SER C 711 47.96 -52.62 7.06
N ILE C 712 47.94 -52.98 5.78
CA ILE C 712 47.42 -52.12 4.72
C ILE C 712 46.46 -52.95 3.89
N ALA C 713 45.54 -52.28 3.20
CA ALA C 713 44.61 -52.93 2.29
C ALA C 713 44.87 -52.40 0.89
N ILE C 714 45.19 -53.29 -0.04
CA ILE C 714 45.50 -52.92 -1.41
C ILE C 714 44.55 -53.68 -2.33
N PRO C 715 43.87 -52.99 -3.26
CA PRO C 715 42.96 -53.69 -4.17
C PRO C 715 43.71 -54.55 -5.16
N THR C 716 43.05 -55.63 -5.59
CA THR C 716 43.59 -56.49 -6.64
C THR C 716 42.77 -56.45 -7.91
N ASN C 717 41.67 -55.70 -7.95
CA ASN C 717 40.84 -55.62 -9.14
C ASN C 717 40.12 -54.28 -9.14
N PHE C 718 39.41 -54.00 -10.23
CA PHE C 718 38.74 -52.71 -10.35
C PHE C 718 37.57 -52.83 -11.30
N THR C 719 36.65 -51.87 -11.18
CA THR C 719 35.52 -51.73 -12.08
C THR C 719 35.52 -50.32 -12.65
N ILE C 720 35.21 -50.20 -13.92
CA ILE C 720 35.05 -48.90 -14.57
C ILE C 720 33.58 -48.56 -14.59
N SER C 721 33.18 -47.56 -13.80
CA SER C 721 31.77 -47.28 -13.57
C SER C 721 31.40 -45.92 -14.13
N VAL C 722 30.30 -45.87 -14.88
CA VAL C 722 29.78 -44.62 -15.43
C VAL C 722 28.52 -44.27 -14.66
N THR C 723 28.52 -43.08 -14.05
CA THR C 723 27.39 -42.58 -13.28
C THR C 723 26.88 -41.30 -13.90
N THR C 724 25.59 -41.04 -13.75
CA THR C 724 24.97 -39.84 -14.30
C THR C 724 24.66 -38.85 -13.18
N GLU C 725 25.08 -37.61 -13.36
CA GLU C 725 24.77 -36.52 -12.43
C GLU C 725 24.04 -35.43 -13.20
N ILE C 726 22.84 -35.09 -12.73
CA ILE C 726 21.96 -34.16 -13.41
C ILE C 726 22.00 -32.83 -12.66
N LEU C 727 22.28 -31.73 -13.37
CA LEU C 727 22.41 -30.43 -12.72
C LEU C 727 21.65 -29.38 -13.53
N PRO C 728 20.72 -28.66 -12.90
CA PRO C 728 20.10 -27.52 -13.58
C PRO C 728 21.11 -26.42 -13.87
N VAL C 729 20.89 -25.72 -14.98
CA VAL C 729 21.78 -24.66 -15.44
C VAL C 729 21.07 -23.32 -15.51
N SER C 730 19.92 -23.28 -16.18
CA SER C 730 19.15 -22.06 -16.32
C SER C 730 17.68 -22.36 -16.04
N MET C 731 16.93 -21.30 -15.76
CA MET C 731 15.49 -21.41 -15.58
C MET C 731 14.78 -20.61 -16.67
N THR C 732 13.46 -20.59 -16.61
CA THR C 732 12.67 -19.93 -17.64
C THR C 732 12.80 -18.42 -17.53
N LYS C 733 13.23 -17.78 -18.62
CA LYS C 733 13.35 -16.33 -18.65
C LYS C 733 11.98 -15.70 -18.82
N THR C 734 11.57 -14.90 -17.84
CA THR C 734 10.28 -14.25 -17.86
C THR C 734 10.46 -12.75 -17.72
N SER C 735 9.48 -12.01 -18.24
CA SER C 735 9.47 -10.56 -18.14
C SER C 735 8.03 -10.10 -18.03
N VAL C 736 7.85 -8.88 -17.54
CA VAL C 736 6.51 -8.29 -17.41
C VAL C 736 6.46 -7.06 -18.32
N ASP C 737 5.35 -6.92 -19.03
CA ASP C 737 5.10 -5.75 -19.85
C ASP C 737 4.28 -4.74 -19.06
N CYS C 738 4.80 -3.53 -18.91
CA CYS C 738 4.21 -2.57 -17.98
C CYS C 738 2.87 -2.04 -18.45
N THR C 739 2.73 -1.75 -19.74
CA THR C 739 1.52 -1.09 -20.21
C THR C 739 0.32 -2.03 -20.16
N MET C 740 0.53 -3.31 -20.47
CA MET C 740 -0.54 -4.29 -20.36
C MET C 740 -0.83 -4.68 -18.92
N TYR C 741 0.18 -4.67 -18.05
CA TYR C 741 -0.01 -5.00 -16.64
C TYR C 741 -0.80 -3.90 -15.93
N ILE C 742 -0.42 -2.64 -16.14
CA ILE C 742 -1.06 -1.55 -15.40
C ILE C 742 -2.41 -1.20 -16.02
N CYS C 743 -2.40 -0.84 -17.31
CA CYS C 743 -3.62 -0.40 -17.98
C CYS C 743 -4.57 -1.54 -18.33
N GLY C 744 -4.06 -2.55 -19.03
CA GLY C 744 -4.97 -3.50 -19.66
C GLY C 744 -5.68 -2.81 -20.80
N ASP C 745 -7.00 -2.72 -20.70
CA ASP C 745 -7.81 -1.95 -21.65
C ASP C 745 -8.55 -0.81 -20.96
N SER C 746 -7.85 -0.11 -20.07
CA SER C 746 -8.43 1.03 -19.37
C SER C 746 -8.62 2.21 -20.32
N THR C 747 -9.63 3.04 -20.01
CA THR C 747 -9.93 4.18 -20.88
C THR C 747 -8.94 5.32 -20.69
N GLU C 748 -8.17 5.30 -19.61
CA GLU C 748 -7.10 6.27 -19.39
C GLU C 748 -5.81 5.50 -19.07
N CYS C 749 -4.99 5.31 -20.11
CA CYS C 749 -3.78 4.52 -19.94
C CYS C 749 -2.55 5.40 -19.70
N SER C 750 -2.53 6.59 -20.30
CA SER C 750 -1.35 7.44 -20.20
C SER C 750 -1.20 8.00 -18.78
N ASN C 751 -2.32 8.36 -18.15
CA ASN C 751 -2.27 8.86 -16.77
C ASN C 751 -1.81 7.77 -15.81
N LEU C 752 -2.31 6.54 -15.98
CA LEU C 752 -1.89 5.43 -15.13
C LEU C 752 -0.43 5.08 -15.36
N LEU C 753 0.02 5.17 -16.61
CA LEU C 753 1.44 4.96 -16.90
C LEU C 753 2.30 6.03 -16.23
N LEU C 754 1.89 7.30 -16.30
CA LEU C 754 2.65 8.36 -15.68
C LEU C 754 2.68 8.23 -14.16
N GLN C 755 1.66 7.62 -13.58
CA GLN C 755 1.63 7.56 -12.09
C GLN C 755 2.29 6.28 -11.60
N TYR C 756 2.29 5.20 -12.38
CA TYR C 756 2.81 3.92 -11.87
C TYR C 756 3.75 3.23 -12.84
N GLY C 757 4.47 3.98 -13.68
CA GLY C 757 5.31 3.33 -14.66
C GLY C 757 6.70 2.99 -14.18
N SER C 758 7.29 3.84 -13.32
CA SER C 758 8.65 3.61 -12.90
C SER C 758 8.75 2.45 -11.92
N PHE C 759 7.69 2.20 -11.16
CA PHE C 759 7.63 1.03 -10.28
C PHE C 759 7.71 -0.27 -11.08
N CYS C 760 6.83 -0.41 -12.07
CA CYS C 760 6.85 -1.57 -12.94
C CYS C 760 8.14 -1.62 -13.77
N THR C 761 8.69 -0.45 -14.12
CA THR C 761 9.95 -0.44 -14.87
C THR C 761 11.09 -0.99 -14.03
N GLN C 762 11.18 -0.61 -12.76
CA GLN C 762 12.18 -1.17 -11.87
C GLN C 762 11.99 -2.67 -11.67
N LEU C 763 10.74 -3.12 -11.49
CA LEU C 763 10.49 -4.57 -11.39
C LEU C 763 10.84 -5.31 -12.68
N ASN C 764 10.61 -4.67 -13.83
CA ASN C 764 10.90 -5.28 -15.11
C ASN C 764 12.40 -5.36 -15.36
N ARG C 765 13.15 -4.39 -14.82
CA ARG C 765 14.62 -4.33 -14.94
C ARG C 765 15.21 -5.34 -13.98
N ALA C 766 14.50 -5.67 -12.92
CA ALA C 766 14.88 -6.76 -12.03
C ALA C 766 14.70 -8.11 -12.71
N LEU C 767 13.54 -8.31 -13.36
CA LEU C 767 13.29 -9.57 -14.07
C LEU C 767 14.23 -9.73 -15.26
N THR C 768 14.56 -8.62 -15.93
CA THR C 768 15.50 -8.65 -17.04
C THR C 768 16.91 -9.02 -16.57
N GLY C 769 17.32 -8.50 -15.41
CA GLY C 769 18.59 -8.90 -14.84
C GLY C 769 18.63 -10.37 -14.47
N ILE C 770 17.50 -10.90 -13.97
CA ILE C 770 17.42 -12.33 -13.69
C ILE C 770 17.54 -13.14 -14.98
N ALA C 771 16.88 -12.72 -16.05
CA ALA C 771 16.95 -13.43 -17.33
C ALA C 771 18.37 -13.38 -17.92
N VAL C 772 19.02 -12.22 -17.80
CA VAL C 772 20.40 -12.09 -18.27
C VAL C 772 21.32 -12.98 -17.43
N GLU C 773 21.03 -13.11 -16.14
CA GLU C 773 21.78 -14.03 -15.29
C GLU C 773 21.61 -15.48 -15.75
N GLN C 774 20.40 -15.86 -16.17
CA GLN C 774 20.18 -17.21 -16.70
C GLN C 774 20.98 -17.43 -17.99
N ASP C 775 20.99 -16.43 -18.87
CA ASP C 775 21.77 -16.54 -20.10
C ASP C 775 23.27 -16.66 -19.80
N LYS C 776 23.76 -15.88 -18.84
CA LYS C 776 25.16 -15.99 -18.43
C LYS C 776 25.48 -17.32 -17.77
N ASN C 777 24.51 -17.90 -17.04
CA ASN C 777 24.71 -19.24 -16.49
C ASN C 777 24.87 -20.27 -17.61
N THR C 778 24.02 -20.20 -18.63
CA THR C 778 24.13 -21.13 -19.75
C THR C 778 25.45 -20.94 -20.49
N GLN C 779 25.88 -19.69 -20.67
CA GLN C 779 27.15 -19.41 -21.33
C GLN C 779 28.34 -19.92 -20.52
N GLU C 780 28.30 -19.74 -19.19
CA GLU C 780 29.44 -20.13 -18.37
C GLU C 780 29.49 -21.65 -18.19
N VAL C 781 28.37 -22.34 -18.39
CA VAL C 781 28.40 -23.79 -18.33
C VAL C 781 28.86 -24.38 -19.67
N PHE C 782 28.24 -23.96 -20.77
CA PHE C 782 28.46 -24.64 -22.04
C PHE C 782 29.52 -23.99 -22.94
N ALA C 783 29.74 -22.68 -22.83
CA ALA C 783 30.65 -21.98 -23.74
C ALA C 783 31.99 -21.67 -23.09
N GLN C 784 32.53 -22.58 -22.28
CA GLN C 784 33.84 -22.36 -21.68
C GLN C 784 34.95 -22.39 -22.72
N VAL C 785 34.87 -23.31 -23.67
CA VAL C 785 35.82 -23.40 -24.77
C VAL C 785 35.08 -23.05 -26.05
N LYS C 786 35.45 -21.91 -26.65
CA LYS C 786 34.79 -21.45 -27.88
C LYS C 786 35.58 -21.88 -29.11
N GLN C 787 35.64 -23.19 -29.30
CA GLN C 787 36.27 -23.80 -30.46
C GLN C 787 35.42 -24.98 -30.91
N ILE C 788 35.00 -24.96 -32.17
CA ILE C 788 34.11 -25.97 -32.71
C ILE C 788 34.97 -26.99 -33.45
N TYR C 789 34.91 -28.24 -33.01
CA TYR C 789 35.57 -29.35 -33.68
C TYR C 789 34.51 -30.28 -34.28
N LYS C 790 34.76 -30.71 -35.50
CA LYS C 790 33.81 -31.58 -36.20
C LYS C 790 33.74 -32.93 -35.53
N THR C 791 32.56 -33.54 -35.57
CA THR C 791 32.38 -34.86 -35.01
C THR C 791 33.13 -35.88 -35.86
N PRO C 792 34.09 -36.61 -35.28
CA PRO C 792 34.87 -37.56 -36.07
C PRO C 792 34.02 -38.76 -36.45
N PRO C 793 34.32 -39.40 -37.58
CA PRO C 793 33.73 -40.72 -37.85
C PRO C 793 34.21 -41.72 -36.81
N ILE C 794 33.36 -42.71 -36.53
CA ILE C 794 33.67 -43.71 -35.53
C ILE C 794 34.84 -44.56 -36.03
N LYS C 795 36.02 -44.33 -35.45
CA LYS C 795 37.26 -44.92 -35.97
C LYS C 795 38.24 -45.05 -34.82
N ASP C 796 38.40 -46.29 -34.33
CA ASP C 796 39.50 -46.70 -33.47
C ASP C 796 39.52 -45.92 -32.15
N PHE C 797 38.42 -46.01 -31.42
CA PHE C 797 38.32 -45.46 -30.07
C PHE C 797 38.84 -46.43 -29.00
N GLY C 798 39.63 -47.42 -29.38
CA GLY C 798 40.16 -48.38 -28.43
C GLY C 798 39.17 -49.38 -27.89
N GLY C 799 38.07 -49.64 -28.59
CA GLY C 799 37.02 -50.49 -28.10
C GLY C 799 35.94 -49.80 -27.32
N PHE C 800 36.09 -48.50 -27.06
CA PHE C 800 35.10 -47.73 -26.33
C PHE C 800 34.02 -47.26 -27.30
N ASN C 801 32.79 -47.71 -27.10
CA ASN C 801 31.68 -47.40 -27.98
C ASN C 801 31.06 -46.07 -27.54
N PHE C 802 31.31 -45.03 -28.33
CA PHE C 802 30.80 -43.69 -28.03
C PHE C 802 29.61 -43.28 -28.88
N SER C 803 29.01 -44.22 -29.63
CA SER C 803 27.94 -43.85 -30.56
C SER C 803 26.68 -43.40 -29.85
N GLN C 804 26.57 -43.67 -28.56
CA GLN C 804 25.31 -43.31 -27.90
C GLN C 804 25.38 -41.88 -27.39
N ILE C 805 26.58 -41.34 -27.13
CA ILE C 805 26.70 -39.98 -26.62
C ILE C 805 27.25 -39.04 -27.69
N LEU C 806 28.04 -39.57 -28.60
CA LEU C 806 28.55 -38.76 -29.71
C LEU C 806 27.52 -38.75 -30.84
N PRO C 807 27.05 -37.59 -31.27
CA PRO C 807 25.88 -37.55 -32.15
C PRO C 807 26.19 -37.98 -33.58
N ASP C 808 25.15 -38.53 -34.22
CA ASP C 808 25.26 -39.02 -35.59
C ASP C 808 25.07 -37.90 -36.62
N PRO C 809 25.65 -38.06 -37.81
CA PRO C 809 25.42 -37.07 -38.87
C PRO C 809 24.17 -37.31 -39.69
N SER C 810 23.54 -38.49 -39.57
CA SER C 810 22.39 -38.81 -40.41
C SER C 810 21.16 -37.98 -40.02
N LYS C 811 20.96 -37.77 -38.72
CA LYS C 811 19.82 -36.98 -38.28
C LYS C 811 20.03 -35.51 -38.63
N PRO C 812 18.96 -34.79 -38.99
CA PRO C 812 19.10 -33.35 -39.24
C PRO C 812 19.52 -32.55 -38.02
N SER C 813 19.15 -32.99 -36.83
CA SER C 813 19.51 -32.29 -35.62
C SER C 813 20.91 -32.69 -35.16
N LYS C 814 21.49 -31.84 -34.33
CA LYS C 814 22.81 -32.07 -33.75
C LYS C 814 22.74 -32.91 -32.48
N ARG C 815 21.52 -33.26 -32.08
CA ARG C 815 21.37 -33.97 -30.79
C ARG C 815 21.85 -35.41 -30.89
N SER C 816 22.19 -35.97 -29.75
CA SER C 816 22.62 -37.35 -29.63
C SER C 816 21.47 -38.20 -29.09
N PHE C 817 21.73 -39.50 -29.04
CA PHE C 817 20.67 -40.45 -28.62
C PHE C 817 20.37 -40.19 -27.16
N ILE C 818 21.39 -40.21 -26.34
CA ILE C 818 21.23 -39.92 -24.92
C ILE C 818 20.59 -38.54 -24.73
N GLU C 819 21.04 -37.56 -25.52
CA GLU C 819 20.43 -36.23 -25.49
C GLU C 819 18.97 -36.26 -25.93
N ASP C 820 18.66 -37.11 -26.92
CA ASP C 820 17.27 -37.27 -27.35
C ASP C 820 16.41 -37.84 -26.24
N LEU C 821 16.92 -38.85 -25.51
CA LEU C 821 16.17 -39.42 -24.39
C LEU C 821 15.99 -38.41 -23.26
N LEU C 822 17.04 -37.62 -23.00
CA LEU C 822 16.96 -36.60 -21.95
C LEU C 822 15.94 -35.53 -22.31
N PHE C 823 15.83 -35.19 -23.59
CA PHE C 823 14.88 -34.13 -23.99
C PHE C 823 13.47 -34.70 -24.04
N ASN C 824 13.35 -35.99 -24.34
CA ASN C 824 12.02 -36.62 -24.36
C ASN C 824 11.48 -36.90 -22.98
N LYS C 825 12.36 -37.13 -21.99
CA LYS C 825 11.90 -37.46 -20.64
C LYS C 825 11.20 -36.27 -19.99
N VAL C 826 11.80 -35.09 -20.08
CA VAL C 826 11.23 -33.88 -19.49
C VAL C 826 10.41 -33.18 -20.56
N THR C 827 9.12 -33.50 -20.63
CA THR C 827 8.20 -32.80 -21.49
C THR C 827 7.94 -31.42 -20.89
N LEU C 828 7.95 -30.39 -21.73
CA LEU C 828 7.73 -29.02 -21.25
C LEU C 828 6.29 -28.84 -20.82
N ALA C 829 6.10 -28.35 -19.59
CA ALA C 829 4.77 -28.02 -19.07
C ALA C 829 3.84 -29.25 -19.05
N ASP C 830 4.37 -30.43 -18.77
CA ASP C 830 3.48 -31.62 -18.62
C ASP C 830 2.99 -31.63 -17.17
N ALA C 831 2.08 -30.72 -16.81
CA ALA C 831 1.63 -30.60 -15.40
C ALA C 831 0.19 -30.07 -15.37
N GLY C 832 -0.38 -29.95 -14.17
CA GLY C 832 -1.79 -29.50 -14.04
C GLY C 832 -1.96 -28.12 -14.63
N PHE C 833 -0.92 -27.29 -14.55
CA PHE C 833 -1.02 -25.89 -15.01
C PHE C 833 -1.23 -25.83 -16.52
N ILE C 834 -0.91 -26.90 -17.25
CA ILE C 834 -1.04 -26.84 -18.74
C ILE C 834 -2.50 -26.59 -19.13
N LYS C 835 -3.46 -27.18 -18.41
CA LYS C 835 -4.88 -27.04 -18.80
C LYS C 835 -5.31 -25.57 -18.70
N GLN C 836 -4.91 -24.89 -17.62
CA GLN C 836 -5.33 -23.48 -17.41
C GLN C 836 -4.59 -22.52 -18.34
N TYR C 837 -3.27 -22.66 -18.51
CA TYR C 837 -2.49 -21.65 -19.25
C TYR C 837 -2.20 -22.04 -20.70
N GLY C 838 -2.53 -23.28 -21.09
CA GLY C 838 -2.36 -23.69 -22.50
C GLY C 838 -0.91 -23.68 -22.95
N ASP C 839 0.04 -23.88 -22.03
CA ASP C 839 1.48 -23.99 -22.39
C ASP C 839 2.09 -22.61 -22.69
N CYS C 840 1.34 -21.53 -22.46
CA CYS C 840 1.92 -20.17 -22.62
C CYS C 840 2.98 -20.00 -21.52
N LEU C 841 2.89 -20.76 -20.42
CA LEU C 841 3.79 -20.67 -19.25
C LEU C 841 5.24 -21.00 -19.60
N GLY C 842 5.48 -21.96 -20.50
CA GLY C 842 6.85 -22.41 -20.78
C GLY C 842 7.27 -22.15 -22.20
N ASP C 843 8.58 -22.22 -22.48
CA ASP C 843 9.08 -21.88 -23.83
C ASP C 843 8.93 -23.10 -24.75
N ILE C 844 7.91 -23.09 -25.61
CA ILE C 844 7.72 -24.18 -26.60
C ILE C 844 8.27 -23.68 -27.93
N ALA C 845 8.74 -22.43 -27.98
CA ALA C 845 9.34 -21.83 -29.20
C ALA C 845 8.24 -21.47 -30.21
N ALA C 846 6.97 -21.68 -29.83
CA ALA C 846 5.83 -21.41 -30.74
C ALA C 846 4.81 -20.50 -30.06
N ARG C 847 5.09 -20.05 -28.83
CA ARG C 847 4.07 -19.25 -28.10
C ARG C 847 3.78 -17.97 -28.89
N ASP C 848 2.52 -17.54 -28.92
CA ASP C 848 2.16 -16.38 -29.78
C ASP C 848 1.72 -15.18 -28.94
N LEU C 849 1.38 -14.07 -29.60
CA LEU C 849 1.02 -12.81 -28.89
C LEU C 849 -0.21 -13.00 -27.99
N ILE C 850 -1.21 -13.80 -28.42
CA ILE C 850 -2.49 -14.00 -27.68
C ILE C 850 -2.25 -14.58 -26.28
N CYS C 851 -1.10 -15.21 -26.07
CA CYS C 851 -0.71 -15.77 -24.74
C CYS C 851 -0.42 -14.70 -23.68
N ALA C 852 0.28 -13.61 -24.06
CA ALA C 852 0.64 -12.55 -23.10
C ALA C 852 -0.63 -11.94 -22.53
N GLN C 853 -1.62 -11.69 -23.39
CA GLN C 853 -2.91 -11.09 -22.94
C GLN C 853 -3.53 -11.99 -21.87
N LYS C 854 -3.47 -13.31 -22.06
CA LYS C 854 -4.02 -14.27 -21.06
C LYS C 854 -3.31 -14.11 -19.72
N PHE C 855 -1.99 -13.89 -19.70
CA PHE C 855 -1.21 -13.86 -18.44
C PHE C 855 -1.24 -12.45 -17.83
N ASN C 856 -2.00 -11.51 -18.41
CA ASN C 856 -2.06 -10.11 -17.94
C ASN C 856 -0.72 -9.41 -18.05
N GLY C 857 0.02 -9.63 -19.13
CA GLY C 857 1.24 -8.85 -19.33
C GLY C 857 2.49 -9.68 -19.31
N LEU C 858 2.46 -10.77 -18.58
CA LEU C 858 3.67 -11.57 -18.41
C LEU C 858 4.01 -12.29 -19.71
N THR C 859 5.28 -12.21 -20.11
CA THR C 859 5.78 -12.85 -21.32
C THR C 859 6.97 -13.71 -20.97
N VAL C 860 7.21 -14.74 -21.79
CA VAL C 860 8.32 -15.65 -21.61
C VAL C 860 9.36 -15.34 -22.69
N LEU C 861 10.53 -14.88 -22.26
CA LEU C 861 11.60 -14.57 -23.19
C LEU C 861 12.36 -15.84 -23.57
N PRO C 862 12.60 -16.07 -24.86
CA PRO C 862 13.35 -17.25 -25.25
C PRO C 862 14.80 -17.13 -24.86
N PRO C 863 15.49 -18.25 -24.60
CA PRO C 863 16.92 -18.18 -24.27
C PRO C 863 17.76 -17.72 -25.45
N LEU C 864 18.89 -17.09 -25.12
CA LEU C 864 19.80 -16.63 -26.15
C LEU C 864 20.43 -17.80 -26.90
N LEU C 865 20.81 -18.86 -26.18
CA LEU C 865 21.40 -20.04 -26.79
C LEU C 865 20.30 -21.04 -27.11
N THR C 866 20.06 -21.26 -28.40
CA THR C 866 19.13 -22.28 -28.86
C THR C 866 19.67 -23.65 -28.50
N ASP C 867 18.75 -24.60 -28.25
CA ASP C 867 19.14 -25.97 -27.91
C ASP C 867 19.98 -26.62 -29.02
N GLU C 868 19.82 -26.16 -30.27
CA GLU C 868 20.70 -26.60 -31.34
C GLU C 868 22.14 -26.18 -31.07
N MET C 869 22.33 -24.93 -30.63
CA MET C 869 23.69 -24.39 -30.34
C MET C 869 24.23 -24.97 -29.05
N ILE C 870 23.39 -25.31 -28.10
CA ILE C 870 23.82 -25.99 -26.88
C ILE C 870 24.28 -27.41 -27.21
N ALA C 871 23.53 -28.10 -28.06
CA ALA C 871 23.95 -29.42 -28.52
C ALA C 871 25.22 -29.35 -29.35
N GLN C 872 25.40 -28.26 -30.11
CA GLN C 872 26.63 -28.10 -30.89
C GLN C 872 27.84 -27.87 -30.00
N TYR C 873 27.68 -27.05 -28.94
CA TYR C 873 28.72 -26.90 -27.94
C TYR C 873 29.05 -28.23 -27.28
N THR C 874 28.02 -29.00 -26.91
CA THR C 874 28.24 -30.29 -26.26
C THR C 874 28.96 -31.26 -27.18
N SER C 875 28.57 -31.29 -28.46
CA SER C 875 29.22 -32.18 -29.43
C SER C 875 30.67 -31.77 -29.68
N ALA C 876 30.93 -30.46 -29.78
CA ALA C 876 32.31 -30.00 -29.96
C ALA C 876 33.16 -30.32 -28.75
N LEU C 877 32.63 -30.18 -27.53
CA LEU C 877 33.38 -30.50 -26.27
C LEU C 877 33.57 -32.00 -26.12
N LEU C 878 32.64 -32.82 -26.58
CA LEU C 878 32.84 -34.27 -26.60
C LEU C 878 33.90 -34.68 -27.62
N ALA C 879 33.83 -34.14 -28.84
CA ALA C 879 34.79 -34.50 -29.88
C ALA C 879 36.20 -34.04 -29.51
N GLY C 880 36.33 -32.82 -28.99
CA GLY C 880 37.63 -32.34 -28.56
C GLY C 880 38.19 -33.13 -27.39
N THR C 881 37.33 -33.49 -26.43
CA THR C 881 37.77 -34.28 -25.29
C THR C 881 38.28 -35.65 -25.74
N ILE C 882 37.46 -36.38 -26.52
CA ILE C 882 37.81 -37.73 -26.97
C ILE C 882 39.06 -37.71 -27.84
N THR C 883 39.19 -36.71 -28.71
CA THR C 883 40.36 -36.68 -29.60
C THR C 883 41.63 -36.27 -28.86
N SER C 884 41.56 -35.25 -27.99
CA SER C 884 42.76 -34.63 -27.45
C SER C 884 42.99 -34.87 -25.96
N GLY C 885 41.99 -34.73 -25.12
CA GLY C 885 42.21 -34.78 -23.68
C GLY C 885 42.49 -33.39 -23.10
N TRP C 886 43.66 -33.24 -22.50
CA TRP C 886 43.99 -32.00 -21.79
C TRP C 886 44.38 -30.87 -22.72
N THR C 887 44.81 -31.19 -23.95
CA THR C 887 45.24 -30.18 -24.91
C THR C 887 44.07 -29.54 -25.66
N PHE C 888 42.85 -29.81 -25.24
CA PHE C 888 41.73 -29.23 -26.02
C PHE C 888 41.69 -27.76 -25.68
N GLY C 889 41.60 -27.45 -24.39
CA GLY C 889 41.46 -26.06 -24.01
C GLY C 889 42.70 -25.21 -24.15
N ALA C 890 43.84 -25.82 -24.47
CA ALA C 890 45.09 -25.08 -24.54
C ALA C 890 45.27 -24.34 -25.87
N GLY C 891 44.34 -24.49 -26.80
CA GLY C 891 44.52 -23.85 -28.10
C GLY C 891 45.39 -24.68 -29.02
N ALA C 892 44.92 -24.83 -30.26
CA ALA C 892 45.51 -25.72 -31.27
C ALA C 892 45.64 -27.14 -30.72
N ALA C 893 44.47 -27.75 -30.53
CA ALA C 893 44.39 -29.05 -29.88
C ALA C 893 45.09 -30.13 -30.70
N LEU C 894 45.61 -31.12 -29.99
CA LEU C 894 46.55 -32.10 -30.54
C LEU C 894 45.89 -33.47 -30.56
N GLN C 895 45.99 -34.17 -31.69
CA GLN C 895 45.46 -35.52 -31.76
C GLN C 895 46.31 -36.47 -30.92
N ILE C 896 45.64 -37.45 -30.32
CA ILE C 896 46.29 -38.49 -29.54
C ILE C 896 45.38 -39.70 -29.56
N PRO C 897 45.90 -40.92 -29.65
CA PRO C 897 45.04 -42.11 -29.55
C PRO C 897 44.35 -42.17 -28.20
N PHE C 898 43.12 -42.71 -28.21
CA PHE C 898 42.29 -42.72 -27.01
C PHE C 898 42.85 -43.65 -25.94
N ALA C 899 43.50 -44.74 -26.35
CA ALA C 899 44.14 -45.62 -25.38
C ALA C 899 45.26 -44.92 -24.63
N MET C 900 46.00 -44.05 -25.32
CA MET C 900 47.06 -43.34 -24.64
C MET C 900 46.52 -42.27 -23.70
N GLN C 901 45.36 -41.69 -24.03
CA GLN C 901 44.70 -40.77 -23.11
C GLN C 901 44.20 -41.52 -21.87
N MET C 902 43.70 -42.75 -22.06
CA MET C 902 43.37 -43.60 -20.92
C MET C 902 44.59 -43.92 -20.06
N ALA C 903 45.73 -44.17 -20.69
CA ALA C 903 46.95 -44.44 -19.94
C ALA C 903 47.39 -43.22 -19.13
N TYR C 904 47.32 -42.04 -19.73
CA TYR C 904 47.66 -40.81 -19.00
C TYR C 904 46.68 -40.56 -17.86
N ARG C 905 45.39 -40.85 -18.05
CA ARG C 905 44.44 -40.63 -16.98
C ARG C 905 44.51 -41.69 -15.89
N PHE C 906 45.05 -42.88 -16.18
CA PHE C 906 45.43 -43.76 -15.08
C PHE C 906 46.68 -43.27 -14.38
N ASN C 907 47.61 -42.64 -15.09
CA ASN C 907 48.73 -41.98 -14.41
C ASN C 907 48.24 -40.83 -13.54
N GLY C 908 47.09 -40.24 -13.87
CA GLY C 908 46.53 -39.20 -13.03
C GLY C 908 46.07 -39.71 -11.67
N ILE C 909 45.60 -40.96 -11.60
CA ILE C 909 45.10 -41.51 -10.35
C ILE C 909 46.15 -42.43 -9.72
N GLY C 910 47.39 -42.35 -10.20
CA GLY C 910 48.47 -43.11 -9.61
C GLY C 910 48.50 -44.58 -9.97
N VAL C 911 48.03 -44.95 -11.16
CA VAL C 911 48.03 -46.33 -11.62
C VAL C 911 48.83 -46.39 -12.91
N THR C 912 49.78 -47.32 -12.98
CA THR C 912 50.67 -47.42 -14.13
C THR C 912 49.90 -47.86 -15.37
N GLN C 913 50.48 -47.53 -16.53
CA GLN C 913 49.83 -47.76 -17.82
C GLN C 913 49.69 -49.24 -18.16
N ASN C 914 50.49 -50.10 -17.55
CA ASN C 914 50.43 -51.54 -17.84
C ASN C 914 49.09 -52.14 -17.42
N VAL C 915 48.46 -51.57 -16.38
CA VAL C 915 47.14 -52.02 -15.96
C VAL C 915 46.12 -51.80 -17.07
N LEU C 916 46.19 -50.64 -17.73
CA LEU C 916 45.33 -50.40 -18.89
C LEU C 916 45.69 -51.30 -20.06
N TYR C 917 46.96 -51.32 -20.44
CA TYR C 917 47.33 -51.94 -21.71
C TYR C 917 47.23 -53.46 -21.66
N GLU C 918 47.33 -54.04 -20.45
CA GLU C 918 47.04 -55.46 -20.30
C GLU C 918 45.55 -55.75 -20.28
N ASN C 919 44.75 -54.83 -19.73
CA ASN C 919 43.31 -55.03 -19.54
C ASN C 919 42.49 -54.02 -20.34
N GLN C 920 42.88 -53.75 -21.58
CA GLN C 920 42.17 -52.75 -22.38
C GLN C 920 40.80 -53.24 -22.81
N LYS C 921 40.71 -54.50 -23.25
CA LYS C 921 39.42 -55.05 -23.70
C LYS C 921 38.43 -55.15 -22.55
N LEU C 922 38.91 -55.52 -21.37
CA LEU C 922 38.03 -55.62 -20.20
C LEU C 922 37.50 -54.26 -19.79
N ILE C 923 38.35 -53.23 -19.83
CA ILE C 923 37.92 -51.87 -19.48
C ILE C 923 36.93 -51.35 -20.52
N ALA C 924 37.19 -51.62 -21.80
CA ALA C 924 36.26 -51.19 -22.85
C ALA C 924 34.91 -51.89 -22.71
N ASN C 925 34.92 -53.18 -22.40
CA ASN C 925 33.67 -53.92 -22.20
C ASN C 925 32.90 -53.41 -20.99
N GLN C 926 33.62 -53.09 -19.90
CA GLN C 926 32.95 -52.53 -18.72
C GLN C 926 32.35 -51.16 -19.01
N PHE C 927 33.06 -50.33 -19.77
CA PHE C 927 32.53 -49.02 -20.13
C PHE C 927 31.30 -49.15 -21.03
N ASN C 928 31.35 -50.06 -22.01
CA ASN C 928 30.20 -50.25 -22.89
C ASN C 928 29.01 -50.82 -22.12
N SER C 929 29.26 -51.73 -21.17
CA SER C 929 28.18 -52.26 -20.34
C SER C 929 27.56 -51.18 -19.46
N ALA C 930 28.39 -50.28 -18.91
CA ALA C 930 27.87 -49.19 -18.11
C ALA C 930 27.06 -48.21 -18.96
N ILE C 931 27.51 -47.93 -20.19
CA ILE C 931 26.76 -47.07 -21.09
C ILE C 931 25.41 -47.71 -21.45
N GLY C 932 25.42 -49.02 -21.70
CA GLY C 932 24.17 -49.73 -21.96
C GLY C 932 23.24 -49.75 -20.77
N LYS C 933 23.77 -49.77 -19.55
CA LYS C 933 22.89 -49.77 -18.34
C LYS C 933 22.33 -48.38 -18.16
N ILE C 934 23.10 -47.34 -18.47
CA ILE C 934 22.54 -46.00 -18.43
C ILE C 934 21.45 -45.85 -19.48
N GLN C 935 21.65 -46.35 -20.68
CA GLN C 935 20.53 -46.24 -21.65
C GLN C 935 19.33 -47.04 -21.11
N ASP C 936 19.51 -48.28 -20.63
CA ASP C 936 18.34 -49.02 -20.17
C ASP C 936 17.66 -48.33 -18.99
N SER C 937 18.43 -47.62 -18.16
CA SER C 937 17.83 -46.87 -17.06
C SER C 937 17.04 -45.67 -17.56
N LEU C 938 17.55 -44.98 -18.58
CA LEU C 938 16.81 -43.86 -19.15
C LEU C 938 15.63 -44.33 -19.99
N SER C 939 15.74 -45.53 -20.58
CA SER C 939 14.65 -46.06 -21.40
C SER C 939 13.58 -46.75 -20.56
N SER C 940 13.82 -46.93 -19.25
CA SER C 940 12.86 -47.65 -18.41
C SER C 940 11.74 -46.74 -17.91
N THR C 941 11.73 -45.47 -18.32
CA THR C 941 10.79 -44.40 -17.95
C THR C 941 10.80 -44.10 -16.46
N ALA C 942 11.78 -44.58 -15.69
CA ALA C 942 11.95 -44.17 -14.31
C ALA C 942 12.55 -42.78 -14.29
N SER C 943 11.75 -41.79 -13.88
CA SER C 943 12.14 -40.39 -13.99
C SER C 943 13.18 -40.07 -12.92
N ALA C 944 14.46 -40.29 -13.26
CA ALA C 944 15.57 -39.83 -12.43
C ALA C 944 15.90 -38.37 -12.67
N LEU C 945 15.25 -37.73 -13.65
CA LEU C 945 15.45 -36.32 -13.96
C LEU C 945 14.49 -35.46 -13.16
N GLY C 946 14.51 -35.66 -11.85
CA GLY C 946 13.66 -34.90 -10.94
C GLY C 946 14.17 -33.53 -10.58
N LYS C 947 15.38 -33.16 -11.02
CA LYS C 947 15.90 -31.82 -10.79
C LYS C 947 15.58 -30.84 -11.91
N LEU C 948 15.25 -31.34 -13.11
CA LEU C 948 14.91 -30.50 -14.24
C LEU C 948 13.41 -30.30 -14.38
N GLN C 949 12.63 -31.35 -14.10
CA GLN C 949 11.17 -31.20 -14.06
C GLN C 949 10.76 -30.29 -12.91
N ASP C 950 11.53 -30.29 -11.82
CA ASP C 950 11.20 -29.43 -10.68
C ASP C 950 11.35 -27.96 -11.03
N VAL C 951 12.27 -27.62 -11.92
CA VAL C 951 12.43 -26.23 -12.36
C VAL C 951 11.19 -25.75 -13.10
N VAL C 952 10.70 -26.57 -14.04
CA VAL C 952 9.50 -26.24 -14.81
C VAL C 952 8.29 -26.17 -13.90
N ASN C 953 8.18 -27.12 -12.96
CA ASN C 953 7.06 -27.13 -12.02
C ASN C 953 7.08 -25.91 -11.12
N GLN C 954 8.26 -25.49 -10.65
CA GLN C 954 8.37 -24.31 -9.80
C GLN C 954 8.04 -23.04 -10.56
N ASN C 955 8.48 -22.94 -11.82
CA ASN C 955 8.15 -21.77 -12.63
C ASN C 955 6.65 -21.68 -12.90
N ALA C 956 6.04 -22.83 -13.22
CA ALA C 956 4.59 -22.86 -13.45
C ALA C 956 3.82 -22.53 -12.18
N GLN C 957 4.29 -23.01 -11.04
CA GLN C 957 3.61 -22.75 -9.74
C GLN C 957 3.74 -21.27 -9.40
N ALA C 958 4.89 -20.66 -9.66
CA ALA C 958 5.07 -19.23 -9.41
C ALA C 958 4.16 -18.40 -10.30
N LEU C 959 4.05 -18.76 -11.58
CA LEU C 959 3.16 -18.05 -12.48
C LEU C 959 1.69 -18.22 -12.08
N ASN C 960 1.30 -19.41 -11.67
CA ASN C 960 -0.09 -19.61 -11.17
C ASN C 960 -0.25 -18.68 -9.98
N THR C 961 0.62 -18.75 -9.00
CA THR C 961 0.44 -17.93 -7.81
C THR C 961 0.29 -16.45 -8.18
N LEU C 962 1.07 -15.98 -9.15
CA LEU C 962 0.97 -14.58 -9.57
C LEU C 962 -0.39 -14.28 -10.20
N VAL C 963 -0.87 -15.16 -11.09
CA VAL C 963 -2.15 -14.89 -11.74
C VAL C 963 -3.30 -15.14 -10.77
N LYS C 964 -3.05 -15.81 -9.66
CA LYS C 964 -4.15 -15.95 -8.68
C LYS C 964 -4.15 -14.68 -7.84
N GLN C 965 -2.99 -14.14 -7.48
CA GLN C 965 -3.01 -12.85 -6.80
C GLN C 965 -3.58 -11.74 -7.66
N LEU C 966 -3.44 -11.83 -8.99
CA LEU C 966 -3.98 -10.82 -9.89
C LEU C 966 -5.50 -10.79 -9.93
N SER C 967 -6.18 -11.83 -9.47
CA SER C 967 -7.63 -11.90 -9.50
C SER C 967 -8.29 -11.27 -8.27
N SER C 968 -7.51 -10.89 -7.27
CA SER C 968 -8.07 -10.27 -6.07
C SER C 968 -8.46 -8.82 -6.36
N ASN C 969 -9.46 -8.33 -5.63
CA ASN C 969 -9.92 -6.96 -5.78
C ASN C 969 -9.14 -5.95 -4.94
N PHE C 970 -8.32 -6.43 -3.99
CA PHE C 970 -7.44 -5.62 -3.15
C PHE C 970 -8.17 -4.51 -2.41
N GLY C 971 -9.33 -4.83 -1.85
CA GLY C 971 -10.12 -3.83 -1.12
C GLY C 971 -10.71 -2.74 -1.99
N ALA C 972 -11.22 -3.10 -3.16
CA ALA C 972 -11.89 -2.17 -4.06
C ALA C 972 -13.27 -2.72 -4.40
N ILE C 973 -14.05 -1.93 -5.15
CA ILE C 973 -15.39 -2.38 -5.52
C ILE C 973 -15.35 -3.44 -6.61
N SER C 974 -14.27 -3.53 -7.37
CA SER C 974 -14.15 -4.52 -8.42
C SER C 974 -12.68 -4.86 -8.62
N SER C 975 -12.45 -6.03 -9.21
CA SER C 975 -11.10 -6.49 -9.51
C SER C 975 -10.63 -6.04 -10.89
N VAL C 976 -11.49 -5.41 -11.67
CA VAL C 976 -11.15 -4.93 -13.00
C VAL C 976 -11.26 -3.40 -13.02
N LEU C 977 -10.31 -2.75 -13.69
CA LEU C 977 -10.28 -1.30 -13.74
C LEU C 977 -11.41 -0.72 -14.58
N ASN C 978 -11.94 -1.50 -15.53
CA ASN C 978 -13.00 -1.01 -16.40
C ASN C 978 -14.28 -0.69 -15.64
N ASP C 979 -14.61 -1.53 -14.65
CA ASP C 979 -15.79 -1.27 -13.82
C ASP C 979 -15.61 0.00 -12.99
N ILE C 980 -14.45 0.14 -12.35
CA ILE C 980 -14.20 1.30 -11.47
C ILE C 980 -14.28 2.56 -12.32
N LEU C 981 -13.65 2.55 -13.48
CA LEU C 981 -13.66 3.72 -14.39
C LEU C 981 -15.04 3.93 -15.02
N SER C 982 -15.86 2.89 -15.16
CA SER C 982 -17.17 3.04 -15.83
C SER C 982 -18.28 3.37 -14.84
N ARG C 983 -18.10 3.15 -13.54
CA ARG C 983 -19.09 3.44 -12.53
C ARG C 983 -18.76 4.67 -11.68
N LEU C 984 -17.50 5.07 -11.61
CA LEU C 984 -17.08 6.14 -10.70
C LEU C 984 -16.37 7.24 -11.47
N ASP C 985 -16.68 8.49 -11.12
CA ASP C 985 -15.93 9.62 -11.65
C ASP C 985 -14.52 9.63 -11.07
N PRO C 986 -13.55 10.21 -11.77
CA PRO C 986 -12.11 10.10 -11.37
C PRO C 986 -11.79 10.58 -9.96
N PRO C 987 -12.42 11.65 -9.40
CA PRO C 987 -12.04 12.04 -8.03
C PRO C 987 -12.24 10.96 -6.96
N GLU C 988 -13.23 10.09 -7.09
CA GLU C 988 -13.36 8.96 -6.16
C GLU C 988 -12.98 7.63 -6.78
N ALA C 989 -12.80 7.57 -8.10
CA ALA C 989 -12.25 6.36 -8.72
C ALA C 989 -10.75 6.26 -8.54
N GLU C 990 -10.06 7.38 -8.28
CA GLU C 990 -8.61 7.36 -8.14
C GLU C 990 -8.17 6.54 -6.95
N VAL C 991 -8.94 6.55 -5.86
CA VAL C 991 -8.59 5.78 -4.67
C VAL C 991 -8.68 4.28 -4.96
N GLN C 992 -9.76 3.86 -5.63
CA GLN C 992 -9.93 2.44 -5.96
C GLN C 992 -8.88 1.99 -6.96
N ILE C 993 -8.57 2.84 -7.94
CA ILE C 993 -7.54 2.50 -8.93
C ILE C 993 -6.18 2.40 -8.25
N ASP C 994 -5.89 3.32 -7.32
CA ASP C 994 -4.63 3.26 -6.59
C ASP C 994 -4.52 1.99 -5.77
N ARG C 995 -5.61 1.59 -5.11
CA ARG C 995 -5.60 0.34 -4.34
C ARG C 995 -5.38 -0.87 -5.25
N LEU C 996 -6.08 -0.92 -6.38
CA LEU C 996 -5.96 -2.07 -7.29
C LEU C 996 -4.55 -2.16 -7.89
N ILE C 997 -4.02 -1.04 -8.38
CA ILE C 997 -2.71 -1.04 -9.01
C ILE C 997 -1.62 -1.30 -7.99
N THR C 998 -1.76 -0.76 -6.77
CA THR C 998 -0.79 -1.03 -5.71
C THR C 998 -0.80 -2.50 -5.32
N GLY C 999 -1.99 -3.11 -5.26
CA GLY C 999 -2.05 -4.54 -4.98
C GLY C 999 -1.42 -5.39 -6.08
N ARG C 1000 -1.67 -5.03 -7.34
CA ARG C 1000 -1.05 -5.75 -8.46
C ARG C 1000 0.47 -5.60 -8.44
N LEU C 1001 0.96 -4.40 -8.12
CA LEU C 1001 2.40 -4.16 -8.11
C LEU C 1001 3.06 -4.88 -6.93
N GLN C 1002 2.37 -4.97 -5.78
CA GLN C 1002 2.92 -5.74 -4.67
C GLN C 1002 2.93 -7.23 -4.97
N SER C 1003 1.91 -7.73 -5.67
CA SER C 1003 1.92 -9.12 -6.09
C SER C 1003 3.07 -9.39 -7.06
N LEU C 1004 3.31 -8.46 -7.99
CA LEU C 1004 4.44 -8.60 -8.90
C LEU C 1004 5.77 -8.54 -8.16
N GLN C 1005 5.84 -7.73 -7.10
CA GLN C 1005 7.06 -7.64 -6.30
C GLN C 1005 7.34 -8.95 -5.57
N THR C 1006 6.29 -9.59 -5.03
CA THR C 1006 6.46 -10.90 -4.41
C THR C 1006 6.89 -11.95 -5.43
N TYR C 1007 6.33 -11.88 -6.64
CA TYR C 1007 6.77 -12.76 -7.72
C TYR C 1007 8.25 -12.52 -8.04
N VAL C 1008 8.68 -11.26 -8.02
CA VAL C 1008 10.08 -10.93 -8.29
C VAL C 1008 10.99 -11.51 -7.20
N THR C 1009 10.60 -11.38 -5.93
CA THR C 1009 11.41 -11.94 -4.84
C THR C 1009 11.49 -13.46 -4.92
N GLN C 1010 10.38 -14.11 -5.29
CA GLN C 1010 10.43 -15.55 -5.56
C GLN C 1010 11.38 -15.86 -6.71
N GLN C 1011 11.42 -14.99 -7.72
CA GLN C 1011 12.35 -15.19 -8.82
C GLN C 1011 13.80 -15.02 -8.38
N LEU C 1012 14.08 -14.09 -7.46
CA LEU C 1012 15.44 -14.00 -6.92
C LEU C 1012 15.83 -15.25 -6.15
N ILE C 1013 14.93 -15.82 -5.36
CA ILE C 1013 15.26 -17.04 -4.61
C ILE C 1013 15.51 -18.20 -5.58
N ARG C 1014 14.63 -18.36 -6.56
CA ARG C 1014 14.81 -19.42 -7.55
C ARG C 1014 16.07 -19.22 -8.37
N ALA C 1015 16.37 -17.97 -8.73
CA ALA C 1015 17.57 -17.66 -9.49
C ALA C 1015 18.83 -17.88 -8.65
N ALA C 1016 18.76 -17.67 -7.34
CA ALA C 1016 19.90 -17.98 -6.48
C ALA C 1016 20.15 -19.49 -6.43
N GLU C 1017 19.09 -20.28 -6.33
CA GLU C 1017 19.26 -21.74 -6.35
C GLU C 1017 19.80 -22.23 -7.69
N ILE C 1018 19.26 -21.69 -8.79
CA ILE C 1018 19.74 -22.05 -10.12
C ILE C 1018 21.17 -21.56 -10.34
N ARG C 1019 21.54 -20.41 -9.77
CA ARG C 1019 22.90 -19.91 -9.88
C ARG C 1019 23.88 -20.81 -9.12
N ALA C 1020 23.47 -21.31 -7.94
CA ALA C 1020 24.32 -22.25 -7.22
C ALA C 1020 24.51 -23.54 -8.01
N SER C 1021 23.42 -24.05 -8.61
CA SER C 1021 23.52 -25.25 -9.42
C SER C 1021 24.38 -25.02 -10.66
N ALA C 1022 24.28 -23.84 -11.26
CA ALA C 1022 25.05 -23.53 -12.47
C ALA C 1022 26.51 -23.31 -12.15
N ASN C 1023 26.82 -22.71 -10.99
CA ASN C 1023 28.21 -22.60 -10.56
C ASN C 1023 28.81 -23.97 -10.30
N LEU C 1024 28.05 -24.87 -9.66
CA LEU C 1024 28.52 -26.24 -9.49
C LEU C 1024 28.74 -26.93 -10.82
N ALA C 1025 27.82 -26.74 -11.77
CA ALA C 1025 27.96 -27.34 -13.09
C ALA C 1025 29.15 -26.79 -13.85
N ALA C 1026 29.42 -25.49 -13.74
CA ALA C 1026 30.56 -24.90 -14.44
C ALA C 1026 31.88 -25.34 -13.83
N THR C 1027 31.96 -25.38 -12.49
CA THR C 1027 33.17 -25.87 -11.83
C THR C 1027 33.43 -27.33 -12.17
N LYS C 1028 32.37 -28.14 -12.14
CA LYS C 1028 32.47 -29.55 -12.51
C LYS C 1028 32.84 -29.74 -13.98
N MET C 1029 32.35 -28.86 -14.84
CA MET C 1029 32.66 -28.93 -16.27
C MET C 1029 34.12 -28.57 -16.52
N SER C 1030 34.63 -27.57 -15.81
CA SER C 1030 36.03 -27.18 -16.01
C SER C 1030 36.99 -28.15 -15.34
N GLU C 1031 36.56 -28.83 -14.28
CA GLU C 1031 37.47 -29.70 -13.54
C GLU C 1031 37.38 -31.17 -13.94
N CYS C 1032 36.30 -31.61 -14.56
CA CYS C 1032 36.14 -33.04 -14.84
C CYS C 1032 35.90 -33.35 -16.31
N VAL C 1033 35.18 -32.46 -17.01
CA VAL C 1033 35.04 -32.65 -18.45
C VAL C 1033 36.32 -32.22 -19.17
N LEU C 1034 36.86 -31.06 -18.81
CA LEU C 1034 38.03 -30.50 -19.46
C LEU C 1034 39.34 -30.95 -18.82
N GLY C 1035 39.28 -31.79 -17.79
CA GLY C 1035 40.48 -32.24 -17.13
C GLY C 1035 40.19 -33.36 -16.17
N GLN C 1036 41.15 -33.64 -15.30
CA GLN C 1036 41.01 -34.67 -14.28
C GLN C 1036 41.02 -34.03 -12.90
N SER C 1037 40.16 -34.54 -12.01
CA SER C 1037 40.02 -34.01 -10.67
C SER C 1037 40.50 -35.04 -9.66
N LYS C 1038 41.28 -34.58 -8.68
CA LYS C 1038 41.75 -35.43 -7.60
C LYS C 1038 40.80 -35.46 -6.41
N ARG C 1039 39.74 -34.64 -6.44
CA ARG C 1039 38.76 -34.62 -5.37
C ARG C 1039 37.91 -35.88 -5.39
N VAL C 1040 37.55 -36.36 -4.20
CA VAL C 1040 36.70 -37.55 -4.09
C VAL C 1040 35.25 -37.13 -3.96
N ASP C 1041 34.37 -37.89 -4.62
CA ASP C 1041 32.92 -37.68 -4.70
C ASP C 1041 32.53 -36.34 -5.34
N PHE C 1042 33.48 -35.62 -5.94
CA PHE C 1042 33.12 -34.44 -6.72
C PHE C 1042 32.51 -34.84 -8.05
N CYS C 1043 33.06 -35.86 -8.70
CA CYS C 1043 32.65 -36.31 -10.02
C CYS C 1043 32.48 -37.82 -10.04
N GLY C 1044 31.74 -38.33 -9.08
CA GLY C 1044 31.40 -39.74 -9.04
C GLY C 1044 32.17 -40.49 -7.97
N LYS C 1045 31.59 -41.60 -7.52
CA LYS C 1045 32.23 -42.44 -6.52
C LYS C 1045 33.41 -43.18 -7.14
N GLY C 1046 34.55 -43.14 -6.45
CA GLY C 1046 35.77 -43.70 -6.95
C GLY C 1046 36.72 -42.63 -7.45
N TYR C 1047 37.81 -43.09 -8.08
CA TYR C 1047 38.81 -42.19 -8.62
C TYR C 1047 38.36 -41.72 -10.00
N HIS C 1048 38.29 -40.40 -10.18
CA HIS C 1048 37.77 -39.84 -11.41
C HIS C 1048 38.71 -40.08 -12.58
N LEU C 1049 38.12 -40.41 -13.73
CA LEU C 1049 38.87 -40.49 -14.98
C LEU C 1049 38.37 -39.52 -16.03
N MET C 1050 37.10 -39.58 -16.39
CA MET C 1050 36.54 -38.68 -17.40
C MET C 1050 35.14 -38.27 -17.01
N SER C 1051 34.62 -37.29 -17.74
CA SER C 1051 33.23 -36.85 -17.61
C SER C 1051 32.76 -36.33 -18.95
N PHE C 1052 31.63 -36.84 -19.41
CA PHE C 1052 31.08 -36.50 -20.71
C PHE C 1052 29.82 -35.67 -20.55
N PRO C 1053 29.77 -34.44 -21.06
CA PRO C 1053 28.56 -33.63 -20.91
C PRO C 1053 27.48 -34.05 -21.90
N GLN C 1054 26.24 -33.84 -21.49
CA GLN C 1054 25.07 -34.03 -22.35
C GLN C 1054 24.10 -32.90 -22.06
N SER C 1055 23.54 -32.31 -23.11
CA SER C 1055 22.52 -31.30 -22.92
C SER C 1055 21.25 -31.91 -22.35
N ALA C 1056 20.49 -31.12 -21.62
CA ALA C 1056 19.31 -31.60 -20.92
C ALA C 1056 18.34 -30.42 -20.80
N PRO C 1057 17.04 -30.69 -20.67
CA PRO C 1057 16.07 -29.58 -20.57
C PRO C 1057 16.35 -28.71 -19.35
N HIS C 1058 16.78 -27.47 -19.63
CA HIS C 1058 17.24 -26.51 -18.63
C HIS C 1058 18.35 -27.07 -17.76
N GLY C 1059 19.29 -27.81 -18.33
CA GLY C 1059 20.38 -28.33 -17.53
C GLY C 1059 21.36 -29.16 -18.31
N VAL C 1060 22.27 -29.78 -17.57
CA VAL C 1060 23.35 -30.59 -18.14
C VAL C 1060 23.47 -31.88 -17.33
N VAL C 1061 23.72 -32.98 -18.03
CA VAL C 1061 23.90 -34.28 -17.42
C VAL C 1061 25.33 -34.72 -17.68
N PHE C 1062 26.08 -34.97 -16.61
CA PHE C 1062 27.45 -35.46 -16.71
C PHE C 1062 27.46 -36.97 -16.59
N LEU C 1063 28.17 -37.62 -17.51
CA LEU C 1063 28.44 -39.05 -17.45
C LEU C 1063 29.87 -39.18 -16.94
N HIS C 1064 30.01 -39.44 -15.65
CA HIS C 1064 31.31 -39.57 -15.01
C HIS C 1064 31.79 -41.01 -15.14
N VAL C 1065 32.94 -41.18 -15.78
CA VAL C 1065 33.62 -42.46 -15.86
C VAL C 1065 34.70 -42.47 -14.77
N THR C 1066 34.56 -43.40 -13.83
CA THR C 1066 35.38 -43.45 -12.62
C THR C 1066 35.94 -44.84 -12.41
N TYR C 1067 37.01 -44.90 -11.62
CA TYR C 1067 37.74 -46.12 -11.30
C TYR C 1067 37.36 -46.53 -9.87
N VAL C 1068 36.64 -47.63 -9.73
CA VAL C 1068 36.19 -48.10 -8.42
C VAL C 1068 37.02 -49.33 -8.06
N PRO C 1069 37.84 -49.28 -7.03
CA PRO C 1069 38.65 -50.46 -6.66
C PRO C 1069 37.78 -51.55 -6.05
N ALA C 1070 38.26 -52.78 -6.16
CA ALA C 1070 37.53 -53.94 -5.65
C ALA C 1070 38.49 -55.09 -5.43
N GLN C 1071 38.01 -56.09 -4.66
CA GLN C 1071 38.77 -57.27 -4.27
C GLN C 1071 40.06 -56.89 -3.54
N GLU C 1072 39.89 -56.19 -2.42
CA GLU C 1072 41.03 -55.75 -1.64
C GLU C 1072 41.65 -56.91 -0.87
N LYS C 1073 42.92 -56.75 -0.52
CA LYS C 1073 43.66 -57.76 0.24
C LYS C 1073 44.43 -57.09 1.35
N ASN C 1074 44.47 -57.75 2.51
CA ASN C 1074 45.33 -57.32 3.61
C ASN C 1074 46.78 -57.67 3.30
N PHE C 1075 47.69 -56.79 3.74
CA PHE C 1075 49.12 -57.02 3.61
C PHE C 1075 49.83 -56.45 4.81
N THR C 1076 50.90 -57.13 5.22
CA THR C 1076 51.77 -56.61 6.27
C THR C 1076 52.72 -55.59 5.67
N THR C 1077 52.61 -54.33 6.09
CA THR C 1077 53.32 -53.24 5.46
C THR C 1077 54.42 -52.72 6.38
N ALA C 1078 55.38 -52.03 5.78
CA ALA C 1078 56.50 -51.44 6.51
C ALA C 1078 56.77 -50.05 6.00
N PRO C 1079 57.21 -49.14 6.86
CA PRO C 1079 57.57 -47.79 6.39
C PRO C 1079 58.86 -47.75 5.59
N ALA C 1080 59.85 -48.54 5.98
CA ALA C 1080 61.16 -48.55 5.31
C ALA C 1080 61.80 -49.91 5.58
N ILE C 1081 62.95 -50.14 4.93
CA ILE C 1081 63.65 -51.42 5.05
C ILE C 1081 65.11 -51.16 5.39
N CYS C 1082 65.59 -51.74 6.48
CA CYS C 1082 66.98 -51.57 6.91
C CYS C 1082 67.83 -52.65 6.26
N HIS C 1083 68.61 -52.27 5.25
CA HIS C 1083 69.51 -53.17 4.55
C HIS C 1083 70.92 -52.59 4.61
N ASP C 1084 71.89 -53.45 4.96
CA ASP C 1084 73.31 -53.09 5.03
C ASP C 1084 73.56 -51.91 5.97
N GLY C 1085 72.74 -51.80 7.02
CA GLY C 1085 72.88 -50.72 7.96
C GLY C 1085 72.34 -49.38 7.51
N LYS C 1086 71.63 -49.33 6.38
CA LYS C 1086 71.03 -48.08 5.93
C LYS C 1086 69.57 -48.31 5.58
N ALA C 1087 68.77 -47.26 5.75
CA ALA C 1087 67.32 -47.34 5.56
C ALA C 1087 66.98 -47.03 4.11
N HIS C 1088 66.09 -47.83 3.54
CA HIS C 1088 65.60 -47.66 2.18
C HIS C 1088 64.12 -47.34 2.25
N PHE C 1089 63.73 -46.20 1.66
CA PHE C 1089 62.39 -45.65 1.61
C PHE C 1089 61.84 -45.75 0.18
N PRO C 1090 60.53 -45.92 0.00
CA PRO C 1090 60.00 -46.16 -1.34
C PRO C 1090 59.94 -44.86 -2.15
N ARG C 1091 60.46 -44.92 -3.38
CA ARG C 1091 60.33 -43.78 -4.28
C ARG C 1091 58.88 -43.60 -4.71
N GLU C 1092 58.20 -44.69 -5.04
CA GLU C 1092 56.77 -44.68 -5.32
C GLU C 1092 56.17 -45.96 -4.77
N GLY C 1093 54.97 -45.86 -4.22
CA GLY C 1093 54.31 -47.02 -3.65
C GLY C 1093 54.70 -47.28 -2.22
N VAL C 1094 54.36 -48.48 -1.77
CA VAL C 1094 54.51 -48.90 -0.38
C VAL C 1094 55.20 -50.26 -0.34
N PHE C 1095 55.86 -50.54 0.78
CA PHE C 1095 56.46 -51.84 1.05
C PHE C 1095 55.44 -52.73 1.75
N VAL C 1096 55.06 -53.82 1.08
CA VAL C 1096 54.14 -54.81 1.64
C VAL C 1096 54.84 -56.16 1.61
N SER C 1097 54.23 -57.13 2.28
CA SER C 1097 54.80 -58.46 2.37
C SER C 1097 53.72 -59.51 2.14
N ASN C 1098 54.07 -60.52 1.35
CA ASN C 1098 53.19 -61.70 1.20
C ASN C 1098 53.99 -62.84 1.83
N GLY C 1099 53.43 -63.57 2.78
CA GLY C 1099 54.14 -64.60 3.52
C GLY C 1099 55.33 -64.06 4.27
N THR C 1100 56.54 -64.35 3.78
CA THR C 1100 57.77 -63.81 4.32
C THR C 1100 58.58 -63.06 3.28
N HIS C 1101 58.01 -62.73 2.13
CA HIS C 1101 58.69 -62.05 1.05
C HIS C 1101 58.16 -60.63 0.91
N TRP C 1102 59.07 -59.67 0.77
CA TRP C 1102 58.73 -58.25 0.73
C TRP C 1102 58.77 -57.73 -0.70
N PHE C 1103 57.76 -56.94 -1.06
CA PHE C 1103 57.67 -56.32 -2.37
C PHE C 1103 57.28 -54.86 -2.19
N VAL C 1104 57.38 -54.10 -3.28
CA VAL C 1104 56.91 -52.72 -3.33
C VAL C 1104 55.84 -52.61 -4.41
N THR C 1105 54.69 -52.04 -4.05
CA THR C 1105 53.54 -51.95 -4.95
C THR C 1105 53.00 -50.53 -4.94
N GLN C 1106 52.36 -50.14 -6.04
CA GLN C 1106 51.62 -48.88 -6.02
C GLN C 1106 50.36 -49.04 -5.17
N ARG C 1107 49.92 -47.97 -4.55
CA ARG C 1107 48.83 -48.09 -3.55
C ARG C 1107 47.47 -48.45 -4.12
N ASN C 1108 47.13 -48.03 -5.34
CA ASN C 1108 45.77 -48.26 -5.85
C ASN C 1108 45.61 -49.57 -6.60
N PHE C 1109 46.67 -50.34 -6.79
CA PHE C 1109 46.57 -51.61 -7.50
C PHE C 1109 47.72 -52.50 -7.07
N TYR C 1110 47.43 -53.78 -6.88
CA TYR C 1110 48.43 -54.74 -6.41
C TYR C 1110 49.26 -55.20 -7.60
N GLU C 1111 50.43 -54.60 -7.78
CA GLU C 1111 51.42 -55.02 -8.78
C GLU C 1111 52.72 -55.28 -8.05
N PRO C 1112 52.99 -56.52 -7.65
CA PRO C 1112 54.21 -56.81 -6.87
C PRO C 1112 55.46 -56.67 -7.73
N GLN C 1113 56.40 -55.87 -7.24
CA GLN C 1113 57.67 -55.63 -7.91
C GLN C 1113 58.81 -55.93 -6.96
N ILE C 1114 59.86 -56.53 -7.49
CA ILE C 1114 61.03 -56.87 -6.69
C ILE C 1114 61.71 -55.59 -6.22
N ILE C 1115 62.04 -55.54 -4.93
CA ILE C 1115 62.62 -54.34 -4.34
C ILE C 1115 64.01 -54.10 -4.92
N THR C 1116 64.20 -52.90 -5.48
CA THR C 1116 65.39 -52.59 -6.26
C THR C 1116 65.92 -51.24 -5.80
N THR C 1117 67.23 -51.02 -5.98
CA THR C 1117 67.84 -49.74 -5.68
C THR C 1117 67.28 -48.62 -6.55
N ASP C 1118 66.76 -48.93 -7.73
CA ASP C 1118 66.02 -47.94 -8.51
C ASP C 1118 64.68 -47.62 -7.87
N ASN C 1119 64.04 -48.61 -7.25
CA ASN C 1119 62.74 -48.43 -6.64
C ASN C 1119 62.79 -47.69 -5.30
N THR C 1120 63.95 -47.69 -4.64
CA THR C 1120 64.09 -47.13 -3.31
C THR C 1120 65.10 -45.99 -3.31
N PHE C 1121 65.11 -45.22 -2.23
CA PHE C 1121 66.15 -44.24 -1.99
C PHE C 1121 66.62 -44.35 -0.54
N VAL C 1122 67.89 -44.03 -0.31
CA VAL C 1122 68.56 -44.24 0.97
C VAL C 1122 68.68 -42.91 1.69
N SER C 1123 68.31 -42.91 2.97
CA SER C 1123 68.46 -41.71 3.80
C SER C 1123 68.72 -42.13 5.23
N GLY C 1124 69.96 -41.93 5.68
CA GLY C 1124 70.30 -42.15 7.07
C GLY C 1124 70.38 -43.63 7.44
N ASN C 1125 70.42 -43.86 8.75
CA ASN C 1125 70.47 -45.20 9.32
C ASN C 1125 69.08 -45.67 9.72
N CYS C 1126 68.99 -46.98 10.01
CA CYS C 1126 67.72 -47.60 10.35
C CYS C 1126 67.47 -47.63 11.86
N ASP C 1127 68.34 -47.00 12.66
CA ASP C 1127 68.12 -46.96 14.10
C ASP C 1127 67.07 -45.93 14.49
N VAL C 1128 66.79 -44.97 13.61
CA VAL C 1128 65.89 -43.87 13.98
C VAL C 1128 64.47 -44.13 13.48
N VAL C 1129 64.31 -44.93 12.43
CA VAL C 1129 62.99 -45.17 11.85
C VAL C 1129 62.23 -46.16 12.72
N ILE C 1130 61.02 -45.78 13.12
CA ILE C 1130 60.18 -46.62 13.96
C ILE C 1130 59.36 -47.54 13.08
N GLY C 1131 59.48 -48.85 13.30
CA GLY C 1131 58.77 -49.83 12.53
C GLY C 1131 59.51 -50.38 11.33
N ILE C 1132 60.81 -50.12 11.22
CA ILE C 1132 61.58 -50.60 10.09
C ILE C 1132 61.81 -52.10 10.22
N VAL C 1133 61.81 -52.79 9.08
CA VAL C 1133 61.98 -54.24 9.05
C VAL C 1133 63.31 -54.56 8.38
N ASN C 1134 63.74 -55.81 8.52
CA ASN C 1134 64.99 -56.29 7.93
C ASN C 1134 64.67 -57.06 6.66
N ASN C 1135 65.28 -56.63 5.55
CA ASN C 1135 65.16 -57.32 4.28
C ASN C 1135 66.34 -56.92 3.42
N THR C 1136 66.45 -57.56 2.26
CA THR C 1136 67.51 -57.27 1.31
C THR C 1136 66.97 -56.40 0.18
N VAL C 1137 67.81 -55.53 -0.36
CA VAL C 1137 67.47 -54.68 -1.49
C VAL C 1137 68.30 -55.19 -2.67
N TYR C 1138 67.63 -55.80 -3.64
CA TYR C 1138 68.32 -56.44 -4.74
C TYR C 1138 68.76 -55.41 -5.77
N ASP C 1139 69.95 -55.57 -6.31
CA ASP C 1139 70.47 -54.63 -7.29
C ASP C 1139 70.55 -55.25 -8.67
N PRO C 1140 70.28 -54.49 -9.73
CA PRO C 1140 70.25 -55.09 -11.08
C PRO C 1140 71.63 -55.32 -11.66
N LEU C 1141 72.65 -54.61 -11.17
CA LEU C 1141 74.00 -54.73 -11.71
C LEU C 1141 74.62 -56.10 -11.40
N GLN C 1142 74.35 -56.62 -10.20
CA GLN C 1142 74.99 -57.84 -9.72
C GLN C 1142 74.74 -59.08 -10.59
N PRO C 1143 73.50 -59.43 -11.00
CA PRO C 1143 73.37 -60.66 -11.80
C PRO C 1143 73.85 -60.52 -13.22
N GLU C 1144 73.77 -59.33 -13.82
CA GLU C 1144 74.05 -59.20 -15.25
C GLU C 1144 75.51 -58.85 -15.55
N LEU C 1145 76.24 -58.21 -14.63
CA LEU C 1145 77.58 -57.81 -15.03
C LEU C 1145 78.66 -58.57 -14.26
N ASP C 1146 78.42 -58.94 -13.02
CA ASP C 1146 79.38 -59.74 -12.27
C ASP C 1146 79.37 -61.17 -12.78
N SER C 1147 80.56 -61.69 -13.06
CA SER C 1147 80.79 -63.04 -13.60
C SER C 1147 79.98 -63.30 -14.88
N GLN D 1 10.69 43.60 82.17
CA GLN D 1 9.46 44.33 82.60
C GLN D 1 8.80 44.82 81.31
N VAL D 2 8.31 43.90 80.51
CA VAL D 2 7.85 44.28 79.17
C VAL D 2 6.72 45.19 79.50
N GLN D 3 6.87 46.49 79.25
CA GLN D 3 5.92 47.43 79.87
C GLN D 3 5.13 48.15 78.81
N LEU D 4 3.83 48.31 79.02
CA LEU D 4 3.06 48.95 77.98
C LEU D 4 2.32 50.05 78.69
N VAL D 5 2.58 51.31 78.32
CA VAL D 5 1.96 52.46 79.00
C VAL D 5 1.18 53.04 77.90
N GLU D 6 -0.05 53.34 78.15
CA GLU D 6 -0.75 54.02 77.11
C GLU D 6 -1.01 55.41 77.63
N SER D 7 -1.67 56.29 76.86
CA SER D 7 -2.25 57.57 77.23
C SER D 7 -3.24 58.05 76.18
N GLY D 8 -3.69 59.29 76.29
CA GLY D 8 -4.57 59.87 75.28
C GLY D 8 -6.02 59.50 75.42
N GLY D 9 -6.52 59.39 76.65
CA GLY D 9 -7.92 59.10 76.86
C GLY D 9 -8.62 60.14 77.72
N GLY D 10 -9.85 60.51 77.35
CA GLY D 10 -10.56 61.54 78.09
C GLY D 10 -12.02 61.58 77.72
N VAL D 11 -12.73 62.54 78.32
CA VAL D 11 -14.15 62.72 78.06
C VAL D 11 -14.35 63.26 76.66
N VAL D 12 -15.51 62.97 76.07
CA VAL D 12 -15.79 63.32 74.68
C VAL D 12 -17.30 63.32 74.49
N GLN D 13 -17.77 64.11 73.54
CA GLN D 13 -19.15 64.04 73.07
C GLN D 13 -19.28 62.91 72.06
N PRO D 14 -20.47 62.31 71.93
CA PRO D 14 -20.68 61.31 70.86
C PRO D 14 -20.53 61.92 69.48
N GLY D 15 -19.92 61.16 68.58
CA GLY D 15 -19.71 61.64 67.23
C GLY D 15 -18.50 62.52 67.04
N ARG D 16 -17.45 62.22 67.79
CA ARG D 16 -16.17 62.96 67.69
C ARG D 16 -15.05 61.91 67.74
N SER D 17 -13.89 62.21 67.15
CA SER D 17 -12.81 61.23 67.03
C SER D 17 -11.82 61.41 68.17
N LEU D 18 -11.34 60.28 68.71
CA LEU D 18 -10.33 60.26 69.76
C LEU D 18 -9.29 59.21 69.40
N ARG D 19 -8.01 59.53 69.60
CA ARG D 19 -6.91 58.66 69.25
C ARG D 19 -6.17 58.23 70.49
N LEU D 20 -5.97 56.91 70.63
CA LEU D 20 -5.29 56.33 71.79
C LEU D 20 -3.88 55.92 71.39
N SER D 21 -2.90 56.32 72.20
CA SER D 21 -1.49 56.01 71.93
C SER D 21 -0.97 55.12 73.06
N CYS D 22 -0.62 53.89 72.73
CA CYS D 22 -0.04 52.95 73.69
C CYS D 22 1.44 52.76 73.37
N ALA D 23 2.30 53.18 74.28
CA ALA D 23 3.73 53.01 74.11
C ALA D 23 4.18 51.64 74.61
N ALA D 24 5.34 51.20 74.14
CA ALA D 24 5.91 49.91 74.50
C ALA D 24 7.38 50.07 74.84
N SER D 25 7.87 49.23 75.75
CA SER D 25 9.26 49.26 76.16
C SER D 25 9.63 47.92 76.76
N GLY D 26 10.93 47.61 76.73
CA GLY D 26 11.46 46.45 77.40
C GLY D 26 11.38 45.15 76.62
N PHE D 27 10.96 45.17 75.36
CA PHE D 27 10.86 43.95 74.57
C PHE D 27 10.87 44.34 73.09
N THR D 28 11.08 43.33 72.24
CA THR D 28 11.07 43.51 70.80
C THR D 28 9.64 43.76 70.36
N PHE D 29 9.30 45.03 70.11
CA PHE D 29 7.93 45.40 69.78
C PHE D 29 7.51 44.85 68.43
N SER D 30 8.44 44.79 67.47
CA SER D 30 8.08 44.37 66.12
C SER D 30 7.86 42.87 66.03
N SER D 31 8.43 42.09 66.96
CA SER D 31 8.34 40.65 66.87
C SER D 31 7.05 40.08 67.41
N TYR D 32 6.22 40.94 68.03
CA TYR D 32 5.00 40.44 68.71
C TYR D 32 3.76 41.19 68.24
N GLY D 33 2.67 40.47 68.05
CA GLY D 33 1.41 41.10 67.71
C GLY D 33 0.81 41.83 68.89
N MET D 34 -0.23 42.58 68.61
CA MET D 34 -0.83 43.37 69.69
C MET D 34 -2.35 43.45 69.53
N HIS D 35 -3.08 43.64 70.60
CA HIS D 35 -4.54 43.67 70.65
C HIS D 35 -4.98 44.88 71.44
N TRP D 36 -6.27 45.18 71.35
CA TRP D 36 -6.94 46.12 72.23
C TRP D 36 -8.14 45.42 72.86
N VAL D 37 -8.29 45.58 74.17
CA VAL D 37 -9.40 45.00 74.92
C VAL D 37 -9.99 46.09 75.80
N ARG D 38 -11.31 46.26 75.71
CA ARG D 38 -12.01 47.28 76.50
C ARG D 38 -12.78 46.61 77.62
N GLN D 39 -12.97 47.28 78.72
CA GLN D 39 -13.75 46.75 79.81
C GLN D 39 -14.69 47.86 80.22
N ALA D 40 -15.95 47.67 79.97
CA ALA D 40 -17.02 48.59 80.34
C ALA D 40 -17.13 48.67 81.86
N PRO D 41 -17.46 49.83 82.42
CA PRO D 41 -17.57 49.94 83.88
C PRO D 41 -18.70 49.10 84.43
N GLY D 42 -18.36 48.19 85.34
CA GLY D 42 -19.32 47.24 85.85
C GLY D 42 -19.54 46.02 85.00
N LYS D 43 -18.81 45.94 83.89
CA LYS D 43 -18.97 44.79 82.98
C LYS D 43 -17.60 44.16 82.72
N GLY D 44 -17.59 42.98 82.11
CA GLY D 44 -16.35 42.26 81.86
C GLY D 44 -15.59 42.77 80.66
N LEU D 45 -14.46 42.12 80.40
CA LEU D 45 -13.59 42.50 79.30
C LEU D 45 -14.21 42.13 77.95
N GLU D 46 -13.83 42.88 76.92
CA GLU D 46 -14.28 42.62 75.57
C GLU D 46 -13.18 43.02 74.59
N TRP D 47 -12.86 42.12 73.67
CA TRP D 47 -11.83 42.37 72.68
C TRP D 47 -12.42 43.19 71.53
N VAL D 48 -11.65 44.14 71.01
CA VAL D 48 -12.12 45.02 69.95
C VAL D 48 -11.26 44.94 68.69
N ALA D 49 -9.93 44.90 68.81
CA ALA D 49 -9.12 45.08 67.60
C ALA D 49 -7.86 44.21 67.66
N VAL D 50 -7.32 43.92 66.47
CA VAL D 50 -6.10 43.17 66.26
C VAL D 50 -5.21 43.97 65.31
N ILE D 51 -3.90 43.96 65.59
CA ILE D 51 -2.91 44.37 64.59
C ILE D 51 -1.84 43.28 64.53
N SER D 52 -1.30 43.06 63.34
CA SER D 52 -0.27 42.01 63.15
C SER D 52 1.07 42.55 63.66
N TYR D 53 2.11 41.71 63.65
CA TYR D 53 3.47 42.12 64.11
C TYR D 53 3.94 43.23 63.20
N ASP D 54 3.98 42.97 61.89
CA ASP D 54 4.34 43.98 60.86
C ASP D 54 3.27 45.05 60.79
N GLY D 55 2.01 44.70 60.98
CA GLY D 55 0.89 45.64 60.82
C GLY D 55 0.22 45.33 59.53
N SER D 56 0.63 44.24 58.89
CA SER D 56 0.09 43.84 57.58
C SER D 56 -1.32 43.27 57.66
N ASN D 57 -1.80 42.86 58.84
CA ASN D 57 -3.15 42.25 58.99
C ASN D 57 -3.86 42.89 60.18
N LYS D 58 -5.18 43.04 60.12
CA LYS D 58 -5.96 43.63 61.24
C LYS D 58 -7.42 43.20 61.13
N HIS D 59 -8.05 42.88 62.24
CA HIS D 59 -9.46 42.40 62.25
C HIS D 59 -10.13 43.24 63.31
N TYR D 60 -11.43 43.42 63.26
CA TYR D 60 -12.12 44.14 64.36
C TYR D 60 -13.37 43.39 64.77
N ALA D 61 -13.81 43.60 66.00
CA ALA D 61 -15.04 43.00 66.48
C ALA D 61 -16.21 43.45 65.60
N ASP D 62 -17.22 42.58 65.50
CA ASP D 62 -18.34 42.86 64.61
C ASP D 62 -19.17 44.05 65.10
N SER D 63 -19.12 44.36 66.39
CA SER D 63 -19.82 45.53 66.89
C SER D 63 -19.14 46.82 66.46
N VAL D 64 -17.81 46.82 66.41
CA VAL D 64 -17.05 48.01 66.05
C VAL D 64 -16.20 47.73 64.80
N LYS D 65 -16.77 47.00 63.86
CA LYS D 65 -16.02 46.79 62.61
C LYS D 65 -16.11 48.07 61.86
N GLY D 66 -15.02 48.46 61.22
CA GLY D 66 -14.98 49.63 60.34
C GLY D 66 -15.09 50.97 61.03
N ARG D 67 -15.69 51.02 62.23
CA ARG D 67 -15.88 52.33 62.91
C ARG D 67 -14.58 52.77 63.56
N PHE D 68 -13.69 51.85 63.94
CA PHE D 68 -12.34 52.18 64.37
C PHE D 68 -11.34 51.75 63.32
N THR D 69 -10.13 52.29 63.42
CA THR D 69 -8.98 51.77 62.67
C THR D 69 -7.80 51.66 63.63
N ILE D 70 -6.95 50.67 63.39
CA ILE D 70 -5.84 50.36 64.28
C ILE D 70 -4.56 50.34 63.46
N SER D 71 -3.49 50.91 64.03
CA SER D 71 -2.21 50.99 63.34
C SER D 71 -1.09 51.01 64.36
N ARG D 72 0.09 50.61 63.88
CA ARG D 72 1.29 50.58 64.74
C ARG D 72 2.45 51.25 64.01
N ASP D 73 3.32 51.95 64.74
CA ASP D 73 4.54 52.50 64.17
C ASP D 73 5.70 51.73 64.78
N ASN D 74 6.35 50.89 63.97
CA ASN D 74 7.41 50.03 64.45
C ASN D 74 8.65 50.83 64.82
N SER D 75 8.80 52.03 64.24
CA SER D 75 9.97 52.84 64.53
C SER D 75 9.91 53.42 65.94
N LYS D 76 8.72 53.89 66.34
CA LYS D 76 8.55 54.59 67.65
C LYS D 76 8.01 53.65 68.73
N ASN D 77 7.88 52.36 68.41
CA ASN D 77 7.40 51.33 69.34
C ASN D 77 6.13 51.81 70.06
N THR D 78 5.19 52.33 69.28
CA THR D 78 3.96 52.88 69.80
C THR D 78 2.77 52.26 69.08
N LEU D 79 1.74 51.93 69.84
CA LEU D 79 0.50 51.36 69.31
C LEU D 79 -0.58 52.43 69.28
N TYR D 80 -1.41 52.38 68.23
CA TYR D 80 -2.42 53.41 68.02
C TYR D 80 -3.78 52.78 67.77
N LEU D 81 -4.80 53.35 68.39
CA LEU D 81 -6.20 53.00 68.14
C LEU D 81 -6.95 54.28 67.75
N GLN D 82 -6.95 54.60 66.46
CA GLN D 82 -7.67 55.77 65.98
C GLN D 82 -9.14 55.44 65.93
N MET D 83 -9.94 56.11 66.75
CA MET D 83 -11.37 55.87 66.86
C MET D 83 -12.13 57.04 66.27
N ASN D 84 -13.16 56.74 65.49
CA ASN D 84 -14.05 57.75 64.94
C ASN D 84 -15.50 57.37 65.22
N SER D 85 -16.34 58.40 65.36
CA SER D 85 -17.79 58.24 65.54
C SER D 85 -18.13 57.42 66.78
N LEU D 86 -17.71 57.93 67.94
CA LEU D 86 -17.96 57.23 69.20
C LEU D 86 -19.44 57.29 69.56
N ARG D 87 -19.93 56.21 70.18
CA ARG D 87 -21.30 56.13 70.65
C ARG D 87 -21.32 55.99 72.17
N ALA D 88 -22.54 55.84 72.70
CA ALA D 88 -22.74 55.79 74.15
C ALA D 88 -22.19 54.51 74.75
N GLU D 89 -22.22 53.41 74.00
CA GLU D 89 -21.79 52.12 74.55
C GLU D 89 -20.27 51.98 74.56
N ASP D 90 -19.56 52.95 73.98
CA ASP D 90 -18.10 52.85 73.87
C ASP D 90 -17.37 53.20 75.16
N THR D 91 -18.06 53.65 76.20
CA THR D 91 -17.39 54.01 77.45
C THR D 91 -16.85 52.75 78.14
N ALA D 92 -15.53 52.78 78.40
CA ALA D 92 -14.80 51.62 78.88
C ALA D 92 -13.42 52.05 79.33
N VAL D 93 -12.70 51.11 79.93
CA VAL D 93 -11.28 51.29 80.23
C VAL D 93 -10.48 50.49 79.22
N TYR D 94 -10.01 51.15 78.17
CA TYR D 94 -9.35 50.44 77.07
C TYR D 94 -7.95 50.02 77.47
N TYR D 95 -7.62 48.76 77.18
CA TYR D 95 -6.34 48.16 77.52
C TYR D 95 -5.62 47.77 76.24
N CYS D 96 -4.34 48.12 76.15
CA CYS D 96 -3.49 47.61 75.08
C CYS D 96 -2.73 46.39 75.61
N ALA D 97 -2.94 45.26 74.97
CA ALA D 97 -2.36 43.99 75.38
C ALA D 97 -1.46 43.47 74.27
N LYS D 98 -0.67 42.43 74.58
CA LYS D 98 0.28 41.89 73.58
C LYS D 98 -0.02 40.43 73.32
N ASP D 99 -0.11 40.04 72.05
CA ASP D 99 -0.45 38.63 71.70
C ASP D 99 0.66 37.76 72.25
N SER D 100 0.32 36.62 72.85
CA SER D 100 1.38 35.82 73.51
C SER D 100 1.51 34.38 73.00
N GLY D 101 1.04 34.07 71.81
CA GLY D 101 1.14 32.67 71.37
C GLY D 101 1.83 32.56 70.03
N TYR D 102 2.42 31.42 69.73
CA TYR D 102 3.20 31.30 68.48
C TYR D 102 2.53 30.28 67.56
N ASN D 103 1.42 29.68 68.00
CA ASN D 103 0.71 28.71 67.20
C ASN D 103 -0.55 29.33 66.62
N TYR D 104 -0.95 28.86 65.44
CA TYR D 104 -2.00 29.54 64.65
C TYR D 104 -3.39 29.62 65.25
N GLY D 105 -3.90 28.54 65.85
CA GLY D 105 -5.30 28.56 66.21
C GLY D 105 -5.62 29.35 67.45
N TYR D 106 -4.68 29.40 68.40
CA TYR D 106 -4.95 29.94 69.72
C TYR D 106 -3.94 31.02 70.09
N SER D 107 -4.38 31.93 70.96
CA SER D 107 -3.59 33.07 71.38
C SER D 107 -4.12 33.59 72.71
N TRP D 108 -3.27 34.31 73.44
CA TRP D 108 -3.64 34.89 74.72
C TRP D 108 -2.84 36.16 74.98
N PHE D 109 -3.14 36.82 76.10
CA PHE D 109 -2.62 38.15 76.40
C PHE D 109 -1.82 38.10 77.69
N ASP D 110 -0.50 37.92 77.58
CA ASP D 110 0.27 37.83 78.82
C ASP D 110 0.54 39.22 79.42
N PRO D 111 1.11 40.21 78.72
CA PRO D 111 1.21 41.53 79.35
C PRO D 111 0.08 42.46 78.97
N TRP D 112 -0.23 43.39 79.87
CA TRP D 112 -1.38 44.30 79.65
C TRP D 112 -0.96 45.70 80.07
N GLY D 113 -1.37 46.72 79.34
CA GLY D 113 -1.10 48.10 79.76
C GLY D 113 -2.04 48.51 80.87
N GLN D 114 -1.74 49.60 81.59
CA GLN D 114 -2.52 50.05 82.78
C GLN D 114 -3.96 50.46 82.42
N GLY D 115 -4.18 51.07 81.26
CA GLY D 115 -5.55 51.41 80.82
C GLY D 115 -5.83 52.89 80.61
N THR D 116 -6.65 53.24 79.61
CA THR D 116 -7.07 54.64 79.38
C THR D 116 -8.61 54.70 79.46
N LEU D 117 -9.13 55.61 80.27
CA LEU D 117 -10.59 55.74 80.44
C LEU D 117 -11.16 56.61 79.34
N VAL D 118 -11.89 56.03 78.39
CA VAL D 118 -12.60 56.75 77.34
C VAL D 118 -14.05 56.90 77.79
N THR D 119 -14.46 58.14 78.05
CA THR D 119 -15.79 58.45 78.53
C THR D 119 -16.54 59.26 77.48
N VAL D 120 -17.78 58.86 77.19
CA VAL D 120 -18.64 59.58 76.27
C VAL D 120 -19.70 60.33 77.08
N SER D 121 -19.89 61.61 76.76
CA SER D 121 -20.73 62.50 77.55
C SER D 121 -21.98 62.87 76.75
N SER D 122 -23.12 62.32 77.15
CA SER D 122 -24.39 62.61 76.50
C SER D 122 -24.99 63.91 77.03
N SER E 1 -18.68 33.72 68.64
CA SER E 1 -20.11 33.44 68.61
C SER E 1 -20.57 32.75 69.90
N TYR E 2 -19.93 31.63 70.24
CA TYR E 2 -20.26 30.91 71.46
C TYR E 2 -19.81 31.71 72.68
N GLU E 3 -20.63 31.69 73.72
CA GLU E 3 -20.39 32.48 74.93
C GLU E 3 -19.95 31.57 76.06
N LEU E 4 -18.88 31.98 76.74
CA LEU E 4 -18.42 31.24 77.91
C LEU E 4 -19.32 31.55 79.10
N THR E 5 -19.75 30.50 79.80
CA THR E 5 -20.67 30.63 80.92
C THR E 5 -19.86 30.61 82.22
N GLN E 6 -19.77 31.75 82.89
CA GLN E 6 -18.97 31.92 84.09
C GLN E 6 -19.84 32.38 85.23
N PRO E 7 -19.69 31.82 86.43
CA PRO E 7 -20.56 32.17 87.57
C PRO E 7 -20.37 33.61 87.99
N PRO E 8 -21.46 34.30 88.38
CA PRO E 8 -21.33 35.68 88.84
C PRO E 8 -20.38 35.90 90.01
N SER E 9 -20.39 35.02 91.01
CA SER E 9 -19.63 35.26 92.23
C SER E 9 -19.42 33.96 93.00
N VAL E 10 -18.34 33.91 93.78
CA VAL E 10 -18.05 32.83 94.71
C VAL E 10 -17.66 33.44 96.05
N SER E 11 -17.98 32.74 97.13
CA SER E 11 -17.59 33.16 98.48
C SER E 11 -16.83 32.02 99.15
N VAL E 12 -15.54 32.23 99.39
CA VAL E 12 -14.68 31.22 99.99
C VAL E 12 -14.00 31.80 101.22
N SER E 13 -14.06 31.04 102.32
CA SER E 13 -13.35 31.34 103.54
C SER E 13 -11.85 31.16 103.35
N PRO E 14 -11.02 31.92 104.08
CA PRO E 14 -9.57 31.85 103.85
C PRO E 14 -8.98 30.54 104.34
N GLY E 15 -7.84 30.18 103.76
CA GLY E 15 -7.21 28.91 104.05
C GLY E 15 -7.99 27.72 103.55
N GLN E 16 -8.60 27.84 102.38
CA GLN E 16 -9.40 26.77 101.79
C GLN E 16 -9.06 26.70 100.30
N THR E 17 -9.85 25.94 99.55
CA THR E 17 -9.71 25.85 98.10
C THR E 17 -10.84 26.62 97.44
N ALA E 18 -10.60 27.11 96.23
CA ALA E 18 -11.55 27.93 95.51
C ALA E 18 -11.51 27.58 94.03
N ARG E 19 -12.40 26.69 93.60
CA ARG E 19 -12.43 26.22 92.22
C ARG E 19 -13.36 27.11 91.41
N ILE E 20 -12.84 27.67 90.31
CA ILE E 20 -13.61 28.54 89.42
C ILE E 20 -13.75 27.83 88.09
N THR E 21 -14.98 27.47 87.73
CA THR E 21 -15.24 26.67 86.53
C THR E 21 -16.11 27.46 85.56
N CYS E 22 -15.69 27.48 84.29
CA CYS E 22 -16.51 28.00 83.20
C CYS E 22 -16.48 26.99 82.06
N SER E 23 -17.63 26.74 81.45
CA SER E 23 -17.79 25.68 80.46
C SER E 23 -18.43 26.22 79.20
N ALA E 24 -18.01 25.69 78.06
CA ALA E 24 -18.61 26.03 76.78
C ALA E 24 -18.42 24.85 75.83
N ASP E 25 -19.21 24.83 74.76
CA ASP E 25 -19.21 23.68 73.86
C ASP E 25 -17.88 23.55 73.12
N ALA E 26 -17.23 24.67 72.83
CA ALA E 26 -15.93 24.65 72.17
C ALA E 26 -14.77 24.58 73.16
N LEU E 27 -15.03 24.70 74.46
CA LEU E 27 -13.96 24.59 75.45
C LEU E 27 -13.44 23.17 75.56
N ALA E 28 -14.23 22.17 75.16
CA ALA E 28 -13.73 20.80 75.14
C ALA E 28 -12.77 20.60 73.98
N LYS E 29 -12.76 21.49 72.98
CA LYS E 29 -11.87 21.22 71.83
C LYS E 29 -10.81 22.32 71.67
N GLN E 30 -10.94 23.41 72.42
CA GLN E 30 -9.98 24.54 72.39
C GLN E 30 -9.49 24.87 73.77
N TYR E 31 -8.27 25.41 73.88
CA TYR E 31 -7.65 25.81 75.13
C TYR E 31 -8.40 26.98 75.75
N ALA E 32 -8.18 27.17 77.05
CA ALA E 32 -8.74 28.29 77.79
C ALA E 32 -7.68 28.90 78.69
N TYR E 33 -7.82 30.19 78.99
CA TYR E 33 -6.84 30.97 79.72
C TYR E 33 -7.52 31.71 80.87
N TRP E 34 -6.77 31.95 81.93
CA TRP E 34 -7.29 32.61 83.11
C TRP E 34 -6.50 33.88 83.42
N TYR E 35 -7.21 34.97 83.66
CA TYR E 35 -6.61 36.23 84.05
C TYR E 35 -7.21 36.69 85.38
N GLN E 36 -6.39 37.39 86.16
CA GLN E 36 -6.82 37.97 87.41
C GLN E 36 -6.76 39.49 87.29
N GLN E 37 -7.90 40.15 87.54
CA GLN E 37 -7.95 41.63 87.50
C GLN E 37 -8.27 42.14 88.92
N LYS E 38 -7.25 42.52 89.68
CA LYS E 38 -7.47 43.04 91.03
C LYS E 38 -8.14 44.41 90.88
N PRO E 39 -8.97 44.87 91.83
CA PRO E 39 -9.70 46.15 91.70
C PRO E 39 -8.75 47.33 91.64
N GLY E 40 -8.82 48.06 90.52
CA GLY E 40 -7.93 49.18 90.28
C GLY E 40 -6.65 48.84 89.56
N GLN E 41 -6.44 47.58 89.20
CA GLN E 41 -5.23 47.15 88.52
C GLN E 41 -5.59 46.43 87.22
N ALA E 42 -4.62 46.38 86.32
CA ALA E 42 -4.80 45.72 85.04
C ALA E 42 -4.89 44.20 85.21
N PRO E 43 -5.57 43.51 84.31
CA PRO E 43 -5.55 42.04 84.34
C PRO E 43 -4.15 41.50 84.08
N VAL E 44 -3.82 40.41 84.78
CA VAL E 44 -2.55 39.71 84.62
C VAL E 44 -2.84 38.25 84.35
N LEU E 45 -2.04 37.63 83.49
CA LEU E 45 -2.20 36.21 83.18
C LEU E 45 -1.89 35.36 84.40
N VAL E 46 -2.73 34.35 84.64
CA VAL E 46 -2.58 33.46 85.78
C VAL E 46 -2.36 32.01 85.33
N ILE E 47 -3.27 31.49 84.51
CA ILE E 47 -3.16 30.14 83.98
C ILE E 47 -3.46 30.18 82.49
N TYR E 48 -2.54 29.62 81.70
CA TYR E 48 -2.71 29.60 80.26
C TYR E 48 -2.59 28.17 79.75
N LYS E 49 -3.29 27.82 78.69
CA LYS E 49 -3.26 26.44 78.10
C LYS E 49 -3.93 25.45 79.07
N ASP E 50 -4.75 25.92 79.99
CA ASP E 50 -5.55 25.11 80.92
C ASP E 50 -4.77 24.46 82.05
N SER E 51 -3.43 24.48 81.99
CA SER E 51 -2.65 23.90 83.08
C SER E 51 -1.38 24.66 83.42
N GLU E 52 -0.91 25.56 82.56
CA GLU E 52 0.46 26.03 82.66
C GLU E 52 0.53 27.37 83.38
N ARG E 53 1.40 27.46 84.37
CA ARG E 53 1.54 28.66 85.19
C ARG E 53 2.77 29.44 84.76
N PRO E 54 2.65 30.68 84.33
CA PRO E 54 3.84 31.49 84.05
C PRO E 54 4.53 31.94 85.33
N SER E 55 5.80 32.30 85.20
CA SER E 55 6.60 32.72 86.34
C SER E 55 6.11 34.05 86.89
N GLY E 56 6.29 34.24 88.19
CA GLY E 56 5.76 35.39 88.89
C GLY E 56 4.41 35.17 89.53
N ILE E 57 3.68 34.15 89.12
CA ILE E 57 2.41 33.77 89.72
C ILE E 57 2.71 32.75 90.82
N PRO E 58 2.14 32.91 92.02
CA PRO E 58 2.45 31.97 93.11
C PRO E 58 1.96 30.56 92.83
N GLU E 59 2.53 29.60 93.56
CA GLU E 59 2.29 28.18 93.32
C GLU E 59 0.89 27.75 93.71
N ARG E 60 0.12 28.58 94.46
CA ARG E 60 -1.26 28.29 94.88
C ARG E 60 -2.10 28.04 93.65
N PHE E 61 -1.94 28.86 92.68
CA PHE E 61 -2.80 28.77 91.51
C PHE E 61 -2.48 27.52 90.71
N SER E 62 -3.51 26.73 90.43
CA SER E 62 -3.41 25.56 89.59
C SER E 62 -4.67 25.43 88.75
N GLY E 63 -4.53 24.85 87.57
CA GLY E 63 -5.64 24.74 86.64
C GLY E 63 -5.66 23.39 85.98
N SER E 64 -6.84 22.98 85.56
CA SER E 64 -7.04 21.71 84.85
C SER E 64 -8.34 21.83 84.07
N SER E 65 -8.53 20.95 83.09
CA SER E 65 -9.81 20.92 82.35
C SER E 65 -10.39 19.52 82.41
N SER E 66 -11.70 19.38 82.40
CA SER E 66 -12.45 18.13 82.44
C SER E 66 -13.48 18.17 81.31
N GLY E 67 -13.05 17.80 80.11
CA GLY E 67 -13.92 17.82 78.95
C GLY E 67 -14.43 19.20 78.61
N THR E 68 -15.75 19.38 78.69
CA THR E 68 -16.36 20.68 78.43
C THR E 68 -15.91 21.71 79.46
N THR E 69 -15.90 21.34 80.74
CA THR E 69 -15.56 22.28 81.79
C THR E 69 -14.05 22.44 81.91
N VAL E 70 -13.62 23.69 82.10
CA VAL E 70 -12.27 24.00 82.55
C VAL E 70 -12.38 24.65 83.91
N THR E 71 -11.40 24.43 84.77
CA THR E 71 -11.49 24.89 86.15
C THR E 71 -10.21 25.59 86.57
N LEU E 72 -10.37 26.52 87.52
CA LEU E 72 -9.26 27.24 88.13
C LEU E 72 -9.40 27.14 89.65
N THR E 73 -8.52 26.37 90.28
CA THR E 73 -8.56 26.17 91.72
C THR E 73 -7.33 26.79 92.36
N ILE E 74 -7.51 27.26 93.59
CA ILE E 74 -6.46 27.94 94.35
C ILE E 74 -6.15 27.11 95.58
N SER E 75 -4.88 26.70 95.72
CA SER E 75 -4.45 25.86 96.84
C SER E 75 -4.12 26.75 98.04
N GLY E 76 -5.16 27.32 98.61
CA GLY E 76 -5.00 28.25 99.72
C GLY E 76 -5.46 29.65 99.35
N VAL E 77 -6.59 30.07 99.90
CA VAL E 77 -7.16 31.38 99.55
C VAL E 77 -6.60 32.43 100.50
N GLN E 78 -5.52 33.07 100.09
CA GLN E 78 -5.01 34.23 100.80
C GLN E 78 -5.87 35.44 100.47
N ALA E 79 -5.78 36.49 101.31
CA ALA E 79 -6.56 37.70 101.08
C ALA E 79 -6.10 38.46 99.85
N GLU E 80 -4.87 38.21 99.38
CA GLU E 80 -4.35 38.83 98.18
C GLU E 80 -5.00 38.31 96.90
N ASP E 81 -5.79 37.25 96.97
CA ASP E 81 -6.43 36.68 95.78
C ASP E 81 -7.84 37.22 95.56
N GLU E 82 -8.30 38.15 96.38
CA GLU E 82 -9.63 38.72 96.20
C GLU E 82 -9.64 39.63 94.99
N ALA E 83 -10.18 39.13 93.88
CA ALA E 83 -10.12 39.84 92.60
C ALA E 83 -11.16 39.33 91.61
N ASP E 84 -11.01 39.72 90.35
CA ASP E 84 -11.90 39.30 89.27
C ASP E 84 -11.16 38.32 88.38
N TYR E 85 -11.81 37.20 88.06
CA TYR E 85 -11.19 36.14 87.28
C TYR E 85 -11.99 35.89 86.02
N TYR E 86 -11.29 35.79 84.89
CA TYR E 86 -11.93 35.72 83.58
C TYR E 86 -11.43 34.51 82.81
N CYS E 87 -12.27 34.01 81.90
CA CYS E 87 -11.91 32.97 80.96
C CYS E 87 -11.63 33.60 79.61
N GLN E 88 -10.94 32.86 78.74
CA GLN E 88 -10.73 33.28 77.38
C GLN E 88 -10.54 32.07 76.47
N SER E 89 -11.17 32.08 75.31
CA SER E 89 -10.89 30.99 74.36
C SER E 89 -10.94 31.64 72.99
N THR E 90 -10.35 31.02 71.99
CA THR E 90 -10.29 31.68 70.68
C THR E 90 -11.28 30.98 69.74
N ASP E 91 -12.26 31.70 69.23
CA ASP E 91 -13.22 31.14 68.27
C ASP E 91 -12.68 31.33 66.86
N ASN E 92 -12.36 30.25 66.16
CA ASN E 92 -11.87 30.36 64.76
C ASN E 92 -13.06 30.18 63.81
N SER E 93 -14.30 30.19 64.32
CA SER E 93 -15.50 29.92 63.50
C SER E 93 -15.71 30.92 62.38
N GLY E 94 -15.47 32.22 62.63
CA GLY E 94 -15.75 33.26 61.63
C GLY E 94 -14.66 33.35 60.59
N THR E 95 -14.75 34.33 59.69
CA THR E 95 -13.74 34.47 58.61
C THR E 95 -12.37 34.68 59.27
N TYR E 96 -12.35 35.52 60.30
CA TYR E 96 -11.07 35.87 60.96
C TYR E 96 -11.09 35.41 62.43
N PRO E 97 -9.95 35.19 63.12
CA PRO E 97 -9.97 34.72 64.50
C PRO E 97 -10.69 35.66 65.45
N ASN E 98 -11.39 35.12 66.45
CA ASN E 98 -12.11 35.94 67.45
C ASN E 98 -11.64 35.53 68.84
N TRP E 99 -11.66 36.44 69.82
CA TRP E 99 -11.27 36.13 71.22
C TRP E 99 -12.46 36.40 72.13
N VAL E 100 -13.04 35.38 72.75
CA VAL E 100 -14.24 35.46 73.55
C VAL E 100 -13.85 35.40 75.03
N PHE E 101 -14.49 36.24 75.84
CA PHE E 101 -14.17 36.34 77.25
C PHE E 101 -15.32 35.77 78.06
N GLY E 102 -15.23 35.87 79.38
CA GLY E 102 -16.28 35.40 80.26
C GLY E 102 -16.84 36.54 81.08
N GLY E 103 -17.88 36.22 81.85
CA GLY E 103 -18.51 37.24 82.67
C GLY E 103 -17.62 37.74 83.81
N GLY E 104 -16.93 36.83 84.46
CA GLY E 104 -16.09 37.18 85.60
C GLY E 104 -16.71 36.74 86.91
N THR E 105 -15.84 36.43 87.87
CA THR E 105 -16.26 35.97 89.19
C THR E 105 -15.78 36.95 90.25
N LYS E 106 -16.68 37.30 91.17
CA LYS E 106 -16.33 38.11 92.33
C LYS E 106 -15.95 37.19 93.49
N LEU E 107 -14.65 36.97 93.66
CA LEU E 107 -14.14 36.10 94.72
C LEU E 107 -13.96 36.92 95.99
N THR E 108 -14.56 36.47 97.08
CA THR E 108 -14.53 37.18 98.35
C THR E 108 -13.90 36.29 99.41
N VAL E 109 -12.89 36.82 100.09
CA VAL E 109 -12.14 36.05 101.07
C VAL E 109 -12.76 36.08 102.47
N GLN F 1 -6.00 60.53 -71.19
CA GLN F 1 -7.10 61.51 -71.00
C GLN F 1 -8.21 60.77 -70.26
N VAL F 2 -7.96 60.42 -69.02
CA VAL F 2 -8.87 59.53 -68.31
C VAL F 2 -10.11 60.36 -68.27
N GLN F 3 -11.15 60.01 -69.03
CA GLN F 3 -12.22 60.99 -69.24
C GLN F 3 -13.51 60.51 -68.65
N LEU F 4 -14.26 61.36 -68.00
CA LEU F 4 -15.48 60.89 -67.37
C LEU F 4 -16.54 61.81 -67.88
N VAL F 5 -17.52 61.29 -68.62
CA VAL F 5 -18.57 62.14 -69.21
C VAL F 5 -19.76 61.60 -68.54
N GLU F 6 -20.58 62.46 -68.03
CA GLU F 6 -21.79 61.95 -67.48
C GLU F 6 -22.89 62.44 -68.38
N SER F 7 -24.17 62.12 -68.10
CA SER F 7 -25.39 62.67 -68.66
C SER F 7 -26.58 62.30 -67.79
N GLY F 8 -27.79 62.57 -68.29
CA GLY F 8 -28.99 62.17 -67.59
C GLY F 8 -29.42 63.10 -66.47
N GLY F 9 -29.25 64.40 -66.66
CA GLY F 9 -29.68 65.37 -65.66
C GLY F 9 -30.63 66.39 -66.22
N GLY F 10 -31.68 66.74 -65.47
CA GLY F 10 -32.67 67.69 -65.95
C GLY F 10 -33.56 68.19 -64.84
N VAL F 11 -34.53 69.01 -65.23
CA VAL F 11 -35.49 69.56 -64.27
C VAL F 11 -36.44 68.46 -63.81
N VAL F 12 -36.97 68.62 -62.61
CA VAL F 12 -37.80 67.59 -61.98
C VAL F 12 -38.64 68.25 -60.90
N GLN F 13 -39.81 67.67 -60.61
CA GLN F 13 -40.59 68.02 -59.44
C GLN F 13 -40.03 67.31 -58.22
N PRO F 14 -40.21 67.88 -57.02
CA PRO F 14 -39.83 67.18 -55.80
C PRO F 14 -40.64 65.90 -55.62
N GLY F 15 -39.97 64.85 -55.14
CA GLY F 15 -40.63 63.58 -54.93
C GLY F 15 -40.77 62.71 -56.16
N ARG F 16 -39.75 62.80 -57.02
CA ARG F 16 -39.71 61.97 -58.25
C ARG F 16 -38.27 61.45 -58.39
N SER F 17 -38.07 60.32 -59.05
CA SER F 17 -36.76 59.68 -59.13
C SER F 17 -36.05 60.08 -60.41
N LEU F 18 -34.75 60.34 -60.31
CA LEU F 18 -33.91 60.67 -61.45
C LEU F 18 -32.62 59.86 -61.34
N ARG F 19 -32.16 59.32 -62.48
CA ARG F 19 -30.98 58.46 -62.52
C ARG F 19 -29.88 59.13 -63.32
N LEU F 20 -28.69 59.21 -62.74
CA LEU F 20 -27.53 59.84 -63.38
C LEU F 20 -26.58 58.76 -63.88
N SER F 21 -26.16 58.88 -65.13
CA SER F 21 -25.25 57.91 -65.75
C SER F 21 -23.94 58.62 -66.10
N CYS F 22 -22.86 58.22 -65.44
CA CYS F 22 -21.53 58.75 -65.71
C CYS F 22 -20.70 57.69 -66.42
N ALA F 23 -20.31 57.97 -67.67
CA ALA F 23 -19.49 57.04 -68.42
C ALA F 23 -18.02 57.30 -68.13
N ALA F 24 -17.20 56.29 -68.42
CA ALA F 24 -15.75 56.36 -68.20
C ALA F 24 -15.03 55.84 -69.42
N SER F 25 -13.84 56.38 -69.67
CA SER F 25 -13.01 55.97 -70.79
C SER F 25 -11.56 56.34 -70.52
N GLY F 26 -10.66 55.61 -71.17
CA GLY F 26 -9.25 55.95 -71.13
C GLY F 26 -8.47 55.42 -69.96
N PHE F 27 -9.07 54.60 -69.11
CA PHE F 27 -8.37 54.05 -67.95
C PHE F 27 -9.09 52.79 -67.50
N THR F 28 -8.41 52.03 -66.64
CA THR F 28 -8.98 50.81 -66.07
C THR F 28 -10.06 51.22 -65.07
N PHE F 29 -11.32 51.10 -65.49
CA PHE F 29 -12.43 51.57 -64.65
C PHE F 29 -12.59 50.69 -63.42
N SER F 30 -12.34 49.38 -63.54
CA SER F 30 -12.57 48.47 -62.44
C SER F 30 -11.50 48.60 -61.35
N SER F 31 -10.32 49.12 -61.70
CA SER F 31 -9.22 49.16 -60.75
C SER F 31 -9.29 50.36 -59.81
N TYR F 32 -10.23 51.27 -60.08
CA TYR F 32 -10.28 52.54 -59.30
C TYR F 32 -11.66 52.78 -58.70
N GLY F 33 -11.70 53.25 -57.46
CA GLY F 33 -12.96 53.61 -56.86
C GLY F 33 -13.52 54.88 -57.44
N MET F 34 -14.75 55.19 -57.07
CA MET F 34 -15.40 56.37 -57.65
C MET F 34 -16.29 57.06 -56.63
N HIS F 35 -16.52 58.34 -56.76
CA HIS F 35 -17.29 59.18 -55.85
C HIS F 35 -18.28 60.02 -56.65
N TRP F 36 -19.21 60.62 -55.92
CA TRP F 36 -20.07 61.68 -56.45
C TRP F 36 -19.94 62.89 -55.55
N VAL F 37 -19.78 64.06 -56.17
CA VAL F 37 -19.67 65.32 -55.44
C VAL F 37 -20.61 66.32 -56.10
N ARG F 38 -21.45 66.96 -55.30
CA ARG F 38 -22.41 67.94 -55.81
C ARG F 38 -21.95 69.34 -55.43
N GLN F 39 -22.28 70.33 -56.21
CA GLN F 39 -21.95 71.69 -55.90
C GLN F 39 -23.21 72.49 -56.13
N ALA F 40 -23.79 72.97 -55.07
CA ALA F 40 -24.98 73.80 -55.09
C ALA F 40 -24.67 75.14 -55.76
N PRO F 41 -25.61 75.72 -56.51
CA PRO F 41 -25.34 76.99 -57.19
C PRO F 41 -25.10 78.13 -56.19
N GLY F 42 -23.93 78.74 -56.30
CA GLY F 42 -23.52 79.76 -55.35
C GLY F 42 -22.90 79.24 -54.09
N LYS F 43 -22.77 77.91 -54.01
CA LYS F 43 -22.19 77.29 -52.79
C LYS F 43 -21.04 76.37 -53.19
N GLY F 44 -20.26 75.91 -52.21
CA GLY F 44 -19.11 75.08 -52.48
C GLY F 44 -19.47 73.62 -52.72
N LEU F 45 -18.43 72.83 -52.97
CA LEU F 45 -18.60 71.41 -53.25
C LEU F 45 -19.00 70.64 -51.99
N GLU F 46 -19.70 69.53 -52.20
CA GLU F 46 -20.12 68.65 -51.13
C GLU F 46 -20.15 67.22 -51.63
N TRP F 47 -19.51 66.33 -50.87
CA TRP F 47 -19.47 64.91 -51.23
C TRP F 47 -20.76 64.23 -50.79
N VAL F 48 -21.27 63.32 -51.63
CA VAL F 48 -22.53 62.64 -51.34
C VAL F 48 -22.38 61.13 -51.26
N ALA F 49 -21.62 60.51 -52.17
CA ALA F 49 -21.68 59.05 -52.25
C ALA F 49 -20.31 58.46 -52.58
N VAL F 50 -20.15 57.18 -52.22
CA VAL F 50 -18.96 56.38 -52.48
C VAL F 50 -19.41 55.06 -53.09
N ILE F 51 -18.65 54.58 -54.07
CA ILE F 51 -18.74 53.18 -54.50
C ILE F 51 -17.33 52.61 -54.54
N SER F 52 -17.20 51.33 -54.18
CA SER F 52 -15.86 50.69 -54.16
C SER F 52 -15.47 50.34 -55.59
N TYR F 53 -14.25 49.81 -55.79
CA TYR F 53 -13.74 49.44 -57.13
C TYR F 53 -14.65 48.34 -57.67
N ASP F 54 -14.79 47.24 -56.94
CA ASP F 54 -15.70 46.13 -57.29
C ASP F 54 -17.16 46.60 -57.19
N GLY F 55 -17.47 47.46 -56.23
CA GLY F 55 -18.86 47.89 -56.00
C GLY F 55 -19.33 47.19 -54.75
N SER F 56 -18.41 46.49 -54.09
CA SER F 56 -18.75 45.71 -52.88
C SER F 56 -19.02 46.57 -51.65
N ASN F 57 -18.60 47.85 -51.64
CA ASN F 57 -18.76 48.74 -50.47
C ASN F 57 -19.31 50.09 -50.94
N LYS F 58 -20.14 50.75 -50.13
CA LYS F 58 -20.70 52.08 -50.49
C LYS F 58 -21.14 52.80 -49.23
N HIS F 59 -20.89 54.10 -49.14
CA HIS F 59 -21.24 54.89 -47.95
C HIS F 59 -21.95 56.11 -48.50
N TYR F 60 -22.81 56.77 -47.72
CA TYR F 60 -23.43 58.02 -48.21
C TYR F 60 -23.36 59.09 -47.14
N ALA F 61 -23.41 60.34 -47.55
CA ALA F 61 -23.42 61.44 -46.60
C ALA F 61 -24.64 61.33 -45.70
N ASP F 62 -24.50 61.84 -44.47
CA ASP F 62 -25.57 61.69 -43.48
C ASP F 62 -26.82 62.48 -43.87
N SER F 63 -26.66 63.51 -44.69
CA SER F 63 -27.83 64.26 -45.15
C SER F 63 -28.64 63.45 -46.17
N VAL F 64 -27.95 62.68 -47.02
CA VAL F 64 -28.62 61.91 -48.06
C VAL F 64 -28.31 60.41 -47.86
N LYS F 65 -28.28 59.98 -46.62
CA LYS F 65 -28.08 58.54 -46.40
C LYS F 65 -29.39 57.88 -46.75
N GLY F 66 -29.31 56.73 -47.40
CA GLY F 66 -30.48 55.91 -47.70
C GLY F 66 -31.41 56.48 -48.74
N ARG F 67 -31.43 57.79 -48.94
CA ARG F 67 -32.39 58.41 -49.91
C ARG F 67 -31.88 58.22 -51.34
N PHE F 68 -30.55 58.09 -51.54
CA PHE F 68 -30.00 57.70 -52.83
C PHE F 68 -29.43 56.29 -52.74
N THR F 69 -29.19 55.70 -53.90
CA THR F 69 -28.40 54.48 -54.00
C THR F 69 -27.43 54.64 -55.16
N ILE F 70 -26.26 54.03 -55.02
CA ILE F 70 -25.17 54.19 -55.98
C ILE F 70 -24.72 52.80 -56.43
N SER F 71 -24.47 52.66 -57.72
CA SER F 71 -24.06 51.39 -58.29
C SER F 71 -23.19 51.63 -59.52
N ARG F 72 -22.40 50.61 -59.84
CA ARG F 72 -21.50 50.68 -61.02
C ARG F 72 -21.64 49.39 -61.82
N ASP F 73 -21.54 49.49 -63.14
CA ASP F 73 -21.52 48.32 -64.01
C ASP F 73 -20.11 48.24 -64.60
N ASN F 74 -19.34 47.26 -64.14
CA ASN F 74 -17.94 47.13 -64.56
C ASN F 74 -17.83 46.71 -66.02
N SER F 75 -18.88 46.09 -66.56
CA SER F 75 -18.85 45.65 -67.95
C SER F 75 -18.95 46.82 -68.90
N LYS F 76 -19.83 47.79 -68.60
CA LYS F 76 -20.10 48.93 -69.51
C LYS F 76 -19.31 50.18 -69.09
N ASN F 77 -18.44 50.06 -68.10
CA ASN F 77 -17.60 51.15 -67.61
C ASN F 77 -18.44 52.42 -67.40
N THR F 78 -19.56 52.25 -66.72
CA THR F 78 -20.51 53.32 -66.49
C THR F 78 -20.83 53.40 -65.01
N LEU F 79 -20.90 54.63 -64.48
CA LEU F 79 -21.23 54.88 -63.09
C LEU F 79 -22.66 55.39 -62.99
N TYR F 80 -23.35 54.96 -61.94
CA TYR F 80 -24.77 55.29 -61.78
C TYR F 80 -25.04 55.85 -60.39
N LEU F 81 -25.86 56.90 -60.35
CA LEU F 81 -26.38 57.45 -59.10
C LEU F 81 -27.89 57.48 -59.20
N GLN F 82 -28.53 56.38 -58.78
CA GLN F 82 -29.99 56.30 -58.78
C GLN F 82 -30.50 57.08 -57.58
N MET F 83 -31.22 58.16 -57.85
CA MET F 83 -31.74 59.06 -56.81
C MET F 83 -33.25 58.91 -56.74
N ASN F 84 -33.77 58.83 -55.52
CA ASN F 84 -35.20 58.80 -55.28
C ASN F 84 -35.57 59.84 -54.23
N SER F 85 -36.80 60.36 -54.35
CA SER F 85 -37.38 61.31 -53.39
C SER F 85 -36.54 62.58 -53.27
N LEU F 86 -36.40 63.30 -54.38
CA LEU F 86 -35.61 64.52 -54.39
C LEU F 86 -36.32 65.63 -53.62
N ARG F 87 -35.53 66.46 -52.94
CA ARG F 87 -36.04 67.62 -52.22
C ARG F 87 -35.51 68.90 -52.83
N ALA F 88 -35.88 70.02 -52.19
CA ALA F 88 -35.53 71.34 -52.70
C ALA F 88 -34.04 71.62 -52.59
N GLU F 89 -33.38 71.08 -51.57
CA GLU F 89 -31.96 71.37 -51.34
C GLU F 89 -31.06 70.56 -52.26
N ASP F 90 -31.63 69.63 -53.04
CA ASP F 90 -30.82 68.75 -53.88
C ASP F 90 -30.35 69.41 -55.17
N THR F 91 -30.78 70.64 -55.46
CA THR F 91 -30.36 71.30 -56.70
C THR F 91 -28.87 71.64 -56.64
N ALA F 92 -28.13 71.14 -57.64
CA ALA F 92 -26.68 71.23 -57.65
C ALA F 92 -26.18 70.82 -59.03
N VAL F 93 -24.87 70.98 -59.23
CA VAL F 93 -24.19 70.45 -60.40
C VAL F 93 -23.41 69.21 -59.98
N TYR F 94 -24.01 68.04 -60.20
CA TYR F 94 -23.41 66.80 -59.70
C TYR F 94 -22.23 66.39 -60.54
N TYR F 95 -21.13 66.04 -59.88
CA TYR F 95 -19.88 65.67 -60.53
C TYR F 95 -19.55 64.22 -60.18
N CYS F 96 -19.19 63.43 -61.18
CA CYS F 96 -18.64 62.10 -60.94
C CYS F 96 -17.12 62.19 -60.97
N ALA F 97 -16.49 61.83 -59.85
CA ALA F 97 -15.06 61.93 -59.69
C ALA F 97 -14.48 60.54 -59.45
N LYS F 98 -13.15 60.43 -59.48
CA LYS F 98 -12.51 59.11 -59.33
C LYS F 98 -11.56 59.13 -58.13
N ASP F 99 -11.66 58.14 -57.25
CA ASP F 99 -10.82 58.12 -56.04
C ASP F 99 -9.37 58.01 -56.50
N SER F 100 -8.46 58.77 -55.89
CA SER F 100 -7.08 58.79 -56.42
C SER F 100 -6.00 58.36 -55.41
N GLY F 101 -6.34 57.64 -54.36
CA GLY F 101 -5.28 57.30 -53.39
C GLY F 101 -5.23 55.81 -53.16
N TYR F 102 -4.07 55.29 -52.74
CA TYR F 102 -3.94 53.83 -52.58
C TYR F 102 -3.73 53.49 -51.11
N ASN F 103 -3.69 54.50 -50.23
CA ASN F 103 -3.51 54.27 -48.81
C ASN F 103 -4.83 54.43 -48.09
N TYR F 104 -5.01 53.68 -46.99
CA TYR F 104 -6.34 53.56 -46.34
C TYR F 104 -6.95 54.82 -45.76
N GLY F 105 -6.17 55.65 -45.06
CA GLY F 105 -6.81 56.71 -44.32
C GLY F 105 -7.26 57.89 -45.17
N TYR F 106 -6.55 58.17 -46.25
CA TYR F 106 -6.73 59.39 -47.01
C TYR F 106 -6.97 59.09 -48.48
N SER F 107 -7.68 60.01 -49.14
CA SER F 107 -8.07 59.86 -50.53
C SER F 107 -8.39 61.23 -51.11
N TRP F 108 -8.30 61.34 -52.44
CA TRP F 108 -8.60 62.59 -53.14
C TRP F 108 -9.13 62.29 -54.53
N PHE F 109 -9.50 63.36 -55.24
CA PHE F 109 -10.21 63.25 -56.52
C PHE F 109 -9.38 63.89 -57.62
N ASP F 110 -8.57 63.09 -58.33
CA ASP F 110 -7.75 63.72 -59.36
C ASP F 110 -8.55 63.99 -60.64
N PRO F 111 -9.25 63.04 -61.27
CA PRO F 111 -10.08 63.44 -62.42
C PRO F 111 -11.54 63.69 -62.04
N TRP F 112 -12.19 64.56 -62.81
CA TRP F 112 -13.57 64.95 -62.50
C TRP F 112 -14.35 65.00 -63.80
N GLY F 113 -15.61 64.55 -63.79
CA GLY F 113 -16.45 64.69 -64.98
C GLY F 113 -16.95 66.10 -65.13
N GLN F 114 -17.47 66.48 -66.31
CA GLN F 114 -17.89 67.87 -66.62
C GLN F 114 -19.07 68.34 -65.74
N GLY F 115 -20.01 67.46 -65.42
CA GLY F 115 -21.12 67.81 -64.52
C GLY F 115 -22.52 67.70 -65.11
N THR F 116 -23.51 67.29 -64.31
CA THR F 116 -24.94 67.26 -64.75
C THR F 116 -25.75 68.15 -63.83
N LEU F 117 -26.53 69.06 -64.40
CA LEU F 117 -27.35 70.00 -63.58
C LEU F 117 -28.66 69.34 -63.21
N VAL F 118 -28.85 68.97 -61.95
CA VAL F 118 -30.09 68.44 -61.42
C VAL F 118 -30.84 69.61 -60.78
N THR F 119 -31.98 69.96 -61.36
CA THR F 119 -32.79 71.08 -60.90
C THR F 119 -34.12 70.56 -60.38
N VAL F 120 -34.54 71.02 -59.21
CA VAL F 120 -35.83 70.68 -58.63
C VAL F 120 -36.75 71.89 -58.77
N SER F 121 -37.98 71.65 -59.24
CA SER F 121 -38.90 72.72 -59.59
C SER F 121 -40.08 72.72 -58.61
N SER F 122 -40.11 73.71 -57.72
CA SER F 122 -41.20 73.83 -56.77
C SER F 122 -42.40 74.54 -57.38
N SER G 1 -17.24 65.76 -39.73
CA SER G 1 -17.77 66.53 -38.60
C SER G 1 -17.09 67.89 -38.50
N TYR G 2 -15.76 67.88 -38.42
CA TYR G 2 -15.01 69.12 -38.34
C TYR G 2 -15.06 69.86 -39.68
N GLU G 3 -15.18 71.18 -39.62
CA GLU G 3 -15.34 72.02 -40.80
C GLU G 3 -14.06 72.77 -41.09
N LEU G 4 -13.62 72.74 -42.34
CA LEU G 4 -12.46 73.51 -42.76
C LEU G 4 -12.84 74.98 -42.91
N THR G 5 -12.02 75.85 -42.32
CA THR G 5 -12.28 77.28 -42.33
C THR G 5 -11.47 77.93 -43.45
N GLN G 6 -12.16 78.37 -44.50
CA GLN G 6 -11.53 78.93 -45.68
C GLN G 6 -12.03 80.35 -45.91
N PRO G 7 -11.15 81.29 -46.24
CA PRO G 7 -11.57 82.71 -46.41
C PRO G 7 -12.51 82.87 -47.58
N PRO G 8 -13.51 83.75 -47.46
CA PRO G 8 -14.43 83.99 -48.58
C PRO G 8 -13.77 84.44 -49.88
N SER G 9 -12.78 85.34 -49.82
CA SER G 9 -12.22 85.93 -51.03
C SER G 9 -10.85 86.53 -50.76
N VAL G 10 -10.03 86.60 -51.80
CA VAL G 10 -8.73 87.27 -51.77
C VAL G 10 -8.65 88.15 -53.01
N SER G 11 -7.94 89.27 -52.91
CA SER G 11 -7.69 90.15 -54.04
C SER G 11 -6.19 90.36 -54.17
N VAL G 12 -5.60 89.86 -55.27
CA VAL G 12 -4.17 89.94 -55.50
C VAL G 12 -3.93 90.58 -56.87
N SER G 13 -3.04 91.56 -56.90
CA SER G 13 -2.56 92.20 -58.11
C SER G 13 -1.69 91.22 -58.90
N PRO G 14 -1.67 91.33 -60.24
CA PRO G 14 -0.92 90.36 -61.04
C PRO G 14 0.59 90.52 -60.88
N GLY G 15 1.29 89.42 -61.15
CA GLY G 15 2.74 89.40 -60.94
C GLY G 15 3.15 89.47 -59.49
N GLN G 16 2.40 88.82 -58.61
CA GLN G 16 2.67 88.82 -57.17
C GLN G 16 2.48 87.40 -56.66
N THR G 17 2.46 87.24 -55.34
CA THR G 17 2.19 85.97 -54.71
C THR G 17 0.79 85.98 -54.11
N ALA G 18 0.18 84.80 -53.99
CA ALA G 18 -1.19 84.68 -53.52
C ALA G 18 -1.30 83.43 -52.65
N ARG G 19 -1.18 83.60 -51.34
CA ARG G 19 -1.21 82.49 -50.40
C ARG G 19 -2.64 82.28 -49.93
N ILE G 20 -3.13 81.04 -50.08
CA ILE G 20 -4.49 80.66 -49.69
C ILE G 20 -4.37 79.66 -48.55
N THR G 21 -4.83 80.06 -47.36
CA THR G 21 -4.67 79.24 -46.15
C THR G 21 -6.04 78.86 -45.60
N CYS G 22 -6.20 77.57 -45.30
CA CYS G 22 -7.35 77.08 -44.56
C CYS G 22 -6.84 76.16 -43.46
N SER G 23 -7.42 76.29 -42.26
CA SER G 23 -6.93 75.61 -41.08
C SER G 23 -8.07 74.88 -40.37
N ALA G 24 -7.75 73.72 -39.80
CA ALA G 24 -8.70 72.95 -39.02
C ALA G 24 -7.91 72.12 -38.01
N ASP G 25 -8.62 71.65 -36.96
CA ASP G 25 -7.96 70.96 -35.87
C ASP G 25 -7.37 69.62 -36.32
N ALA G 26 -8.01 68.97 -37.28
CA ALA G 26 -7.51 67.71 -37.81
C ALA G 26 -6.57 67.90 -38.99
N LEU G 27 -6.43 69.13 -39.50
CA LEU G 27 -5.49 69.38 -40.59
C LEU G 27 -4.05 69.29 -40.15
N ALA G 28 -3.77 69.44 -38.86
CA ALA G 28 -2.43 69.21 -38.35
C ALA G 28 -2.09 67.73 -38.33
N LYS G 29 -3.09 66.84 -38.40
CA LYS G 29 -2.74 65.40 -38.29
C LYS G 29 -3.10 64.64 -39.56
N GLN G 30 -3.84 65.27 -40.46
CA GLN G 30 -4.26 64.66 -41.75
C GLN G 30 -3.87 65.54 -42.91
N TYR G 31 -3.63 64.92 -44.07
CA TYR G 31 -3.27 65.61 -45.32
C TYR G 31 -4.43 66.48 -45.82
N ALA G 32 -4.09 67.44 -46.67
CA ALA G 32 -5.08 68.29 -47.31
C ALA G 32 -4.75 68.44 -48.79
N TYR G 33 -5.78 68.69 -49.59
CA TYR G 33 -5.68 68.73 -51.04
C TYR G 33 -6.31 70.02 -51.57
N TRP G 34 -5.80 70.49 -52.70
CA TRP G 34 -6.28 71.72 -53.30
C TRP G 34 -6.79 71.47 -54.72
N TYR G 35 -7.97 72.00 -55.01
CA TYR G 35 -8.57 71.94 -56.33
C TYR G 35 -8.86 73.34 -56.83
N GLN G 36 -8.77 73.50 -58.15
CA GLN G 36 -9.10 74.76 -58.80
C GLN G 36 -10.32 74.55 -59.68
N GLN G 37 -11.37 75.34 -59.44
CA GLN G 37 -12.61 75.25 -60.26
C GLN G 37 -12.78 76.58 -61.01
N LYS G 38 -12.33 76.63 -62.27
CA LYS G 38 -12.49 77.86 -63.06
C LYS G 38 -13.97 78.02 -63.36
N PRO G 39 -14.50 79.25 -63.53
CA PRO G 39 -15.95 79.47 -63.75
C PRO G 39 -16.43 78.83 -65.05
N GLY G 40 -17.36 77.89 -64.92
CA GLY G 40 -17.87 77.14 -66.05
C GLY G 40 -17.13 75.86 -66.35
N GLN G 41 -16.12 75.51 -65.57
CA GLN G 41 -15.34 74.31 -65.79
C GLN G 41 -15.31 73.47 -64.53
N ALA G 42 -15.02 72.18 -64.72
CA ALA G 42 -14.96 71.24 -63.61
C ALA G 42 -13.74 71.52 -62.73
N PRO G 43 -13.79 71.18 -61.45
CA PRO G 43 -12.60 71.27 -60.61
C PRO G 43 -11.50 70.33 -61.09
N VAL G 44 -10.26 70.79 -60.99
CA VAL G 44 -9.08 70.00 -61.33
C VAL G 44 -8.13 70.02 -60.14
N LEU G 45 -7.45 68.90 -59.91
CA LEU G 45 -6.49 68.80 -58.81
C LEU G 45 -5.29 69.70 -59.08
N VAL G 46 -4.85 70.41 -58.05
CA VAL G 46 -3.74 71.35 -58.15
C VAL G 46 -2.58 70.93 -57.22
N ILE G 47 -2.87 70.76 -55.93
CA ILE G 47 -1.87 70.33 -54.96
C ILE G 47 -2.49 69.25 -54.09
N TYR G 48 -1.80 68.12 -54.00
CA TYR G 48 -2.28 67.01 -53.19
C TYR G 48 -1.21 66.60 -52.20
N LYS G 49 -1.60 66.10 -51.02
CA LYS G 49 -0.64 65.68 -49.96
C LYS G 49 0.07 66.89 -49.37
N ASP G 50 -0.46 68.10 -49.55
CA ASP G 50 0.03 69.35 -48.98
C ASP G 50 1.29 69.90 -49.64
N SER G 51 1.95 69.14 -50.50
CA SER G 51 3.15 69.64 -51.18
C SER G 51 3.29 69.20 -52.63
N GLU G 52 2.56 68.18 -53.06
CA GLU G 52 2.94 67.48 -54.29
C GLU G 52 2.10 67.98 -55.46
N ARG G 53 2.77 68.33 -56.55
CA ARG G 53 2.10 68.86 -57.73
C ARG G 53 2.00 67.79 -58.80
N PRO G 54 0.81 67.44 -59.26
CA PRO G 54 0.70 66.51 -60.38
C PRO G 54 1.08 67.18 -61.70
N SER G 55 1.40 66.35 -62.69
CA SER G 55 1.81 66.85 -63.99
C SER G 55 0.64 67.50 -64.72
N GLY G 56 0.95 68.49 -65.56
CA GLY G 56 -0.04 69.29 -66.22
C GLY G 56 -0.40 70.58 -65.51
N ILE G 57 -0.07 70.68 -64.22
CA ILE G 57 -0.25 71.90 -63.44
C ILE G 57 1.04 72.72 -63.55
N PRO G 58 0.96 74.01 -63.83
CA PRO G 58 2.19 74.81 -63.99
C PRO G 58 2.98 74.92 -62.70
N GLU G 59 4.26 75.28 -62.86
CA GLU G 59 5.21 75.29 -61.75
C GLU G 59 4.93 76.40 -60.74
N ARG G 60 4.08 77.40 -61.08
CA ARG G 60 3.72 78.53 -60.19
C ARG G 60 3.12 77.97 -58.92
N PHE G 61 2.26 77.02 -59.07
CA PHE G 61 1.56 76.51 -57.89
C PHE G 61 2.51 75.74 -56.99
N SER G 62 2.52 76.12 -55.72
CA SER G 62 3.28 75.41 -54.70
C SER G 62 2.48 75.40 -53.40
N GLY G 63 2.68 74.37 -52.60
CA GLY G 63 1.93 74.21 -51.38
C GLY G 63 2.82 73.74 -50.26
N SER G 64 2.40 74.06 -49.03
CA SER G 64 3.11 73.64 -47.83
C SER G 64 2.11 73.69 -46.68
N SER G 65 2.44 73.02 -45.57
CA SER G 65 1.59 73.10 -44.37
C SER G 65 2.44 73.55 -43.18
N SER G 66 1.86 74.27 -42.25
CA SER G 66 2.49 74.77 -41.02
C SER G 66 1.59 74.39 -39.84
N GLY G 67 1.77 73.17 -39.35
CA GLY G 67 0.97 72.66 -38.24
C GLY G 67 -0.50 72.59 -38.57
N THR G 68 -1.31 73.36 -37.84
CA THR G 68 -2.75 73.40 -38.10
C THR G 68 -3.05 73.97 -39.48
N THR G 69 -2.38 75.04 -39.86
CA THR G 69 -2.66 75.68 -41.14
C THR G 69 -1.97 74.96 -42.29
N VAL G 70 -2.69 74.82 -43.39
CA VAL G 70 -2.10 74.43 -44.68
C VAL G 70 -2.29 75.61 -45.62
N THR G 71 -1.35 75.80 -46.53
CA THR G 71 -1.38 76.98 -47.39
C THR G 71 -1.16 76.59 -48.85
N LEU G 72 -1.71 77.42 -49.74
CA LEU G 72 -1.54 77.29 -51.18
C LEU G 72 -1.10 78.64 -51.73
N THR G 73 0.15 78.73 -52.14
CA THR G 73 0.70 79.96 -52.68
C THR G 73 1.03 79.81 -54.16
N ILE G 74 0.91 80.91 -54.89
CA ILE G 74 1.14 80.93 -56.33
C ILE G 74 2.32 81.83 -56.61
N SER G 75 3.34 81.29 -57.27
CA SER G 75 4.56 82.02 -57.58
C SER G 75 4.37 82.81 -58.89
N GLY G 76 3.52 83.82 -58.81
CA GLY G 76 3.18 84.61 -59.98
C GLY G 76 1.71 84.47 -60.34
N VAL G 77 0.94 85.52 -60.09
CA VAL G 77 -0.50 85.47 -60.33
C VAL G 77 -0.79 85.91 -61.76
N GLN G 78 -0.86 84.94 -62.68
CA GLN G 78 -1.32 85.19 -64.03
C GLN G 78 -2.84 85.31 -64.02
N ALA G 79 -3.39 85.90 -65.09
CA ALA G 79 -4.84 86.08 -65.19
C ALA G 79 -5.56 84.75 -65.36
N GLU G 80 -4.85 83.70 -65.80
CA GLU G 80 -5.43 82.38 -65.95
C GLU G 80 -5.71 81.68 -64.63
N ASP G 81 -5.26 82.24 -63.50
CA ASP G 81 -5.47 81.63 -62.20
C ASP G 81 -6.70 82.17 -61.48
N GLU G 82 -7.45 83.07 -62.12
CA GLU G 82 -8.66 83.61 -61.50
C GLU G 82 -9.75 82.55 -61.47
N ALA G 83 -9.93 81.94 -60.29
CA ALA G 83 -10.84 80.79 -60.16
C ALA G 83 -11.25 80.57 -58.72
N ASP G 84 -11.85 79.40 -58.44
CA ASP G 84 -12.29 79.02 -57.11
C ASP G 84 -11.37 77.92 -56.61
N TYR G 85 -10.90 78.07 -55.37
CA TYR G 85 -9.94 77.14 -54.78
C TYR G 85 -10.53 76.53 -53.52
N TYR G 86 -10.41 75.20 -53.39
CA TYR G 86 -11.05 74.46 -52.32
C TYR G 86 -10.04 73.61 -51.58
N CYS G 87 -10.34 73.35 -50.30
CA CYS G 87 -9.58 72.42 -49.48
C CYS G 87 -10.33 71.09 -49.40
N GLN G 88 -9.63 70.04 -49.01
CA GLN G 88 -10.25 68.75 -48.77
C GLN G 88 -9.43 67.96 -47.75
N SER G 89 -10.10 67.33 -46.81
CA SER G 89 -9.36 66.44 -45.90
C SER G 89 -10.29 65.29 -45.61
N THR G 90 -9.77 64.17 -45.16
CA THR G 90 -10.65 63.00 -44.98
C THR G 90 -10.86 62.80 -43.48
N ASP G 91 -12.10 62.86 -43.02
CA ASP G 91 -12.43 62.61 -41.60
C ASP G 91 -12.71 61.13 -41.41
N ASN G 92 -11.87 60.43 -40.66
CA ASN G 92 -12.11 58.99 -40.39
C ASN G 92 -12.85 58.85 -39.07
N SER G 93 -13.36 59.95 -38.50
CA SER G 93 -14.00 59.93 -37.16
C SER G 93 -15.25 59.04 -37.10
N GLY G 94 -16.08 59.06 -38.13
CA GLY G 94 -17.36 58.32 -38.10
C GLY G 94 -17.16 56.84 -38.39
N THR G 95 -18.25 56.08 -38.50
CA THR G 95 -18.14 54.63 -38.74
C THR G 95 -17.42 54.42 -40.06
N TYR G 96 -17.78 55.23 -41.06
CA TYR G 96 -17.20 55.06 -42.41
C TYR G 96 -16.42 56.33 -42.82
N PRO G 97 -15.45 56.30 -43.76
CA PRO G 97 -14.69 57.48 -44.11
C PRO G 97 -15.55 58.63 -44.63
N ASN G 98 -15.18 59.87 -44.33
CA ASN G 98 -15.94 61.06 -44.79
C ASN G 98 -14.96 61.99 -45.52
N TRP G 99 -15.43 62.76 -46.49
CA TRP G 99 -14.58 63.74 -47.22
C TRP G 99 -15.17 65.13 -47.02
N VAL G 100 -14.46 66.02 -46.33
CA VAL G 100 -14.91 67.35 -45.96
C VAL G 100 -14.25 68.37 -46.87
N PHE G 101 -15.02 69.35 -47.34
CA PHE G 101 -14.53 70.35 -48.27
C PHE G 101 -14.46 71.70 -47.54
N GLY G 102 -14.10 72.74 -48.28
CA GLY G 102 -14.03 74.07 -47.72
C GLY G 102 -14.99 75.00 -48.42
N GLY G 103 -15.06 76.23 -47.91
CA GLY G 103 -15.97 77.21 -48.48
C GLY G 103 -15.59 77.64 -49.88
N GLY G 104 -14.30 77.87 -50.11
CA GLY G 104 -13.83 78.34 -51.39
C GLY G 104 -13.42 79.81 -51.33
N THR G 105 -12.45 80.15 -52.17
CA THR G 105 -11.91 81.51 -52.25
C THR G 105 -12.14 82.08 -53.63
N LYS G 106 -12.63 83.31 -53.68
CA LYS G 106 -12.76 84.05 -54.93
C LYS G 106 -11.49 84.86 -55.17
N LEU G 107 -10.59 84.31 -55.98
CA LEU G 107 -9.33 84.97 -56.29
C LEU G 107 -9.53 85.88 -57.49
N THR G 108 -9.17 87.15 -57.33
CA THR G 108 -9.36 88.16 -58.37
C THR G 108 -8.01 88.75 -58.75
N VAL G 109 -7.72 88.75 -60.05
CA VAL G 109 -6.42 89.20 -60.54
C VAL G 109 -6.38 90.71 -60.80
N GLN H 1 -72.15 -59.70 1.26
CA GLN H 1 -73.45 -59.00 1.32
C GLN H 1 -73.23 -57.73 2.14
N VAL H 2 -72.46 -56.80 1.60
CA VAL H 2 -72.01 -55.67 2.41
C VAL H 2 -73.31 -55.01 2.70
N GLN H 3 -73.79 -55.05 3.95
CA GLN H 3 -75.20 -54.71 4.17
C GLN H 3 -75.31 -53.49 5.04
N LEU H 4 -76.20 -52.58 4.71
CA LEU H 4 -76.28 -51.37 5.51
C LEU H 4 -77.72 -51.26 5.89
N VAL H 5 -78.02 -51.32 7.19
CA VAL H 5 -79.44 -51.29 7.66
C VAL H 5 -79.42 -50.05 8.44
N GLU H 6 -80.40 -49.22 8.22
CA GLU H 6 -80.45 -48.08 9.07
C GLU H 6 -81.69 -48.26 9.92
N SER H 7 -82.01 -47.32 10.82
CA SER H 7 -83.25 -47.15 11.56
C SER H 7 -83.33 -45.76 12.16
N GLY H 8 -84.31 -45.53 13.03
CA GLY H 8 -84.42 -44.26 13.73
C GLY H 8 -85.07 -43.15 12.95
N GLY H 9 -86.08 -43.47 12.14
CA GLY H 9 -86.80 -42.45 11.39
C GLY H 9 -88.28 -42.46 11.66
N GLY H 10 -88.89 -41.28 11.80
CA GLY H 10 -90.30 -41.20 12.11
C GLY H 10 -90.85 -39.81 11.89
N VAL H 11 -92.13 -39.66 12.22
CA VAL H 11 -92.80 -38.36 12.08
C VAL H 11 -92.29 -37.40 13.13
N VAL H 12 -92.35 -36.11 12.84
CA VAL H 12 -91.77 -35.08 13.69
C VAL H 12 -92.43 -33.75 13.35
N GLN H 13 -92.48 -32.85 14.33
CA GLN H 13 -92.85 -31.47 14.08
C GLN H 13 -91.64 -30.69 13.57
N PRO H 14 -91.85 -29.63 12.79
CA PRO H 14 -90.72 -28.78 12.40
C PRO H 14 -90.06 -28.12 13.60
N GLY H 15 -88.74 -28.02 13.55
CA GLY H 15 -88.00 -27.41 14.64
C GLY H 15 -87.73 -28.31 15.82
N ARG H 16 -87.50 -29.60 15.51
CA ARG H 16 -87.17 -30.61 16.54
C ARG H 16 -86.06 -31.48 15.97
N SER H 17 -85.22 -32.07 16.82
CA SER H 17 -84.05 -32.81 16.37
C SER H 17 -84.38 -34.31 16.27
N LEU H 18 -83.87 -34.94 15.21
CA LEU H 18 -84.01 -36.38 14.99
C LEU H 18 -82.67 -36.94 14.57
N ARG H 19 -82.32 -38.10 15.11
CA ARG H 19 -81.02 -38.73 14.87
C ARG H 19 -81.22 -40.04 14.13
N LEU H 20 -80.49 -40.21 13.02
CA LEU H 20 -80.58 -41.41 12.19
C LEU H 20 -79.36 -42.29 12.43
N SER H 21 -79.60 -43.57 12.67
CA SER H 21 -78.52 -44.53 12.94
C SER H 21 -78.50 -45.57 11.82
N CYS H 22 -77.43 -45.59 11.04
CA CYS H 22 -77.25 -46.56 9.97
C CYS H 22 -76.16 -47.56 10.38
N ALA H 23 -76.54 -48.82 10.55
CA ALA H 23 -75.58 -49.86 10.90
C ALA H 23 -74.94 -50.43 9.65
N ALA H 24 -73.78 -51.06 9.84
CA ALA H 24 -73.02 -51.66 8.75
C ALA H 24 -72.57 -53.05 9.15
N SER H 25 -72.46 -53.93 8.16
CA SER H 25 -72.02 -55.30 8.39
C SER H 25 -71.49 -55.88 7.10
N GLY H 26 -70.62 -56.87 7.23
CA GLY H 26 -70.14 -57.63 6.09
C GLY H 26 -68.97 -57.04 5.34
N PHE H 27 -68.38 -55.96 5.83
CA PHE H 27 -67.25 -55.34 5.15
C PHE H 27 -66.48 -54.49 6.15
N THR H 28 -65.27 -54.11 5.77
CA THR H 28 -64.42 -53.25 6.59
C THR H 28 -65.02 -51.85 6.59
N PHE H 29 -65.71 -51.51 7.68
CA PHE H 29 -66.41 -50.24 7.76
C PHE H 29 -65.45 -49.06 7.81
N SER H 30 -64.30 -49.24 8.47
CA SER H 30 -63.37 -48.13 8.64
C SER H 30 -62.61 -47.82 7.36
N SER H 31 -62.50 -48.78 6.44
CA SER H 31 -61.70 -48.58 5.25
C SER H 31 -62.43 -47.82 4.14
N TYR H 32 -63.73 -47.58 4.35
CA TYR H 32 -64.54 -46.97 3.27
C TYR H 32 -65.29 -45.73 3.76
N GLY H 33 -65.33 -44.70 2.92
CA GLY H 33 -66.11 -43.52 3.26
C GLY H 33 -67.60 -43.79 3.14
N MET H 34 -68.37 -42.82 3.60
CA MET H 34 -69.82 -43.02 3.59
C MET H 34 -70.55 -41.71 3.30
N HIS H 35 -71.74 -41.77 2.75
CA HIS H 35 -72.56 -40.63 2.34
C HIS H 35 -73.97 -40.82 2.86
N TRP H 36 -74.74 -39.74 2.78
CA TRP H 36 -76.18 -39.77 2.97
C TRP H 36 -76.84 -39.15 1.74
N VAL H 37 -77.87 -39.81 1.23
CA VAL H 37 -78.61 -39.34 0.08
C VAL H 37 -80.10 -39.44 0.41
N ARG H 38 -80.83 -38.34 0.21
CA ARG H 38 -82.26 -38.29 0.49
C ARG H 38 -83.04 -38.31 -0.81
N GLN H 39 -84.22 -38.84 -0.82
CA GLN H 39 -85.06 -38.83 -1.98
C GLN H 39 -86.42 -38.39 -1.52
N ALA H 40 -86.81 -37.20 -1.92
CA ALA H 40 -88.11 -36.62 -1.63
C ALA H 40 -89.20 -37.43 -2.31
N PRO H 41 -90.38 -37.57 -1.68
CA PRO H 41 -91.46 -38.36 -2.30
C PRO H 41 -91.95 -37.72 -3.59
N GLY H 42 -91.88 -38.48 -4.68
CA GLY H 42 -92.21 -37.97 -5.99
C GLY H 42 -91.10 -37.21 -6.68
N LYS H 43 -89.94 -37.14 -6.01
CA LYS H 43 -88.79 -36.40 -6.60
C LYS H 43 -87.56 -37.31 -6.61
N GLY H 44 -86.51 -36.89 -7.31
CA GLY H 44 -85.32 -37.70 -7.44
C GLY H 44 -84.40 -37.63 -6.24
N LEU H 45 -83.30 -38.36 -6.34
CA LEU H 45 -82.32 -38.42 -5.26
C LEU H 45 -81.56 -37.10 -5.13
N GLU H 46 -81.09 -36.84 -3.91
CA GLU H 46 -80.30 -35.66 -3.62
C GLU H 46 -79.30 -35.99 -2.51
N TRP H 47 -78.04 -35.66 -2.75
CA TRP H 47 -76.99 -35.90 -1.78
C TRP H 47 -76.99 -34.80 -0.73
N VAL H 48 -76.75 -35.16 0.53
CA VAL H 48 -76.79 -34.20 1.63
C VAL H 48 -75.47 -34.14 2.39
N ALA H 49 -74.83 -35.27 2.68
CA ALA H 49 -73.71 -35.23 3.62
C ALA H 49 -72.62 -36.21 3.23
N VAL H 50 -71.40 -35.93 3.71
CA VAL H 50 -70.21 -36.75 3.52
C VAL H 50 -69.56 -36.95 4.88
N ILE H 51 -69.05 -38.16 5.13
CA ILE H 51 -68.11 -38.39 6.22
C ILE H 51 -66.93 -39.16 5.64
N SER H 52 -65.73 -38.86 6.15
CA SER H 52 -64.50 -39.54 5.64
C SER H 52 -64.42 -40.93 6.26
N TYR H 53 -63.42 -41.73 5.86
CA TYR H 53 -63.24 -43.11 6.37
C TYR H 53 -62.99 -43.00 7.87
N ASP H 54 -61.96 -42.25 8.27
CA ASP H 54 -61.65 -41.98 9.70
C ASP H 54 -62.76 -41.15 10.32
N GLY H 55 -63.35 -40.22 9.58
CA GLY H 55 -64.34 -39.28 10.12
C GLY H 55 -63.67 -37.95 10.26
N SER H 56 -62.43 -37.86 9.77
CA SER H 56 -61.64 -36.62 9.90
C SER H 56 -62.12 -35.50 8.98
N ASN H 57 -62.93 -35.79 7.95
CA ASN H 57 -63.40 -34.76 6.98
C ASN H 57 -64.90 -34.93 6.76
N LYS H 58 -65.63 -33.83 6.54
CA LYS H 58 -67.09 -33.91 6.29
C LYS H 58 -67.54 -32.65 5.57
N HIS H 59 -68.43 -32.79 4.59
CA HIS H 59 -68.91 -31.64 3.79
C HIS H 59 -70.42 -31.78 3.79
N TYR H 60 -71.17 -30.70 3.60
CA TYR H 60 -72.64 -30.84 3.51
C TYR H 60 -73.15 -30.03 2.33
N ALA H 61 -74.31 -30.43 1.80
CA ALA H 61 -74.93 -29.69 0.72
C ALA H 61 -75.21 -28.26 1.17
N ASP H 62 -75.20 -27.33 0.20
CA ASP H 62 -75.36 -25.92 0.53
C ASP H 62 -76.75 -25.60 1.06
N SER H 63 -77.74 -26.43 0.73
CA SER H 63 -79.08 -26.23 1.27
C SER H 63 -79.14 -26.60 2.75
N VAL H 64 -78.41 -27.63 3.16
CA VAL H 64 -78.43 -28.09 4.54
C VAL H 64 -77.01 -28.01 5.13
N LYS H 65 -76.29 -26.98 4.80
CA LYS H 65 -74.97 -26.82 5.41
C LYS H 65 -75.22 -26.37 6.82
N GLY H 66 -74.44 -26.88 7.74
CA GLY H 66 -74.48 -26.46 9.15
C GLY H 66 -75.71 -26.86 9.92
N ARG H 67 -76.84 -27.09 9.23
CA ARG H 67 -78.11 -27.41 9.95
C ARG H 67 -78.09 -28.87 10.39
N PHE H 68 -77.38 -29.76 9.70
CA PHE H 68 -77.14 -31.12 10.16
C PHE H 68 -75.68 -31.27 10.58
N THR H 69 -75.41 -32.34 11.32
CA THR H 69 -74.04 -32.79 11.57
C THR H 69 -73.99 -34.29 11.38
N ILE H 70 -72.85 -34.79 10.90
CA ILE H 70 -72.69 -36.19 10.54
C ILE H 70 -71.47 -36.73 11.27
N SER H 71 -71.60 -37.95 11.79
CA SER H 71 -70.52 -38.57 12.54
C SER H 71 -70.62 -40.09 12.40
N ARG H 72 -69.48 -40.73 12.63
CA ARG H 72 -69.40 -42.21 12.55
C ARG H 72 -68.67 -42.74 13.77
N ASP H 73 -69.07 -43.89 14.27
CA ASP H 73 -68.36 -44.58 15.35
C ASP H 73 -67.74 -45.83 14.74
N ASN H 74 -66.41 -45.81 14.61
CA ASN H 74 -65.71 -46.92 13.96
C ASN H 74 -65.73 -48.17 14.82
N SER H 75 -65.93 -48.02 16.13
CA SER H 75 -65.95 -49.18 17.02
C SER H 75 -67.22 -49.99 16.83
N LYS H 76 -68.37 -49.30 16.69
CA LYS H 76 -69.70 -49.99 16.62
C LYS H 76 -70.17 -50.13 15.16
N ASN H 77 -69.32 -49.77 14.20
CA ASN H 77 -69.63 -49.87 12.78
C ASN H 77 -71.03 -49.32 12.47
N THR H 78 -71.28 -48.12 13.01
CA THR H 78 -72.57 -47.47 12.88
C THR H 78 -72.38 -46.06 12.35
N LEU H 79 -73.24 -45.66 11.43
CA LEU H 79 -73.22 -44.32 10.84
C LEU H 79 -74.35 -43.49 11.44
N TYR H 80 -74.07 -42.21 11.66
CA TYR H 80 -75.02 -41.33 12.31
C TYR H 80 -75.22 -40.05 11.52
N LEU H 81 -76.48 -39.62 11.42
CA LEU H 81 -76.85 -38.33 10.85
C LEU H 81 -77.68 -37.58 11.88
N GLN H 82 -77.01 -36.83 12.75
CA GLN H 82 -77.70 -36.03 13.75
C GLN H 82 -78.26 -34.78 13.07
N MET H 83 -79.58 -34.68 13.03
CA MET H 83 -80.27 -33.59 12.36
C MET H 83 -80.92 -32.69 13.40
N ASN H 84 -80.78 -31.37 13.22
CA ASN H 84 -81.43 -30.39 14.08
C ASN H 84 -82.16 -29.38 13.21
N SER H 85 -83.25 -28.83 13.77
CA SER H 85 -84.05 -27.77 13.13
C SER H 85 -84.58 -28.20 11.77
N LEU H 86 -85.42 -29.24 11.77
CA LEU H 86 -85.99 -29.74 10.53
C LEU H 86 -87.03 -28.78 9.99
N ARG H 87 -87.10 -28.69 8.66
CA ARG H 87 -88.08 -27.86 7.98
C ARG H 87 -89.02 -28.73 7.15
N ALA H 88 -89.92 -28.06 6.43
CA ALA H 88 -90.95 -28.75 5.66
C ALA H 88 -90.35 -29.49 4.46
N GLU H 89 -89.28 -28.96 3.87
CA GLU H 89 -88.72 -29.55 2.66
C GLU H 89 -87.86 -30.77 2.98
N ASP H 90 -87.63 -31.06 4.26
CA ASP H 90 -86.75 -32.15 4.64
C ASP H 90 -87.40 -33.53 4.55
N THR H 91 -88.69 -33.61 4.24
CA THR H 91 -89.34 -34.90 4.14
C THR H 91 -88.84 -35.69 2.94
N ALA H 92 -88.34 -36.90 3.21
CA ALA H 92 -87.65 -37.71 2.22
C ALA H 92 -87.46 -39.11 2.77
N VAL H 93 -86.96 -39.99 1.91
CA VAL H 93 -86.51 -41.32 2.32
C VAL H 93 -84.99 -41.32 2.35
N TYR H 94 -84.42 -41.12 3.53
CA TYR H 94 -82.97 -40.95 3.64
C TYR H 94 -82.27 -42.28 3.50
N TYR H 95 -81.22 -42.30 2.67
CA TYR H 95 -80.46 -43.51 2.38
C TYR H 95 -79.03 -43.31 2.85
N CYS H 96 -78.49 -44.30 3.56
CA CYS H 96 -77.07 -44.32 3.86
C CYS H 96 -76.35 -45.17 2.83
N ALA H 97 -75.41 -44.57 2.11
CA ALA H 97 -74.70 -45.22 1.02
C ALA H 97 -73.22 -45.25 1.37
N LYS H 98 -72.45 -46.00 0.57
CA LYS H 98 -71.00 -46.16 0.86
C LYS H 98 -70.17 -45.66 -0.33
N ASP H 99 -69.18 -44.81 -0.09
CA ASP H 99 -68.38 -44.26 -1.20
C ASP H 99 -67.67 -45.43 -1.88
N SER H 100 -67.63 -45.44 -3.21
CA SER H 100 -67.08 -46.64 -3.87
C SER H 100 -65.89 -46.37 -4.81
N GLY H 101 -65.18 -45.26 -4.64
CA GLY H 101 -64.08 -45.00 -5.59
C GLY H 101 -62.78 -44.77 -4.86
N TYR H 102 -61.65 -45.00 -5.50
CA TYR H 102 -60.35 -44.87 -4.79
C TYR H 102 -59.55 -43.73 -5.42
N ASN H 103 -60.10 -43.07 -6.43
CA ASN H 103 -59.41 -41.97 -7.09
C ASN H 103 -60.02 -40.65 -6.65
N TYR H 104 -59.20 -39.60 -6.61
CA TYR H 104 -59.61 -38.32 -5.97
C TYR H 104 -60.77 -37.56 -6.58
N GLY H 105 -60.84 -37.47 -7.91
CA GLY H 105 -61.82 -36.54 -8.46
C GLY H 105 -63.23 -37.08 -8.47
N TYR H 106 -63.39 -38.39 -8.59
CA TYR H 106 -64.69 -38.99 -8.84
C TYR H 106 -64.99 -40.08 -7.82
N SER H 107 -66.29 -40.29 -7.59
CA SER H 107 -66.77 -41.24 -6.60
C SER H 107 -68.21 -41.63 -6.94
N TRP H 108 -68.64 -42.79 -6.44
CA TRP H 108 -69.99 -43.29 -6.66
C TRP H 108 -70.43 -44.14 -5.48
N PHE H 109 -71.68 -44.60 -5.55
CA PHE H 109 -72.33 -45.27 -4.42
C PHE H 109 -72.72 -46.69 -4.83
N ASP H 110 -71.86 -47.67 -4.55
CA ASP H 110 -72.23 -49.01 -4.99
C ASP H 110 -73.24 -49.66 -4.03
N PRO H 111 -73.02 -49.76 -2.71
CA PRO H 111 -74.10 -50.29 -1.87
C PRO H 111 -74.96 -49.20 -1.24
N TRP H 112 -76.21 -49.53 -0.97
CA TRP H 112 -77.15 -48.54 -0.43
C TRP H 112 -77.97 -49.21 0.67
N GLY H 113 -78.27 -48.50 1.75
CA GLY H 113 -79.16 -49.04 2.78
C GLY H 113 -80.59 -48.97 2.33
N GLN H 114 -81.51 -49.69 3.00
CA GLN H 114 -82.94 -49.79 2.60
C GLN H 114 -83.68 -48.46 2.69
N GLY H 115 -83.36 -47.63 3.68
CA GLY H 115 -83.97 -46.29 3.79
C GLY H 115 -84.78 -46.02 5.04
N THR H 116 -84.75 -44.79 5.56
CA THR H 116 -85.59 -44.38 6.72
C THR H 116 -86.47 -43.21 6.30
N LEU H 117 -87.77 -43.31 6.54
CA LEU H 117 -88.71 -42.24 6.15
C LEU H 117 -88.76 -41.18 7.23
N VAL H 118 -88.20 -40.00 6.97
CA VAL H 118 -88.27 -38.85 7.86
C VAL H 118 -89.40 -37.96 7.37
N THR H 119 -90.46 -37.85 8.17
CA THR H 119 -91.65 -37.09 7.83
C THR H 119 -91.79 -35.90 8.78
N VAL H 120 -92.03 -34.72 8.23
CA VAL H 120 -92.26 -33.51 9.01
C VAL H 120 -93.76 -33.19 8.96
N SER H 121 -94.35 -32.92 10.13
CA SER H 121 -95.78 -32.75 10.26
C SER H 121 -96.11 -31.30 10.59
N SER H 122 -96.68 -30.59 9.61
CA SER H 122 -97.07 -29.20 9.80
C SER H 122 -98.44 -29.11 10.46
N SER I 1 -73.21 -27.52 -9.11
CA SER I 1 -73.79 -26.34 -9.73
C SER I 1 -74.49 -26.70 -11.03
N TYR I 2 -73.77 -27.35 -11.95
CA TYR I 2 -74.37 -27.76 -13.21
C TYR I 2 -75.35 -28.90 -12.99
N GLU I 3 -76.46 -28.85 -13.73
CA GLU I 3 -77.55 -29.79 -13.56
C GLU I 3 -77.57 -30.78 -14.72
N LEU I 4 -77.69 -32.07 -14.40
CA LEU I 4 -77.81 -33.09 -15.42
C LEU I 4 -79.23 -33.08 -15.98
N THR I 5 -79.34 -33.09 -17.30
CA THR I 5 -80.63 -33.03 -17.98
C THR I 5 -81.05 -34.45 -18.37
N GLN I 6 -82.07 -34.97 -17.69
CA GLN I 6 -82.52 -36.34 -17.89
C GLN I 6 -83.99 -36.34 -18.29
N PRO I 7 -84.38 -37.14 -19.27
CA PRO I 7 -85.78 -37.14 -19.75
C PRO I 7 -86.75 -37.62 -18.69
N PRO I 8 -87.94 -37.02 -18.61
CA PRO I 8 -88.93 -37.48 -17.63
C PRO I 8 -89.31 -38.94 -17.73
N SER I 9 -89.51 -39.48 -18.93
CA SER I 9 -90.04 -40.83 -19.09
C SER I 9 -89.73 -41.38 -20.47
N VAL I 10 -89.65 -42.70 -20.56
CA VAL I 10 -89.51 -43.42 -21.83
C VAL I 10 -90.53 -44.56 -21.83
N SER I 11 -91.02 -44.91 -23.00
CA SER I 11 -91.92 -46.05 -23.17
C SER I 11 -91.35 -46.99 -24.22
N VAL I 12 -90.96 -48.19 -23.80
CA VAL I 12 -90.34 -49.17 -24.67
C VAL I 12 -91.12 -50.49 -24.56
N SER I 13 -91.45 -51.04 -25.72
CA SER I 13 -92.06 -52.36 -25.84
C SER I 13 -91.05 -53.44 -25.47
N PRO I 14 -91.50 -54.57 -24.93
CA PRO I 14 -90.56 -55.60 -24.48
C PRO I 14 -89.86 -56.29 -25.64
N GLY I 15 -88.69 -56.84 -25.33
CA GLY I 15 -87.85 -57.46 -26.36
C GLY I 15 -87.28 -56.47 -27.34
N GLN I 16 -86.91 -55.28 -26.87
CA GLN I 16 -86.35 -54.24 -27.72
C GLN I 16 -85.16 -53.62 -27.00
N THR I 17 -84.67 -52.50 -27.50
CA THR I 17 -83.60 -51.75 -26.86
C THR I 17 -84.17 -50.49 -26.23
N ALA I 18 -83.51 -49.99 -25.18
CA ALA I 18 -83.99 -48.84 -24.44
C ALA I 18 -82.79 -47.99 -24.02
N ARG I 19 -82.50 -46.97 -24.82
CA ARG I 19 -81.36 -46.10 -24.59
C ARG I 19 -81.79 -44.92 -23.73
N ILE I 20 -81.10 -44.71 -22.61
CA ILE I 20 -81.39 -43.62 -21.68
C ILE I 20 -80.20 -42.68 -21.69
N THR I 21 -80.41 -41.45 -22.18
CA THR I 21 -79.34 -40.49 -22.37
C THR I 21 -79.57 -39.26 -21.49
N CYS I 22 -78.53 -38.85 -20.76
CA CYS I 22 -78.52 -37.58 -20.06
C CYS I 22 -77.21 -36.87 -20.36
N SER I 23 -77.28 -35.57 -20.61
CA SER I 23 -76.14 -34.80 -21.08
C SER I 23 -75.94 -33.55 -20.23
N ALA I 24 -74.68 -33.19 -20.02
CA ALA I 24 -74.32 -31.97 -19.31
C ALA I 24 -72.96 -31.51 -19.81
N ASP I 25 -72.66 -30.23 -19.55
CA ASP I 25 -71.44 -29.62 -20.08
C ASP I 25 -70.19 -30.25 -19.47
N ALA I 26 -70.27 -30.67 -18.22
CA ALA I 26 -69.15 -31.32 -17.55
C ALA I 26 -69.15 -32.83 -17.74
N LEU I 27 -70.22 -33.40 -18.32
CA LEU I 27 -70.24 -34.84 -18.57
C LEU I 27 -69.28 -35.25 -19.66
N ALA I 28 -68.89 -34.32 -20.54
CA ALA I 28 -67.86 -34.62 -21.53
C ALA I 28 -66.49 -34.70 -20.88
N LYS I 29 -66.32 -34.17 -19.67
CA LYS I 29 -64.94 -34.18 -19.10
C LYS I 29 -64.88 -35.01 -17.81
N GLN I 30 -66.04 -35.41 -17.28
CA GLN I 30 -66.14 -36.22 -16.05
C GLN I 30 -66.97 -37.45 -16.28
N TYR I 31 -66.69 -38.52 -15.53
CA TYR I 31 -67.40 -39.79 -15.60
C TYR I 31 -68.85 -39.63 -15.11
N ALA I 32 -69.68 -40.58 -15.51
CA ALA I 32 -71.07 -40.63 -15.07
C ALA I 32 -71.44 -42.05 -14.68
N TYR I 33 -72.42 -42.18 -13.78
CA TYR I 33 -72.81 -43.45 -13.19
C TYR I 33 -74.31 -43.62 -13.29
N TRP I 34 -74.76 -44.86 -13.38
CA TRP I 34 -76.17 -45.19 -13.52
C TRP I 34 -76.64 -46.08 -12.39
N TYR I 35 -77.76 -45.70 -11.78
CA TYR I 35 -78.40 -46.49 -10.72
C TYR I 35 -79.82 -46.83 -11.13
N GLN I 36 -80.29 -47.98 -10.68
CA GLN I 36 -81.66 -48.42 -10.89
C GLN I 36 -82.37 -48.47 -9.56
N GLN I 37 -83.48 -47.75 -9.45
CA GLN I 37 -84.29 -47.76 -8.21
C GLN I 37 -85.66 -48.37 -8.53
N LYS I 38 -85.84 -49.68 -8.27
CA LYS I 38 -87.13 -50.32 -8.53
C LYS I 38 -88.12 -49.77 -7.51
N PRO I 39 -89.44 -49.68 -7.80
CA PRO I 39 -90.42 -49.09 -6.88
C PRO I 39 -90.53 -49.89 -5.59
N GLY I 40 -90.23 -49.21 -4.48
CA GLY I 40 -90.22 -49.84 -3.17
C GLY I 40 -88.89 -50.43 -2.76
N GLN I 41 -87.85 -50.31 -3.58
CA GLN I 41 -86.54 -50.86 -3.28
C GLN I 41 -85.49 -49.76 -3.39
N ALA I 42 -84.36 -50.00 -2.72
CA ALA I 42 -83.26 -49.07 -2.73
C ALA I 42 -82.59 -49.01 -4.11
N PRO I 43 -81.98 -47.89 -4.46
CA PRO I 43 -81.19 -47.84 -5.70
C PRO I 43 -79.99 -48.79 -5.63
N VAL I 44 -79.68 -49.40 -6.77
CA VAL I 44 -78.54 -50.29 -6.92
C VAL I 44 -77.71 -49.80 -8.11
N LEU I 45 -76.40 -49.92 -7.99
CA LEU I 45 -75.51 -49.52 -9.08
C LEU I 45 -75.68 -50.45 -10.28
N VAL I 46 -75.73 -49.86 -11.47
CA VAL I 46 -75.92 -50.60 -12.71
C VAL I 46 -74.72 -50.43 -13.65
N ILE I 47 -74.37 -49.18 -13.96
CA ILE I 47 -73.23 -48.89 -14.82
C ILE I 47 -72.43 -47.77 -14.18
N TYR I 48 -71.13 -48.00 -14.00
CA TYR I 48 -70.25 -47.01 -13.40
C TYR I 48 -69.08 -46.74 -14.33
N LYS I 49 -68.56 -45.51 -14.32
CA LYS I 49 -67.42 -45.12 -15.20
C LYS I 49 -67.85 -45.09 -16.66
N ASP I 50 -69.15 -45.01 -16.94
CA ASP I 50 -69.74 -44.87 -18.28
C ASP I 50 -69.71 -46.13 -19.12
N SER I 51 -68.99 -47.17 -18.70
CA SER I 51 -68.97 -48.41 -19.47
C SER I 51 -68.95 -49.68 -18.63
N GLU I 52 -68.63 -49.60 -17.34
CA GLU I 52 -68.24 -50.79 -16.61
C GLU I 52 -69.41 -51.33 -15.80
N ARG I 53 -69.65 -52.63 -15.94
CA ARG I 53 -70.77 -53.30 -15.28
C ARG I 53 -70.27 -54.08 -14.07
N PRO I 54 -70.73 -53.79 -12.86
CA PRO I 54 -70.36 -54.63 -11.72
C PRO I 54 -71.08 -55.96 -11.75
N SER I 55 -70.53 -56.93 -11.01
CA SER I 55 -71.09 -58.26 -10.97
C SER I 55 -72.43 -58.27 -10.24
N GLY I 56 -73.29 -59.20 -10.64
CA GLY I 56 -74.65 -59.26 -10.16
C GLY I 56 -75.67 -58.54 -11.02
N ILE I 57 -75.22 -57.65 -11.90
CA ILE I 57 -76.07 -56.96 -12.87
C ILE I 57 -76.09 -57.80 -14.14
N PRO I 58 -77.25 -58.07 -14.74
CA PRO I 58 -77.29 -58.91 -15.94
C PRO I 58 -76.61 -58.26 -17.12
N GLU I 59 -76.25 -59.11 -18.10
CA GLU I 59 -75.46 -58.69 -19.25
C GLU I 59 -76.21 -57.77 -20.19
N ARG I 60 -77.55 -57.64 -20.06
CA ARG I 60 -78.39 -56.76 -20.91
C ARG I 60 -77.89 -55.34 -20.78
N PHE I 61 -77.62 -54.94 -19.59
CA PHE I 61 -77.25 -53.56 -19.37
C PHE I 61 -75.87 -53.26 -19.96
N SER I 62 -75.80 -52.23 -20.78
CA SER I 62 -74.54 -51.75 -21.34
C SER I 62 -74.59 -50.23 -21.41
N GLY I 63 -73.42 -49.61 -21.31
CA GLY I 63 -73.34 -48.17 -21.28
C GLY I 63 -72.18 -47.69 -22.12
N SER I 64 -72.29 -46.46 -22.60
CA SER I 64 -71.24 -45.81 -23.38
C SER I 64 -71.48 -44.30 -23.29
N SER I 65 -70.45 -43.52 -23.63
CA SER I 65 -70.62 -42.05 -23.67
C SER I 65 -70.19 -41.55 -25.05
N SER I 66 -70.81 -40.48 -25.52
CA SER I 66 -70.53 -39.83 -26.80
C SER I 66 -70.36 -38.34 -26.55
N GLY I 67 -69.14 -37.96 -26.17
CA GLY I 67 -68.83 -36.57 -25.86
C GLY I 67 -69.64 -36.03 -24.69
N THR I 68 -70.47 -35.03 -24.96
CA THR I 68 -71.33 -34.46 -23.92
C THR I 68 -72.34 -35.49 -23.40
N THR I 69 -72.96 -36.23 -24.31
CA THR I 69 -73.99 -37.17 -23.91
C THR I 69 -73.37 -38.48 -23.41
N VAL I 70 -73.95 -39.01 -22.33
CA VAL I 70 -73.70 -40.38 -21.89
C VAL I 70 -75.02 -41.13 -22.01
N THR I 71 -74.94 -42.42 -22.33
CA THR I 71 -76.14 -43.19 -22.60
C THR I 71 -76.14 -44.50 -21.84
N LEU I 72 -77.35 -44.99 -21.56
CA LEU I 72 -77.56 -46.28 -20.92
C LEU I 72 -78.58 -47.06 -21.74
N THR I 73 -78.11 -48.10 -22.43
CA THR I 73 -78.97 -48.91 -23.28
C THR I 73 -79.10 -50.32 -22.72
N ILE I 74 -80.26 -50.93 -22.95
CA ILE I 74 -80.57 -52.26 -22.43
C ILE I 74 -80.76 -53.19 -23.62
N SER I 75 -79.97 -54.27 -23.66
CA SER I 75 -80.02 -55.24 -24.76
C SER I 75 -81.12 -56.26 -24.48
N GLY I 76 -82.36 -55.79 -24.57
CA GLY I 76 -83.50 -56.62 -24.26
C GLY I 76 -84.26 -56.12 -23.05
N VAL I 77 -85.44 -55.55 -23.27
CA VAL I 77 -86.23 -54.97 -22.19
C VAL I 77 -87.12 -56.03 -21.59
N GLN I 78 -86.64 -56.69 -20.54
CA GLN I 78 -87.47 -57.60 -19.76
C GLN I 78 -88.35 -56.77 -18.83
N ALA I 79 -89.43 -57.40 -18.33
CA ALA I 79 -90.35 -56.71 -17.44
C ALA I 79 -89.71 -56.39 -16.09
N GLU I 80 -88.63 -57.08 -15.74
CA GLU I 80 -87.91 -56.83 -14.49
C GLU I 80 -87.12 -55.52 -14.52
N ASP I 81 -87.00 -54.86 -15.67
CA ASP I 81 -86.25 -53.61 -15.78
C ASP I 81 -87.13 -52.38 -15.63
N GLU I 82 -88.42 -52.55 -15.36
CA GLU I 82 -89.30 -51.41 -15.18
C GLU I 82 -89.01 -50.73 -13.84
N ALA I 83 -88.29 -49.61 -13.91
CA ALA I 83 -87.80 -48.95 -12.71
C ALA I 83 -87.42 -47.49 -12.96
N ASP I 84 -86.72 -46.88 -12.00
CA ASP I 84 -86.25 -45.50 -12.11
C ASP I 84 -84.75 -45.52 -12.31
N TYR I 85 -84.27 -44.74 -13.27
CA TYR I 85 -82.85 -44.72 -13.62
C TYR I 85 -82.30 -43.31 -13.47
N TYR I 86 -81.14 -43.20 -12.82
CA TYR I 86 -80.58 -41.91 -12.47
C TYR I 86 -79.15 -41.79 -12.97
N CYS I 87 -78.74 -40.55 -13.21
CA CYS I 87 -77.36 -40.22 -13.54
C CYS I 87 -76.67 -39.68 -12.30
N GLN I 88 -75.33 -39.69 -12.32
CA GLN I 88 -74.55 -39.07 -11.26
C GLN I 88 -73.20 -38.62 -11.80
N SER I 89 -72.78 -37.42 -11.43
CA SER I 89 -71.41 -37.02 -11.81
C SER I 89 -70.89 -36.20 -10.66
N THR I 90 -69.58 -36.05 -10.55
CA THR I 90 -69.05 -35.36 -9.36
C THR I 90 -68.57 -33.98 -9.80
N ASP I 91 -69.14 -32.92 -9.23
CA ASP I 91 -68.70 -31.55 -9.53
C ASP I 91 -67.60 -31.14 -8.55
N ASN I 92 -66.39 -30.93 -9.04
CA ASN I 92 -65.28 -30.50 -8.16
C ASN I 92 -65.18 -28.98 -8.20
N SER I 93 -66.17 -28.29 -8.78
CA SER I 93 -66.10 -26.82 -8.98
C SER I 93 -66.02 -26.04 -7.66
N GLY I 94 -66.76 -26.45 -6.64
CA GLY I 94 -66.82 -25.69 -5.37
C GLY I 94 -65.62 -25.96 -4.49
N THR I 95 -65.61 -25.42 -3.28
CA THR I 95 -64.45 -25.60 -2.38
C THR I 95 -64.29 -27.08 -2.11
N TYR I 96 -65.40 -27.77 -1.89
CA TYR I 96 -65.36 -29.21 -1.54
C TYR I 96 -66.09 -30.04 -2.62
N PRO I 97 -65.83 -31.35 -2.81
CA PRO I 97 -66.48 -32.12 -3.84
C PRO I 97 -68.00 -32.16 -3.71
N ASN I 98 -68.72 -32.17 -4.83
CA ASN I 98 -70.21 -32.22 -4.82
C ASN I 98 -70.64 -33.41 -5.66
N TRP I 99 -71.79 -34.02 -5.37
CA TRP I 99 -72.35 -35.14 -6.16
C TRP I 99 -73.71 -34.73 -6.70
N VAL I 100 -73.86 -34.58 -8.02
CA VAL I 100 -75.07 -34.10 -8.67
C VAL I 100 -75.79 -35.29 -9.29
N PHE I 101 -77.12 -35.30 -9.14
CA PHE I 101 -77.94 -36.40 -9.63
C PHE I 101 -78.76 -35.91 -10.81
N GLY I 102 -79.63 -36.78 -11.32
CA GLY I 102 -80.49 -36.43 -12.42
C GLY I 102 -81.96 -36.53 -12.01
N GLY I 103 -82.83 -36.13 -12.93
CA GLY I 103 -84.26 -36.17 -12.65
C GLY I 103 -84.80 -37.57 -12.50
N GLY I 104 -84.38 -38.49 -13.37
CA GLY I 104 -84.88 -39.84 -13.37
C GLY I 104 -85.82 -40.10 -14.53
N THR I 105 -85.84 -41.34 -14.98
CA THR I 105 -86.66 -41.77 -16.10
C THR I 105 -87.65 -42.84 -15.65
N LYS I 106 -88.90 -42.69 -16.04
CA LYS I 106 -89.93 -43.70 -15.80
C LYS I 106 -89.98 -44.63 -17.00
N LEU I 107 -89.30 -45.77 -16.89
CA LEU I 107 -89.26 -46.75 -17.97
C LEU I 107 -90.44 -47.70 -17.82
N THR I 108 -91.23 -47.83 -18.89
CA THR I 108 -92.44 -48.66 -18.87
C THR I 108 -92.31 -49.74 -19.92
N VAL I 109 -92.54 -50.99 -19.52
CA VAL I 109 -92.36 -52.13 -20.40
C VAL I 109 -93.62 -52.45 -21.21
#